data_8YAK
#
_entry.id   8YAK
#
_cell.length_a   1.00
_cell.length_b   1.00
_cell.length_c   1.00
_cell.angle_alpha   90.00
_cell.angle_beta   90.00
_cell.angle_gamma   90.00
#
_symmetry.space_group_name_H-M   'P 1'
#
loop_
_entity.id
_entity.type
_entity.pdbx_description
1 polymer Imidazolonepropionase
2 non-polymer 'ZINC ION'
3 non-polymer '(2~{S})-2-[[(3~{R})-5-chloranyl-3-methyl-8-oxidanyl-1-oxidanylidene-3,4-dihydroisochromen-7-yl]carbonylamino]-3-phenyl-propanoic acid'
#
_entity_poly.entity_id   1
_entity_poly.type   'polypeptide(L)'
_entity_poly.pdbx_seq_one_letter_code
;EPVALHCGKLFDARSGRVLGPHTVVVRDGRIDQLISGGHADVVGLAAVDLRNRTCLPGWTDLHVHLGDESSPQSYSEGFR
LDPIDFAYRSVGYAERTLLAGFTSVRDLGGEVSPHLRDAVNQGLVKGPRIFAAGKSIATTGGHADPTNGWNDQLSHLIGP
PGPTEGVVNSVDEARQAVRQRYKDGSDVI(KCX)ITATGGVLSYAKSGDAPQFTVDEVKAIVDTANDYGYKVAAHAHGTE
GMKRAILGGVTSIEHGTYMTDEVMRLMKQHGTWYVPTISAGRFVAEKAKIDGYFPEVVRPKAARIGAQIQDTAAKAYRNG
VKIAFGTNMGVGPHGDNAREFIYMVEAGIPAATALQSATVLAAEVLGVDDQGAIETGKRADIIAMPGDPVADINAVLNVD
FVMKDGEIFRQP
;
_entity_poly.pdbx_strand_id   A,B,C,D,E,F,G,H
#
# COMPACT_ATOMS: atom_id res chain seq x y z
N PRO A 2 -26.42 11.97 51.27
CA PRO A 2 -26.52 11.37 52.61
C PRO A 2 -27.84 10.64 52.82
N VAL A 3 -27.78 9.33 53.03
CA VAL A 3 -28.97 8.51 53.23
C VAL A 3 -28.67 7.45 54.27
N ALA A 4 -29.69 7.06 55.02
CA ALA A 4 -29.57 6.01 56.03
C ALA A 4 -30.42 4.81 55.60
N LEU A 5 -29.81 3.65 55.56
CA LEU A 5 -30.48 2.41 55.17
C LEU A 5 -30.76 1.58 56.40
N HIS A 6 -32.01 1.13 56.55
CA HIS A 6 -32.44 0.34 57.68
C HIS A 6 -32.76 -1.07 57.19
N CYS A 7 -31.83 -2.00 57.40
CA CYS A 7 -32.00 -3.39 56.98
C CYS A 7 -32.42 -4.24 58.17
N GLY A 8 -33.25 -5.24 57.88
CA GLY A 8 -33.62 -6.20 58.90
C GLY A 8 -32.58 -7.27 59.16
N LYS A 9 -31.77 -7.58 58.15
CA LYS A 9 -30.68 -8.55 58.29
C LYS A 9 -29.52 -8.10 57.42
N LEU A 10 -28.31 -8.33 57.91
CA LEU A 10 -27.10 -7.91 57.17
C LEU A 10 -26.18 -9.12 57.03
N PHE A 11 -25.70 -9.36 55.82
CA PHE A 11 -24.78 -10.46 55.54
C PHE A 11 -23.34 -9.98 55.72
N ASP A 12 -22.64 -10.59 56.68
CA ASP A 12 -21.22 -10.29 56.92
C ASP A 12 -20.41 -11.14 55.96
N ALA A 13 -19.88 -10.49 54.90
CA ALA A 13 -19.12 -11.23 53.91
C ALA A 13 -17.85 -11.81 54.51
N ARG A 14 -17.15 -11.04 55.34
CA ARG A 14 -15.87 -11.49 55.87
C ARG A 14 -16.03 -12.73 56.76
N SER A 15 -17.06 -12.75 57.60
CA SER A 15 -17.32 -13.89 58.45
C SER A 15 -18.28 -14.91 57.83
N GLY A 16 -19.01 -14.52 56.79
CA GLY A 16 -19.93 -15.43 56.15
C GLY A 16 -21.17 -15.75 56.96
N ARG A 17 -21.61 -14.81 57.81
CA ARG A 17 -22.77 -15.03 58.65
C ARG A 17 -23.77 -13.89 58.46
N VAL A 18 -25.04 -14.22 58.63
CA VAL A 18 -26.13 -13.25 58.50
C VAL A 18 -26.45 -12.71 59.88
N LEU A 19 -26.17 -11.42 60.09
CA LEU A 19 -26.40 -10.78 61.38
C LEU A 19 -27.83 -10.27 61.45
N GLY A 20 -28.13 -9.49 62.49
CA GLY A 20 -29.46 -8.96 62.69
C GLY A 20 -29.62 -7.55 62.15
N PRO A 21 -30.64 -6.84 62.64
CA PRO A 21 -30.89 -5.49 62.13
C PRO A 21 -29.70 -4.57 62.32
N HIS A 22 -29.42 -3.76 61.30
CA HIS A 22 -28.35 -2.79 61.32
C HIS A 22 -28.80 -1.52 60.59
N THR A 23 -28.02 -0.46 60.74
CA THR A 23 -28.27 0.80 60.04
C THR A 23 -26.98 1.24 59.37
N VAL A 24 -27.06 1.54 58.07
CA VAL A 24 -25.91 1.94 57.27
C VAL A 24 -26.10 3.39 56.87
N VAL A 25 -25.11 4.22 57.15
CA VAL A 25 -25.13 5.64 56.80
C VAL A 25 -24.10 5.85 55.69
N VAL A 26 -24.55 6.47 54.59
CA VAL A 26 -23.74 6.65 53.39
C VAL A 26 -23.55 8.14 53.16
N ARG A 27 -22.30 8.56 53.04
CA ARG A 27 -21.97 9.95 52.74
C ARG A 27 -20.79 9.99 51.78
N ASP A 28 -20.92 10.81 50.73
CA ASP A 28 -19.86 10.98 49.74
C ASP A 28 -19.52 9.68 49.03
N GLY A 29 -20.51 8.81 48.87
CA GLY A 29 -20.31 7.57 48.14
C GLY A 29 -19.56 6.48 48.88
N ARG A 30 -19.39 6.62 50.19
CA ARG A 30 -18.69 5.65 51.00
C ARG A 30 -19.48 5.38 52.27
N ILE A 31 -19.28 4.19 52.85
CA ILE A 31 -19.94 3.86 54.10
C ILE A 31 -19.30 4.64 55.23
N ASP A 32 -20.10 5.45 55.94
CA ASP A 32 -19.60 6.29 57.01
C ASP A 32 -19.83 5.72 58.39
N GLN A 33 -20.95 5.02 58.61
CA GLN A 33 -21.26 4.50 59.93
C GLN A 33 -22.09 3.23 59.79
N LEU A 34 -21.87 2.29 60.70
CA LEU A 34 -22.61 1.04 60.74
C LEU A 34 -23.06 0.80 62.18
N ILE A 35 -24.35 0.95 62.43
CA ILE A 35 -24.91 0.89 63.78
C ILE A 35 -25.77 -0.36 63.90
N SER A 36 -25.57 -1.13 64.96
CA SER A 36 -26.35 -2.33 65.22
C SER A 36 -27.49 -2.00 66.16
N GLY A 37 -28.72 -2.31 65.74
CA GLY A 37 -29.89 -2.03 66.55
C GLY A 37 -31.15 -1.78 65.73
N LEU A 45 -31.60 13.48 57.92
CA LEU A 45 -31.09 12.42 57.07
C LEU A 45 -32.21 11.68 56.36
N ALA A 46 -32.00 11.38 55.08
CA ALA A 46 -32.93 10.55 54.35
C ALA A 46 -32.88 9.11 54.85
N ALA A 47 -33.97 8.37 54.63
CA ALA A 47 -34.07 7.01 55.09
C ALA A 47 -34.76 6.16 54.04
N VAL A 48 -34.30 4.91 53.90
CA VAL A 48 -34.90 3.93 53.01
C VAL A 48 -35.36 2.75 53.84
N ASP A 49 -36.63 2.35 53.66
CA ASP A 49 -37.24 1.30 54.47
C ASP A 49 -36.89 -0.05 53.87
N LEU A 50 -35.90 -0.73 54.44
CA LEU A 50 -35.49 -2.06 54.01
C LEU A 50 -35.64 -3.09 55.14
N ARG A 51 -36.38 -2.75 56.20
CA ARG A 51 -36.47 -3.57 57.39
C ARG A 51 -37.05 -4.95 57.15
N ASN A 52 -37.55 -5.24 55.95
CA ASN A 52 -38.07 -6.56 55.61
C ASN A 52 -37.24 -7.22 54.53
N ARG A 53 -35.94 -6.89 54.48
CA ARG A 53 -35.03 -7.40 53.46
C ARG A 53 -33.70 -7.77 54.10
N THR A 54 -32.88 -8.49 53.34
CA THR A 54 -31.52 -8.81 53.72
C THR A 54 -30.57 -8.01 52.84
N CYS A 55 -29.68 -7.24 53.47
CA CYS A 55 -28.74 -6.39 52.75
C CYS A 55 -27.39 -7.10 52.62
N LEU A 56 -26.87 -7.12 51.41
CA LEU A 56 -25.59 -7.73 51.09
C LEU A 56 -24.74 -6.75 50.29
N PRO A 57 -23.43 -6.93 50.26
CA PRO A 57 -22.60 -6.13 49.36
C PRO A 57 -22.92 -6.44 47.91
N GLY A 58 -22.67 -5.44 47.05
CA GLY A 58 -22.89 -5.66 45.63
C GLY A 58 -22.01 -6.78 45.10
N TRP A 59 -22.57 -7.55 44.17
CA TRP A 59 -21.87 -8.70 43.64
C TRP A 59 -20.90 -8.30 42.54
N THR A 60 -19.88 -9.14 42.33
CA THR A 60 -18.90 -8.95 41.28
C THR A 60 -18.86 -10.19 40.40
N ASP A 61 -19.01 -10.00 39.09
CA ASP A 61 -18.88 -11.08 38.12
C ASP A 61 -17.52 -10.96 37.45
N LEU A 62 -16.69 -12.00 37.60
CA LEU A 62 -15.30 -11.95 37.16
C LEU A 62 -15.10 -12.44 35.73
N HIS A 63 -16.17 -12.76 35.01
CA HIS A 63 -16.03 -13.18 33.61
C HIS A 63 -17.32 -12.85 32.88
N VAL A 64 -17.30 -11.74 32.12
CA VAL A 64 -18.41 -11.34 31.28
C VAL A 64 -17.86 -10.82 29.96
N HIS A 65 -18.73 -10.77 28.97
CA HIS A 65 -18.42 -10.17 27.65
C HIS A 65 -19.59 -9.26 27.31
N LEU A 66 -19.51 -8.01 27.75
CA LEU A 66 -20.62 -7.07 27.63
C LEU A 66 -20.82 -6.55 26.22
N GLY A 67 -19.88 -6.82 25.31
CA GLY A 67 -19.98 -6.36 23.94
C GLY A 67 -20.65 -7.32 22.98
N ASP A 68 -21.18 -8.41 23.49
CA ASP A 68 -21.75 -9.44 22.60
C ASP A 68 -22.74 -10.34 23.31
N GLU A 69 -23.52 -11.06 22.54
CA GLU A 69 -24.44 -12.06 23.09
C GLU A 69 -24.66 -13.14 22.04
N SER A 70 -24.71 -14.39 22.49
CA SER A 70 -24.86 -15.51 21.57
C SER A 70 -26.26 -15.54 20.95
N SER A 71 -26.32 -15.88 19.67
CA SER A 71 -27.57 -15.96 18.93
C SER A 71 -27.35 -16.80 17.70
N PRO A 72 -28.42 -17.21 17.03
CA PRO A 72 -28.27 -18.05 15.82
C PRO A 72 -27.52 -17.36 14.69
N GLN A 73 -27.48 -16.03 14.67
CA GLN A 73 -26.82 -15.30 13.60
C GLN A 73 -25.45 -14.76 14.00
N SER A 74 -24.91 -15.19 15.13
CA SER A 74 -23.68 -14.60 15.65
C SER A 74 -22.45 -14.94 14.82
N TYR A 75 -22.53 -15.95 13.95
CA TYR A 75 -21.37 -16.35 13.16
C TYR A 75 -21.37 -15.74 11.76
N SER A 76 -22.37 -14.91 11.43
CA SER A 76 -22.37 -14.16 10.18
C SER A 76 -22.56 -12.67 10.39
N GLU A 77 -22.81 -12.22 11.61
CA GLU A 77 -23.01 -10.79 11.88
C GLU A 77 -21.70 -10.01 11.89
N GLY A 78 -20.57 -10.67 12.13
CA GLY A 78 -19.30 -9.94 12.22
C GLY A 78 -18.85 -9.38 10.89
N PHE A 79 -19.31 -9.95 9.79
CA PHE A 79 -18.92 -9.48 8.46
C PHE A 79 -19.84 -8.40 7.92
N ARG A 80 -20.96 -8.13 8.58
CA ARG A 80 -21.91 -7.14 8.11
C ARG A 80 -22.17 -5.99 9.08
N LEU A 81 -21.87 -6.16 10.36
CA LEU A 81 -22.10 -5.13 11.35
C LEU A 81 -20.78 -4.51 11.79
N ASP A 82 -20.88 -3.33 12.38
CA ASP A 82 -19.75 -2.57 12.88
C ASP A 82 -19.81 -2.50 14.40
N PRO A 83 -18.68 -2.20 15.06
CA PRO A 83 -18.71 -2.10 16.54
C PRO A 83 -19.69 -1.05 17.04
N ILE A 84 -19.94 0.00 16.25
CA ILE A 84 -20.91 1.01 16.65
C ILE A 84 -22.29 0.37 16.79
N ASP A 85 -22.60 -0.62 15.96
CA ASP A 85 -23.86 -1.33 16.10
C ASP A 85 -23.90 -2.16 17.38
N PHE A 86 -22.76 -2.69 17.81
CA PHE A 86 -22.72 -3.50 19.03
C PHE A 86 -22.77 -2.64 20.28
N ALA A 87 -22.33 -1.37 20.20
CA ALA A 87 -22.42 -0.49 21.37
C ALA A 87 -23.86 -0.25 21.79
N TYR A 88 -24.76 -0.07 20.82
CA TYR A 88 -26.15 0.20 21.14
C TYR A 88 -26.82 -1.00 21.83
N ARG A 89 -26.35 -2.22 21.54
CA ARG A 89 -26.80 -3.39 22.29
C ARG A 89 -26.15 -3.46 23.66
N SER A 90 -24.86 -3.11 23.74
CA SER A 90 -24.16 -3.14 25.01
C SER A 90 -24.80 -2.20 26.02
N VAL A 91 -25.45 -1.14 25.55
CA VAL A 91 -26.16 -0.25 26.47
C VAL A 91 -27.16 -1.05 27.30
N GLY A 92 -28.05 -1.77 26.63
CA GLY A 92 -29.03 -2.58 27.32
C GLY A 92 -28.41 -3.72 28.09
N TYR A 93 -27.38 -4.34 27.53
CA TYR A 93 -26.67 -5.40 28.25
C TYR A 93 -26.19 -4.91 29.61
N ALA A 94 -25.50 -3.76 29.63
CA ALA A 94 -24.97 -3.22 30.87
C ALA A 94 -26.07 -2.83 31.84
N GLU A 95 -27.14 -2.21 31.34
CA GLU A 95 -28.23 -1.84 32.23
C GLU A 95 -28.84 -3.07 32.89
N ARG A 96 -29.09 -4.12 32.11
CA ARG A 96 -29.69 -5.33 32.66
C ARG A 96 -28.75 -6.00 33.66
N THR A 97 -27.44 -5.98 33.38
CA THR A 97 -26.49 -6.54 34.32
C THR A 97 -26.50 -5.77 35.64
N LEU A 98 -26.48 -4.44 35.57
CA LEU A 98 -26.45 -3.65 36.80
C LEU A 98 -27.73 -3.83 37.62
N LEU A 99 -28.89 -3.83 36.96
CA LEU A 99 -30.14 -3.91 37.71
C LEU A 99 -30.36 -5.26 38.37
N ALA A 100 -29.57 -6.27 38.01
CA ALA A 100 -29.70 -7.60 38.62
C ALA A 100 -28.93 -7.75 39.91
N GLY A 101 -28.14 -6.74 40.30
CA GLY A 101 -27.41 -6.77 41.54
C GLY A 101 -25.90 -6.81 41.43
N PHE A 102 -25.35 -6.75 40.22
CA PHE A 102 -23.90 -6.84 40.00
C PHE A 102 -23.36 -5.44 39.77
N THR A 103 -22.76 -4.86 40.81
CA THR A 103 -22.25 -3.49 40.75
C THR A 103 -20.87 -3.38 40.11
N SER A 104 -20.18 -4.49 39.89
CA SER A 104 -18.90 -4.47 39.21
C SER A 104 -18.70 -5.77 38.46
N VAL A 105 -17.92 -5.72 37.38
CA VAL A 105 -17.64 -6.88 36.56
C VAL A 105 -16.20 -6.80 36.06
N ARG A 106 -15.70 -7.94 35.60
CA ARG A 106 -14.40 -8.02 34.95
C ARG A 106 -14.63 -8.50 33.52
N ASP A 107 -14.45 -7.60 32.57
CA ASP A 107 -14.64 -7.93 31.15
C ASP A 107 -13.36 -8.55 30.60
N LEU A 108 -13.49 -9.73 30.00
CA LEU A 108 -12.33 -10.54 29.63
C LEU A 108 -12.29 -10.79 28.13
N GLY A 109 -12.49 -9.75 27.33
CA GLY A 109 -12.37 -9.87 25.90
C GLY A 109 -13.32 -9.01 25.10
N GLY A 110 -12.78 -8.29 24.11
CA GLY A 110 -13.59 -7.41 23.29
C GLY A 110 -13.11 -5.97 23.33
N GLU A 111 -13.13 -5.29 22.19
CA GLU A 111 -12.67 -3.91 22.09
C GLU A 111 -13.77 -2.89 22.35
N VAL A 112 -15.01 -3.34 22.58
CA VAL A 112 -16.09 -2.40 22.85
C VAL A 112 -16.19 -2.05 24.33
N SER A 113 -15.61 -2.88 25.21
CA SER A 113 -15.80 -2.75 26.64
C SER A 113 -15.07 -1.56 27.25
N PRO A 114 -13.86 -1.22 26.82
CA PRO A 114 -13.22 -0.01 27.35
C PRO A 114 -14.04 1.25 27.08
N HIS A 115 -14.64 1.36 25.90
CA HIS A 115 -15.48 2.52 25.60
C HIS A 115 -16.74 2.53 26.46
N LEU A 116 -17.35 1.37 26.66
CA LEU A 116 -18.51 1.29 27.54
C LEU A 116 -18.15 1.67 28.96
N ARG A 117 -16.98 1.24 29.43
CA ARG A 117 -16.51 1.62 30.75
C ARG A 117 -16.33 3.13 30.86
N ASP A 118 -15.73 3.75 29.85
CA ASP A 118 -15.57 5.20 29.87
C ASP A 118 -16.92 5.91 29.90
N ALA A 119 -17.86 5.44 29.09
CA ALA A 119 -19.18 6.07 29.05
C ALA A 119 -19.92 5.92 30.38
N VAL A 120 -19.80 4.74 31.00
CA VAL A 120 -20.46 4.52 32.29
C VAL A 120 -19.82 5.38 33.36
N ASN A 121 -18.50 5.53 33.33
CA ASN A 121 -17.82 6.33 34.33
C ASN A 121 -18.16 7.81 34.17
N GLN A 122 -18.38 8.26 32.93
CA GLN A 122 -18.75 9.64 32.70
C GLN A 122 -20.22 9.92 33.01
N GLY A 123 -21.00 8.90 33.31
CA GLY A 123 -22.41 9.08 33.61
C GLY A 123 -23.32 9.11 32.41
N LEU A 124 -22.82 8.77 31.23
CA LEU A 124 -23.66 8.82 30.03
C LEU A 124 -24.71 7.70 30.02
N VAL A 125 -24.31 6.50 30.45
CA VAL A 125 -25.20 5.35 30.45
C VAL A 125 -25.08 4.65 31.79
N LYS A 126 -26.08 3.80 32.08
CA LYS A 126 -26.12 3.04 33.32
C LYS A 126 -25.39 1.71 33.15
N GLY A 127 -24.71 1.29 34.21
CA GLY A 127 -23.98 0.05 34.20
C GLY A 127 -23.15 -0.16 35.44
N PRO A 128 -22.47 -1.30 35.51
CA PRO A 128 -21.60 -1.58 36.66
C PRO A 128 -20.21 -0.99 36.45
N ARG A 129 -19.38 -1.12 37.47
CA ARG A 129 -17.98 -0.75 37.37
C ARG A 129 -17.25 -1.82 36.57
N ILE A 130 -16.58 -1.42 35.49
CA ILE A 130 -16.01 -2.35 34.52
C ILE A 130 -14.50 -2.32 34.62
N PHE A 131 -13.90 -3.50 34.79
CA PHE A 131 -12.46 -3.69 34.68
C PHE A 131 -12.24 -4.42 33.35
N ALA A 132 -11.85 -3.66 32.34
CA ALA A 132 -11.82 -4.17 30.97
C ALA A 132 -10.44 -4.67 30.59
N ALA A 133 -10.40 -5.82 29.92
CA ALA A 133 -9.16 -6.40 29.43
C ALA A 133 -8.79 -5.94 28.03
N GLY A 134 -9.77 -5.60 27.20
CA GLY A 134 -9.49 -5.23 25.82
C GLY A 134 -9.28 -6.43 24.93
N LYS A 135 -8.35 -6.30 23.98
CA LYS A 135 -8.07 -7.41 23.06
C LYS A 135 -7.34 -8.53 23.78
N SER A 136 -7.83 -9.75 23.61
CA SER A 136 -7.18 -10.91 24.21
C SER A 136 -5.96 -11.33 23.40
N ILE A 137 -4.98 -11.91 24.10
CA ILE A 137 -3.69 -12.26 23.51
C ILE A 137 -3.67 -13.75 23.22
N ALA A 138 -3.29 -14.11 21.99
CA ALA A 138 -3.25 -15.50 21.57
C ALA A 138 -2.01 -15.70 20.69
N THR A 139 -1.83 -16.92 20.20
CA THR A 139 -0.81 -17.26 19.22
C THR A 139 -1.48 -17.43 17.85
N THR A 140 -0.65 -17.65 16.83
CA THR A 140 -1.17 -17.81 15.47
C THR A 140 -2.09 -19.02 15.40
N GLY A 141 -3.32 -18.80 14.95
CA GLY A 141 -4.30 -19.85 14.90
C GLY A 141 -4.96 -20.15 16.24
N GLY A 142 -4.68 -19.37 17.27
CA GLY A 142 -5.18 -19.65 18.60
C GLY A 142 -6.65 -19.31 18.76
N HIS A 143 -7.14 -19.54 19.98
CA HIS A 143 -8.56 -19.37 20.26
C HIS A 143 -9.01 -17.93 20.07
N ALA A 144 -8.12 -16.96 20.27
CA ALA A 144 -8.46 -15.55 20.16
C ALA A 144 -7.90 -14.92 18.89
N ASP A 145 -7.46 -15.72 17.94
CA ASP A 145 -6.97 -15.18 16.67
C ASP A 145 -8.12 -14.49 15.94
N PRO A 146 -7.99 -13.21 15.58
CA PRO A 146 -9.13 -12.50 14.99
C PRO A 146 -9.46 -12.90 13.56
N THR A 147 -8.62 -13.69 12.90
CA THR A 147 -8.80 -14.00 11.48
C THR A 147 -9.03 -15.49 11.25
N ASN A 148 -9.40 -16.24 12.29
CA ASN A 148 -9.72 -17.65 12.12
C ASN A 148 -11.00 -17.79 11.30
N GLY A 149 -10.95 -18.63 10.26
CA GLY A 149 -12.11 -18.91 9.45
C GLY A 149 -12.31 -18.02 8.24
N TRP A 150 -11.45 -17.03 8.04
CA TRP A 150 -11.57 -16.15 6.88
C TRP A 150 -11.03 -16.84 5.63
N ASN A 151 -11.57 -16.44 4.47
CA ASN A 151 -11.10 -16.99 3.21
C ASN A 151 -9.80 -16.31 2.79
N ASP A 152 -9.24 -16.76 1.67
CA ASP A 152 -7.94 -16.29 1.24
C ASP A 152 -7.96 -14.80 0.90
N GLN A 153 -9.03 -14.33 0.27
CA GLN A 153 -9.09 -12.94 -0.16
C GLN A 153 -9.02 -11.99 1.03
N LEU A 154 -9.88 -12.20 2.02
CA LEU A 154 -9.89 -11.33 3.20
C LEU A 154 -8.58 -11.45 3.98
N SER A 155 -8.07 -12.67 4.14
CA SER A 155 -6.82 -12.86 4.87
C SER A 155 -5.67 -12.12 4.21
N HIS A 156 -5.59 -12.18 2.87
CA HIS A 156 -4.55 -11.45 2.17
C HIS A 156 -4.76 -9.94 2.28
N LEU A 157 -6.02 -9.50 2.24
CA LEU A 157 -6.29 -8.07 2.33
C LEU A 157 -5.86 -7.51 3.68
N ILE A 158 -6.15 -8.22 4.77
CA ILE A 158 -5.84 -7.67 6.08
C ILE A 158 -4.43 -7.99 6.54
N GLY A 159 -3.82 -9.06 6.04
CA GLY A 159 -2.48 -9.43 6.43
C GLY A 159 -2.45 -10.26 7.70
N PRO A 160 -1.28 -10.84 8.00
CA PRO A 160 -1.16 -11.69 9.20
C PRO A 160 -1.16 -10.84 10.47
N PRO A 161 -1.91 -11.24 11.48
CA PRO A 161 -1.94 -10.47 12.73
C PRO A 161 -0.60 -10.51 13.46
N GLY A 162 -0.30 -9.41 14.15
CA GLY A 162 0.91 -9.30 14.92
C GLY A 162 0.63 -8.91 16.36
N PRO A 163 1.67 -8.51 17.09
CA PRO A 163 1.47 -8.10 18.48
C PRO A 163 0.50 -6.96 18.65
N THR A 164 0.44 -6.04 17.69
CA THR A 164 -0.52 -4.94 17.78
C THR A 164 -1.96 -5.45 17.77
N GLU A 165 -2.20 -6.55 17.08
CA GLU A 165 -3.52 -7.17 17.02
C GLU A 165 -3.73 -8.24 18.07
N GLY A 166 -2.73 -8.52 18.89
CA GLY A 166 -2.87 -9.49 19.96
C GLY A 166 -2.37 -10.89 19.68
N VAL A 167 -1.63 -11.09 18.58
CA VAL A 167 -1.13 -12.41 18.21
C VAL A 167 0.39 -12.39 18.36
N VAL A 168 0.92 -13.28 19.20
CA VAL A 168 2.32 -13.29 19.55
C VAL A 168 2.89 -14.69 19.32
N ASN A 169 4.19 -14.75 19.03
CA ASN A 169 4.86 -16.03 18.79
C ASN A 169 6.25 -16.10 19.41
N SER A 170 6.65 -15.13 20.24
CA SER A 170 7.96 -15.15 20.86
C SER A 170 7.90 -14.32 22.15
N VAL A 171 9.03 -14.25 22.84
CA VAL A 171 9.09 -13.52 24.11
C VAL A 171 8.96 -12.02 23.86
N ASP A 172 9.73 -11.48 22.90
CA ASP A 172 9.67 -10.06 22.62
C ASP A 172 8.29 -9.66 22.12
N GLU A 173 7.67 -10.51 21.30
CA GLU A 173 6.31 -10.21 20.84
C GLU A 173 5.31 -10.19 22.00
N ALA A 174 5.46 -11.09 22.97
CA ALA A 174 4.59 -11.05 24.14
C ALA A 174 4.79 -9.77 24.93
N ARG A 175 6.04 -9.35 25.10
CA ARG A 175 6.32 -8.08 25.76
C ARG A 175 5.61 -6.93 25.04
N GLN A 176 5.75 -6.87 23.72
CA GLN A 176 5.12 -5.80 22.96
C GLN A 176 3.60 -5.87 23.03
N ALA A 177 3.03 -7.08 23.05
CA ALA A 177 1.58 -7.22 23.15
C ALA A 177 1.06 -6.69 24.48
N VAL A 178 1.76 -6.99 25.58
CA VAL A 178 1.35 -6.46 26.87
C VAL A 178 1.45 -4.94 26.87
N ARG A 179 2.55 -4.41 26.32
CA ARG A 179 2.70 -2.96 26.26
C ARG A 179 1.63 -2.31 25.39
N GLN A 180 1.19 -3.00 24.33
CA GLN A 180 0.15 -2.45 23.47
C GLN A 180 -1.21 -2.49 24.15
N ARG A 181 -1.46 -3.52 24.96
CA ARG A 181 -2.67 -3.53 25.78
C ARG A 181 -2.65 -2.38 26.77
N TYR A 182 -1.48 -2.10 27.36
CA TYR A 182 -1.38 -0.95 28.25
C TYR A 182 -1.64 0.35 27.49
N LYS A 183 -1.10 0.46 26.27
CA LYS A 183 -1.26 1.67 25.48
C LYS A 183 -2.72 1.94 25.14
N ASP A 184 -3.53 0.89 25.02
CA ASP A 184 -4.93 1.05 24.65
C ASP A 184 -5.86 1.17 25.86
N GLY A 185 -5.32 1.22 27.08
CA GLY A 185 -6.12 1.50 28.25
C GLY A 185 -6.81 0.31 28.88
N SER A 186 -6.06 -0.76 29.14
CA SER A 186 -6.60 -1.95 29.76
C SER A 186 -6.39 -1.92 31.28
N ASP A 187 -7.18 -2.73 31.97
CA ASP A 187 -7.06 -2.90 33.41
C ASP A 187 -6.55 -4.27 33.82
N VAL A 188 -6.58 -5.25 32.91
CA VAL A 188 -6.19 -6.62 33.23
C VAL A 188 -5.80 -7.29 31.92
N ILE A 189 -5.04 -8.37 32.02
CA ILE A 189 -4.59 -9.10 30.85
C ILE A 189 -5.27 -10.45 30.72
N ILE A 191 -5.15 -14.12 28.33
CA ILE A 191 -4.52 -14.94 27.31
C ILE A 191 -5.29 -16.24 27.17
N THR A 192 -5.23 -16.85 25.98
CA THR A 192 -5.84 -18.14 25.72
C THR A 192 -4.73 -19.18 25.64
N ALA A 193 -4.61 -19.98 26.70
CA ALA A 193 -3.51 -20.93 26.79
C ALA A 193 -3.76 -22.16 25.91
N THR A 194 -5.02 -22.54 25.73
CA THR A 194 -5.38 -23.70 24.93
C THR A 194 -6.42 -23.29 23.88
N GLY A 195 -6.97 -24.27 23.19
CA GLY A 195 -8.05 -24.04 22.25
C GLY A 195 -9.37 -23.82 22.96
N GLY A 196 -10.37 -23.45 22.17
CA GLY A 196 -11.66 -23.12 22.73
C GLY A 196 -12.82 -23.88 22.10
N VAL A 197 -14.04 -23.53 22.50
CA VAL A 197 -15.24 -24.18 22.00
C VAL A 197 -15.92 -23.37 20.90
N LEU A 198 -15.96 -22.05 21.05
CA LEU A 198 -16.74 -21.20 20.17
C LEU A 198 -15.92 -20.55 19.07
N SER A 199 -14.66 -20.93 18.90
CA SER A 199 -13.82 -20.38 17.85
C SER A 199 -13.93 -21.23 16.59
N TYR A 200 -13.67 -20.58 15.45
CA TYR A 200 -13.73 -21.26 14.14
C TYR A 200 -12.40 -21.95 13.84
N ALA A 201 -12.04 -22.88 14.73
CA ALA A 201 -10.80 -23.64 14.61
C ALA A 201 -11.09 -25.11 14.90
N LYS A 202 -10.08 -25.95 14.70
CA LYS A 202 -10.25 -27.39 14.80
C LYS A 202 -10.14 -27.89 16.24
N SER A 203 -9.09 -27.50 16.96
CA SER A 203 -8.83 -28.07 18.27
C SER A 203 -9.62 -27.36 19.35
N GLY A 204 -9.73 -28.03 20.50
CA GLY A 204 -10.46 -27.48 21.63
C GLY A 204 -9.69 -27.43 22.93
N ASP A 205 -8.63 -28.25 23.05
CA ASP A 205 -7.90 -28.30 24.31
C ASP A 205 -6.38 -28.44 24.15
N ALA A 206 -5.84 -28.31 22.94
CA ALA A 206 -4.41 -28.49 22.75
C ALA A 206 -3.64 -27.29 23.30
N PRO A 207 -2.41 -27.51 23.76
CA PRO A 207 -1.61 -26.38 24.29
C PRO A 207 -1.16 -25.45 23.18
N GLN A 208 -1.42 -24.16 23.37
CA GLN A 208 -1.12 -23.15 22.35
C GLN A 208 -0.16 -22.08 22.86
N PHE A 209 0.40 -22.24 24.05
CA PHE A 209 1.40 -21.35 24.60
C PHE A 209 2.56 -22.18 25.12
N THR A 210 3.77 -21.63 25.03
CA THR A 210 4.92 -22.23 25.69
C THR A 210 5.12 -21.57 27.06
N VAL A 211 5.90 -22.25 27.91
CA VAL A 211 6.12 -21.72 29.25
C VAL A 211 6.86 -20.40 29.20
N ASP A 212 7.81 -20.25 28.29
CA ASP A 212 8.59 -19.02 28.21
C ASP A 212 7.73 -17.83 27.79
N GLU A 213 6.81 -18.05 26.84
CA GLU A 213 5.93 -16.97 26.41
C GLU A 213 5.03 -16.52 27.55
N VAL A 214 4.47 -17.48 28.30
CA VAL A 214 3.64 -17.15 29.45
C VAL A 214 4.46 -16.37 30.48
N LYS A 215 5.70 -16.80 30.72
CA LYS A 215 6.56 -16.11 31.67
C LYS A 215 6.81 -14.68 31.24
N ALA A 216 7.08 -14.47 29.95
CA ALA A 216 7.31 -13.12 29.45
C ALA A 216 6.08 -12.25 29.63
N ILE A 217 4.91 -12.80 29.31
CA ILE A 217 3.67 -12.03 29.49
C ILE A 217 3.49 -11.65 30.94
N VAL A 218 3.71 -12.60 31.85
CA VAL A 218 3.48 -12.34 33.27
C VAL A 218 4.47 -11.31 33.80
N ASP A 219 5.74 -11.40 33.38
CA ASP A 219 6.73 -10.42 33.83
C ASP A 219 6.37 -9.03 33.34
N THR A 220 6.01 -8.91 32.06
CA THR A 220 5.64 -7.59 31.53
C THR A 220 4.42 -7.04 32.24
N ALA A 221 3.43 -7.89 32.51
CA ALA A 221 2.25 -7.44 33.24
C ALA A 221 2.62 -6.99 34.66
N ASN A 222 3.56 -7.70 35.29
CA ASN A 222 4.00 -7.29 36.62
C ASN A 222 4.64 -5.91 36.59
N ASP A 223 5.39 -5.61 35.52
CA ASP A 223 5.98 -4.28 35.42
C ASP A 223 4.93 -3.18 35.36
N TYR A 224 3.75 -3.48 34.81
CA TYR A 224 2.73 -2.47 34.57
C TYR A 224 1.56 -2.55 35.56
N GLY A 225 1.68 -3.35 36.62
CA GLY A 225 0.64 -3.43 37.62
C GLY A 225 -0.60 -4.18 37.20
N TYR A 226 -0.49 -5.16 36.31
CA TYR A 226 -1.63 -5.91 35.82
C TYR A 226 -1.69 -7.30 36.44
N LYS A 227 -2.87 -7.91 36.35
CA LYS A 227 -3.06 -9.32 36.63
C LYS A 227 -3.31 -10.04 35.31
N VAL A 228 -3.04 -11.35 35.30
CA VAL A 228 -3.19 -12.17 34.10
C VAL A 228 -4.20 -13.26 34.38
N ALA A 229 -5.20 -13.37 33.50
CA ALA A 229 -6.18 -14.45 33.53
C ALA A 229 -6.00 -15.31 32.29
N ALA A 230 -6.04 -16.62 32.48
CA ALA A 230 -5.74 -17.56 31.40
C ALA A 230 -6.96 -18.41 31.09
N HIS A 231 -7.32 -18.46 29.81
CA HIS A 231 -8.34 -19.38 29.32
C HIS A 231 -7.69 -20.73 29.02
N ALA A 232 -8.18 -21.79 29.64
CA ALA A 232 -7.57 -23.11 29.48
C ALA A 232 -8.62 -24.19 29.65
N HIS A 233 -8.66 -25.11 28.71
CA HIS A 233 -9.50 -26.30 28.77
C HIS A 233 -8.71 -27.58 29.00
N GLY A 234 -7.60 -27.76 28.26
CA GLY A 234 -6.82 -28.97 28.39
C GLY A 234 -5.83 -28.92 29.54
N THR A 235 -5.27 -30.09 29.85
CA THR A 235 -4.40 -30.23 31.03
C THR A 235 -3.04 -29.59 30.81
N GLU A 236 -2.42 -29.82 29.65
CA GLU A 236 -1.06 -29.33 29.43
C GLU A 236 -1.01 -27.80 29.38
N GLY A 237 -1.95 -27.18 28.69
CA GLY A 237 -1.99 -25.73 28.65
C GLY A 237 -2.25 -25.11 30.01
N MET A 238 -3.14 -25.73 30.79
CA MET A 238 -3.40 -25.27 32.14
C MET A 238 -2.14 -25.38 33.00
N LYS A 239 -1.42 -26.49 32.86
CA LYS A 239 -0.16 -26.66 33.61
C LYS A 239 0.85 -25.59 33.23
N ARG A 240 0.99 -25.33 31.93
CA ARG A 240 1.94 -24.29 31.48
C ARG A 240 1.53 -22.92 32.00
N ALA A 241 0.24 -22.61 31.99
CA ALA A 241 -0.22 -21.33 32.50
C ALA A 241 0.06 -21.20 33.99
N ILE A 242 -0.20 -22.25 34.76
CA ILE A 242 0.06 -22.22 36.19
C ILE A 242 1.56 -22.04 36.45
N LEU A 243 2.40 -22.77 35.72
CA LEU A 243 3.84 -22.65 35.92
C LEU A 243 4.35 -21.27 35.53
N GLY A 244 3.74 -20.66 34.50
CA GLY A 244 4.14 -19.33 34.08
C GLY A 244 3.87 -18.27 35.13
N GLY A 245 2.79 -18.43 35.91
CA GLY A 245 2.51 -17.51 37.00
C GLY A 245 1.27 -16.66 36.82
N VAL A 246 0.24 -17.20 36.17
CA VAL A 246 -1.01 -16.47 35.98
C VAL A 246 -1.74 -16.38 37.31
N THR A 247 -2.75 -15.51 37.38
CA THR A 247 -3.49 -15.29 38.62
C THR A 247 -4.70 -16.21 38.74
N SER A 248 -5.36 -16.54 37.63
CA SER A 248 -6.57 -17.35 37.71
C SER A 248 -6.72 -18.17 36.43
N ILE A 249 -7.50 -19.24 36.53
CA ILE A 249 -7.84 -20.12 35.42
C ILE A 249 -9.35 -20.07 35.23
N GLU A 250 -9.79 -20.13 33.97
CA GLU A 250 -11.19 -19.85 33.63
C GLU A 250 -12.04 -21.06 33.33
N HIS A 251 -11.54 -22.01 32.53
CA HIS A 251 -12.42 -23.15 32.17
C HIS A 251 -11.66 -24.46 32.33
N GLY A 252 -11.15 -24.74 33.54
CA GLY A 252 -10.34 -25.92 33.76
C GLY A 252 -11.15 -27.20 33.64
N THR A 253 -11.71 -27.41 32.43
CA THR A 253 -12.60 -28.53 32.19
C THR A 253 -11.93 -29.87 32.47
N TYR A 254 -10.65 -29.99 32.14
CA TYR A 254 -9.93 -31.25 32.25
C TYR A 254 -8.85 -31.17 33.33
N MET A 255 -9.20 -30.55 34.46
CA MET A 255 -8.32 -30.52 35.62
C MET A 255 -8.10 -31.93 36.15
N THR A 256 -6.86 -32.25 36.50
CA THR A 256 -6.49 -33.51 37.10
C THR A 256 -5.96 -33.28 38.51
N ASP A 257 -5.54 -34.37 39.15
CA ASP A 257 -5.01 -34.26 40.52
C ASP A 257 -3.73 -33.45 40.55
N GLU A 258 -2.84 -33.66 39.58
CA GLU A 258 -1.59 -32.92 39.54
C GLU A 258 -1.83 -31.43 39.31
N VAL A 259 -2.78 -31.10 38.44
CA VAL A 259 -3.10 -29.70 38.19
C VAL A 259 -3.65 -29.06 39.46
N MET A 260 -4.53 -29.77 40.17
CA MET A 260 -5.06 -29.25 41.43
C MET A 260 -3.95 -29.05 42.45
N ARG A 261 -3.01 -29.99 42.54
CA ARG A 261 -1.90 -29.85 43.46
C ARG A 261 -1.07 -28.61 43.12
N LEU A 262 -0.79 -28.39 41.84
CA LEU A 262 -0.04 -27.20 41.45
C LEU A 262 -0.82 -25.93 41.79
N MET A 263 -2.13 -25.93 41.52
CA MET A 263 -2.95 -24.76 41.83
C MET A 263 -2.90 -24.44 43.32
N LYS A 264 -3.04 -25.46 44.17
CA LYS A 264 -2.97 -25.24 45.61
C LYS A 264 -1.60 -24.73 46.03
N GLN A 265 -0.54 -25.31 45.45
CA GLN A 265 0.81 -24.89 45.83
C GLN A 265 1.07 -23.43 45.46
N HIS A 266 0.59 -23.00 44.30
CA HIS A 266 0.89 -21.66 43.81
C HIS A 266 -0.14 -20.61 44.23
N GLY A 267 -1.30 -21.02 44.73
CA GLY A 267 -2.32 -20.07 45.11
C GLY A 267 -3.14 -19.53 43.97
N THR A 268 -3.25 -20.25 42.86
CA THR A 268 -4.01 -19.80 41.71
C THR A 268 -5.52 -19.89 42.00
N TRP A 269 -6.25 -18.91 41.49
CA TRP A 269 -7.70 -18.88 41.61
C TRP A 269 -8.35 -19.66 40.48
N TYR A 270 -9.54 -20.20 40.75
CA TYR A 270 -10.30 -20.97 39.77
C TYR A 270 -11.69 -20.35 39.60
N VAL A 271 -12.05 -20.06 38.36
CA VAL A 271 -13.35 -19.48 38.03
C VAL A 271 -14.10 -20.45 37.12
N PRO A 272 -15.10 -21.18 37.64
CA PRO A 272 -15.70 -22.26 36.85
C PRO A 272 -16.44 -21.83 35.60
N THR A 273 -17.39 -20.90 35.71
CA THR A 273 -18.26 -20.50 34.60
C THR A 273 -19.14 -21.68 34.17
N ILE A 274 -19.94 -22.17 35.12
CA ILE A 274 -20.81 -23.32 34.86
C ILE A 274 -21.92 -22.95 33.88
N SER A 275 -22.41 -21.71 33.96
CA SER A 275 -23.54 -21.29 33.14
C SER A 275 -23.23 -21.44 31.65
N ALA A 276 -22.03 -21.02 31.22
CA ALA A 276 -21.68 -21.13 29.82
C ALA A 276 -21.64 -22.58 29.36
N GLY A 277 -21.08 -23.47 30.20
CA GLY A 277 -21.05 -24.87 29.85
C GLY A 277 -22.45 -25.44 29.66
N ARG A 278 -23.35 -25.16 30.60
CA ARG A 278 -24.72 -25.62 30.46
C ARG A 278 -25.37 -25.06 29.20
N PHE A 279 -25.15 -23.77 28.93
CA PHE A 279 -25.77 -23.13 27.77
C PHE A 279 -25.30 -23.77 26.47
N VAL A 280 -23.99 -23.98 26.33
CA VAL A 280 -23.48 -24.55 25.09
C VAL A 280 -23.92 -26.00 24.95
N ALA A 281 -23.95 -26.74 26.06
CA ALA A 281 -24.44 -28.11 25.99
C ALA A 281 -25.88 -28.16 25.53
N GLU A 282 -26.72 -27.25 26.04
CA GLU A 282 -28.12 -27.23 25.62
C GLU A 282 -28.26 -26.85 24.16
N LYS A 283 -27.50 -25.84 23.71
CA LYS A 283 -27.62 -25.38 22.33
C LYS A 283 -27.02 -26.34 21.31
N ALA A 284 -26.10 -27.21 21.73
CA ALA A 284 -25.50 -28.16 20.78
C ALA A 284 -26.55 -29.12 20.22
N LYS A 285 -27.61 -29.39 20.99
CA LYS A 285 -28.64 -30.32 20.52
C LYS A 285 -29.50 -29.72 19.41
N ILE A 286 -29.59 -28.41 19.32
CA ILE A 286 -30.37 -27.76 18.28
C ILE A 286 -29.60 -27.83 16.96
N ASP A 287 -30.29 -28.21 15.89
CA ASP A 287 -29.65 -28.42 14.60
C ASP A 287 -29.47 -27.08 13.89
N GLY A 288 -28.24 -26.80 13.47
CA GLY A 288 -27.92 -25.59 12.74
C GLY A 288 -27.60 -24.39 13.61
N TYR A 289 -27.72 -24.50 14.93
CA TYR A 289 -27.41 -23.37 15.81
C TYR A 289 -25.93 -23.03 15.75
N PHE A 290 -25.07 -24.05 15.79
CA PHE A 290 -23.63 -23.86 15.70
C PHE A 290 -23.10 -24.31 14.35
N PRO A 291 -21.97 -23.76 13.90
CA PRO A 291 -21.31 -24.32 12.72
C PRO A 291 -20.83 -25.74 12.97
N GLU A 292 -20.71 -26.51 11.90
CA GLU A 292 -20.36 -27.92 12.02
C GLU A 292 -18.99 -28.11 12.67
N VAL A 293 -18.09 -27.14 12.57
CA VAL A 293 -16.79 -27.24 13.22
C VAL A 293 -16.85 -26.88 14.70
N VAL A 294 -17.95 -26.28 15.16
CA VAL A 294 -18.09 -25.90 16.55
C VAL A 294 -18.97 -26.87 17.35
N ARG A 295 -19.93 -27.53 16.71
CA ARG A 295 -20.90 -28.34 17.44
C ARG A 295 -20.27 -29.48 18.21
N PRO A 296 -19.41 -30.31 17.61
CA PRO A 296 -18.80 -31.41 18.40
C PRO A 296 -18.02 -30.93 19.60
N LYS A 297 -17.27 -29.83 19.46
CA LYS A 297 -16.49 -29.32 20.59
C LYS A 297 -17.41 -28.87 21.72
N ALA A 298 -18.48 -28.14 21.39
CA ALA A 298 -19.43 -27.71 22.41
C ALA A 298 -20.07 -28.92 23.10
N ALA A 299 -20.52 -29.89 22.31
CA ALA A 299 -21.18 -31.05 22.88
C ALA A 299 -20.24 -31.80 23.82
N ARG A 300 -18.98 -31.94 23.45
CA ARG A 300 -18.04 -32.68 24.28
C ARG A 300 -17.60 -31.92 25.52
N ILE A 301 -17.44 -30.60 25.43
CA ILE A 301 -16.81 -29.86 26.51
C ILE A 301 -17.84 -29.27 27.48
N GLY A 302 -19.07 -29.00 27.05
CA GLY A 302 -20.03 -28.39 27.94
C GLY A 302 -20.59 -29.32 29.00
N ALA A 303 -20.34 -30.61 28.90
CA ALA A 303 -20.89 -31.60 29.81
C ALA A 303 -19.94 -32.00 30.92
N GLN A 304 -18.82 -31.29 31.09
CA GLN A 304 -17.79 -31.67 32.06
C GLN A 304 -17.32 -30.45 32.84
N ILE A 305 -18.25 -29.60 33.29
CA ILE A 305 -17.91 -28.38 34.00
C ILE A 305 -18.37 -28.43 35.46
N GLN A 306 -19.61 -28.89 35.68
CA GLN A 306 -20.09 -29.00 37.05
C GLN A 306 -19.27 -30.03 37.85
N ASP A 307 -18.94 -31.16 37.23
CA ASP A 307 -18.14 -32.16 37.92
C ASP A 307 -16.76 -31.61 38.28
N THR A 308 -16.16 -30.85 37.36
CA THR A 308 -14.85 -30.26 37.66
C THR A 308 -14.95 -29.28 38.82
N ALA A 309 -16.00 -28.48 38.86
CA ALA A 309 -16.16 -27.54 39.97
C ALA A 309 -16.35 -28.27 41.29
N ALA A 310 -17.16 -29.33 41.30
CA ALA A 310 -17.35 -30.10 42.52
C ALA A 310 -16.04 -30.73 42.99
N LYS A 311 -15.29 -31.31 42.05
CA LYS A 311 -14.01 -31.93 42.42
C LYS A 311 -13.02 -30.90 42.94
N ALA A 312 -12.95 -29.74 42.29
CA ALA A 312 -12.04 -28.70 42.73
C ALA A 312 -12.39 -28.20 44.12
N TYR A 313 -13.68 -28.00 44.39
CA TYR A 313 -14.07 -27.59 45.73
C TYR A 313 -13.74 -28.66 46.76
N ARG A 314 -13.98 -29.94 46.42
CA ARG A 314 -13.67 -31.01 47.35
C ARG A 314 -12.18 -31.08 47.64
N ASN A 315 -11.34 -30.77 46.66
CA ASN A 315 -9.89 -30.90 46.79
C ASN A 315 -9.23 -29.67 47.41
N GLY A 316 -9.97 -28.61 47.69
CA GLY A 316 -9.40 -27.46 48.37
C GLY A 316 -8.87 -26.36 47.49
N VAL A 317 -9.26 -26.31 46.22
CA VAL A 317 -8.82 -25.24 45.33
C VAL A 317 -9.62 -23.99 45.61
N LYS A 318 -8.98 -22.83 45.45
CA LYS A 318 -9.66 -21.56 45.67
C LYS A 318 -10.55 -21.24 44.49
N ILE A 319 -11.82 -20.91 44.78
CA ILE A 319 -12.84 -20.75 43.75
C ILE A 319 -13.42 -19.34 43.83
N ALA A 320 -13.59 -18.70 42.67
CA ALA A 320 -14.19 -17.38 42.57
C ALA A 320 -15.38 -17.43 41.61
N PHE A 321 -16.14 -16.34 41.60
CA PHE A 321 -17.43 -16.29 40.90
C PHE A 321 -17.26 -15.71 39.50
N GLY A 322 -17.76 -16.42 38.51
CA GLY A 322 -17.74 -15.96 37.13
C GLY A 322 -18.68 -16.79 36.29
N THR A 323 -19.31 -16.14 35.31
CA THR A 323 -20.39 -16.79 34.57
C THR A 323 -20.14 -16.88 33.08
N ASN A 324 -19.32 -16.00 32.48
CA ASN A 324 -19.12 -15.95 31.00
C ASN A 324 -20.47 -15.56 30.37
N MET A 325 -21.06 -14.44 30.79
CA MET A 325 -22.41 -14.10 30.38
C MET A 325 -22.51 -13.62 28.94
N GLY A 326 -21.40 -13.44 28.23
CA GLY A 326 -21.50 -13.21 26.80
C GLY A 326 -22.07 -14.38 26.04
N VAL A 327 -21.97 -15.59 26.61
CA VAL A 327 -22.56 -16.77 25.99
C VAL A 327 -24.05 -16.86 26.31
N GLY A 328 -24.39 -16.88 27.58
CA GLY A 328 -25.77 -16.84 28.01
C GLY A 328 -26.32 -15.44 27.93
N PRO A 329 -27.62 -15.28 28.24
CA PRO A 329 -28.23 -13.94 28.16
C PRO A 329 -27.79 -13.06 29.31
N HIS A 330 -27.42 -11.82 29.00
CA HIS A 330 -27.01 -10.87 30.03
C HIS A 330 -28.19 -10.57 30.96
N GLY A 331 -27.88 -10.37 32.24
CA GLY A 331 -28.87 -10.08 33.24
C GLY A 331 -29.40 -11.29 33.99
N ASP A 332 -28.90 -12.48 33.69
CA ASP A 332 -29.28 -13.71 34.39
C ASP A 332 -28.08 -14.35 35.07
N ASN A 333 -27.13 -13.52 35.51
CA ASN A 333 -25.90 -14.00 36.13
C ASN A 333 -26.13 -14.68 37.47
N ALA A 334 -27.26 -14.44 38.12
CA ALA A 334 -27.50 -14.91 39.48
C ALA A 334 -27.79 -16.40 39.56
N ARG A 335 -28.01 -17.08 38.44
CA ARG A 335 -28.23 -18.52 38.45
C ARG A 335 -26.95 -19.31 38.68
N GLU A 336 -25.79 -18.67 38.53
CA GLU A 336 -24.53 -19.33 38.84
C GLU A 336 -24.46 -19.69 40.32
N PHE A 337 -25.09 -18.89 41.19
CA PHE A 337 -25.15 -19.24 42.60
C PHE A 337 -25.89 -20.56 42.81
N ILE A 338 -27.04 -20.71 42.14
CA ILE A 338 -27.81 -21.95 42.25
C ILE A 338 -27.00 -23.13 41.73
N TYR A 339 -26.34 -22.94 40.58
CA TYR A 339 -25.52 -24.02 40.04
C TYR A 339 -24.38 -24.40 40.99
N MET A 340 -23.73 -23.40 41.58
CA MET A 340 -22.64 -23.67 42.50
C MET A 340 -23.12 -24.44 43.72
N VAL A 341 -24.26 -24.02 44.28
CA VAL A 341 -24.81 -24.73 45.44
C VAL A 341 -25.19 -26.16 45.07
N GLU A 342 -25.78 -26.34 43.89
CA GLU A 342 -26.14 -27.69 43.44
C GLU A 342 -24.89 -28.51 43.15
N ALA A 343 -23.74 -27.87 42.99
CA ALA A 343 -22.49 -28.58 42.78
C ALA A 343 -21.80 -28.97 44.09
N GLY A 344 -22.39 -28.67 45.23
CA GLY A 344 -21.83 -29.06 46.52
C GLY A 344 -21.23 -27.91 47.31
N ILE A 345 -21.05 -26.74 46.71
CA ILE A 345 -20.47 -25.60 47.44
C ILE A 345 -21.53 -25.00 48.36
N PRO A 346 -21.22 -24.74 49.63
CA PRO A 346 -22.21 -24.17 50.54
C PRO A 346 -22.64 -22.77 50.09
N ALA A 347 -23.86 -22.39 50.47
CA ALA A 347 -24.41 -21.12 50.04
C ALA A 347 -23.58 -19.95 50.53
N ALA A 348 -23.14 -19.99 51.79
CA ALA A 348 -22.31 -18.91 52.32
C ALA A 348 -21.01 -18.79 51.56
N THR A 349 -20.37 -19.92 51.25
CA THR A 349 -19.13 -19.89 50.46
C THR A 349 -19.39 -19.32 49.07
N ALA A 350 -20.50 -19.71 48.45
CA ALA A 350 -20.82 -19.19 47.12
C ALA A 350 -21.02 -17.68 47.16
N LEU A 351 -21.71 -17.18 48.19
CA LEU A 351 -21.91 -15.74 48.31
C LEU A 351 -20.60 -15.02 48.58
N GLN A 352 -19.72 -15.62 49.39
CA GLN A 352 -18.42 -15.00 49.66
C GLN A 352 -17.57 -14.94 48.40
N SER A 353 -17.65 -15.97 47.55
CA SER A 353 -16.82 -16.00 46.35
C SER A 353 -17.13 -14.85 45.40
N ALA A 354 -18.25 -14.17 45.57
CA ALA A 354 -18.63 -13.07 44.70
C ALA A 354 -18.46 -11.70 45.34
N THR A 355 -18.13 -11.62 46.64
CA THR A 355 -18.03 -10.34 47.31
C THR A 355 -16.61 -10.01 47.78
N VAL A 356 -16.01 -10.86 48.61
CA VAL A 356 -14.70 -10.60 49.19
C VAL A 356 -13.59 -11.29 48.41
N LEU A 357 -13.78 -12.58 48.10
CA LEU A 357 -12.80 -13.28 47.28
C LEU A 357 -12.71 -12.68 45.90
N ALA A 358 -13.83 -12.17 45.36
CA ALA A 358 -13.79 -11.48 44.08
C ALA A 358 -12.94 -10.22 44.17
N ALA A 359 -13.08 -9.46 45.27
CA ALA A 359 -12.26 -8.27 45.45
C ALA A 359 -10.79 -8.65 45.59
N GLU A 360 -10.50 -9.78 46.24
CA GLU A 360 -9.13 -10.27 46.30
C GLU A 360 -8.59 -10.58 44.91
N VAL A 361 -9.40 -11.23 44.08
CA VAL A 361 -8.97 -11.56 42.72
C VAL A 361 -8.71 -10.30 41.92
N LEU A 362 -9.58 -9.30 42.07
CA LEU A 362 -9.42 -8.05 41.32
C LEU A 362 -8.18 -7.29 41.74
N GLY A 363 -7.76 -7.43 43.00
CA GLY A 363 -6.63 -6.68 43.50
C GLY A 363 -6.97 -5.34 44.12
N VAL A 364 -8.22 -5.12 44.49
CA VAL A 364 -8.65 -3.88 45.13
C VAL A 364 -9.07 -4.17 46.56
N ASP A 365 -9.09 -3.11 47.38
CA ASP A 365 -9.41 -3.24 48.79
C ASP A 365 -10.46 -2.24 49.26
N ASP A 366 -11.10 -1.51 48.34
CA ASP A 366 -12.10 -0.53 48.70
C ASP A 366 -13.53 -1.00 48.42
N GLN A 367 -13.72 -2.31 48.21
CA GLN A 367 -15.04 -2.86 47.97
C GLN A 367 -15.07 -4.30 48.47
N GLY A 368 -16.25 -4.92 48.39
CA GLY A 368 -16.42 -6.32 48.70
C GLY A 368 -17.10 -6.60 50.03
N ALA A 369 -17.18 -5.61 50.92
CA ALA A 369 -17.82 -5.81 52.20
C ALA A 369 -18.46 -4.52 52.67
N ILE A 370 -19.43 -4.65 53.57
CA ILE A 370 -20.12 -3.49 54.14
C ILE A 370 -19.33 -3.10 55.39
N GLU A 371 -18.30 -2.27 55.19
CA GLU A 371 -17.45 -1.83 56.27
C GLU A 371 -17.19 -0.33 56.11
N THR A 372 -16.88 0.31 57.24
CA THR A 372 -16.64 1.75 57.22
C THR A 372 -15.50 2.10 56.30
N GLY A 373 -15.71 3.12 55.45
CA GLY A 373 -14.70 3.60 54.55
C GLY A 373 -14.69 2.95 53.17
N LYS A 374 -15.52 1.93 52.95
CA LYS A 374 -15.56 1.25 51.66
C LYS A 374 -16.65 1.86 50.77
N ARG A 375 -16.55 1.55 49.47
CA ARG A 375 -17.54 2.03 48.53
C ARG A 375 -18.93 1.55 48.92
N ALA A 376 -19.92 2.42 48.75
CA ALA A 376 -21.30 2.12 49.12
C ALA A 376 -21.99 1.41 47.96
N ASP A 377 -21.69 0.11 47.82
CA ASP A 377 -22.34 -0.76 46.85
C ASP A 377 -23.15 -1.78 47.66
N ILE A 378 -24.47 -1.58 47.73
CA ILE A 378 -25.34 -2.38 48.58
C ILE A 378 -26.55 -2.84 47.77
N ILE A 379 -26.95 -4.09 47.97
CA ILE A 379 -28.13 -4.66 47.35
C ILE A 379 -28.95 -5.36 48.43
N ALA A 380 -30.21 -5.65 48.11
CA ALA A 380 -31.11 -6.26 49.08
C ALA A 380 -32.13 -7.13 48.38
N MET A 381 -32.56 -8.18 49.07
CA MET A 381 -33.57 -9.11 48.58
C MET A 381 -34.52 -9.46 49.72
N PRO A 382 -35.77 -9.81 49.41
CA PRO A 382 -36.74 -10.10 50.48
C PRO A 382 -36.36 -11.30 51.34
N GLY A 383 -35.80 -12.35 50.76
CA GLY A 383 -35.51 -13.57 51.47
C GLY A 383 -34.13 -13.58 52.08
N ASP A 384 -33.76 -14.74 52.63
CA ASP A 384 -32.44 -14.93 53.21
C ASP A 384 -31.63 -15.85 52.28
N PRO A 385 -30.64 -15.31 51.56
CA PRO A 385 -29.94 -16.15 50.57
C PRO A 385 -29.21 -17.33 51.16
N VAL A 386 -28.75 -17.24 52.42
CA VAL A 386 -28.03 -18.37 53.02
C VAL A 386 -28.97 -19.54 53.26
N ALA A 387 -30.14 -19.27 53.85
CA ALA A 387 -31.10 -20.34 54.12
C ALA A 387 -31.63 -20.93 52.81
N ASP A 388 -31.94 -20.08 51.85
CA ASP A 388 -32.44 -20.51 50.54
C ASP A 388 -31.69 -19.74 49.47
N ILE A 389 -30.89 -20.44 48.67
CA ILE A 389 -30.11 -19.79 47.62
C ILE A 389 -30.99 -19.28 46.50
N ASN A 390 -32.22 -19.78 46.37
CA ASN A 390 -33.11 -19.35 45.31
C ASN A 390 -33.57 -17.91 45.49
N ALA A 391 -33.32 -17.30 46.64
CA ALA A 391 -33.72 -15.92 46.88
C ALA A 391 -32.88 -14.92 46.10
N VAL A 392 -31.75 -15.34 45.53
CA VAL A 392 -30.89 -14.42 44.81
C VAL A 392 -31.52 -13.92 43.51
N LEU A 393 -32.59 -14.56 43.05
CA LEU A 393 -33.24 -14.18 41.80
C LEU A 393 -34.23 -13.03 41.97
N ASN A 394 -34.50 -12.58 43.19
CA ASN A 394 -35.41 -11.48 43.46
C ASN A 394 -34.64 -10.38 44.16
N VAL A 395 -33.99 -9.51 43.38
CA VAL A 395 -33.26 -8.37 43.88
C VAL A 395 -34.06 -7.12 43.54
N ASP A 396 -34.46 -6.37 44.56
CA ASP A 396 -35.31 -5.20 44.37
C ASP A 396 -34.66 -3.89 44.80
N PHE A 397 -33.48 -3.93 45.41
CA PHE A 397 -32.75 -2.73 45.78
C PHE A 397 -31.33 -2.82 45.25
N VAL A 398 -30.88 -1.76 44.57
CA VAL A 398 -29.52 -1.68 44.06
C VAL A 398 -28.98 -0.28 44.32
N MET A 399 -27.78 -0.21 44.89
CA MET A 399 -27.09 1.06 45.14
C MET A 399 -25.65 0.92 44.71
N LYS A 400 -25.13 1.92 44.00
CA LYS A 400 -23.75 1.91 43.53
C LYS A 400 -23.14 3.28 43.73
N ASP A 401 -22.06 3.34 44.51
CA ASP A 401 -21.36 4.60 44.78
C ASP A 401 -22.25 5.60 45.50
N GLY A 402 -23.22 5.12 46.26
CA GLY A 402 -24.14 5.97 46.97
C GLY A 402 -25.35 6.41 46.19
N GLU A 403 -25.47 6.04 44.93
CA GLU A 403 -26.61 6.39 44.09
C GLU A 403 -27.54 5.19 43.97
N ILE A 404 -28.83 5.41 44.20
CA ILE A 404 -29.83 4.36 44.17
C ILE A 404 -30.37 4.23 42.75
N PHE A 405 -30.26 3.02 42.18
CA PHE A 405 -30.75 2.74 40.85
C PHE A 405 -32.04 1.94 40.85
N ARG A 406 -32.43 1.36 41.98
CA ARG A 406 -33.61 0.51 42.05
C ARG A 406 -34.09 0.49 43.50
N GLN A 407 -35.41 0.48 43.67
CA GLN A 407 -35.99 0.52 45.01
C GLN A 407 -37.16 -0.45 45.15
N PRO B 2 40.56 39.71 15.79
CA PRO B 2 41.42 39.97 16.95
C PRO B 2 40.88 41.11 17.81
N VAL B 3 40.53 40.81 19.06
CA VAL B 3 39.99 41.80 19.98
C VAL B 3 40.53 41.52 21.37
N ALA B 4 40.69 42.57 22.17
CA ALA B 4 41.14 42.46 23.54
C ALA B 4 40.02 42.90 24.47
N LEU B 5 39.68 42.05 25.43
CA LEU B 5 38.62 42.31 26.39
C LEU B 5 39.24 42.68 27.73
N HIS B 6 38.80 43.80 28.31
CA HIS B 6 39.30 44.28 29.58
C HIS B 6 38.19 44.16 30.61
N CYS B 7 38.27 43.13 31.44
CA CYS B 7 37.28 42.87 32.48
C CYS B 7 37.80 43.36 33.83
N GLY B 8 36.89 43.85 34.65
CA GLY B 8 37.24 44.23 36.01
C GLY B 8 37.33 43.06 36.97
N LYS B 9 36.59 41.98 36.70
CA LYS B 9 36.66 40.78 37.52
C LYS B 9 36.46 39.57 36.61
N LEU B 10 37.15 38.50 36.92
CA LEU B 10 37.07 37.27 36.10
C LEU B 10 36.74 36.10 37.00
N PHE B 11 35.76 35.29 36.61
CA PHE B 11 35.34 34.11 37.37
C PHE B 11 36.14 32.91 36.90
N ASP B 12 36.93 32.34 37.81
CA ASP B 12 37.69 31.12 37.52
C ASP B 12 36.76 29.93 37.74
N ALA B 13 36.30 29.33 36.64
CA ALA B 13 35.38 28.20 36.75
C ALA B 13 36.04 27.01 37.43
N ARG B 14 37.30 26.72 37.07
CA ARG B 14 37.96 25.53 37.60
C ARG B 14 38.15 25.62 39.11
N SER B 15 38.54 26.79 39.61
CA SER B 15 38.71 26.97 41.04
C SER B 15 37.46 27.51 41.73
N GLY B 16 36.50 28.04 40.98
CA GLY B 16 35.28 28.55 41.57
C GLY B 16 35.46 29.84 42.34
N ARG B 17 36.44 30.67 41.95
CA ARG B 17 36.71 31.93 42.65
C ARG B 17 36.71 33.07 41.65
N VAL B 18 36.32 34.25 42.14
CA VAL B 18 36.28 35.46 41.32
C VAL B 18 37.59 36.21 41.51
N LEU B 19 38.39 36.29 40.46
CA LEU B 19 39.68 36.95 40.51
C LEU B 19 39.52 38.44 40.23
N GLY B 20 40.63 39.14 40.05
CA GLY B 20 40.62 40.57 39.81
C GLY B 20 40.69 40.90 38.34
N PRO B 21 41.10 42.14 38.03
CA PRO B 21 41.14 42.56 36.62
C PRO B 21 42.06 41.68 35.80
N HIS B 22 41.61 41.37 34.58
CA HIS B 22 42.38 40.57 33.62
C HIS B 22 42.13 41.12 32.22
N THR B 23 42.95 40.65 31.28
CA THR B 23 42.80 41.00 29.87
C THR B 23 42.81 39.73 29.05
N VAL B 24 41.81 39.56 28.20
CA VAL B 24 41.65 38.37 27.37
C VAL B 24 41.85 38.78 25.91
N VAL B 25 42.75 38.09 25.22
CA VAL B 25 43.04 38.35 23.82
C VAL B 25 42.49 37.18 23.01
N VAL B 26 41.67 37.48 22.00
CA VAL B 26 40.99 36.47 21.21
C VAL B 26 41.46 36.58 19.76
N ARG B 27 41.93 35.46 19.22
CA ARG B 27 42.35 35.38 17.83
C ARG B 27 41.92 34.05 17.24
N ASP B 28 41.33 34.10 16.05
CA ASP B 28 40.87 32.92 15.33
C ASP B 28 39.83 32.13 16.12
N GLY B 29 39.02 32.84 16.90
CA GLY B 29 37.94 32.20 17.63
C GLY B 29 38.36 31.42 18.86
N ARG B 30 39.59 31.60 19.33
CA ARG B 30 40.09 30.90 20.51
C ARG B 30 40.82 31.89 21.41
N ILE B 31 40.87 31.58 22.70
CA ILE B 31 41.60 32.42 23.64
C ILE B 31 43.09 32.25 23.41
N ASP B 32 43.78 33.35 23.11
CA ASP B 32 45.20 33.33 22.81
C ASP B 32 46.08 33.74 23.98
N GLN B 33 45.62 34.69 24.81
CA GLN B 33 46.43 35.17 25.92
C GLN B 33 45.52 35.64 27.03
N LEU B 34 45.98 35.44 28.27
CA LEU B 34 45.26 35.86 29.46
C LEU B 34 46.25 36.57 30.38
N ILE B 35 46.13 37.89 30.49
CA ILE B 35 47.07 38.72 31.21
C ILE B 35 46.38 39.28 32.45
N SER B 36 47.03 39.17 33.60
CA SER B 36 46.51 39.69 34.85
C SER B 36 47.10 41.08 35.10
N GLY B 37 46.23 42.06 35.30
CA GLY B 37 46.67 43.42 35.54
C GLY B 37 45.68 44.47 35.05
N LEU B 45 45.26 46.51 18.03
CA LEU B 45 44.25 45.58 18.53
C LEU B 45 42.98 46.31 18.95
N ALA B 46 41.83 45.74 18.60
CA ALA B 46 40.56 46.27 19.08
C ALA B 46 40.41 46.01 20.58
N ALA B 47 39.58 46.82 21.22
CA ALA B 47 39.37 46.72 22.66
C ALA B 47 37.90 46.94 22.98
N VAL B 48 37.40 46.19 23.96
CA VAL B 48 36.05 46.33 24.47
C VAL B 48 36.12 46.70 25.94
N ASP B 49 35.42 47.75 26.32
CA ASP B 49 35.47 48.29 27.68
C ASP B 49 34.49 47.52 28.56
N LEU B 50 35.01 46.56 29.33
CA LEU B 50 34.22 45.78 30.27
C LEU B 50 34.70 45.94 31.71
N ARG B 51 35.51 46.98 31.97
CA ARG B 51 36.17 47.15 33.25
C ARG B 51 35.20 47.34 34.42
N ASN B 52 33.90 47.47 34.15
CA ASN B 52 32.90 47.58 35.21
C ASN B 52 31.96 46.39 35.20
N ARG B 53 32.45 45.23 34.78
CA ARG B 53 31.66 44.01 34.66
C ARG B 53 32.46 42.82 35.17
N THR B 54 31.76 41.71 35.37
CA THR B 54 32.38 40.43 35.70
C THR B 54 32.26 39.52 34.49
N CYS B 55 33.38 39.00 34.03
CA CYS B 55 33.43 38.13 32.86
C CYS B 55 33.43 36.67 33.29
N LEU B 56 32.56 35.88 32.70
CA LEU B 56 32.43 34.45 32.97
C LEU B 56 32.42 33.70 31.65
N PRO B 57 32.72 32.40 31.69
CA PRO B 57 32.56 31.58 30.47
C PRO B 57 31.09 31.46 30.10
N GLY B 58 30.84 31.26 28.81
CA GLY B 58 29.48 31.09 28.36
C GLY B 58 28.83 29.88 29.01
N TRP B 59 27.53 30.01 29.31
CA TRP B 59 26.82 28.97 30.01
C TRP B 59 26.34 27.88 29.04
N THR B 60 26.14 26.69 29.60
CA THR B 60 25.62 25.55 28.84
C THR B 60 24.36 25.03 29.53
N ASP B 61 23.29 24.90 28.76
CA ASP B 61 22.05 24.31 29.25
C ASP B 61 21.95 22.89 28.71
N LEU B 62 21.89 21.91 29.62
CA LEU B 62 21.96 20.51 29.25
C LEU B 62 20.61 19.87 28.98
N HIS B 63 19.52 20.64 29.03
CA HIS B 63 18.20 20.09 28.74
C HIS B 63 17.31 21.21 28.22
N VAL B 64 17.14 21.26 26.90
CA VAL B 64 16.24 22.21 26.26
C VAL B 64 15.50 21.49 25.15
N HIS B 65 14.40 22.10 24.70
CA HIS B 65 13.63 21.63 23.56
C HIS B 65 13.35 22.86 22.69
N LEU B 66 14.28 23.16 21.78
CA LEU B 66 14.21 24.40 21.02
C LEU B 66 13.16 24.37 19.92
N GLY B 67 12.57 23.22 19.65
CA GLY B 67 11.57 23.10 18.61
C GLY B 67 10.13 23.29 19.06
N ASP B 68 9.95 23.66 20.33
CA ASP B 68 8.58 23.76 20.86
C ASP B 68 8.51 24.66 22.08
N GLU B 69 7.31 25.06 22.44
CA GLU B 69 7.08 25.83 23.65
C GLU B 69 5.66 25.55 24.13
N SER B 70 5.50 25.43 25.45
CA SER B 70 4.20 25.10 26.02
C SER B 70 3.22 26.27 25.88
N SER B 71 1.97 25.94 25.60
CA SER B 71 0.92 26.95 25.43
C SER B 71 -0.42 26.25 25.59
N PRO B 72 -1.51 27.03 25.74
CA PRO B 72 -2.83 26.40 25.89
C PRO B 72 -3.28 25.59 24.70
N GLN B 73 -2.72 25.83 23.52
CA GLN B 73 -3.12 25.13 22.30
C GLN B 73 -2.14 24.05 21.89
N SER B 74 -1.17 23.70 22.75
CA SER B 74 -0.11 22.80 22.35
C SER B 74 -0.57 21.36 22.16
N TYR B 75 -1.75 21.01 22.65
CA TYR B 75 -2.25 19.65 22.52
C TYR B 75 -3.18 19.45 21.33
N SER B 76 -3.42 20.50 20.55
CA SER B 76 -4.17 20.38 19.31
C SER B 76 -3.44 20.94 18.10
N GLU B 77 -2.28 21.56 18.29
CA GLU B 77 -1.52 22.13 17.19
C GLU B 77 -0.78 21.08 16.37
N GLY B 78 -0.50 19.91 16.96
CA GLY B 78 0.27 18.91 16.25
C GLY B 78 -0.48 18.28 15.09
N PHE B 79 -1.81 18.33 15.13
CA PHE B 79 -2.63 17.76 14.06
C PHE B 79 -2.93 18.74 12.94
N ARG B 80 -2.59 20.02 13.11
CA ARG B 80 -2.88 21.04 12.10
C ARG B 80 -1.65 21.76 11.57
N LEU B 81 -0.54 21.75 12.30
CA LEU B 81 0.68 22.41 11.87
C LEU B 81 1.72 21.42 11.40
N ASP B 82 2.69 21.92 10.65
CA ASP B 82 3.78 21.13 10.10
C ASP B 82 5.09 21.56 10.75
N PRO B 83 6.12 20.72 10.71
CA PRO B 83 7.42 21.11 11.29
C PRO B 83 7.98 22.38 10.71
N ILE B 84 7.68 22.67 9.44
CA ILE B 84 8.13 23.92 8.82
C ILE B 84 7.57 25.11 9.57
N ASP B 85 6.34 24.99 10.09
CA ASP B 85 5.78 26.06 10.90
C ASP B 85 6.50 26.21 12.22
N PHE B 86 6.99 25.11 12.79
CA PHE B 86 7.72 25.17 14.06
C PHE B 86 9.13 25.71 13.90
N ALA B 87 9.73 25.56 12.72
CA ALA B 87 11.06 26.11 12.48
C ALA B 87 11.07 27.63 12.60
N TYR B 88 10.04 28.29 12.08
CA TYR B 88 9.99 29.75 12.11
C TYR B 88 9.88 30.26 13.54
N ARG B 89 9.27 29.49 14.44
CA ARG B 89 9.28 29.83 15.86
C ARG B 89 10.63 29.51 16.50
N SER B 90 11.23 28.39 16.11
CA SER B 90 12.53 28.01 16.67
C SER B 90 13.58 29.07 16.36
N VAL B 91 13.42 29.81 15.27
CA VAL B 91 14.36 30.90 14.99
C VAL B 91 14.42 31.87 16.17
N GLY B 92 13.26 32.39 16.58
CA GLY B 92 13.22 33.30 17.70
C GLY B 92 13.59 32.64 19.01
N TYR B 93 13.17 31.38 19.19
CA TYR B 93 13.57 30.65 20.40
C TYR B 93 15.09 30.62 20.55
N ALA B 94 15.79 30.24 19.49
CA ALA B 94 17.25 30.13 19.53
C ALA B 94 17.89 31.50 19.74
N GLU B 95 17.39 32.53 19.07
CA GLU B 95 17.98 33.85 19.26
C GLU B 95 17.84 34.31 20.70
N ARG B 96 16.65 34.13 21.29
CA ARG B 96 16.43 34.55 22.66
C ARG B 96 17.29 33.74 23.63
N THR B 97 17.46 32.44 23.36
CA THR B 97 18.33 31.64 24.21
C THR B 97 19.77 32.12 24.14
N LEU B 98 20.28 32.41 22.94
CA LEU B 98 21.66 32.84 22.81
C LEU B 98 21.89 34.19 23.47
N LEU B 99 20.98 35.14 23.27
CA LEU B 99 21.20 36.48 23.80
C LEU B 99 21.11 36.54 25.32
N ALA B 100 20.64 35.49 25.98
CA ALA B 100 20.56 35.46 27.43
C ALA B 100 21.84 34.98 28.09
N GLY B 101 22.84 34.55 27.32
CA GLY B 101 24.11 34.15 27.85
C GLY B 101 24.47 32.69 27.69
N PHE B 102 23.64 31.89 27.03
CA PHE B 102 23.86 30.46 26.88
C PHE B 102 24.42 30.20 25.48
N THR B 103 25.73 30.00 25.40
CA THR B 103 26.41 29.83 24.12
C THR B 103 26.33 28.40 23.58
N SER B 104 25.90 27.43 24.40
CA SER B 104 25.73 26.07 23.94
C SER B 104 24.61 25.42 24.73
N VAL B 105 23.95 24.43 24.10
CA VAL B 105 22.85 23.72 24.72
C VAL B 105 22.90 22.26 24.28
N ARG B 106 22.19 21.41 25.02
CA ARG B 106 22.01 20.01 24.67
C ARG B 106 20.52 19.79 24.44
N ASP B 107 20.13 19.60 23.19
CA ASP B 107 18.73 19.38 22.84
C ASP B 107 18.40 17.90 23.01
N LEU B 108 17.36 17.61 23.79
CA LEU B 108 17.06 16.26 24.23
C LEU B 108 15.68 15.80 23.74
N GLY B 109 15.37 16.05 22.47
CA GLY B 109 14.14 15.55 21.90
C GLY B 109 13.52 16.47 20.85
N GLY B 110 13.14 15.89 19.71
CA GLY B 110 12.56 16.65 18.63
C GLY B 110 13.35 16.54 17.34
N GLU B 111 12.65 16.44 16.21
CA GLU B 111 13.29 16.29 14.91
C GLU B 111 13.58 17.62 14.23
N VAL B 112 13.22 18.74 14.85
CA VAL B 112 13.50 20.05 14.26
C VAL B 112 14.88 20.56 14.64
N SER B 113 15.46 20.03 15.72
CA SER B 113 16.68 20.58 16.30
C SER B 113 17.92 20.31 15.47
N PRO B 114 18.07 19.13 14.85
CA PRO B 114 19.23 18.92 13.97
C PRO B 114 19.28 19.92 12.82
N HIS B 115 18.12 20.24 12.22
CA HIS B 115 18.09 21.22 11.14
C HIS B 115 18.44 22.62 11.65
N LEU B 116 17.94 22.98 12.83
CA LEU B 116 18.29 24.27 13.42
C LEU B 116 19.78 24.34 13.71
N ARG B 117 20.36 23.24 14.20
CA ARG B 117 21.80 23.20 14.43
C ARG B 117 22.57 23.40 13.14
N ASP B 118 22.16 22.72 12.06
CA ASP B 118 22.83 22.90 10.78
C ASP B 118 22.74 24.34 10.30
N ALA B 119 21.55 24.94 10.42
CA ALA B 119 21.37 26.32 9.97
C ALA B 119 22.21 27.29 10.79
N VAL B 120 22.30 27.06 12.10
CA VAL B 120 23.09 27.95 12.96
C VAL B 120 24.57 27.79 12.64
N ASN B 121 25.01 26.56 12.38
CA ASN B 121 26.42 26.33 12.07
C ASN B 121 26.79 26.94 10.72
N GLN B 122 25.85 26.96 9.77
CA GLN B 122 26.12 27.57 8.48
C GLN B 122 26.04 29.10 8.51
N GLY B 123 25.62 29.68 9.63
CA GLY B 123 25.52 31.13 9.75
C GLY B 123 24.23 31.71 9.25
N LEU B 124 23.22 30.89 8.95
CA LEU B 124 21.97 31.41 8.43
C LEU B 124 21.17 32.14 9.49
N VAL B 125 21.16 31.60 10.72
CA VAL B 125 20.40 32.18 11.83
C VAL B 125 21.29 32.23 13.06
N LYS B 126 20.87 33.05 14.02
CA LYS B 126 21.60 33.21 15.27
C LYS B 126 21.12 32.18 16.29
N GLY B 127 22.06 31.69 17.09
CA GLY B 127 21.75 30.72 18.12
C GLY B 127 22.99 30.18 18.80
N PRO B 128 22.79 29.30 19.77
CA PRO B 128 23.92 28.68 20.47
C PRO B 128 24.41 27.45 19.72
N ARG B 129 25.50 26.87 20.23
CA ARG B 129 26.00 25.60 19.73
C ARG B 129 25.10 24.48 20.23
N ILE B 130 24.55 23.70 19.32
CA ILE B 130 23.50 22.73 19.63
C ILE B 130 24.07 21.32 19.50
N PHE B 131 23.90 20.53 20.56
CA PHE B 131 24.19 19.09 20.55
C PHE B 131 22.82 18.41 20.55
N ALA B 132 22.39 17.97 19.38
CA ALA B 132 21.01 17.51 19.18
C ALA B 132 20.91 16.00 19.32
N ALA B 133 19.87 15.55 20.02
CA ALA B 133 19.59 14.13 20.18
C ALA B 133 18.71 13.56 19.09
N GLY B 134 17.84 14.36 18.49
CA GLY B 134 16.90 13.86 17.50
C GLY B 134 15.71 13.18 18.13
N LYS B 135 15.24 12.11 17.49
CA LYS B 135 14.07 11.39 18.01
C LYS B 135 14.46 10.62 19.27
N SER B 136 13.64 10.76 20.31
CA SER B 136 13.87 10.03 21.55
C SER B 136 13.39 8.58 21.43
N ILE B 137 14.05 7.69 22.16
CA ILE B 137 13.79 6.26 22.07
C ILE B 137 12.93 5.83 23.26
N ALA B 138 11.86 5.12 22.97
CA ALA B 138 10.92 4.66 23.99
C ALA B 138 10.48 3.24 23.63
N THR B 139 9.60 2.68 24.47
CA THR B 139 8.94 1.41 24.20
C THR B 139 7.49 1.67 23.79
N THR B 140 6.78 0.61 23.44
CA THR B 140 5.40 0.74 22.99
C THR B 140 4.54 1.32 24.11
N GLY B 141 3.87 2.43 23.82
CA GLY B 141 3.10 3.12 24.81
C GLY B 141 3.90 3.98 25.76
N GLY B 142 5.19 4.13 25.53
CA GLY B 142 6.06 4.86 26.44
C GLY B 142 5.88 6.36 26.35
N HIS B 143 6.67 7.05 27.17
CA HIS B 143 6.54 8.50 27.29
C HIS B 143 6.83 9.21 25.97
N ALA B 144 7.69 8.62 25.13
CA ALA B 144 8.08 9.24 23.86
C ALA B 144 7.43 8.56 22.66
N ASP B 145 6.42 7.75 22.89
CA ASP B 145 5.71 7.11 21.77
C ASP B 145 5.02 8.17 20.94
N PRO B 146 5.29 8.26 19.64
CA PRO B 146 4.73 9.36 18.83
C PRO B 146 3.25 9.24 18.56
N THR B 147 2.61 8.11 18.86
CA THR B 147 1.22 7.88 18.50
C THR B 147 0.31 7.72 19.73
N ASN B 148 0.78 8.14 20.89
CA ASN B 148 -0.06 8.10 22.09
C ASN B 148 -1.21 9.08 21.96
N GLY B 149 -2.43 8.59 22.20
CA GLY B 149 -3.61 9.43 22.18
C GLY B 149 -4.32 9.54 20.86
N TRP B 150 -3.82 8.90 19.80
CA TRP B 150 -4.47 8.94 18.50
C TRP B 150 -5.67 8.00 18.48
N ASN B 151 -6.65 8.31 17.64
CA ASN B 151 -7.81 7.45 17.51
C ASN B 151 -7.49 6.27 16.58
N ASP B 152 -8.46 5.38 16.40
CA ASP B 152 -8.22 4.15 15.67
C ASP B 152 -7.90 4.42 14.20
N GLN B 153 -8.57 5.40 13.59
CA GLN B 153 -8.37 5.67 12.18
C GLN B 153 -6.93 6.09 11.89
N LEU B 154 -6.44 7.09 12.62
CA LEU B 154 -5.08 7.57 12.40
C LEU B 154 -4.06 6.49 12.73
N SER B 155 -4.28 5.77 13.83
CA SER B 155 -3.34 4.72 14.23
C SER B 155 -3.25 3.64 13.16
N HIS B 156 -4.38 3.23 12.59
CA HIS B 156 -4.35 2.25 11.52
C HIS B 156 -3.70 2.82 10.27
N LEU B 157 -3.93 4.10 9.97
CA LEU B 157 -3.35 4.70 8.78
C LEU B 157 -1.82 4.73 8.87
N ILE B 158 -1.29 5.09 10.03
CA ILE B 158 0.16 5.25 10.14
C ILE B 158 0.87 3.93 10.50
N GLY B 159 0.18 3.01 11.16
CA GLY B 159 0.77 1.75 11.54
C GLY B 159 1.52 1.82 12.85
N PRO B 160 1.90 0.67 13.40
CA PRO B 160 2.60 0.64 14.68
C PRO B 160 4.04 1.13 14.52
N PRO B 161 4.50 1.99 15.42
CA PRO B 161 5.89 2.48 15.33
C PRO B 161 6.90 1.37 15.57
N GLY B 162 8.05 1.50 14.89
CA GLY B 162 9.13 0.56 15.04
C GLY B 162 10.44 1.25 15.39
N PRO B 163 11.55 0.52 15.29
CA PRO B 163 12.85 1.13 15.61
C PRO B 163 13.16 2.35 14.76
N THR B 164 12.70 2.39 13.51
CA THR B 164 12.95 3.56 12.68
C THR B 164 12.29 4.80 13.25
N GLU B 165 11.15 4.62 13.92
CA GLU B 165 10.44 5.73 14.55
C GLU B 165 10.81 5.93 16.01
N GLY B 166 11.70 5.11 16.55
CA GLY B 166 12.18 5.26 17.91
C GLY B 166 11.51 4.41 18.96
N VAL B 167 10.72 3.41 18.57
CA VAL B 167 10.00 2.56 19.51
C VAL B 167 10.61 1.16 19.42
N VAL B 168 11.12 0.66 20.55
CA VAL B 168 11.85 -0.60 20.59
C VAL B 168 11.25 -1.50 21.65
N ASN B 169 11.38 -2.81 21.45
CA ASN B 169 10.85 -3.77 22.41
C ASN B 169 11.78 -4.96 22.63
N SER B 170 13.01 -4.92 22.12
CA SER B 170 13.95 -6.03 22.30
C SER B 170 15.36 -5.48 22.18
N VAL B 171 16.35 -6.37 22.33
CA VAL B 171 17.75 -5.98 22.27
C VAL B 171 18.13 -5.58 20.84
N ASP B 172 17.76 -6.40 19.86
CA ASP B 172 18.10 -6.10 18.48
C ASP B 172 17.42 -4.82 18.02
N GLU B 173 16.17 -4.60 18.45
CA GLU B 173 15.48 -3.37 18.11
C GLU B 173 16.17 -2.15 18.71
N ALA B 174 16.66 -2.26 19.94
CA ALA B 174 17.41 -1.16 20.54
C ALA B 174 18.69 -0.87 19.75
N ARG B 175 19.39 -1.92 19.34
CA ARG B 175 20.58 -1.74 18.50
C ARG B 175 20.22 -0.99 17.24
N GLN B 176 19.15 -1.41 16.55
CA GLN B 176 18.76 -0.76 15.31
C GLN B 176 18.33 0.69 15.56
N ALA B 177 17.66 0.96 16.67
CA ALA B 177 17.23 2.31 16.98
C ALA B 177 18.43 3.23 17.18
N VAL B 178 19.45 2.76 17.90
CA VAL B 178 20.65 3.58 18.06
C VAL B 178 21.33 3.81 16.72
N ARG B 179 21.41 2.78 15.89
CA ARG B 179 22.01 2.95 14.58
C ARG B 179 21.20 3.90 13.69
N GLN B 180 19.89 3.91 13.85
CA GLN B 180 19.05 4.82 13.07
C GLN B 180 19.19 6.26 13.55
N ARG B 181 19.37 6.45 14.85
CA ARG B 181 19.70 7.78 15.35
C ARG B 181 21.03 8.26 14.80
N TYR B 182 22.02 7.36 14.73
CA TYR B 182 23.29 7.73 14.11
C TYR B 182 23.10 8.07 12.64
N LYS B 183 22.27 7.31 11.92
CA LYS B 183 22.06 7.55 10.50
C LYS B 183 21.43 8.91 10.24
N ASP B 184 20.63 9.42 11.19
CA ASP B 184 19.95 10.69 11.02
C ASP B 184 20.75 11.87 11.55
N GLY B 185 21.97 11.65 12.03
CA GLY B 185 22.85 12.75 12.40
C GLY B 185 22.66 13.29 13.81
N SER B 186 22.69 12.39 14.79
CA SER B 186 22.54 12.79 16.18
C SER B 186 23.91 12.96 16.84
N ASP B 187 23.91 13.68 17.95
CA ASP B 187 25.11 13.87 18.76
C ASP B 187 25.05 13.17 20.10
N VAL B 188 23.85 12.76 20.54
CA VAL B 188 23.67 12.17 21.87
C VAL B 188 22.40 11.34 21.81
N ILE B 189 22.26 10.41 22.75
CA ILE B 189 21.10 9.54 22.78
C ILE B 189 20.21 9.84 24.00
N ILE B 191 16.67 8.36 26.10
CA ILE B 191 15.66 7.33 26.28
C ILE B 191 14.75 7.73 27.43
N THR B 192 13.51 7.25 27.41
CA THR B 192 12.55 7.50 28.48
C THR B 192 12.40 6.20 29.26
N ALA B 193 13.01 6.14 30.45
CA ALA B 193 13.02 4.90 31.22
C ALA B 193 11.69 4.66 31.91
N THR B 194 10.98 5.72 32.28
CA THR B 194 9.69 5.62 32.96
C THR B 194 8.66 6.46 32.21
N GLY B 195 7.48 6.59 32.81
CA GLY B 195 6.45 7.44 32.27
C GLY B 195 6.73 8.90 32.53
N GLY B 196 5.90 9.75 31.93
CA GLY B 196 6.11 11.19 32.03
C GLY B 196 4.90 11.95 32.50
N VAL B 197 5.00 13.28 32.50
CA VAL B 197 3.94 14.16 32.96
C VAL B 197 3.13 14.72 31.79
N LEU B 198 3.78 15.10 30.70
CA LEU B 198 3.15 15.82 29.62
C LEU B 198 2.74 14.93 28.45
N SER B 199 2.83 13.61 28.59
CA SER B 199 2.42 12.69 27.55
C SER B 199 0.95 12.32 27.71
N TYR B 200 0.33 11.94 26.60
CA TYR B 200 -1.08 11.54 26.59
C TYR B 200 -1.21 10.05 26.93
N ALA B 201 -0.73 9.71 28.12
CA ALA B 201 -0.76 8.35 28.63
C ALA B 201 -1.22 8.36 30.08
N LYS B 202 -1.44 7.16 30.63
CA LYS B 202 -2.00 7.03 31.97
C LYS B 202 -0.95 7.15 33.07
N SER B 203 0.14 6.42 32.96
CA SER B 203 1.12 6.34 34.04
C SER B 203 2.09 7.50 33.99
N GLY B 204 2.75 7.74 35.13
CA GLY B 204 3.72 8.81 35.23
C GLY B 204 5.09 8.39 35.72
N ASP B 205 5.18 7.24 36.40
CA ASP B 205 6.46 6.83 36.98
C ASP B 205 6.74 5.32 36.87
N ALA B 206 5.93 4.55 36.14
CA ALA B 206 6.14 3.12 36.09
C ALA B 206 7.35 2.78 35.21
N PRO B 207 8.03 1.68 35.49
CA PRO B 207 9.20 1.31 34.69
C PRO B 207 8.78 0.83 33.31
N GLN B 208 9.40 1.40 32.28
CA GLN B 208 9.06 1.12 30.89
C GLN B 208 10.23 0.56 30.09
N PHE B 209 11.36 0.28 30.74
CA PHE B 209 12.51 -0.34 30.11
C PHE B 209 12.96 -1.51 30.97
N THR B 210 13.50 -2.54 30.33
CA THR B 210 14.16 -3.61 31.07
C THR B 210 15.66 -3.33 31.11
N VAL B 211 16.35 -4.03 32.01
CA VAL B 211 17.78 -3.80 32.16
C VAL B 211 18.53 -4.22 30.90
N ASP B 212 18.10 -5.30 30.26
CA ASP B 212 18.79 -5.78 29.06
C ASP B 212 18.66 -4.79 27.91
N GLU B 213 17.48 -4.20 27.74
CA GLU B 213 17.30 -3.22 26.66
C GLU B 213 18.17 -1.99 26.89
N VAL B 214 18.24 -1.51 28.14
CA VAL B 214 19.10 -0.38 28.46
C VAL B 214 20.56 -0.74 28.19
N LYS B 215 20.97 -1.95 28.56
CA LYS B 215 22.33 -2.39 28.32
C LYS B 215 22.64 -2.41 26.82
N ALA B 216 21.72 -2.92 26.01
CA ALA B 216 21.93 -2.95 24.57
C ALA B 216 22.06 -1.55 24.00
N ILE B 217 21.19 -0.63 24.45
CA ILE B 217 21.27 0.75 23.97
C ILE B 217 22.63 1.36 24.33
N VAL B 218 23.07 1.14 25.57
CA VAL B 218 24.32 1.75 26.02
C VAL B 218 25.51 1.17 25.25
N ASP B 219 25.52 -0.15 25.04
CA ASP B 219 26.61 -0.76 24.29
C ASP B 219 26.67 -0.23 22.86
N THR B 220 25.51 -0.16 22.19
CA THR B 220 25.49 0.35 20.84
C THR B 220 25.95 1.80 20.79
N ALA B 221 25.52 2.61 21.76
CA ALA B 221 25.97 4.00 21.81
C ALA B 221 27.47 4.09 22.04
N ASN B 222 28.01 3.20 22.86
CA ASN B 222 29.45 3.17 23.07
C ASN B 222 30.19 2.86 21.79
N ASP B 223 29.65 1.98 20.96
CA ASP B 223 30.31 1.69 19.68
C ASP B 223 30.38 2.93 18.79
N TYR B 224 29.42 3.84 18.90
CA TYR B 224 29.33 4.99 18.00
C TYR B 224 29.77 6.29 18.65
N GLY B 225 30.38 6.25 19.82
CA GLY B 225 30.87 7.45 20.46
C GLY B 225 29.81 8.36 21.05
N TYR B 226 28.68 7.82 21.48
CA TYR B 226 27.61 8.61 22.02
C TYR B 226 27.52 8.51 23.54
N LYS B 227 26.82 9.46 24.14
CA LYS B 227 26.41 9.40 25.53
C LYS B 227 24.92 9.17 25.58
N VAL B 228 24.45 8.62 26.70
CA VAL B 228 23.03 8.29 26.87
C VAL B 228 22.49 9.07 28.06
N ALA B 229 21.39 9.78 27.85
CA ALA B 229 20.66 10.48 28.90
C ALA B 229 19.31 9.82 29.06
N ALA B 230 18.90 9.59 30.31
CA ALA B 230 17.68 8.86 30.61
C ALA B 230 16.68 9.75 31.32
N HIS B 231 15.45 9.77 30.80
CA HIS B 231 14.33 10.42 31.49
C HIS B 231 13.71 9.43 32.47
N ALA B 232 13.65 9.81 33.75
CA ALA B 232 13.14 8.89 34.76
C ALA B 232 12.52 9.69 35.91
N HIS B 233 11.31 9.30 36.28
CA HIS B 233 10.61 9.84 37.43
C HIS B 233 10.51 8.85 38.58
N GLY B 234 10.15 7.59 38.31
CA GLY B 234 10.01 6.60 39.35
C GLY B 234 11.32 5.96 39.76
N THR B 235 11.27 5.23 40.87
CA THR B 235 12.47 4.66 41.46
C THR B 235 12.98 3.46 40.66
N GLU B 236 12.10 2.56 40.26
CA GLU B 236 12.53 1.32 39.61
C GLU B 236 13.14 1.61 38.25
N GLY B 237 12.52 2.48 37.46
CA GLY B 237 13.08 2.82 36.16
C GLY B 237 14.42 3.53 36.28
N MET B 238 14.54 4.42 37.27
CA MET B 238 15.82 5.09 37.51
C MET B 238 16.90 4.08 37.89
N LYS B 239 16.54 3.10 38.74
CA LYS B 239 17.49 2.07 39.12
C LYS B 239 17.92 1.25 37.91
N ARG B 240 16.97 0.87 37.05
CA ARG B 240 17.32 0.11 35.86
C ARG B 240 18.22 0.91 34.93
N ALA B 241 17.92 2.21 34.76
CA ALA B 241 18.76 3.04 33.91
C ALA B 241 20.17 3.16 34.46
N ILE B 242 20.30 3.35 35.78
CA ILE B 242 21.63 3.44 36.39
C ILE B 242 22.39 2.14 36.21
N LEU B 243 21.72 1.01 36.44
CA LEU B 243 22.39 -0.29 36.30
C LEU B 243 22.78 -0.55 34.85
N GLY B 244 21.98 -0.07 33.89
CA GLY B 244 22.31 -0.26 32.49
C GLY B 244 23.56 0.49 32.07
N GLY B 245 23.82 1.64 32.67
CA GLY B 245 25.03 2.38 32.40
C GLY B 245 24.86 3.70 31.68
N VAL B 246 23.76 4.40 31.95
CA VAL B 246 23.52 5.70 31.32
C VAL B 246 24.45 6.73 31.95
N THR B 247 24.58 7.89 31.30
CA THR B 247 25.49 8.93 31.75
C THR B 247 24.84 9.90 32.74
N SER B 248 23.54 10.18 32.58
CA SER B 248 22.89 11.16 33.43
C SER B 248 21.41 10.83 33.57
N ILE B 249 20.81 11.36 34.64
CA ILE B 249 19.39 11.21 34.93
C ILE B 249 18.77 12.61 34.94
N GLU B 250 17.54 12.72 34.45
CA GLU B 250 16.94 14.02 34.16
C GLU B 250 15.90 14.48 35.17
N HIS B 251 14.97 13.62 35.59
CA HIS B 251 13.92 14.11 36.51
C HIS B 251 13.75 13.12 37.67
N GLY B 252 14.82 12.86 38.42
CA GLY B 252 14.77 11.89 39.49
C GLY B 252 13.87 12.34 40.63
N THR B 253 12.59 12.53 40.32
CA THR B 253 11.65 13.08 41.28
C THR B 253 11.53 12.21 42.53
N TYR B 254 11.58 10.89 42.35
CA TYR B 254 11.39 9.94 43.45
C TYR B 254 12.67 9.20 43.78
N MET B 255 13.78 9.93 43.79
CA MET B 255 15.06 9.37 44.21
C MET B 255 15.00 8.97 45.69
N THR B 256 15.54 7.81 46.01
CA THR B 256 15.64 7.32 47.38
C THR B 256 17.11 7.20 47.77
N ASP B 257 17.34 6.72 49.00
CA ASP B 257 18.70 6.56 49.48
C ASP B 257 19.47 5.54 48.66
N GLU B 258 18.82 4.42 48.32
CA GLU B 258 19.51 3.39 47.53
C GLU B 258 19.85 3.90 46.13
N VAL B 259 18.94 4.67 45.52
CA VAL B 259 19.22 5.24 44.21
C VAL B 259 20.40 6.20 44.28
N MET B 260 20.45 7.02 45.32
CA MET B 260 21.57 7.94 45.49
C MET B 260 22.87 7.18 45.70
N ARG B 261 22.83 6.10 46.48
CA ARG B 261 24.03 5.29 46.66
C ARG B 261 24.52 4.71 45.34
N LEU B 262 23.61 4.18 44.53
CA LEU B 262 24.00 3.66 43.22
C LEU B 262 24.58 4.76 42.34
N MET B 263 23.95 5.94 42.34
CA MET B 263 24.44 7.05 41.54
C MET B 263 25.86 7.42 41.95
N LYS B 264 26.11 7.52 43.25
CA LYS B 264 27.46 7.85 43.71
C LYS B 264 28.45 6.76 43.34
N GLN B 265 28.05 5.49 43.47
CA GLN B 265 28.96 4.39 43.15
C GLN B 265 29.35 4.40 41.68
N HIS B 266 28.39 4.67 40.79
CA HIS B 266 28.62 4.58 39.36
C HIS B 266 29.09 5.88 38.73
N GLY B 267 28.98 7.01 39.44
CA GLY B 267 29.39 8.27 38.88
C GLY B 267 28.40 8.91 37.94
N THR B 268 27.11 8.58 38.08
CA THR B 268 26.09 9.14 37.21
C THR B 268 25.83 10.61 37.55
N TRP B 269 25.57 11.40 36.53
CA TRP B 269 25.23 12.82 36.70
C TRP B 269 23.73 12.98 36.92
N TYR B 270 23.37 14.04 37.63
CA TYR B 270 21.98 14.36 37.92
C TYR B 270 21.67 15.77 37.44
N VAL B 271 20.62 15.90 36.63
CA VAL B 271 20.17 17.18 36.09
C VAL B 271 18.77 17.46 36.60
N PRO B 272 18.59 18.36 37.56
CA PRO B 272 17.27 18.50 38.22
C PRO B 272 16.15 19.01 37.32
N THR B 273 16.35 20.14 36.63
CA THR B 273 15.29 20.79 35.87
C THR B 273 14.15 21.25 36.79
N ILE B 274 14.51 22.12 37.73
CA ILE B 274 13.54 22.63 38.70
C ILE B 274 12.52 23.54 38.02
N SER B 275 12.95 24.30 37.01
CA SER B 275 12.07 25.26 36.36
C SER B 275 10.83 24.59 35.78
N ALA B 276 11.02 23.45 35.11
CA ALA B 276 9.89 22.77 34.51
C ALA B 276 8.90 22.28 35.57
N GLY B 277 9.41 21.76 36.69
CA GLY B 277 8.54 21.34 37.75
C GLY B 277 7.71 22.48 38.30
N ARG B 278 8.36 23.62 38.56
CA ARG B 278 7.61 24.79 39.05
C ARG B 278 6.57 25.23 38.02
N PHE B 279 6.94 25.24 36.74
CA PHE B 279 6.03 25.71 35.70
C PHE B 279 4.80 24.81 35.61
N VAL B 280 5.00 23.49 35.60
CA VAL B 280 3.85 22.59 35.48
C VAL B 280 3.00 22.65 36.74
N ALA B 281 3.62 22.77 37.91
CA ALA B 281 2.84 22.91 39.14
C ALA B 281 1.98 24.16 39.09
N GLU B 282 2.53 25.27 38.62
CA GLU B 282 1.75 26.50 38.52
C GLU B 282 0.62 26.38 37.52
N LYS B 283 0.89 25.77 36.35
CA LYS B 283 -0.13 25.68 35.32
C LYS B 283 -1.21 24.65 35.63
N ALA B 284 -0.94 23.68 36.51
CA ALA B 284 -1.96 22.69 36.85
C ALA B 284 -3.16 23.32 37.53
N LYS B 285 -2.95 24.45 38.22
CA LYS B 285 -4.06 25.10 38.91
C LYS B 285 -5.02 25.79 37.96
N ILE B 286 -4.58 26.15 36.76
CA ILE B 286 -5.44 26.79 35.79
C ILE B 286 -6.35 25.74 35.16
N ASP B 287 -7.64 26.06 35.07
CA ASP B 287 -8.63 25.10 34.59
C ASP B 287 -8.63 25.05 33.07
N GLY B 288 -8.49 23.86 32.51
CA GLY B 288 -8.49 23.66 31.08
C GLY B 288 -7.16 23.82 30.39
N TYR B 289 -6.11 24.24 31.12
CA TYR B 289 -4.80 24.39 30.49
C TYR B 289 -4.25 23.05 30.03
N PHE B 290 -4.36 22.02 30.86
CA PHE B 290 -3.91 20.68 30.52
C PHE B 290 -5.10 19.77 30.24
N PRO B 291 -4.90 18.71 29.45
CA PRO B 291 -5.94 17.69 29.32
C PRO B 291 -6.16 16.97 30.64
N GLU B 292 -7.37 16.44 30.81
CA GLU B 292 -7.73 15.81 32.08
C GLU B 292 -6.83 14.63 32.43
N VAL B 293 -6.24 13.97 31.43
CA VAL B 293 -5.32 12.87 31.71
C VAL B 293 -3.92 13.36 32.08
N VAL B 294 -3.63 14.64 31.88
CA VAL B 294 -2.32 15.20 32.20
C VAL B 294 -2.32 15.99 33.51
N ARG B 295 -3.44 16.60 33.88
CA ARG B 295 -3.45 17.50 35.02
C ARG B 295 -3.08 16.83 36.32
N PRO B 296 -3.66 15.69 36.70
CA PRO B 296 -3.27 15.06 37.98
C PRO B 296 -1.78 14.71 38.03
N LYS B 297 -1.22 14.21 36.93
CA LYS B 297 0.19 13.86 36.93
C LYS B 297 1.06 15.10 37.15
N ALA B 298 0.75 16.19 36.47
CA ALA B 298 1.52 17.41 36.64
C ALA B 298 1.39 17.92 38.08
N ALA B 299 0.17 17.94 38.61
CA ALA B 299 -0.03 18.44 39.97
C ALA B 299 0.75 17.61 40.98
N ARG B 300 0.76 16.29 40.80
CA ARG B 300 1.45 15.42 41.77
C ARG B 300 2.97 15.47 41.61
N ILE B 301 3.49 15.60 40.40
CA ILE B 301 4.93 15.44 40.19
C ILE B 301 5.68 16.75 40.22
N GLY B 302 5.03 17.88 39.90
CA GLY B 302 5.76 19.14 39.87
C GLY B 302 6.09 19.70 41.22
N ALA B 303 5.55 19.15 42.30
CA ALA B 303 5.74 19.67 43.65
C ALA B 303 6.82 18.93 44.43
N GLN B 304 7.60 18.08 43.77
CA GLN B 304 8.59 17.25 44.46
C GLN B 304 9.92 17.26 43.70
N ILE B 305 10.37 18.42 43.25
CA ILE B 305 11.59 18.54 42.48
C ILE B 305 12.67 19.31 43.25
N GLN B 306 12.30 20.43 43.87
CA GLN B 306 13.27 21.19 44.65
C GLN B 306 13.77 20.37 45.84
N ASP B 307 12.87 19.66 46.52
CA ASP B 307 13.28 18.83 47.65
C ASP B 307 14.25 17.75 47.21
N THR B 308 13.98 17.12 46.05
CA THR B 308 14.87 16.10 45.55
C THR B 308 16.24 16.68 45.24
N ALA B 309 16.30 17.87 44.65
CA ALA B 309 17.58 18.49 44.35
C ALA B 309 18.35 18.80 45.63
N ALA B 310 17.65 19.34 46.64
CA ALA B 310 18.33 19.63 47.91
C ALA B 310 18.86 18.36 48.55
N LYS B 311 18.07 17.30 48.57
CA LYS B 311 18.50 16.04 49.16
C LYS B 311 19.69 15.46 48.40
N ALA B 312 19.64 15.49 47.07
CA ALA B 312 20.73 14.96 46.26
C ALA B 312 22.02 15.74 46.51
N TYR B 313 21.93 17.07 46.59
CA TYR B 313 23.13 17.85 46.88
C TYR B 313 23.66 17.54 48.27
N ARG B 314 22.77 17.40 49.25
CA ARG B 314 23.21 17.08 50.61
C ARG B 314 23.88 15.72 50.67
N ASN B 315 23.45 14.76 49.85
CA ASN B 315 23.95 13.40 49.90
C ASN B 315 25.20 13.18 49.04
N GLY B 316 25.65 14.19 48.31
CA GLY B 316 26.89 14.08 47.56
C GLY B 316 26.76 13.61 46.13
N VAL B 317 25.58 13.70 45.53
CA VAL B 317 25.39 13.31 44.14
C VAL B 317 25.91 14.41 43.23
N LYS B 318 26.46 14.03 42.08
CA LYS B 318 26.97 15.01 41.13
C LYS B 318 25.81 15.65 40.38
N ILE B 319 25.81 16.98 40.34
CA ILE B 319 24.68 17.76 39.82
C ILE B 319 25.17 18.64 38.67
N ALA B 320 24.40 18.67 37.59
CA ALA B 320 24.66 19.50 36.42
C ALA B 320 23.46 20.39 36.14
N PHE B 321 23.66 21.36 35.25
CA PHE B 321 22.69 22.42 35.00
C PHE B 321 21.79 22.06 33.82
N GLY B 322 20.48 22.15 34.04
CA GLY B 322 19.51 21.91 32.99
C GLY B 322 18.16 22.42 33.42
N THR B 323 17.39 22.93 32.44
CA THR B 323 16.16 23.63 32.77
C THR B 323 14.93 23.02 32.13
N ASN B 324 15.03 22.31 31.01
CA ASN B 324 13.85 21.78 30.25
C ASN B 324 13.07 22.99 29.74
N MET B 325 13.71 23.91 29.01
CA MET B 325 13.08 25.16 28.64
C MET B 325 12.01 25.02 27.56
N GLY B 326 11.83 23.85 26.97
CA GLY B 326 10.68 23.66 26.11
C GLY B 326 9.36 23.76 26.84
N VAL B 327 9.37 23.53 28.16
CA VAL B 327 8.16 23.68 28.97
C VAL B 327 7.93 25.13 29.33
N GLY B 328 8.91 25.76 29.99
CA GLY B 328 8.85 27.17 30.28
C GLY B 328 9.20 27.99 29.06
N PRO B 329 9.13 29.32 29.17
CA PRO B 329 9.43 30.17 28.02
C PRO B 329 10.94 30.22 27.74
N HIS B 330 11.29 30.09 26.46
CA HIS B 330 12.69 30.17 26.08
C HIS B 330 13.25 31.55 26.36
N GLY B 331 14.52 31.60 26.74
CA GLY B 331 15.19 32.85 27.04
C GLY B 331 15.15 33.25 28.51
N ASP B 332 14.56 32.44 29.37
CA ASP B 332 14.52 32.68 30.81
C ASP B 332 15.21 31.57 31.57
N ASN B 333 16.23 30.96 30.97
CA ASN B 333 16.94 29.83 31.55
C ASN B 333 17.72 30.21 32.80
N ALA B 334 18.03 31.49 33.00
CA ALA B 334 18.92 31.92 34.06
C ALA B 334 18.28 31.88 35.45
N ARG B 335 16.97 31.67 35.53
CA ARG B 335 16.31 31.57 36.83
C ARG B 335 16.57 30.23 37.51
N GLU B 336 17.07 29.24 36.77
CA GLU B 336 17.45 27.98 37.39
C GLU B 336 18.59 28.18 38.38
N PHE B 337 19.47 29.15 38.13
CA PHE B 337 20.51 29.47 39.12
C PHE B 337 19.89 29.93 40.44
N ILE B 338 18.91 30.82 40.37
CA ILE B 338 18.25 31.29 41.58
C ILE B 338 17.56 30.14 42.30
N TYR B 339 16.87 29.29 41.54
CA TYR B 339 16.21 28.14 42.16
C TYR B 339 17.21 27.21 42.83
N MET B 340 18.34 26.94 42.16
CA MET B 340 19.35 26.07 42.73
C MET B 340 19.92 26.65 44.02
N VAL B 341 20.21 27.95 44.02
CA VAL B 341 20.74 28.58 45.23
C VAL B 341 19.72 28.52 46.35
N GLU B 342 18.44 28.77 46.03
CA GLU B 342 17.39 28.70 47.02
C GLU B 342 17.18 27.27 47.51
N ALA B 343 17.67 26.29 46.76
CA ALA B 343 17.58 24.89 47.17
C ALA B 343 18.75 24.45 48.05
N GLY B 344 19.67 25.36 48.38
CA GLY B 344 20.78 25.04 49.26
C GLY B 344 22.12 24.91 48.57
N ILE B 345 22.15 24.87 47.25
CA ILE B 345 23.42 24.75 46.52
C ILE B 345 24.13 26.10 46.53
N PRO B 346 25.43 26.15 46.85
CA PRO B 346 26.14 27.44 46.86
C PRO B 346 26.21 28.04 45.46
N ALA B 347 26.31 29.38 45.43
CA ALA B 347 26.30 30.08 44.15
C ALA B 347 27.47 29.67 43.28
N ALA B 348 28.66 29.55 43.86
CA ALA B 348 29.83 29.14 43.08
C ALA B 348 29.63 27.74 42.49
N THR B 349 29.09 26.82 43.29
CA THR B 349 28.82 25.48 42.78
C THR B 349 27.79 25.52 41.65
N ALA B 350 26.75 26.34 41.81
CA ALA B 350 25.74 26.44 40.76
C ALA B 350 26.33 26.98 39.48
N LEU B 351 27.21 27.98 39.57
CA LEU B 351 27.85 28.52 38.39
C LEU B 351 28.80 27.51 37.74
N GLN B 352 29.51 26.74 38.57
CA GLN B 352 30.39 25.71 38.04
C GLN B 352 29.60 24.61 37.32
N SER B 353 28.43 24.27 37.83
CA SER B 353 27.65 23.20 37.23
C SER B 353 27.22 23.52 35.80
N ALA B 354 27.31 24.78 35.39
CA ALA B 354 26.91 25.18 34.05
C ALA B 354 28.08 25.47 33.12
N THR B 355 29.32 25.48 33.62
CA THR B 355 30.47 25.83 32.79
C THR B 355 31.44 24.67 32.60
N VAL B 356 31.98 24.11 33.68
CA VAL B 356 32.99 23.07 33.58
C VAL B 356 32.38 21.67 33.74
N LEU B 357 31.53 21.50 34.74
CA LEU B 357 30.83 20.22 34.89
C LEU B 357 29.93 19.95 33.69
N ALA B 358 29.33 20.99 33.12
CA ALA B 358 28.55 20.80 31.90
C ALA B 358 29.42 20.31 30.75
N ALA B 359 30.61 20.87 30.61
CA ALA B 359 31.53 20.40 29.58
C ALA B 359 31.94 18.96 29.84
N GLU B 360 32.12 18.58 31.10
CA GLU B 360 32.39 17.19 31.42
C GLU B 360 31.24 16.29 31.00
N VAL B 361 30.01 16.71 31.28
CA VAL B 361 28.85 15.91 30.90
C VAL B 361 28.77 15.76 29.39
N LEU B 362 29.04 16.84 28.65
CA LEU B 362 28.97 16.80 27.20
C LEU B 362 30.05 15.89 26.60
N GLY B 363 31.18 15.76 27.27
CA GLY B 363 32.28 14.98 26.74
C GLY B 363 33.27 15.74 25.89
N VAL B 364 33.28 17.07 25.98
CA VAL B 364 34.21 17.90 25.21
C VAL B 364 35.18 18.56 26.18
N ASP B 365 36.32 19.01 25.64
CA ASP B 365 37.36 19.62 26.44
C ASP B 365 37.85 20.95 25.86
N ASP B 366 37.18 21.50 24.86
CA ASP B 366 37.58 22.76 24.25
C ASP B 366 36.70 23.93 24.68
N GLN B 367 35.92 23.77 25.75
CA GLN B 367 35.08 24.84 26.24
C GLN B 367 34.89 24.66 27.75
N GLY B 368 34.20 25.61 28.36
CA GLY B 368 33.83 25.55 29.76
C GLY B 368 34.63 26.42 30.68
N ALA B 369 35.78 26.94 30.24
CA ALA B 369 36.59 27.80 31.08
C ALA B 369 37.34 28.79 30.21
N ILE B 370 37.75 29.90 30.83
CA ILE B 370 38.50 30.95 30.15
C ILE B 370 39.98 30.58 30.30
N GLU B 371 40.47 29.75 29.39
CA GLU B 371 41.85 29.28 29.41
C GLU B 371 42.41 29.34 28.01
N THR B 372 43.74 29.46 27.93
CA THR B 372 44.41 29.56 26.64
C THR B 372 44.11 28.33 25.78
N GLY B 373 43.76 28.57 24.53
CA GLY B 373 43.49 27.50 23.59
C GLY B 373 42.06 27.04 23.51
N LYS B 374 41.19 27.53 24.38
CA LYS B 374 39.79 27.12 24.38
C LYS B 374 38.94 28.07 23.54
N ARG B 375 37.74 27.61 23.21
CA ARG B 375 36.82 28.43 22.43
C ARG B 375 36.52 29.73 23.17
N ALA B 376 36.43 30.82 22.41
CA ALA B 376 36.19 32.15 22.99
C ALA B 376 34.70 32.36 23.13
N ASP B 377 34.13 31.76 24.17
CA ASP B 377 32.74 31.96 24.56
C ASP B 377 32.75 32.68 25.91
N ILE B 378 32.47 33.99 25.89
CA ILE B 378 32.59 34.83 27.07
C ILE B 378 31.33 35.68 27.20
N ILE B 379 30.85 35.83 28.44
CA ILE B 379 29.72 36.66 28.77
C ILE B 379 30.11 37.54 29.96
N ALA B 380 29.32 38.59 30.19
CA ALA B 380 29.61 39.54 31.25
C ALA B 380 28.33 40.14 31.80
N MET B 381 28.34 40.47 33.08
CA MET B 381 27.23 41.11 33.76
C MET B 381 27.76 42.19 34.70
N PRO B 382 26.96 43.23 34.97
CA PRO B 382 27.45 44.33 35.82
C PRO B 382 27.80 43.91 37.24
N GLY B 383 27.03 43.00 37.83
CA GLY B 383 27.22 42.62 39.22
C GLY B 383 28.18 41.45 39.38
N ASP B 384 28.28 40.98 40.61
CA ASP B 384 29.09 39.81 40.94
C ASP B 384 28.18 38.62 41.23
N PRO B 385 28.09 37.64 40.33
CA PRO B 385 27.12 36.56 40.53
C PRO B 385 27.35 35.74 41.80
N VAL B 386 28.60 35.62 42.26
CA VAL B 386 28.87 34.82 43.45
C VAL B 386 28.29 35.51 44.69
N ALA B 387 28.54 36.81 44.84
CA ALA B 387 28.03 37.54 45.99
C ALA B 387 26.50 37.61 45.96
N ASP B 388 25.94 37.86 44.78
CA ASP B 388 24.49 37.94 44.61
C ASP B 388 24.13 37.15 43.35
N ILE B 389 23.40 36.05 43.53
CA ILE B 389 23.02 35.21 42.40
C ILE B 389 22.00 35.89 41.49
N ASN B 390 21.30 36.91 42.01
CA ASN B 390 20.30 37.60 41.21
C ASN B 390 20.91 38.40 40.06
N ALA B 391 22.23 38.58 40.05
CA ALA B 391 22.88 39.32 38.97
C ALA B 391 22.90 38.56 37.66
N VAL B 392 22.59 37.27 37.66
CA VAL B 392 22.62 36.49 36.42
C VAL B 392 21.53 36.89 35.45
N LEU B 393 20.54 37.66 35.90
CA LEU B 393 19.43 38.06 35.03
C LEU B 393 19.74 39.29 34.19
N ASN B 394 20.90 39.93 34.40
CA ASN B 394 21.29 41.12 33.64
C ASN B 394 22.60 40.79 32.92
N VAL B 395 22.49 40.20 31.74
CA VAL B 395 23.63 39.87 30.89
C VAL B 395 23.61 40.83 29.71
N ASP B 396 24.67 41.63 29.56
CA ASP B 396 24.73 42.64 28.53
C ASP B 396 25.85 42.42 27.52
N PHE B 397 26.71 41.43 27.72
CA PHE B 397 27.76 41.10 26.77
C PHE B 397 27.71 39.61 26.47
N VAL B 398 27.72 39.27 25.18
CA VAL B 398 27.74 37.88 24.74
C VAL B 398 28.71 37.75 23.58
N MET B 399 29.61 36.77 23.66
CA MET B 399 30.55 36.46 22.60
C MET B 399 30.58 34.95 22.39
N LYS B 400 30.56 34.52 21.13
CA LYS B 400 30.57 33.11 20.80
C LYS B 400 31.51 32.88 19.62
N ASP B 401 32.54 32.06 19.83
CA ASP B 401 33.51 31.74 18.79
C ASP B 401 34.26 32.97 18.31
N GLY B 402 34.41 33.97 19.19
CA GLY B 402 35.09 35.18 18.85
C GLY B 402 34.23 36.26 18.22
N GLU B 403 32.95 35.98 17.98
CA GLU B 403 32.04 36.95 17.38
C GLU B 403 31.15 37.53 18.47
N ILE B 404 31.03 38.85 18.49
CA ILE B 404 30.26 39.55 19.50
C ILE B 404 28.82 39.71 19.01
N PHE B 405 27.87 39.19 19.79
CA PHE B 405 26.46 39.29 19.46
C PHE B 405 25.72 40.33 20.29
N ARG B 406 26.33 40.83 21.38
CA ARG B 406 25.67 41.77 22.26
C ARG B 406 26.74 42.56 22.99
N GLN B 407 26.48 43.85 23.21
CA GLN B 407 27.46 44.72 23.86
C GLN B 407 26.80 45.64 24.89
N PRO C 2 42.62 -25.81 -31.41
CA PRO C 2 43.99 -26.29 -31.19
C PRO C 2 45.04 -25.33 -31.74
N VAL C 3 45.86 -24.77 -30.87
CA VAL C 3 46.90 -23.82 -31.26
C VAL C 3 48.14 -24.08 -30.41
N ALA C 4 49.31 -23.81 -30.99
CA ALA C 4 50.58 -23.93 -30.29
C ALA C 4 51.20 -22.56 -30.14
N LEU C 5 51.56 -22.20 -28.91
CA LEU C 5 52.17 -20.92 -28.61
C LEU C 5 53.66 -21.11 -28.36
N HIS C 6 54.47 -20.31 -29.04
CA HIS C 6 55.93 -20.37 -28.92
C HIS C 6 56.41 -19.10 -28.23
N CYS C 7 56.71 -19.22 -26.94
CA CYS C 7 57.18 -18.11 -26.15
C CYS C 7 58.70 -18.17 -26.00
N GLY C 8 59.33 -17.00 -25.97
CA GLY C 8 60.75 -16.93 -25.70
C GLY C 8 61.11 -17.05 -24.23
N LYS C 9 60.21 -16.66 -23.34
CA LYS C 9 60.42 -16.80 -21.90
C LYS C 9 59.08 -17.08 -21.25
N LEU C 10 59.11 -17.92 -20.21
CA LEU C 10 57.87 -18.30 -19.51
C LEU C 10 58.05 -18.04 -18.02
N PHE C 11 57.08 -17.38 -17.40
CA PHE C 11 57.10 -17.07 -15.99
C PHE C 11 56.45 -18.22 -15.21
N ASP C 12 57.23 -18.87 -14.35
CA ASP C 12 56.71 -19.93 -13.49
C ASP C 12 56.12 -19.27 -12.26
N ALA C 13 54.79 -19.22 -12.20
CA ALA C 13 54.12 -18.58 -11.07
C ALA C 13 54.41 -19.31 -9.76
N ARG C 14 54.37 -20.64 -9.79
CA ARG C 14 54.53 -21.41 -8.56
C ARG C 14 55.92 -21.22 -7.95
N SER C 15 56.96 -21.21 -8.79
CA SER C 15 58.31 -21.00 -8.30
C SER C 15 58.73 -19.54 -8.34
N GLY C 16 58.01 -18.69 -9.06
CA GLY C 16 58.36 -17.28 -9.13
C GLY C 16 59.61 -16.97 -9.93
N ARG C 17 59.92 -17.80 -10.93
CA ARG C 17 61.12 -17.63 -11.73
C ARG C 17 60.75 -17.60 -13.21
N VAL C 18 61.54 -16.85 -13.98
CA VAL C 18 61.33 -16.73 -15.42
C VAL C 18 62.22 -17.76 -16.12
N LEU C 19 61.60 -18.76 -16.75
CA LEU C 19 62.32 -19.81 -17.42
C LEU C 19 62.65 -19.39 -18.85
N GLY C 20 63.14 -20.33 -19.66
CA GLY C 20 63.52 -20.06 -21.02
C GLY C 20 62.42 -20.40 -22.01
N PRO C 21 62.80 -20.58 -23.27
CA PRO C 21 61.79 -20.85 -24.30
C PRO C 21 61.00 -22.11 -24.01
N HIS C 22 59.69 -22.04 -24.24
CA HIS C 22 58.78 -23.17 -24.06
C HIS C 22 57.74 -23.14 -25.17
N THR C 23 56.99 -24.24 -25.28
CA THR C 23 55.88 -24.35 -26.22
C THR C 23 54.65 -24.83 -25.48
N VAL C 24 53.55 -24.12 -25.63
CA VAL C 24 52.29 -24.43 -24.96
C VAL C 24 51.28 -24.87 -26.02
N VAL C 25 50.69 -26.04 -25.82
CA VAL C 25 49.68 -26.59 -26.72
C VAL C 25 48.33 -26.51 -26.01
N VAL C 26 47.35 -25.91 -26.67
CA VAL C 26 46.03 -25.67 -26.08
C VAL C 26 45.00 -26.44 -26.89
N ARG C 27 44.21 -27.26 -26.20
CA ARG C 27 43.12 -28.00 -26.82
C ARG C 27 41.92 -28.02 -25.88
N ASP C 28 40.74 -27.73 -26.43
CA ASP C 28 39.50 -27.74 -25.67
C ASP C 28 39.52 -26.73 -24.52
N GLY C 29 40.23 -25.63 -24.70
CA GLY C 29 40.25 -24.58 -23.70
C GLY C 29 41.11 -24.86 -22.48
N ARG C 30 41.97 -25.88 -22.54
CA ARG C 30 42.84 -26.22 -21.43
C ARG C 30 44.24 -26.49 -21.95
N ILE C 31 45.23 -26.32 -21.07
CA ILE C 31 46.61 -26.59 -21.44
C ILE C 31 46.80 -28.10 -21.54
N ASP C 32 47.22 -28.56 -22.72
CA ASP C 32 47.40 -29.98 -22.97
C ASP C 32 48.84 -30.44 -22.87
N GLN C 33 49.79 -29.61 -23.28
CA GLN C 33 51.20 -30.02 -23.26
C GLN C 33 52.07 -28.78 -23.07
N LEU C 34 53.18 -28.98 -22.36
CA LEU C 34 54.15 -27.92 -22.11
C LEU C 34 55.53 -28.49 -22.41
N ILE C 35 56.14 -28.05 -23.50
CA ILE C 35 57.41 -28.59 -23.98
C ILE C 35 58.48 -27.51 -23.84
N SER C 36 59.61 -27.89 -23.27
CA SER C 36 60.75 -26.99 -23.10
C SER C 36 61.72 -27.18 -24.26
N GLY C 37 62.04 -26.09 -24.95
CA GLY C 37 62.95 -26.14 -26.08
C GLY C 37 62.66 -25.09 -27.14
N LEU C 45 48.84 -28.22 -36.79
CA LEU C 45 48.56 -27.35 -35.65
C LEU C 45 48.84 -25.89 -35.98
N ALA C 46 47.94 -25.01 -35.53
CA ALA C 46 48.17 -23.58 -35.66
C ALA C 46 49.30 -23.14 -34.72
N ALA C 47 49.94 -22.02 -35.07
CA ALA C 47 51.05 -21.52 -34.29
C ALA C 47 50.96 -20.00 -34.19
N VAL C 48 51.33 -19.47 -33.03
CA VAL C 48 51.40 -18.04 -32.80
C VAL C 48 52.84 -17.68 -32.45
N ASP C 49 53.38 -16.68 -33.13
CA ASP C 49 54.79 -16.29 -32.97
C ASP C 49 54.91 -15.34 -31.80
N LEU C 50 55.34 -15.86 -30.65
CA LEU C 50 55.57 -15.07 -29.45
C LEU C 50 57.01 -15.15 -28.98
N ARG C 51 57.92 -15.63 -29.84
CA ARG C 51 59.29 -15.91 -29.45
C ARG C 51 60.06 -14.68 -28.99
N ASN C 52 59.49 -13.48 -29.10
CA ASN C 52 60.13 -12.27 -28.62
C ASN C 52 59.33 -11.64 -27.48
N ARG C 53 58.64 -12.46 -26.70
CA ARG C 53 57.79 -12.01 -25.62
C ARG C 53 57.97 -12.92 -24.41
N THR C 54 57.46 -12.46 -23.27
CA THR C 54 57.40 -13.25 -22.05
C THR C 54 55.95 -13.63 -21.79
N CYS C 55 55.68 -14.91 -21.65
CA CYS C 55 54.34 -15.42 -21.43
C CYS C 55 54.10 -15.66 -19.94
N LEU C 56 52.99 -15.13 -19.44
CA LEU C 56 52.59 -15.27 -18.05
C LEU C 56 51.14 -15.74 -18.00
N PRO C 57 50.72 -16.32 -16.87
CA PRO C 57 49.30 -16.62 -16.69
C PRO C 57 48.48 -15.34 -16.63
N GLY C 58 47.21 -15.46 -17.02
CA GLY C 58 46.32 -14.31 -16.95
C GLY C 58 46.18 -13.82 -15.53
N TRP C 59 46.10 -12.49 -15.39
CA TRP C 59 46.03 -11.88 -14.07
C TRP C 59 44.61 -11.89 -13.52
N THR C 60 44.51 -11.85 -12.19
CA THR C 60 43.24 -11.78 -11.49
C THR C 60 43.21 -10.55 -10.60
N ASP C 61 42.18 -9.74 -10.74
CA ASP C 61 41.96 -8.58 -9.88
C ASP C 61 40.87 -8.93 -8.87
N LEU C 62 41.23 -8.88 -7.59
CA LEU C 62 40.34 -9.36 -6.53
C LEU C 62 39.43 -8.28 -5.96
N HIS C 63 39.46 -7.06 -6.52
CA HIS C 63 38.57 -6.01 -6.04
C HIS C 63 38.32 -5.04 -7.19
N VAL C 64 37.16 -5.17 -7.83
CA VAL C 64 36.73 -4.26 -8.88
C VAL C 64 35.24 -3.98 -8.69
N HIS C 65 34.78 -2.90 -9.33
CA HIS C 65 33.36 -2.55 -9.38
C HIS C 65 33.06 -2.21 -10.84
N LEU C 66 32.70 -3.23 -11.61
CA LEU C 66 32.54 -3.08 -13.05
C LEU C 66 31.27 -2.35 -13.44
N GLY C 67 30.36 -2.11 -12.50
CA GLY C 67 29.12 -1.43 -12.77
C GLY C 67 29.14 0.08 -12.60
N ASP C 68 30.31 0.63 -12.32
CA ASP C 68 30.39 2.07 -12.04
C ASP C 68 31.78 2.62 -12.26
N GLU C 69 31.89 3.94 -12.34
CA GLU C 69 33.17 4.61 -12.42
C GLU C 69 33.03 6.01 -11.82
N SER C 70 34.05 6.44 -11.09
CA SER C 70 34.00 7.72 -10.41
C SER C 70 34.07 8.87 -11.41
N SER C 71 33.30 9.93 -11.15
CA SER C 71 33.26 11.09 -12.01
C SER C 71 32.69 12.26 -11.20
N PRO C 72 32.79 13.49 -11.71
CA PRO C 72 32.26 14.64 -10.96
C PRO C 72 30.76 14.59 -10.76
N GLN C 73 30.02 13.85 -11.58
CA GLN C 73 28.57 13.79 -11.48
C GLN C 73 28.07 12.51 -10.82
N SER C 74 28.96 11.74 -10.20
CA SER C 74 28.58 10.42 -9.69
C SER C 74 27.67 10.51 -8.47
N TYR C 75 27.56 11.66 -7.83
CA TYR C 75 26.74 11.79 -6.63
C TYR C 75 25.35 12.35 -6.93
N SER C 76 25.04 12.63 -8.20
CA SER C 76 23.70 13.03 -8.59
C SER C 76 23.13 12.17 -9.71
N GLU C 77 23.92 11.26 -10.29
CA GLU C 77 23.45 10.41 -11.37
C GLU C 77 22.54 9.29 -10.88
N GLY C 78 22.64 8.89 -9.61
CA GLY C 78 21.85 7.77 -9.13
C GLY C 78 20.37 8.07 -9.05
N PHE C 79 20.01 9.35 -8.96
CA PHE C 79 18.61 9.75 -8.86
C PHE C 79 17.97 9.98 -10.23
N ARG C 80 18.75 10.00 -11.31
CA ARG C 80 18.23 10.26 -12.64
C ARG C 80 18.45 9.13 -13.63
N LEU C 81 19.41 8.25 -13.39
CA LEU C 81 19.71 7.15 -14.30
C LEU C 81 19.20 5.83 -13.73
N ASP C 82 19.07 4.85 -14.61
CA ASP C 82 18.62 3.51 -14.27
C ASP C 82 19.76 2.52 -14.47
N PRO C 83 19.69 1.35 -13.85
CA PRO C 83 20.76 0.35 -14.03
C PRO C 83 20.95 -0.05 -15.49
N ILE C 84 19.90 0.00 -16.30
CA ILE C 84 20.03 -0.28 -17.72
C ILE C 84 21.00 0.69 -18.38
N ASP C 85 21.01 1.95 -17.91
CA ASP C 85 21.97 2.91 -18.42
C ASP C 85 23.40 2.56 -18.02
N PHE C 86 23.57 1.98 -16.83
CA PHE C 86 24.90 1.61 -16.35
C PHE C 86 25.43 0.36 -17.04
N ALA C 87 24.54 -0.52 -17.51
CA ALA C 87 24.98 -1.71 -18.23
C ALA C 87 25.73 -1.36 -19.52
N TYR C 88 25.23 -0.35 -20.25
CA TYR C 88 25.86 0.02 -21.50
C TYR C 88 27.26 0.58 -21.28
N ARG C 89 27.51 1.20 -20.13
CA ARG C 89 28.88 1.60 -19.77
C ARG C 89 29.71 0.40 -19.32
N SER C 90 29.09 -0.51 -18.56
CA SER C 90 29.80 -1.69 -18.10
C SER C 90 30.32 -2.52 -19.27
N VAL C 91 29.65 -2.47 -20.41
CA VAL C 91 30.14 -3.17 -21.59
C VAL C 91 31.58 -2.74 -21.90
N GLY C 92 31.78 -1.43 -22.05
CA GLY C 92 33.11 -0.93 -22.33
C GLY C 92 34.06 -1.12 -21.18
N TYR C 93 33.57 -0.97 -19.95
CA TYR C 93 34.42 -1.22 -18.78
C TYR C 93 35.01 -2.62 -18.83
N ALA C 94 34.15 -3.63 -19.05
CA ALA C 94 34.60 -5.02 -19.07
C ALA C 94 35.55 -5.27 -20.23
N GLU C 95 35.25 -4.72 -21.42
CA GLU C 95 36.15 -4.94 -22.54
C GLU C 95 37.53 -4.36 -22.26
N ARG C 96 37.59 -3.14 -21.72
CA ARG C 96 38.87 -2.52 -21.43
C ARG C 96 39.62 -3.29 -20.35
N THR C 97 38.91 -3.81 -19.35
CA THR C 97 39.57 -4.61 -18.33
C THR C 97 40.16 -5.88 -18.92
N LEU C 98 39.40 -6.58 -19.77
CA LEU C 98 39.89 -7.82 -20.34
C LEU C 98 41.10 -7.58 -21.25
N LEU C 99 41.04 -6.55 -22.10
CA LEU C 99 42.12 -6.33 -23.05
C LEU C 99 43.42 -5.89 -22.38
N ALA C 100 43.40 -5.52 -21.11
CA ALA C 100 44.60 -5.11 -20.40
C ALA C 100 45.36 -6.28 -19.80
N GLY C 101 44.83 -7.50 -19.87
CA GLY C 101 45.52 -8.67 -19.39
C GLY C 101 44.88 -9.37 -18.20
N PHE C 102 43.72 -8.92 -17.74
CA PHE C 102 43.06 -9.49 -16.57
C PHE C 102 41.93 -10.39 -17.04
N THR C 103 42.18 -11.70 -17.02
CA THR C 103 41.23 -12.68 -17.53
C THR C 103 40.15 -13.06 -16.51
N SER C 104 40.31 -12.66 -15.25
CA SER C 104 39.30 -12.92 -14.23
C SER C 104 39.35 -11.81 -13.19
N VAL C 105 38.21 -11.56 -12.56
CA VAL C 105 38.09 -10.54 -11.53
C VAL C 105 37.13 -11.02 -10.46
N ARG C 106 37.18 -10.36 -9.31
CA ARG C 106 36.23 -10.58 -8.22
C ARG C 106 35.49 -9.27 -7.99
N ASP C 107 34.22 -9.24 -8.37
CA ASP C 107 33.40 -8.04 -8.20
C ASP C 107 32.83 -8.02 -6.79
N LEU C 108 33.05 -6.92 -6.07
CA LEU C 108 32.75 -6.84 -4.65
C LEU C 108 31.73 -5.75 -4.35
N GLY C 109 30.65 -5.69 -5.13
CA GLY C 109 29.57 -4.78 -4.85
C GLY C 109 28.87 -4.24 -6.08
N GLY C 110 27.54 -4.27 -6.07
CA GLY C 110 26.75 -3.80 -7.19
C GLY C 110 25.84 -4.87 -7.76
N GLU C 111 24.63 -4.50 -8.13
CA GLU C 111 23.65 -5.44 -8.66
C GLU C 111 23.72 -5.58 -10.18
N VAL C 112 24.61 -4.84 -10.84
CA VAL C 112 24.72 -4.95 -12.29
C VAL C 112 25.70 -6.06 -12.70
N SER C 113 26.57 -6.48 -11.78
CA SER C 113 27.68 -7.37 -12.11
C SER C 113 27.23 -8.81 -12.37
N PRO C 114 26.27 -9.35 -11.62
CA PRO C 114 25.78 -10.70 -11.97
C PRO C 114 25.23 -10.79 -13.39
N HIS C 115 24.51 -9.77 -13.83
CA HIS C 115 23.98 -9.77 -15.19
C HIS C 115 25.09 -9.67 -16.22
N LEU C 116 26.10 -8.84 -15.94
CA LEU C 116 27.25 -8.75 -16.84
C LEU C 116 27.99 -10.07 -16.92
N ARG C 117 28.13 -10.75 -15.77
CA ARG C 117 28.75 -12.07 -15.76
C ARG C 117 27.98 -13.06 -16.61
N ASP C 118 26.65 -13.06 -16.47
CA ASP C 118 25.84 -13.97 -17.28
C ASP C 118 26.00 -13.66 -18.77
N ALA C 119 25.98 -12.38 -19.13
CA ALA C 119 26.11 -12.00 -20.54
C ALA C 119 27.48 -12.39 -21.09
N VAL C 120 28.54 -12.22 -20.29
CA VAL C 120 29.88 -12.57 -20.74
C VAL C 120 30.00 -14.08 -20.89
N ASN C 121 29.41 -14.84 -19.97
CA ASN C 121 29.48 -16.29 -20.05
C ASN C 121 28.70 -16.81 -21.25
N GLN C 122 27.60 -16.15 -21.60
CA GLN C 122 26.83 -16.57 -22.77
C GLN C 122 27.48 -16.14 -24.09
N GLY C 123 28.56 -15.36 -24.05
CA GLY C 123 29.23 -14.91 -25.25
C GLY C 123 28.64 -13.67 -25.89
N LEU C 124 27.73 -12.98 -25.21
CA LEU C 124 27.11 -11.80 -25.80
C LEU C 124 28.09 -10.62 -25.87
N VAL C 125 28.90 -10.44 -24.82
CA VAL C 125 29.85 -9.34 -24.75
C VAL C 125 31.20 -9.88 -24.30
N LYS C 126 32.23 -9.08 -24.53
CA LYS C 126 33.59 -9.44 -24.16
C LYS C 126 33.89 -8.99 -22.74
N GLY C 127 34.66 -9.80 -22.03
CA GLY C 127 35.03 -9.48 -20.66
C GLY C 127 35.77 -10.61 -19.98
N PRO C 128 36.18 -10.39 -18.74
CA PRO C 128 36.87 -11.43 -17.98
C PRO C 128 35.87 -12.36 -17.29
N ARG C 129 36.39 -13.39 -16.65
CA ARG C 129 35.59 -14.27 -15.80
C ARG C 129 35.28 -13.54 -14.50
N ILE C 130 33.99 -13.41 -14.18
CA ILE C 130 33.54 -12.57 -13.08
C ILE C 130 33.01 -13.45 -11.96
N PHE C 131 33.54 -13.22 -10.75
CA PHE C 131 33.01 -13.81 -9.53
C PHE C 131 32.30 -12.67 -8.79
N ALA C 132 30.98 -12.63 -8.91
CA ALA C 132 30.20 -11.48 -8.47
C ALA C 132 29.65 -11.69 -7.06
N ALA C 133 29.74 -10.64 -6.25
CA ALA C 133 29.21 -10.66 -4.90
C ALA C 133 27.76 -10.20 -4.81
N GLY C 134 27.31 -9.33 -5.72
CA GLY C 134 25.97 -8.80 -5.65
C GLY C 134 25.85 -7.68 -4.65
N LYS C 135 24.71 -7.62 -3.96
CA LYS C 135 24.50 -6.56 -2.97
C LYS C 135 25.36 -6.79 -1.75
N SER C 136 26.05 -5.75 -1.31
CA SER C 136 26.89 -5.84 -0.12
C SER C 136 26.03 -5.74 1.14
N ILE C 137 26.49 -6.38 2.21
CA ILE C 137 25.74 -6.49 3.45
C ILE C 137 26.30 -5.49 4.46
N ALA C 138 25.42 -4.70 5.06
CA ALA C 138 25.81 -3.68 6.03
C ALA C 138 24.78 -3.65 7.14
N THR C 139 24.98 -2.75 8.11
CA THR C 139 24.03 -2.47 9.16
C THR C 139 23.33 -1.14 8.88
N THR C 140 22.37 -0.79 9.72
CA THR C 140 21.62 0.44 9.52
C THR C 140 22.55 1.64 9.60
N GLY C 141 22.55 2.45 8.56
CA GLY C 141 23.45 3.59 8.49
C GLY C 141 24.86 3.24 8.10
N GLY C 142 25.13 1.99 7.73
CA GLY C 142 26.47 1.55 7.43
C GLY C 142 26.98 2.03 6.09
N HIS C 143 28.21 1.63 5.79
CA HIS C 143 28.87 2.11 4.57
C HIS C 143 28.13 1.68 3.31
N ALA C 144 27.45 0.54 3.36
CA ALA C 144 26.74 0.01 2.19
C ALA C 144 25.22 0.19 2.29
N ASP C 145 24.76 1.02 3.21
CA ASP C 145 23.34 1.28 3.33
C ASP C 145 22.85 1.98 2.06
N PRO C 146 21.85 1.44 1.36
CA PRO C 146 21.45 2.02 0.06
C PRO C 146 20.71 3.34 0.18
N THR C 147 20.30 3.76 1.36
CA THR C 147 19.46 4.95 1.54
C THR C 147 20.17 6.04 2.34
N ASN C 148 21.48 5.97 2.46
CA ASN C 148 22.23 7.03 3.13
C ASN C 148 22.16 8.32 2.32
N GLY C 149 21.79 9.42 2.97
CA GLY C 149 21.76 10.72 2.33
C GLY C 149 20.45 11.10 1.69
N TRP C 150 19.44 10.24 1.71
CA TRP C 150 18.14 10.56 1.13
C TRP C 150 17.36 11.48 2.07
N ASN C 151 16.47 12.28 1.49
CA ASN C 151 15.63 13.16 2.30
C ASN C 151 14.46 12.37 2.87
N ASP C 152 13.63 13.05 3.67
CA ASP C 152 12.56 12.37 4.38
C ASP C 152 11.53 11.79 3.43
N GLN C 153 11.21 12.51 2.36
CA GLN C 153 10.16 12.04 1.45
C GLN C 153 10.54 10.71 0.80
N LEU C 154 11.74 10.64 0.22
CA LEU C 154 12.17 9.40 -0.44
C LEU C 154 12.32 8.27 0.57
N SER C 155 12.89 8.58 1.74
CA SER C 155 13.08 7.55 2.77
C SER C 155 11.74 6.97 3.21
N HIS C 156 10.75 7.82 3.41
CA HIS C 156 9.43 7.32 3.77
C HIS C 156 8.79 6.54 2.63
N LEU C 157 9.00 6.98 1.39
CA LEU C 157 8.42 6.28 0.25
C LEU C 157 8.98 4.87 0.13
N ILE C 158 10.29 4.70 0.29
CA ILE C 158 10.89 3.39 0.08
C ILE C 158 10.87 2.53 1.33
N GLY C 159 10.83 3.11 2.51
CA GLY C 159 10.82 2.37 3.74
C GLY C 159 12.20 1.98 4.22
N PRO C 160 12.30 1.50 5.46
CA PRO C 160 13.60 1.12 6.01
C PRO C 160 14.12 -0.17 5.38
N PRO C 161 15.40 -0.20 4.99
CA PRO C 161 15.94 -1.42 4.39
C PRO C 161 16.01 -2.58 5.38
N GLY C 162 15.84 -3.79 4.85
CA GLY C 162 15.91 -4.99 5.65
C GLY C 162 16.90 -5.99 5.08
N PRO C 163 16.84 -7.23 5.57
CA PRO C 163 17.77 -8.24 5.06
C PRO C 163 17.66 -8.47 3.57
N THR C 164 16.47 -8.31 2.99
CA THR C 164 16.32 -8.49 1.55
C THR C 164 17.12 -7.45 0.78
N GLU C 165 17.27 -6.26 1.36
CA GLU C 165 18.04 -5.18 0.74
C GLU C 165 19.49 -5.15 1.21
N GLY C 166 19.89 -6.07 2.10
CA GLY C 166 21.26 -6.15 2.55
C GLY C 166 21.60 -5.47 3.85
N VAL C 167 20.60 -5.03 4.61
CA VAL C 167 20.83 -4.32 5.87
C VAL C 167 20.35 -5.23 7.01
N VAL C 168 21.26 -5.57 7.92
CA VAL C 168 20.99 -6.53 8.99
C VAL C 168 21.35 -5.90 10.33
N ASN C 169 20.66 -6.37 11.37
CA ASN C 169 20.92 -5.86 12.72
C ASN C 169 20.89 -6.96 13.78
N SER C 170 20.87 -8.23 13.41
CA SER C 170 20.84 -9.32 14.37
C SER C 170 21.40 -10.57 13.70
N VAL C 171 21.47 -11.66 14.48
CA VAL C 171 22.01 -12.91 13.95
C VAL C 171 21.08 -13.51 12.91
N ASP C 172 19.78 -13.58 13.21
CA ASP C 172 18.83 -14.16 12.27
C ASP C 172 18.76 -13.34 10.99
N GLU C 173 18.84 -12.01 11.12
CA GLU C 173 18.84 -11.16 9.93
C GLU C 173 20.08 -11.40 9.08
N ALA C 174 21.24 -11.60 9.70
CA ALA C 174 22.44 -11.92 8.94
C ALA C 174 22.29 -13.24 8.21
N ARG C 175 21.72 -14.25 8.88
CA ARG C 175 21.44 -15.53 8.22
C ARG C 175 20.56 -15.32 6.99
N GLN C 176 19.48 -14.56 7.15
CA GLN C 176 18.56 -14.33 6.04
C GLN C 176 19.24 -13.55 4.91
N ALA C 177 20.11 -12.59 5.27
CA ALA C 177 20.80 -11.81 4.24
C ALA C 177 21.73 -12.69 3.42
N VAL C 178 22.46 -13.60 4.07
CA VAL C 178 23.31 -14.50 3.31
C VAL C 178 22.48 -15.40 2.42
N ARG C 179 21.36 -15.92 2.95
CA ARG C 179 20.50 -16.76 2.12
C ARG C 179 19.89 -15.99 0.96
N GLN C 180 19.62 -14.70 1.13
CA GLN C 180 19.07 -13.89 0.05
C GLN C 180 20.12 -13.59 -1.00
N ARG C 181 21.38 -13.41 -0.58
CA ARG C 181 22.45 -13.30 -1.56
C ARG C 181 22.60 -14.59 -2.36
N TYR C 182 22.46 -15.74 -1.69
CA TYR C 182 22.48 -17.01 -2.42
C TYR C 182 21.31 -17.09 -3.39
N LYS C 183 20.13 -16.65 -2.97
CA LYS C 183 18.95 -16.72 -3.82
C LYS C 183 19.10 -15.88 -5.08
N ASP C 184 19.87 -14.79 -5.02
CA ASP C 184 20.04 -13.91 -6.15
C ASP C 184 21.25 -14.26 -7.02
N GLY C 185 21.94 -15.36 -6.72
CA GLY C 185 22.98 -15.86 -7.59
C GLY C 185 24.35 -15.24 -7.40
N SER C 186 24.83 -15.22 -6.16
CA SER C 186 26.14 -14.68 -5.84
C SER C 186 27.19 -15.78 -5.82
N ASP C 187 28.44 -15.37 -5.94
CA ASP C 187 29.58 -16.27 -5.84
C ASP C 187 30.43 -16.05 -4.59
N VAL C 188 30.27 -14.92 -3.92
CA VAL C 188 31.08 -14.56 -2.76
C VAL C 188 30.29 -13.56 -1.94
N ILE C 189 30.66 -13.41 -0.68
CA ILE C 189 29.97 -12.50 0.22
C ILE C 189 30.86 -11.31 0.60
N ILE C 191 30.93 -7.80 3.21
CA ILE C 191 30.36 -7.03 4.29
C ILE C 191 31.22 -5.81 4.56
N THR C 192 30.62 -4.75 5.08
CA THR C 192 31.34 -3.54 5.45
C THR C 192 31.41 -3.49 6.98
N ALA C 193 32.60 -3.81 7.52
CA ALA C 193 32.75 -3.92 8.97
C ALA C 193 32.82 -2.54 9.63
N THR C 194 33.36 -1.56 8.93
CA THR C 194 33.49 -0.20 9.46
C THR C 194 32.88 0.79 8.46
N GLY C 195 33.09 2.07 8.74
CA GLY C 195 32.66 3.12 7.83
C GLY C 195 33.58 3.24 6.64
N GLY C 196 33.17 4.07 5.68
CA GLY C 196 33.91 4.21 4.45
C GLY C 196 34.27 5.65 4.12
N VAL C 197 34.85 5.84 2.93
CA VAL C 197 35.27 7.15 2.47
C VAL C 197 34.26 7.78 1.51
N LEU C 198 33.69 6.98 0.61
CA LEU C 198 32.87 7.49 -0.47
C LEU C 198 31.38 7.40 -0.19
N SER C 199 30.98 7.06 1.03
CA SER C 199 29.57 7.00 1.39
C SER C 199 29.10 8.33 1.94
N TYR C 200 27.79 8.58 1.80
CA TYR C 200 27.19 9.82 2.29
C TYR C 200 26.82 9.69 3.76
N ALA C 201 27.84 9.45 4.58
CA ALA C 201 27.70 9.29 6.02
C ALA C 201 28.79 10.07 6.72
N LYS C 202 28.70 10.12 8.05
CA LYS C 202 29.62 10.94 8.84
C LYS C 202 30.93 10.24 9.14
N SER C 203 30.87 9.01 9.64
CA SER C 203 32.07 8.33 10.12
C SER C 203 32.82 7.65 8.98
N GLY C 204 34.08 7.34 9.25
CA GLY C 204 34.92 6.70 8.26
C GLY C 204 35.60 5.42 8.73
N ASP C 205 35.72 5.23 10.05
CA ASP C 205 36.43 4.07 10.57
C ASP C 205 35.80 3.44 11.80
N ALA C 206 34.61 3.87 12.22
CA ALA C 206 34.02 3.33 13.43
C ALA C 206 33.50 1.91 13.21
N PRO C 207 33.51 1.09 14.26
CA PRO C 207 33.02 -0.30 14.10
C PRO C 207 31.51 -0.33 13.92
N GLN C 208 31.06 -1.03 12.88
CA GLN C 208 29.65 -1.09 12.52
C GLN C 208 29.10 -2.51 12.53
N PHE C 209 29.88 -3.48 12.97
CA PHE C 209 29.45 -4.86 13.12
C PHE C 209 29.83 -5.35 14.50
N THR C 210 29.02 -6.24 15.07
CA THR C 210 29.41 -6.94 16.28
C THR C 210 30.02 -8.28 15.92
N VAL C 211 30.72 -8.87 16.89
CA VAL C 211 31.39 -10.15 16.63
C VAL C 211 30.37 -11.24 16.34
N ASP C 212 29.23 -11.23 17.04
CA ASP C 212 28.23 -12.27 16.83
C ASP C 212 27.61 -12.18 15.44
N GLU C 213 27.35 -10.98 14.96
CA GLU C 213 26.78 -10.83 13.61
C GLU C 213 27.76 -11.34 12.55
N VAL C 214 29.05 -11.00 12.70
CA VAL C 214 30.06 -11.50 11.78
C VAL C 214 30.13 -13.02 11.82
N LYS C 215 30.06 -13.58 13.04
CA LYS C 215 30.10 -15.04 13.17
C LYS C 215 28.91 -15.69 12.48
N ALA C 216 27.72 -15.11 12.64
CA ALA C 216 26.54 -15.66 11.97
C ALA C 216 26.69 -15.59 10.46
N ILE C 217 27.17 -14.46 9.93
CA ILE C 217 27.36 -14.35 8.49
C ILE C 217 28.35 -15.40 8.00
N VAL C 218 29.46 -15.59 8.72
CA VAL C 218 30.47 -16.53 8.28
C VAL C 218 29.95 -17.96 8.33
N ASP C 219 29.22 -18.31 9.39
CA ASP C 219 28.66 -19.67 9.48
C ASP C 219 27.69 -19.93 8.34
N THR C 220 26.79 -18.97 8.08
CA THR C 220 25.83 -19.16 6.99
C THR C 220 26.54 -19.28 5.65
N ALA C 221 27.57 -18.46 5.43
CA ALA C 221 28.33 -18.57 4.19
C ALA C 221 29.03 -19.91 4.08
N ASN C 222 29.53 -20.44 5.19
CA ASN C 222 30.15 -21.76 5.19
C ASN C 222 29.15 -22.82 4.78
N ASP C 223 27.90 -22.72 5.23
CA ASP C 223 26.90 -23.69 4.84
C ASP C 223 26.68 -23.70 3.32
N TYR C 224 26.86 -22.55 2.66
CA TYR C 224 26.54 -22.42 1.25
C TYR C 224 27.77 -22.39 0.35
N GLY C 225 28.95 -22.70 0.88
CA GLY C 225 30.15 -22.76 0.07
C GLY C 225 30.70 -21.42 -0.36
N TYR C 226 30.49 -20.38 0.42
CA TYR C 226 30.95 -19.03 0.07
C TYR C 226 32.18 -18.64 0.88
N LYS C 227 32.88 -17.62 0.39
CA LYS C 227 33.92 -16.92 1.12
C LYS C 227 33.40 -15.54 1.49
N VAL C 228 33.96 -14.95 2.53
CA VAL C 228 33.54 -13.65 3.04
C VAL C 228 34.72 -12.69 2.95
N ALA C 229 34.49 -11.54 2.33
CA ALA C 229 35.45 -10.45 2.26
C ALA C 229 34.90 -9.27 3.05
N ALA C 230 35.75 -8.64 3.87
CA ALA C 230 35.32 -7.58 4.77
C ALA C 230 35.99 -6.27 4.41
N HIS C 231 35.17 -5.22 4.26
CA HIS C 231 35.68 -3.86 4.11
C HIS C 231 35.91 -3.27 5.50
N ALA C 232 37.14 -2.82 5.76
CA ALA C 232 37.48 -2.31 7.08
C ALA C 232 38.58 -1.28 6.98
N HIS C 233 38.36 -0.14 7.61
CA HIS C 233 39.36 0.92 7.73
C HIS C 233 39.90 1.06 9.14
N GLY C 234 39.03 1.06 10.15
CA GLY C 234 39.46 1.22 11.52
C GLY C 234 39.95 -0.07 12.16
N THR C 235 40.58 0.08 13.32
CA THR C 235 41.22 -1.06 13.99
C THR C 235 40.20 -2.00 14.62
N GLU C 236 39.20 -1.45 15.32
CA GLU C 236 38.26 -2.28 16.06
C GLU C 236 37.40 -3.12 15.13
N GLY C 237 36.91 -2.52 14.05
CA GLY C 237 36.11 -3.28 13.09
C GLY C 237 36.93 -4.36 12.40
N MET C 238 38.18 -4.04 12.06
CA MET C 238 39.06 -5.05 11.47
C MET C 238 39.30 -6.20 12.43
N LYS C 239 39.51 -5.89 13.72
CA LYS C 239 39.68 -6.93 14.72
C LYS C 239 38.44 -7.81 14.83
N ARG C 240 37.27 -7.19 14.86
CA ARG C 240 36.03 -7.97 14.95
C ARG C 240 35.85 -8.85 13.72
N ALA C 241 36.16 -8.33 12.53
CA ALA C 241 36.04 -9.13 11.32
C ALA C 241 37.01 -10.31 11.34
N ILE C 242 38.24 -10.08 11.78
CA ILE C 242 39.22 -11.17 11.86
C ILE C 242 38.75 -12.22 12.85
N LEU C 243 38.26 -11.80 14.02
CA LEU C 243 37.81 -12.76 15.03
C LEU C 243 36.58 -13.52 14.55
N GLY C 244 35.72 -12.88 13.76
CA GLY C 244 34.55 -13.55 13.24
C GLY C 244 34.89 -14.67 12.27
N GLY C 245 35.96 -14.52 11.51
CA GLY C 245 36.40 -15.57 10.62
C GLY C 245 36.30 -15.28 9.14
N VAL C 246 36.48 -14.02 8.75
CA VAL C 246 36.42 -13.64 7.34
C VAL C 246 37.66 -14.16 6.63
N THR C 247 37.64 -14.16 5.30
CA THR C 247 38.74 -14.69 4.51
C THR C 247 39.79 -13.63 4.17
N SER C 248 39.37 -12.38 3.97
CA SER C 248 40.31 -11.33 3.56
C SER C 248 39.82 -9.98 4.07
N ILE C 249 40.76 -9.05 4.15
CA ILE C 249 40.51 -7.66 4.54
C ILE C 249 40.92 -6.76 3.38
N GLU C 250 40.17 -5.69 3.17
CA GLU C 250 40.28 -4.90 1.94
C GLU C 250 41.02 -3.57 2.10
N HIS C 251 40.72 -2.80 3.14
CA HIS C 251 41.39 -1.47 3.24
C HIS C 251 41.90 -1.26 4.66
N GLY C 252 42.77 -2.16 5.14
CA GLY C 252 43.27 -2.07 6.49
C GLY C 252 44.15 -0.86 6.71
N THR C 253 43.56 0.33 6.51
CA THR C 253 44.31 1.57 6.57
C THR C 253 44.98 1.77 7.92
N TYR C 254 44.30 1.38 9.00
CA TYR C 254 44.78 1.62 10.36
C TYR C 254 45.15 0.31 11.05
N MET C 255 45.82 -0.57 10.31
CA MET C 255 46.34 -1.80 10.88
C MET C 255 47.41 -1.49 11.92
N THR C 256 47.37 -2.19 13.04
CA THR C 256 48.37 -2.08 14.09
C THR C 256 49.10 -3.40 14.25
N ASP C 257 50.02 -3.43 15.22
CA ASP C 257 50.79 -4.64 15.46
C ASP C 257 49.90 -5.80 15.92
N GLU C 258 48.94 -5.52 16.80
CA GLU C 258 48.05 -6.58 17.27
C GLU C 258 47.18 -7.11 16.14
N VAL C 259 46.69 -6.23 15.26
CA VAL C 259 45.89 -6.67 14.13
C VAL C 259 46.72 -7.55 13.21
N MET C 260 47.97 -7.16 12.96
CA MET C 260 48.84 -7.98 12.13
C MET C 260 49.10 -9.34 12.76
N ARG C 261 49.31 -9.37 14.08
CA ARG C 261 49.51 -10.63 14.77
C ARG C 261 48.29 -11.54 14.63
N LEU C 262 47.09 -10.98 14.79
CA LEU C 262 45.88 -11.77 14.62
C LEU C 262 45.76 -12.28 13.18
N MET C 263 46.06 -11.42 12.21
CA MET C 263 45.98 -11.83 10.81
C MET C 263 46.93 -13.00 10.53
N LYS C 264 48.17 -12.91 11.03
CA LYS C 264 49.12 -13.99 10.84
C LYS C 264 48.64 -15.27 11.53
N GLN C 265 48.10 -15.14 12.74
CA GLN C 265 47.66 -16.32 13.48
C GLN C 265 46.52 -17.02 12.75
N HIS C 266 45.58 -16.27 12.19
CA HIS C 266 44.39 -16.85 11.59
C HIS C 266 44.54 -17.15 10.10
N GLY C 267 45.58 -16.63 9.45
CA GLY C 267 45.76 -16.86 8.03
C GLY C 267 44.91 -16.00 7.13
N THR C 268 44.50 -14.83 7.61
CA THR C 268 43.68 -13.93 6.80
C THR C 268 44.50 -13.28 5.70
N TRP C 269 43.88 -13.10 4.54
CA TRP C 269 44.51 -12.42 3.41
C TRP C 269 44.30 -10.91 3.51
N TYR C 270 45.24 -10.16 2.92
CA TYR C 270 45.20 -8.71 2.91
C TYR C 270 45.26 -8.21 1.47
N VAL C 271 44.30 -7.39 1.09
CA VAL C 271 44.25 -6.80 -0.25
C VAL C 271 44.35 -5.29 -0.13
N PRO C 272 45.50 -4.70 -0.45
CA PRO C 272 45.71 -3.27 -0.16
C PRO C 272 44.81 -2.30 -0.91
N THR C 273 44.76 -2.40 -2.24
CA THR C 273 44.05 -1.43 -3.09
C THR C 273 44.67 -0.04 -2.96
N ILE C 274 45.95 0.04 -3.31
CA ILE C 274 46.69 1.31 -3.22
C ILE C 274 46.17 2.32 -4.24
N SER C 275 45.76 1.84 -5.42
CA SER C 275 45.35 2.74 -6.49
C SER C 275 44.18 3.62 -6.05
N ALA C 276 43.18 3.03 -5.38
CA ALA C 276 42.03 3.81 -4.94
C ALA C 276 42.43 4.88 -3.94
N GLY C 277 43.32 4.54 -3.01
CA GLY C 277 43.80 5.52 -2.06
C GLY C 277 44.48 6.69 -2.74
N ARG C 278 45.39 6.40 -3.67
CA ARG C 278 46.05 7.48 -4.40
C ARG C 278 45.04 8.32 -5.18
N PHE C 279 44.08 7.66 -5.82
CA PHE C 279 43.09 8.40 -6.62
C PHE C 279 42.26 9.34 -5.76
N VAL C 280 41.76 8.86 -4.63
CA VAL C 280 40.93 9.70 -3.77
C VAL C 280 41.76 10.82 -3.16
N ALA C 281 43.01 10.53 -2.78
CA ALA C 281 43.87 11.59 -2.26
C ALA C 281 44.08 12.69 -3.31
N GLU C 282 44.31 12.29 -4.56
CA GLU C 282 44.51 13.29 -5.62
C GLU C 282 43.24 14.09 -5.87
N LYS C 283 42.08 13.43 -5.89
CA LYS C 283 40.84 14.13 -6.20
C LYS C 283 40.35 15.00 -5.05
N ALA C 284 40.78 14.73 -3.81
CA ALA C 284 40.33 15.55 -2.70
C ALA C 284 40.81 16.99 -2.83
N LYS C 285 41.93 17.20 -3.52
CA LYS C 285 42.46 18.56 -3.66
C LYS C 285 41.64 19.40 -4.62
N ILE C 286 40.89 18.77 -5.54
CA ILE C 286 40.06 19.50 -6.47
C ILE C 286 38.82 19.99 -5.75
N ASP C 287 38.47 21.26 -5.96
CA ASP C 287 37.34 21.86 -5.24
C ASP C 287 36.03 21.50 -5.91
N GLY C 288 35.10 20.97 -5.13
CA GLY C 288 33.78 20.60 -5.62
C GLY C 288 33.69 19.21 -6.21
N TYR C 289 34.80 18.48 -6.33
CA TYR C 289 34.74 17.14 -6.88
C TYR C 289 33.96 16.20 -5.97
N PHE C 290 34.20 16.28 -4.66
CA PHE C 290 33.49 15.46 -3.68
C PHE C 290 32.50 16.32 -2.90
N PRO C 291 31.45 15.71 -2.35
CA PRO C 291 30.58 16.43 -1.41
C PRO C 291 31.34 16.79 -0.15
N GLU C 292 30.89 17.86 0.52
CA GLU C 292 31.60 18.36 1.68
C GLU C 292 31.68 17.33 2.81
N VAL C 293 30.74 16.38 2.87
CA VAL C 293 30.81 15.33 3.88
C VAL C 293 31.75 14.21 3.50
N VAL C 294 32.21 14.16 2.24
CA VAL C 294 33.12 13.13 1.79
C VAL C 294 34.57 13.61 1.69
N ARG C 295 34.79 14.90 1.44
CA ARG C 295 36.14 15.38 1.16
C ARG C 295 37.09 15.17 2.34
N PRO C 296 36.76 15.57 3.56
CA PRO C 296 37.71 15.34 4.67
C PRO C 296 38.07 13.89 4.87
N LYS C 297 37.09 12.98 4.75
CA LYS C 297 37.38 11.56 4.92
C LYS C 297 38.36 11.07 3.87
N ALA C 298 38.12 11.45 2.61
CA ALA C 298 39.03 11.04 1.53
C ALA C 298 40.44 11.60 1.78
N ALA C 299 40.52 12.89 2.12
CA ALA C 299 41.82 13.51 2.32
C ALA C 299 42.58 12.82 3.45
N ARG C 300 41.88 12.46 4.53
CA ARG C 300 42.56 11.84 5.67
C ARG C 300 42.92 10.38 5.42
N ILE C 301 42.10 9.64 4.69
CA ILE C 301 42.29 8.19 4.62
C ILE C 301 43.10 7.79 3.39
N GLY C 302 43.10 8.57 2.32
CA GLY C 302 43.82 8.16 1.12
C GLY C 302 45.33 8.28 1.22
N ALA C 303 45.84 8.93 2.26
CA ALA C 303 47.26 9.18 2.40
C ALA C 303 47.96 8.17 3.32
N GLN C 304 47.28 7.09 3.70
CA GLN C 304 47.83 6.12 4.64
C GLN C 304 47.60 4.70 4.18
N ILE C 305 47.84 4.42 2.90
CA ILE C 305 47.61 3.12 2.31
C ILE C 305 48.92 2.45 1.89
N GLN C 306 49.81 3.20 1.23
CA GLN C 306 51.09 2.63 0.84
C GLN C 306 51.92 2.25 2.06
N ASP C 307 51.92 3.10 3.09
CA ASP C 307 52.67 2.80 4.30
C ASP C 307 52.13 1.53 4.96
N THR C 308 50.81 1.39 5.00
CA THR C 308 50.22 0.18 5.58
C THR C 308 50.64 -1.06 4.81
N ALA C 309 50.64 -0.98 3.47
CA ALA C 309 51.05 -2.13 2.68
C ALA C 309 52.51 -2.48 2.93
N ALA C 310 53.38 -1.48 2.98
CA ALA C 310 54.79 -1.73 3.25
C ALA C 310 54.98 -2.38 4.61
N LYS C 311 54.29 -1.86 5.64
CA LYS C 311 54.42 -2.42 6.98
C LYS C 311 53.90 -3.85 7.03
N ALA C 312 52.75 -4.11 6.38
CA ALA C 312 52.19 -5.45 6.38
C ALA C 312 53.11 -6.44 5.68
N TYR C 313 53.70 -6.04 4.55
CA TYR C 313 54.66 -6.93 3.89
C TYR C 313 55.88 -7.17 4.77
N ARG C 314 56.38 -6.13 5.42
CA ARG C 314 57.54 -6.30 6.29
C ARG C 314 57.23 -7.23 7.47
N ASN C 315 56.00 -7.22 7.96
CA ASN C 315 55.63 -7.99 9.14
C ASN C 315 55.20 -9.42 8.81
N GLY C 316 55.13 -9.79 7.54
CA GLY C 316 54.82 -11.17 7.17
C GLY C 316 53.37 -11.48 6.94
N VAL C 317 52.52 -10.48 6.70
CA VAL C 317 51.12 -10.73 6.41
C VAL C 317 50.97 -11.18 4.97
N LYS C 318 49.99 -12.06 4.72
CA LYS C 318 49.75 -12.54 3.37
C LYS C 318 49.02 -11.48 2.56
N ILE C 319 49.53 -11.18 1.37
CA ILE C 319 49.06 -10.07 0.55
C ILE C 319 48.60 -10.60 -0.80
N ALA C 320 47.45 -10.11 -1.26
CA ALA C 320 46.89 -10.45 -2.56
C ALA C 320 46.65 -9.18 -3.36
N PHE C 321 46.35 -9.36 -4.65
CA PHE C 321 46.28 -8.26 -5.61
C PHE C 321 44.85 -7.78 -5.76
N GLY C 322 44.67 -6.46 -5.60
CA GLY C 322 43.36 -5.84 -5.79
C GLY C 322 43.53 -4.35 -5.91
N THR C 323 42.67 -3.75 -6.75
CA THR C 323 42.86 -2.34 -7.10
C THR C 323 41.68 -1.46 -6.74
N ASN C 324 40.45 -1.98 -6.64
CA ASN C 324 39.22 -1.16 -6.43
C ASN C 324 39.05 -0.26 -7.66
N MET C 325 39.00 -0.84 -8.85
CA MET C 325 39.02 -0.04 -10.08
C MET C 325 37.71 0.67 -10.36
N GLY C 326 36.65 0.45 -9.58
CA GLY C 326 35.48 1.29 -9.71
C GLY C 326 35.74 2.74 -9.33
N VAL C 327 36.77 2.99 -8.52
CA VAL C 327 37.15 4.35 -8.16
C VAL C 327 38.00 4.98 -9.26
N GLY C 328 39.12 4.34 -9.59
CA GLY C 328 39.94 4.78 -10.69
C GLY C 328 39.35 4.34 -12.01
N PRO C 329 39.99 4.74 -13.12
CA PRO C 329 39.45 4.38 -14.44
C PRO C 329 39.70 2.91 -14.75
N HIS C 330 38.66 2.24 -15.26
CA HIS C 330 38.79 0.84 -15.64
C HIS C 330 39.79 0.68 -16.78
N GLY C 331 40.53 -0.42 -16.76
CA GLY C 331 41.52 -0.70 -17.78
C GLY C 331 42.91 -0.24 -17.46
N ASP C 332 43.13 0.34 -16.28
CA ASP C 332 44.46 0.77 -15.84
C ASP C 332 44.86 0.05 -14.55
N ASN C 333 44.39 -1.20 -14.40
CA ASN C 333 44.65 -1.98 -13.20
C ASN C 333 46.12 -2.35 -13.02
N ALA C 334 46.92 -2.30 -14.09
CA ALA C 334 48.28 -2.80 -14.05
C ALA C 334 49.25 -1.88 -13.32
N ARG C 335 48.83 -0.66 -12.97
CA ARG C 335 49.69 0.24 -12.22
C ARG C 335 49.80 -0.15 -10.75
N GLU C 336 48.90 -1.01 -10.26
CA GLU C 336 49.02 -1.52 -8.91
C GLU C 336 50.30 -2.31 -8.73
N PHE C 337 50.78 -2.98 -9.78
CA PHE C 337 52.06 -3.66 -9.70
C PHE C 337 53.19 -2.68 -9.43
N ILE C 338 53.20 -1.56 -10.15
CA ILE C 338 54.24 -0.55 -9.95
C ILE C 338 54.15 0.02 -8.54
N TYR C 339 52.93 0.30 -8.07
CA TYR C 339 52.77 0.82 -6.71
C TYR C 339 53.27 -0.18 -5.68
N MET C 340 52.94 -1.47 -5.85
CA MET C 340 53.38 -2.50 -4.92
C MET C 340 54.90 -2.59 -4.88
N VAL C 341 55.54 -2.58 -6.05
CA VAL C 341 56.98 -2.66 -6.09
C VAL C 341 57.60 -1.43 -5.44
N GLU C 342 57.03 -0.25 -5.69
CA GLU C 342 57.54 0.96 -5.06
C GLU C 342 57.29 0.95 -3.55
N ALA C 343 56.38 0.10 -3.08
CA ALA C 343 56.13 -0.04 -1.65
C ALA C 343 57.05 -1.03 -0.97
N GLY C 344 58.01 -1.63 -1.69
CA GLY C 344 58.96 -2.54 -1.12
C GLY C 344 58.74 -4.00 -1.45
N ILE C 345 57.60 -4.35 -2.03
CA ILE C 345 57.33 -5.74 -2.37
C ILE C 345 58.11 -6.12 -3.62
N PRO C 346 58.81 -7.25 -3.64
CA PRO C 346 59.58 -7.63 -4.84
C PRO C 346 58.66 -7.90 -6.02
N ALA C 347 59.21 -7.69 -7.23
CA ALA C 347 58.41 -7.82 -8.44
C ALA C 347 57.86 -9.24 -8.60
N ALA C 348 58.67 -10.26 -8.32
CA ALA C 348 58.19 -11.62 -8.44
C ALA C 348 57.05 -11.89 -7.46
N THR C 349 57.18 -11.41 -6.23
CA THR C 349 56.10 -11.57 -5.26
C THR C 349 54.84 -10.84 -5.71
N ALA C 350 54.99 -9.64 -6.27
CA ALA C 350 53.82 -8.91 -6.75
C ALA C 350 53.13 -9.64 -7.88
N LEU C 351 53.91 -10.24 -8.80
CA LEU C 351 53.31 -11.00 -9.89
C LEU C 351 52.64 -12.26 -9.37
N GLN C 352 53.24 -12.92 -8.38
CA GLN C 352 52.63 -14.12 -7.81
C GLN C 352 51.32 -13.78 -7.11
N SER C 353 51.25 -12.62 -6.45
CA SER C 353 50.04 -12.26 -5.71
C SER C 353 48.83 -12.12 -6.62
N ALA C 354 49.03 -12.02 -7.93
CA ALA C 354 47.93 -11.87 -8.87
C ALA C 354 47.61 -13.13 -9.67
N THR C 355 48.43 -14.18 -9.55
CA THR C 355 48.23 -15.38 -10.36
C THR C 355 47.88 -16.61 -9.51
N VAL C 356 48.73 -16.99 -8.57
CA VAL C 356 48.53 -18.20 -7.79
C VAL C 356 47.90 -17.90 -6.44
N LEU C 357 48.41 -16.89 -5.73
CA LEU C 357 47.79 -16.49 -4.48
C LEU C 357 46.37 -15.98 -4.70
N ALA C 358 46.13 -15.31 -5.84
CA ALA C 358 44.77 -14.89 -6.16
C ALA C 358 43.85 -16.10 -6.34
N ALA C 359 44.35 -17.14 -7.01
CA ALA C 359 43.54 -18.35 -7.16
C ALA C 359 43.28 -19.01 -5.82
N GLU C 360 44.27 -18.95 -4.91
CA GLU C 360 44.05 -19.46 -3.55
C GLU C 360 42.96 -18.67 -2.85
N VAL C 361 42.98 -17.34 -2.98
CA VAL C 361 41.96 -16.51 -2.35
C VAL C 361 40.58 -16.82 -2.91
N LEU C 362 40.50 -17.01 -4.23
CA LEU C 362 39.21 -17.30 -4.86
C LEU C 362 38.66 -18.65 -4.44
N GLY C 363 39.53 -19.61 -4.11
CA GLY C 363 39.08 -20.94 -3.78
C GLY C 363 38.99 -21.90 -4.94
N VAL C 364 39.62 -21.60 -6.07
CA VAL C 364 39.60 -22.47 -7.23
C VAL C 364 41.01 -23.02 -7.47
N ASP C 365 41.08 -24.12 -8.22
CA ASP C 365 42.34 -24.78 -8.48
C ASP C 365 42.57 -25.09 -9.96
N ASP C 366 41.73 -24.56 -10.85
CA ASP C 366 41.85 -24.81 -12.27
C ASP C 366 42.43 -23.61 -13.03
N GLN C 367 43.03 -22.65 -12.32
CA GLN C 367 43.65 -21.50 -12.96
C GLN C 367 44.80 -21.01 -12.08
N GLY C 368 45.51 -20.00 -12.57
CA GLY C 368 46.55 -19.34 -11.82
C GLY C 368 47.97 -19.69 -12.25
N ALA C 369 48.15 -20.76 -13.01
CA ALA C 369 49.48 -21.14 -13.46
C ALA C 369 49.39 -21.83 -14.81
N ILE C 370 50.51 -21.82 -15.53
CA ILE C 370 50.60 -22.46 -16.84
C ILE C 370 51.04 -23.91 -16.58
N GLU C 371 50.06 -24.77 -16.32
CA GLU C 371 50.31 -26.17 -16.03
C GLU C 371 49.31 -27.02 -16.79
N THR C 372 49.70 -28.27 -17.04
CA THR C 372 48.85 -29.18 -17.79
C THR C 372 47.51 -29.37 -17.08
N GLY C 373 46.42 -29.28 -17.84
CA GLY C 373 45.09 -29.49 -17.31
C GLY C 373 44.39 -28.26 -16.81
N LYS C 374 45.07 -27.12 -16.76
CA LYS C 374 44.47 -25.89 -16.26
C LYS C 374 43.88 -25.07 -17.41
N ARG C 375 43.03 -24.11 -17.05
CA ARG C 375 42.43 -23.23 -18.05
C ARG C 375 43.51 -22.49 -18.82
N ALA C 376 43.30 -22.35 -20.13
CA ALA C 376 44.26 -21.69 -21.01
C ALA C 376 44.01 -20.18 -20.99
N ASP C 377 44.48 -19.54 -19.92
CA ASP C 377 44.46 -18.09 -19.78
C ASP C 377 45.91 -17.62 -19.80
N ILE C 378 46.35 -17.07 -20.93
CA ILE C 378 47.75 -16.72 -21.15
C ILE C 378 47.83 -15.31 -21.71
N ILE C 379 48.80 -14.54 -21.22
CA ILE C 379 49.09 -13.20 -21.69
C ILE C 379 50.58 -13.10 -21.95
N ALA C 380 50.98 -12.06 -22.70
CA ALA C 380 52.37 -11.87 -23.06
C ALA C 380 52.69 -10.40 -23.23
N MET C 381 53.93 -10.04 -22.93
CA MET C 381 54.44 -8.69 -23.06
C MET C 381 55.85 -8.72 -23.64
N PRO C 382 56.27 -7.67 -24.34
CA PRO C 382 57.60 -7.69 -24.96
C PRO C 382 58.75 -7.79 -23.97
N GLY C 383 58.64 -7.12 -22.82
CA GLY C 383 59.72 -7.07 -21.85
C GLY C 383 59.66 -8.18 -20.84
N ASP C 384 60.56 -8.10 -19.86
CA ASP C 384 60.59 -9.06 -18.76
C ASP C 384 60.06 -8.39 -17.50
N PRO C 385 58.87 -8.73 -17.04
CA PRO C 385 58.29 -8.00 -15.90
C PRO C 385 59.10 -8.12 -14.61
N VAL C 386 59.82 -9.22 -14.42
CA VAL C 386 60.60 -9.36 -13.19
C VAL C 386 61.76 -8.38 -13.16
N ALA C 387 62.51 -8.30 -14.26
CA ALA C 387 63.63 -7.38 -14.32
C ALA C 387 63.17 -5.93 -14.25
N ASP C 388 62.09 -5.60 -14.96
CA ASP C 388 61.52 -4.26 -14.99
C ASP C 388 60.01 -4.38 -14.83
N ILE C 389 59.48 -3.90 -13.71
CA ILE C 389 58.04 -4.00 -13.47
C ILE C 389 57.25 -3.10 -14.40
N ASN C 390 57.88 -2.08 -14.98
CA ASN C 390 57.18 -1.17 -15.88
C ASN C 390 56.73 -1.83 -17.17
N ALA C 391 57.20 -3.04 -17.45
CA ALA C 391 56.80 -3.75 -18.66
C ALA C 391 55.35 -4.24 -18.61
N VAL C 392 54.72 -4.24 -17.44
CA VAL C 392 53.35 -4.72 -17.32
C VAL C 392 52.35 -3.83 -18.04
N LEU C 393 52.74 -2.61 -18.41
CA LEU C 393 51.84 -1.68 -19.06
C LEU C 393 51.73 -1.90 -20.56
N ASN C 394 52.53 -2.80 -21.14
CA ASN C 394 52.49 -3.09 -22.57
C ASN C 394 52.15 -4.57 -22.74
N VAL C 395 50.85 -4.87 -22.75
CA VAL C 395 50.36 -6.22 -22.97
C VAL C 395 49.73 -6.25 -24.36
N ASP C 396 50.27 -7.12 -25.22
CA ASP C 396 49.83 -7.20 -26.61
C ASP C 396 49.22 -8.54 -26.99
N PHE C 397 49.25 -9.53 -26.11
CA PHE C 397 48.62 -10.83 -26.35
C PHE C 397 47.73 -11.18 -25.18
N VAL C 398 46.49 -11.57 -25.47
CA VAL C 398 45.54 -11.99 -24.45
C VAL C 398 44.79 -13.22 -24.97
N MET C 399 44.73 -14.26 -24.15
CA MET C 399 43.99 -15.47 -24.46
C MET C 399 43.19 -15.89 -23.23
N LYS C 400 41.92 -16.26 -23.44
CA LYS C 400 41.04 -16.66 -22.34
C LYS C 400 40.24 -17.87 -22.78
N ASP C 401 40.39 -18.98 -22.05
CA ASP C 401 39.67 -20.21 -22.35
C ASP C 401 40.02 -20.77 -23.72
N GLY C 402 41.23 -20.48 -24.20
CA GLY C 402 41.66 -20.93 -25.50
C GLY C 402 41.30 -20.03 -26.66
N GLU C 403 40.58 -18.94 -26.41
CA GLU C 403 40.19 -18.00 -27.45
C GLU C 403 41.09 -16.77 -27.37
N ILE C 404 41.62 -16.35 -28.52
CA ILE C 404 42.54 -15.23 -28.59
C ILE C 404 41.74 -13.95 -28.82
N PHE C 405 41.90 -12.98 -27.92
CA PHE C 405 41.22 -11.70 -28.03
C PHE C 405 42.13 -10.57 -28.48
N ARG C 406 43.45 -10.79 -28.47
CA ARG C 406 44.40 -9.75 -28.84
C ARG C 406 45.69 -10.41 -29.30
N GLN C 407 46.33 -9.83 -30.30
CA GLN C 407 47.55 -10.41 -30.86
C GLN C 407 48.61 -9.35 -31.13
N PRO D 2 -24.36 -53.47 4.13
CA PRO D 2 -23.95 -54.81 4.53
C PRO D 2 -23.70 -55.73 3.33
N VAL D 3 -22.46 -56.18 3.17
CA VAL D 3 -22.08 -57.03 2.05
C VAL D 3 -21.07 -58.06 2.55
N ALA D 4 -21.09 -59.24 1.93
CA ALA D 4 -20.16 -60.31 2.25
C ALA D 4 -19.25 -60.56 1.05
N LEU D 5 -17.94 -60.52 1.28
CA LEU D 5 -16.96 -60.74 0.23
C LEU D 5 -16.37 -62.14 0.37
N HIS D 6 -16.35 -62.88 -0.73
CA HIS D 6 -15.83 -64.25 -0.75
C HIS D 6 -14.56 -64.26 -1.58
N CYS D 7 -13.42 -64.26 -0.92
CA CYS D 7 -12.12 -64.28 -1.57
C CYS D 7 -11.55 -65.69 -1.58
N GLY D 8 -10.84 -66.02 -2.66
CA GLY D 8 -10.14 -67.28 -2.73
C GLY D 8 -8.83 -67.31 -1.98
N LYS D 9 -8.18 -66.16 -1.82
CA LYS D 9 -6.95 -66.05 -1.05
C LYS D 9 -6.92 -64.69 -0.36
N LEU D 10 -6.38 -64.67 0.85
CA LEU D 10 -6.32 -63.42 1.63
C LEU D 10 -4.89 -63.18 2.06
N PHE D 11 -4.39 -61.97 1.87
CA PHE D 11 -3.04 -61.59 2.26
C PHE D 11 -3.06 -61.04 3.68
N ASP D 12 -2.37 -61.73 4.59
CA ASP D 12 -2.23 -61.27 5.96
C ASP D 12 -1.09 -60.27 6.02
N ALA D 13 -1.43 -58.99 6.13
CA ALA D 13 -0.40 -57.95 6.14
C ALA D 13 0.50 -58.08 7.37
N ARG D 14 -0.10 -58.35 8.54
CA ARG D 14 0.68 -58.38 9.77
C ARG D 14 1.71 -59.51 9.76
N SER D 15 1.32 -60.69 9.26
CA SER D 15 2.25 -61.80 9.18
C SER D 15 2.97 -61.89 7.83
N GLY D 16 2.48 -61.19 6.81
CA GLY D 16 3.12 -61.21 5.51
C GLY D 16 2.95 -62.51 4.75
N ARG D 17 1.85 -63.24 4.99
CA ARG D 17 1.60 -64.51 4.35
C ARG D 17 0.24 -64.51 3.67
N VAL D 18 0.14 -65.27 2.59
CA VAL D 18 -1.10 -65.38 1.83
C VAL D 18 -1.85 -66.61 2.32
N LEU D 19 -3.00 -66.40 2.96
CA LEU D 19 -3.79 -67.48 3.52
C LEU D 19 -4.74 -68.02 2.44
N GLY D 20 -5.66 -68.89 2.86
CA GLY D 20 -6.59 -69.50 1.93
C GLY D 20 -7.92 -68.78 1.88
N PRO D 21 -8.96 -69.46 1.42
CA PRO D 21 -10.27 -68.82 1.26
C PRO D 21 -10.78 -68.28 2.60
N HIS D 22 -11.36 -67.09 2.55
CA HIS D 22 -11.97 -66.44 3.70
C HIS D 22 -13.22 -65.71 3.27
N THR D 23 -14.00 -65.26 4.26
CA THR D 23 -15.20 -64.47 4.01
C THR D 23 -15.15 -63.24 4.90
N VAL D 24 -15.34 -62.06 4.31
CA VAL D 24 -15.28 -60.79 5.01
C VAL D 24 -16.67 -60.18 4.99
N VAL D 25 -17.18 -59.83 6.17
CA VAL D 25 -18.49 -59.21 6.32
C VAL D 25 -18.27 -57.76 6.72
N VAL D 26 -18.90 -56.85 5.98
CA VAL D 26 -18.70 -55.42 6.16
C VAL D 26 -20.02 -54.78 6.56
N ARG D 27 -20.02 -54.07 7.68
CA ARG D 27 -21.21 -53.35 8.14
C ARG D 27 -20.78 -52.00 8.71
N ASP D 28 -21.50 -50.95 8.30
CA ASP D 28 -21.24 -49.60 8.78
C ASP D 28 -19.84 -49.13 8.43
N GLY D 29 -19.30 -49.59 7.31
CA GLY D 29 -18.00 -49.14 6.85
C GLY D 29 -16.82 -49.73 7.59
N ARG D 30 -17.02 -50.78 8.37
CA ARG D 30 -15.94 -51.42 9.12
C ARG D 30 -16.07 -52.93 8.97
N ILE D 31 -14.93 -53.62 9.14
CA ILE D 31 -14.95 -55.07 9.08
C ILE D 31 -15.59 -55.62 10.34
N ASP D 32 -16.66 -56.40 10.15
CA ASP D 32 -17.41 -56.94 11.28
C ASP D 32 -17.07 -58.39 11.60
N GLN D 33 -16.77 -59.20 10.59
CA GLN D 33 -16.50 -60.61 10.81
C GLN D 33 -15.55 -61.11 9.74
N LEU D 34 -14.68 -62.04 10.13
CA LEU D 34 -13.72 -62.67 9.22
C LEU D 34 -13.78 -64.17 9.46
N ILE D 35 -14.35 -64.90 8.50
CA ILE D 35 -14.58 -66.33 8.64
C ILE D 35 -13.68 -67.07 7.66
N SER D 36 -13.00 -68.10 8.16
CA SER D 36 -12.13 -68.93 7.33
C SER D 36 -12.89 -70.16 6.87
N GLY D 37 -12.93 -70.38 5.55
CA GLY D 37 -13.64 -71.51 4.99
C GLY D 37 -14.18 -71.25 3.61
N LEU D 45 -28.03 -61.14 3.16
CA LEU D 45 -26.78 -60.42 2.95
C LEU D 45 -26.36 -60.42 1.49
N ALA D 46 -25.89 -59.28 1.01
CA ALA D 46 -25.33 -59.21 -0.33
C ALA D 46 -24.00 -59.97 -0.39
N ALA D 47 -23.63 -60.38 -1.59
CA ALA D 47 -22.41 -61.15 -1.79
C ALA D 47 -21.72 -60.70 -3.06
N VAL D 48 -20.39 -60.67 -3.03
CA VAL D 48 -19.56 -60.35 -4.19
C VAL D 48 -18.67 -61.55 -4.46
N ASP D 49 -18.67 -62.01 -5.72
CA ASP D 49 -17.94 -63.21 -6.11
C ASP D 49 -16.49 -62.83 -6.43
N LEU D 50 -15.60 -63.08 -5.46
CA LEU D 50 -14.17 -62.84 -5.63
C LEU D 50 -13.35 -64.11 -5.47
N ARG D 51 -14.01 -65.28 -5.53
CA ARG D 51 -13.37 -66.55 -5.23
C ARG D 51 -12.22 -66.89 -6.17
N ASN D 52 -12.00 -66.12 -7.24
CA ASN D 52 -10.88 -66.33 -8.14
C ASN D 52 -9.89 -65.17 -8.08
N ARG D 53 -9.79 -64.52 -6.93
CA ARG D 53 -8.93 -63.36 -6.74
C ARG D 53 -8.23 -63.44 -5.40
N THR D 54 -7.22 -62.59 -5.23
CA THR D 54 -6.53 -62.43 -3.95
C THR D 54 -6.91 -61.08 -3.38
N CYS D 55 -7.42 -61.08 -2.15
CA CYS D 55 -7.86 -59.87 -1.47
C CYS D 55 -6.76 -59.36 -0.56
N LEU D 56 -6.46 -58.07 -0.67
CA LEU D 56 -5.45 -57.39 0.14
C LEU D 56 -6.05 -56.12 0.70
N PRO D 57 -5.46 -55.58 1.78
CA PRO D 57 -5.88 -54.27 2.26
C PRO D 57 -5.54 -53.18 1.24
N GLY D 58 -6.32 -52.11 1.28
CA GLY D 58 -6.07 -51.00 0.38
C GLY D 58 -4.68 -50.42 0.62
N TRP D 59 -4.04 -50.00 -0.47
CA TRP D 59 -2.67 -49.50 -0.40
C TRP D 59 -2.66 -48.03 0.01
N THR D 60 -1.53 -47.62 0.59
CA THR D 60 -1.31 -46.22 0.98
C THR D 60 -0.03 -45.72 0.32
N ASP D 61 -0.13 -44.59 -0.36
CA ASP D 61 1.01 -43.92 -0.97
C ASP D 61 1.40 -42.75 -0.09
N LEU D 62 2.62 -42.76 0.44
CA LEU D 62 3.05 -41.79 1.43
C LEU D 62 3.70 -40.54 0.82
N HIS D 63 3.75 -40.43 -0.50
CA HIS D 63 4.32 -39.24 -1.12
C HIS D 63 3.66 -39.05 -2.50
N VAL D 64 2.70 -38.14 -2.57
CA VAL D 64 2.05 -37.77 -3.82
C VAL D 64 1.86 -36.27 -3.84
N HIS D 65 1.62 -35.73 -5.03
CA HIS D 65 1.29 -34.32 -5.24
C HIS D 65 0.10 -34.30 -6.18
N LEU D 66 -1.11 -34.37 -5.61
CA LEU D 66 -2.31 -34.53 -6.40
C LEU D 66 -2.75 -33.25 -7.10
N GLY D 67 -2.12 -32.12 -6.80
CA GLY D 67 -2.45 -30.86 -7.41
C GLY D 67 -1.67 -30.50 -8.65
N ASP D 68 -0.85 -31.42 -9.12
CA ASP D 68 0.03 -31.10 -10.27
C ASP D 68 0.51 -32.35 -10.98
N GLU D 69 1.02 -32.17 -12.18
CA GLU D 69 1.62 -33.25 -12.94
C GLU D 69 2.68 -32.66 -13.88
N SER D 70 3.80 -33.36 -14.01
CA SER D 70 4.90 -32.86 -14.82
C SER D 70 4.54 -32.91 -16.31
N SER D 71 4.97 -31.88 -17.03
CA SER D 71 4.72 -31.78 -18.47
C SER D 71 5.71 -30.79 -19.06
N PRO D 72 5.83 -30.74 -20.38
CA PRO D 72 6.78 -29.80 -21.00
C PRO D 72 6.47 -28.34 -20.73
N GLN D 73 5.23 -28.00 -20.38
CA GLN D 73 4.83 -26.62 -20.15
C GLN D 73 4.72 -26.27 -18.67
N SER D 74 5.19 -27.15 -17.79
CA SER D 74 4.97 -26.96 -16.36
C SER D 74 5.75 -25.79 -15.77
N TYR D 75 6.76 -25.29 -16.48
CA TYR D 75 7.56 -24.19 -15.96
C TYR D 75 7.13 -22.82 -16.47
N SER D 76 6.07 -22.76 -17.26
CA SER D 76 5.47 -21.50 -17.68
C SER D 76 3.98 -21.42 -17.39
N GLU D 77 3.35 -22.51 -16.94
CA GLU D 77 1.93 -22.50 -16.64
C GLU D 77 1.59 -21.78 -15.34
N GLY D 78 2.54 -21.67 -14.41
CA GLY D 78 2.25 -21.06 -13.13
C GLY D 78 1.97 -19.57 -13.21
N PHE D 79 2.48 -18.92 -14.26
CA PHE D 79 2.29 -17.49 -14.44
C PHE D 79 1.03 -17.15 -15.23
N ARG D 80 0.35 -18.14 -15.80
CA ARG D 80 -0.84 -17.89 -16.61
C ARG D 80 -2.08 -18.60 -16.10
N LEU D 81 -1.95 -19.65 -15.30
CA LEU D 81 -3.10 -20.38 -14.78
C LEU D 81 -3.32 -20.08 -13.31
N ASP D 82 -4.53 -20.37 -12.84
CA ASP D 82 -4.93 -20.17 -11.46
C ASP D 82 -5.16 -21.51 -10.79
N PRO D 83 -5.14 -21.56 -9.46
CA PRO D 83 -5.39 -22.83 -8.77
C PRO D 83 -6.73 -23.46 -9.12
N ILE D 84 -7.74 -22.64 -9.45
CA ILE D 84 -9.02 -23.17 -9.87
C ILE D 84 -8.87 -24.01 -11.12
N ASP D 85 -7.95 -23.63 -12.00
CA ASP D 85 -7.68 -24.45 -13.19
C ASP D 85 -7.03 -25.77 -12.82
N PHE D 86 -6.21 -25.79 -11.78
CA PHE D 86 -5.55 -27.02 -11.36
C PHE D 86 -6.50 -27.96 -10.62
N ALA D 87 -7.54 -27.43 -9.99
CA ALA D 87 -8.51 -28.29 -9.31
C ALA D 87 -9.23 -29.20 -10.28
N TYR D 88 -9.58 -28.68 -11.46
CA TYR D 88 -10.31 -29.49 -12.44
C TYR D 88 -9.46 -30.64 -12.97
N ARG D 89 -8.12 -30.47 -12.99
CA ARG D 89 -7.24 -31.58 -13.30
C ARG D 89 -7.09 -32.53 -12.12
N SER D 90 -7.03 -31.98 -10.90
CA SER D 90 -6.90 -32.81 -9.72
C SER D 90 -8.09 -33.75 -9.57
N VAL D 91 -9.25 -33.38 -10.10
CA VAL D 91 -10.39 -34.29 -10.06
C VAL D 91 -10.03 -35.62 -10.72
N GLY D 92 -9.56 -35.55 -11.97
CA GLY D 92 -9.17 -36.76 -12.67
C GLY D 92 -7.97 -37.44 -12.05
N TYR D 93 -7.00 -36.64 -11.56
CA TYR D 93 -5.85 -37.23 -10.88
C TYR D 93 -6.30 -38.12 -9.72
N ALA D 94 -7.16 -37.58 -8.86
CA ALA D 94 -7.62 -38.32 -7.69
C ALA D 94 -8.44 -39.54 -8.09
N GLU D 95 -9.31 -39.41 -9.10
CA GLU D 95 -10.08 -40.58 -9.52
C GLU D 95 -9.17 -41.69 -10.02
N ARG D 96 -8.18 -41.34 -10.85
CA ARG D 96 -7.27 -42.35 -11.38
C ARG D 96 -6.44 -42.99 -10.27
N THR D 97 -6.03 -42.18 -9.29
CA THR D 97 -5.29 -42.75 -8.16
C THR D 97 -6.14 -43.73 -7.37
N LEU D 98 -7.39 -43.37 -7.09
CA LEU D 98 -8.25 -44.26 -6.31
C LEU D 98 -8.54 -45.55 -7.05
N LEU D 99 -8.84 -45.47 -8.35
CA LEU D 99 -9.23 -46.66 -9.09
C LEU D 99 -8.08 -47.64 -9.28
N ALA D 100 -6.84 -47.22 -9.01
CA ALA D 100 -5.69 -48.11 -9.16
C ALA D 100 -5.43 -48.96 -7.93
N GLY D 101 -6.17 -48.74 -6.84
CA GLY D 101 -6.03 -49.53 -5.63
C GLY D 101 -5.52 -48.82 -4.42
N PHE D 102 -5.29 -47.51 -4.50
CA PHE D 102 -4.73 -46.74 -3.38
C PHE D 102 -5.87 -45.98 -2.70
N THR D 103 -6.32 -46.52 -1.56
CA THR D 103 -7.45 -45.94 -0.84
C THR D 103 -7.08 -44.78 0.06
N SER D 104 -5.79 -44.55 0.29
CA SER D 104 -5.34 -43.41 1.08
C SER D 104 -3.97 -42.97 0.59
N VAL D 105 -3.68 -41.67 0.77
CA VAL D 105 -2.41 -41.09 0.35
C VAL D 105 -2.00 -40.03 1.36
N ARG D 106 -0.72 -39.68 1.31
CA ARG D 106 -0.18 -38.57 2.09
C ARG D 106 0.33 -37.52 1.12
N ASP D 107 -0.38 -36.39 1.04
CA ASP D 107 0.02 -35.32 0.15
C ASP D 107 1.05 -34.44 0.84
N LEU D 108 2.18 -34.23 0.18
CA LEU D 108 3.35 -33.60 0.79
C LEU D 108 3.74 -32.31 0.07
N GLY D 109 2.76 -31.47 -0.23
CA GLY D 109 3.05 -30.18 -0.82
C GLY D 109 2.01 -29.69 -1.79
N GLY D 110 1.60 -28.43 -1.64
CA GLY D 110 0.58 -27.84 -2.49
C GLY D 110 -0.63 -27.36 -1.73
N GLU D 111 -1.17 -26.21 -2.13
CA GLU D 111 -2.32 -25.62 -1.46
C GLU D 111 -3.66 -26.07 -2.04
N VAL D 112 -3.64 -26.89 -3.08
CA VAL D 112 -4.88 -27.38 -3.67
C VAL D 112 -5.38 -28.64 -2.97
N SER D 113 -4.51 -29.34 -2.27
CA SER D 113 -4.82 -30.67 -1.73
C SER D 113 -5.78 -30.63 -0.55
N PRO D 114 -5.68 -29.66 0.36
CA PRO D 114 -6.68 -29.58 1.43
C PRO D 114 -8.10 -29.42 0.92
N HIS D 115 -8.28 -28.60 -0.13
CA HIS D 115 -9.61 -28.43 -0.71
C HIS D 115 -10.09 -29.71 -1.38
N LEU D 116 -9.20 -30.40 -2.08
CA LEU D 116 -9.56 -31.68 -2.68
C LEU D 116 -9.95 -32.70 -1.62
N ARG D 117 -9.22 -32.72 -0.50
CA ARG D 117 -9.56 -33.60 0.60
C ARG D 117 -10.94 -33.28 1.15
N ASP D 118 -11.25 -31.99 1.35
CA ASP D 118 -12.57 -31.62 1.84
C ASP D 118 -13.66 -32.05 0.87
N ALA D 119 -13.44 -31.83 -0.43
CA ALA D 119 -14.44 -32.21 -1.43
C ALA D 119 -14.65 -33.72 -1.47
N VAL D 120 -13.57 -34.49 -1.35
CA VAL D 120 -13.69 -35.94 -1.38
C VAL D 120 -14.40 -36.43 -0.13
N ASN D 121 -14.11 -35.82 1.02
CA ASN D 121 -14.76 -36.23 2.26
C ASN D 121 -16.25 -35.90 2.24
N GLN D 122 -16.62 -34.79 1.58
CA GLN D 122 -18.03 -34.44 1.48
C GLN D 122 -18.78 -35.25 0.43
N GLY D 123 -18.08 -36.09 -0.34
CA GLY D 123 -18.72 -36.90 -1.35
C GLY D 123 -18.92 -36.23 -2.68
N LEU D 124 -18.33 -35.05 -2.89
CA LEU D 124 -18.53 -34.34 -4.15
C LEU D 124 -17.80 -35.01 -5.30
N VAL D 125 -16.58 -35.50 -5.05
CA VAL D 125 -15.77 -36.12 -6.08
C VAL D 125 -15.19 -37.42 -5.52
N LYS D 126 -14.73 -38.28 -6.43
CA LYS D 126 -14.14 -39.55 -6.07
C LYS D 126 -12.65 -39.40 -5.83
N GLY D 127 -12.13 -40.13 -4.86
CA GLY D 127 -10.72 -40.11 -4.54
C GLY D 127 -10.38 -40.90 -3.30
N PRO D 128 -9.10 -40.93 -2.95
CA PRO D 128 -8.67 -41.65 -1.74
C PRO D 128 -8.78 -40.73 -0.52
N ARG D 129 -8.50 -41.33 0.64
CA ARG D 129 -8.40 -40.57 1.88
C ARG D 129 -7.08 -39.80 1.88
N ILE D 130 -7.15 -38.48 2.03
CA ILE D 130 -6.01 -37.60 1.84
C ILE D 130 -5.58 -37.04 3.20
N PHE D 131 -4.30 -37.20 3.50
CA PHE D 131 -3.64 -36.55 4.64
C PHE D 131 -2.77 -35.46 4.04
N ALA D 132 -3.27 -34.22 4.07
CA ALA D 132 -2.64 -33.13 3.34
C ALA D 132 -1.71 -32.32 4.23
N ALA D 133 -0.54 -31.98 3.68
CA ALA D 133 0.44 -31.16 4.38
C ALA D 133 0.24 -29.67 4.15
N GLY D 134 -0.30 -29.27 3.01
CA GLY D 134 -0.44 -27.86 2.69
C GLY D 134 0.85 -27.25 2.18
N LYS D 135 1.12 -26.00 2.55
CA LYS D 135 2.32 -25.33 2.10
C LYS D 135 3.55 -25.91 2.80
N SER D 136 4.57 -26.24 2.02
CA SER D 136 5.81 -26.76 2.57
C SER D 136 6.66 -25.64 3.14
N ILE D 137 7.44 -25.96 4.17
CA ILE D 137 8.23 -24.99 4.90
C ILE D 137 9.68 -25.06 4.45
N ALA D 138 10.25 -23.90 4.11
CA ALA D 138 11.62 -23.83 3.63
C ALA D 138 12.27 -22.58 4.23
N THR D 139 13.53 -22.35 3.86
CA THR D 139 14.26 -21.12 4.19
C THR D 139 14.35 -20.25 2.95
N THR D 140 14.91 -19.05 3.13
CA THR D 140 15.02 -18.11 2.02
C THR D 140 15.89 -18.70 0.92
N GLY D 141 15.34 -18.76 -0.29
CA GLY D 141 16.02 -19.39 -1.40
C GLY D 141 15.98 -20.89 -1.41
N GLY D 142 15.24 -21.51 -0.50
CA GLY D 142 15.22 -22.95 -0.37
C GLY D 142 14.43 -23.63 -1.47
N HIS D 143 14.38 -24.96 -1.38
CA HIS D 143 13.75 -25.77 -2.42
C HIS D 143 12.27 -25.45 -2.56
N ALA D 144 11.61 -25.05 -1.47
CA ALA D 144 10.18 -24.77 -1.49
C ALA D 144 9.87 -23.29 -1.45
N ASP D 145 10.86 -22.44 -1.71
CA ASP D 145 10.62 -21.00 -1.76
C ASP D 145 9.68 -20.68 -2.92
N PRO D 146 8.55 -20.01 -2.68
CA PRO D 146 7.56 -19.82 -3.76
C PRO D 146 7.98 -18.79 -4.79
N THR D 147 9.05 -18.03 -4.57
CA THR D 147 9.42 -16.94 -5.46
C THR D 147 10.78 -17.17 -6.12
N ASN D 148 11.27 -18.39 -6.12
CA ASN D 148 12.51 -18.71 -6.81
C ASN D 148 12.33 -18.55 -8.31
N GLY D 149 13.24 -17.80 -8.94
CA GLY D 149 13.23 -17.62 -10.38
C GLY D 149 12.43 -16.45 -10.90
N TRP D 150 11.77 -15.69 -10.04
CA TRP D 150 11.02 -14.52 -10.47
C TRP D 150 11.96 -13.35 -10.76
N ASN D 151 11.52 -12.47 -11.66
CA ASN D 151 12.32 -11.29 -11.97
C ASN D 151 12.11 -10.22 -10.90
N ASP D 152 12.82 -9.11 -11.06
CA ASP D 152 12.82 -8.07 -10.03
C ASP D 152 11.44 -7.44 -9.86
N GLN D 153 10.72 -7.24 -10.96
CA GLN D 153 9.42 -6.57 -10.88
C GLN D 153 8.44 -7.37 -10.04
N LEU D 154 8.28 -8.66 -10.36
CA LEU D 154 7.33 -9.50 -9.62
C LEU D 154 7.77 -9.67 -8.17
N SER D 155 9.08 -9.86 -7.95
CA SER D 155 9.59 -10.02 -6.59
C SER D 155 9.30 -8.79 -5.74
N HIS D 156 9.51 -7.61 -6.30
CA HIS D 156 9.21 -6.38 -5.57
C HIS D 156 7.71 -6.23 -5.35
N LEU D 157 6.90 -6.62 -6.34
CA LEU D 157 5.45 -6.49 -6.19
C LEU D 157 4.93 -7.37 -5.06
N ILE D 158 5.41 -8.61 -4.96
CA ILE D 158 4.87 -9.52 -3.97
C ILE D 158 5.56 -9.40 -2.62
N GLY D 159 6.82 -8.95 -2.59
CA GLY D 159 7.54 -8.82 -1.35
C GLY D 159 8.21 -10.10 -0.92
N PRO D 160 9.10 -10.02 0.07
CA PRO D 160 9.82 -11.21 0.54
C PRO D 160 8.91 -12.13 1.33
N PRO D 161 8.95 -13.43 1.07
CA PRO D 161 8.10 -14.36 1.80
C PRO D 161 8.49 -14.45 3.27
N GLY D 162 7.47 -14.69 4.11
CA GLY D 162 7.67 -14.84 5.53
C GLY D 162 7.09 -16.13 6.06
N PRO D 163 6.97 -16.25 7.38
CA PRO D 163 6.39 -17.47 7.95
C PRO D 163 4.99 -17.77 7.47
N THR D 164 4.18 -16.73 7.17
CA THR D 164 2.84 -16.97 6.67
C THR D 164 2.87 -17.67 5.32
N GLU D 165 3.91 -17.42 4.52
CA GLU D 165 4.07 -18.05 3.23
C GLU D 165 4.93 -19.31 3.28
N GLY D 166 5.44 -19.68 4.45
CA GLY D 166 6.20 -20.89 4.62
C GLY D 166 7.71 -20.74 4.58
N VAL D 167 8.24 -19.52 4.64
CA VAL D 167 9.68 -19.28 4.59
C VAL D 167 10.12 -18.78 5.96
N VAL D 168 11.04 -19.50 6.60
CA VAL D 168 11.46 -19.22 7.96
C VAL D 168 12.98 -19.09 8.01
N ASN D 169 13.46 -18.31 8.97
CA ASN D 169 14.91 -18.11 9.12
C ASN D 169 15.35 -18.08 10.58
N SER D 170 14.48 -18.44 11.53
CA SER D 170 14.84 -18.43 12.94
C SER D 170 13.92 -19.40 13.68
N VAL D 171 14.15 -19.53 14.99
CA VAL D 171 13.35 -20.44 15.80
C VAL D 171 11.91 -19.94 15.93
N ASP D 172 11.74 -18.67 16.25
CA ASP D 172 10.40 -18.12 16.41
C ASP D 172 9.64 -18.16 15.09
N GLU D 173 10.32 -17.90 13.98
CA GLU D 173 9.66 -17.99 12.68
C GLU D 173 9.23 -19.42 12.37
N ALA D 174 10.03 -20.42 12.74
CA ALA D 174 9.62 -21.81 12.55
C ALA D 174 8.39 -22.12 13.40
N ARG D 175 8.37 -21.66 14.64
CA ARG D 175 7.18 -21.84 15.48
C ARG D 175 5.94 -21.24 14.82
N GLN D 176 6.07 -20.01 14.32
CA GLN D 176 4.93 -19.35 13.69
C GLN D 176 4.51 -20.08 12.41
N ALA D 177 5.48 -20.60 11.65
CA ALA D 177 5.14 -21.33 10.43
C ALA D 177 4.36 -22.60 10.73
N VAL D 178 4.76 -23.33 11.76
CA VAL D 178 4.00 -24.52 12.13
C VAL D 178 2.61 -24.14 12.58
N ARG D 179 2.50 -23.07 13.38
CA ARG D 179 1.18 -22.64 13.82
C ARG D 179 0.31 -22.17 12.66
N GLN D 180 0.92 -21.58 11.63
CA GLN D 180 0.16 -21.13 10.47
C GLN D 180 -0.29 -22.31 9.62
N ARG D 181 0.53 -23.36 9.54
CA ARG D 181 0.08 -24.58 8.89
C ARG D 181 -1.09 -25.19 9.64
N TYR D 182 -1.04 -25.17 10.97
CA TYR D 182 -2.19 -25.64 11.74
C TYR D 182 -3.43 -24.78 11.48
N LYS D 183 -3.24 -23.47 11.39
CA LYS D 183 -4.37 -22.57 11.18
C LYS D 183 -5.05 -22.81 9.83
N ASP D 184 -4.29 -23.29 8.84
CA ASP D 184 -4.84 -23.52 7.50
C ASP D 184 -5.36 -24.93 7.31
N GLY D 185 -5.35 -25.77 8.35
CA GLY D 185 -5.98 -27.07 8.28
C GLY D 185 -5.12 -28.18 7.70
N SER D 186 -3.91 -28.34 8.22
CA SER D 186 -3.00 -29.38 7.76
C SER D 186 -3.11 -30.62 8.65
N ASP D 187 -2.66 -31.75 8.11
CA ASP D 187 -2.60 -33.00 8.85
C ASP D 187 -1.18 -33.45 9.15
N VAL D 188 -0.18 -32.89 8.48
CA VAL D 188 1.21 -33.32 8.63
C VAL D 188 2.09 -32.15 8.19
N ILE D 189 3.35 -32.17 8.63
CA ILE D 189 4.28 -31.10 8.29
C ILE D 189 5.36 -31.58 7.35
N ILE D 191 9.08 -30.26 5.47
CA ILE D 191 10.15 -29.28 5.34
C ILE D 191 11.17 -29.77 4.32
N THR D 192 11.87 -28.83 3.68
CA THR D 192 12.92 -29.15 2.73
C THR D 192 14.26 -28.87 3.39
N ALA D 193 14.96 -29.92 3.80
CA ALA D 193 16.19 -29.75 4.56
C ALA D 193 17.35 -29.35 3.65
N THR D 194 17.34 -29.81 2.40
CA THR D 194 18.38 -29.51 1.45
C THR D 194 17.77 -28.94 0.17
N GLY D 195 18.60 -28.78 -0.85
CA GLY D 195 18.13 -28.35 -2.15
C GLY D 195 17.45 -29.48 -2.90
N GLY D 196 16.85 -29.12 -4.04
CA GLY D 196 16.10 -30.08 -4.81
C GLY D 196 16.51 -30.18 -6.26
N VAL D 197 15.76 -30.96 -7.04
CA VAL D 197 16.06 -31.18 -8.45
C VAL D 197 15.19 -30.31 -9.34
N LEU D 198 13.90 -30.16 -9.00
CA LEU D 198 12.93 -29.52 -9.89
C LEU D 198 12.67 -28.06 -9.54
N SER D 199 13.44 -27.47 -8.63
CA SER D 199 13.29 -26.07 -8.28
C SER D 199 14.18 -25.20 -9.16
N TYR D 200 13.76 -23.95 -9.31
CA TYR D 200 14.51 -22.98 -10.13
C TYR D 200 15.60 -22.30 -9.29
N ALA D 201 16.51 -23.13 -8.79
CA ALA D 201 17.62 -22.69 -7.97
C ALA D 201 18.89 -23.40 -8.44
N LYS D 202 20.02 -22.99 -7.86
CA LYS D 202 21.32 -23.48 -8.29
C LYS D 202 21.69 -24.81 -7.66
N SER D 203 21.59 -24.91 -6.34
CA SER D 203 22.08 -26.08 -5.62
C SER D 203 21.06 -27.21 -5.63
N GLY D 204 21.55 -28.41 -5.35
CA GLY D 204 20.70 -29.58 -5.32
C GLY D 204 20.77 -30.40 -4.04
N ASP D 205 21.86 -30.25 -3.27
CA ASP D 205 22.03 -31.07 -2.07
C ASP D 205 22.64 -30.31 -0.88
N ALA D 206 22.80 -29.00 -0.96
CA ALA D 206 23.44 -28.28 0.14
C ALA D 206 22.48 -28.15 1.33
N PRO D 207 23.03 -28.10 2.54
CA PRO D 207 22.17 -27.99 3.73
C PRO D 207 21.53 -26.61 3.82
N GLN D 208 20.21 -26.59 3.99
CA GLN D 208 19.45 -25.35 4.01
C GLN D 208 18.69 -25.15 5.32
N PHE D 209 18.90 -26.00 6.31
CA PHE D 209 18.31 -25.86 7.63
C PHE D 209 19.40 -26.01 8.67
N THR D 210 19.27 -25.31 9.78
CA THR D 210 20.14 -25.55 10.93
C THR D 210 19.46 -26.52 11.89
N VAL D 211 20.25 -27.08 12.79
CA VAL D 211 19.70 -28.06 13.73
C VAL D 211 18.68 -27.41 14.65
N ASP D 212 18.93 -26.17 15.08
CA ASP D 212 18.01 -25.50 16.00
C ASP D 212 16.67 -25.23 15.34
N GLU D 213 16.67 -24.82 14.06
CA GLU D 213 15.40 -24.57 13.37
C GLU D 213 14.60 -25.86 13.22
N VAL D 214 15.26 -26.96 12.88
CA VAL D 214 14.58 -28.24 12.79
C VAL D 214 14.01 -28.64 14.14
N LYS D 215 14.79 -28.43 15.21
CA LYS D 215 14.31 -28.75 16.55
C LYS D 215 13.07 -27.94 16.90
N ALA D 216 13.08 -26.65 16.58
CA ALA D 216 11.92 -25.80 16.87
C ALA D 216 10.69 -26.29 16.10
N ILE D 217 10.88 -26.61 14.81
CA ILE D 217 9.75 -27.11 14.03
C ILE D 217 9.20 -28.39 14.64
N VAL D 218 10.08 -29.31 15.02
CA VAL D 218 9.63 -30.59 15.56
C VAL D 218 8.91 -30.41 16.89
N ASP D 219 9.44 -29.54 17.75
CA ASP D 219 8.77 -29.30 19.03
C ASP D 219 7.39 -28.70 18.84
N THR D 220 7.28 -27.70 17.96
CA THR D 220 5.98 -27.08 17.71
C THR D 220 5.00 -28.10 17.13
N ALA D 221 5.47 -28.94 16.20
CA ALA D 221 4.61 -29.98 15.64
C ALA D 221 4.17 -30.97 16.72
N ASN D 222 5.07 -31.30 17.65
CA ASN D 222 4.70 -32.18 18.75
C ASN D 222 3.60 -31.58 19.60
N ASP D 223 3.64 -30.26 19.81
CA ASP D 223 2.57 -29.62 20.59
C ASP D 223 1.22 -29.77 19.91
N TYR D 224 1.18 -29.84 18.58
CA TYR D 224 -0.06 -29.84 17.83
C TYR D 224 -0.45 -31.21 17.28
N GLY D 225 0.25 -32.27 17.69
CA GLY D 225 -0.09 -33.60 17.25
C GLY D 225 0.28 -33.92 15.82
N TYR D 226 1.32 -33.31 15.27
CA TYR D 226 1.71 -33.52 13.89
C TYR D 226 2.96 -34.41 13.80
N LYS D 227 3.18 -34.95 12.61
CA LYS D 227 4.42 -35.60 12.24
C LYS D 227 5.15 -34.72 11.25
N VAL D 228 6.46 -34.88 11.17
CA VAL D 228 7.31 -34.07 10.29
C VAL D 228 8.00 -34.99 9.29
N ALA D 229 7.88 -34.66 8.02
CA ALA D 229 8.58 -35.34 6.94
C ALA D 229 9.57 -34.36 6.31
N ALA D 230 10.79 -34.84 6.06
CA ALA D 230 11.87 -33.98 5.59
C ALA D 230 12.32 -34.41 4.20
N HIS D 231 12.39 -33.44 3.29
CA HIS D 231 12.98 -33.65 1.98
C HIS D 231 14.48 -33.41 2.07
N ALA D 232 15.28 -34.41 1.70
CA ALA D 232 16.72 -34.30 1.83
C ALA D 232 17.41 -35.14 0.77
N HIS D 233 18.35 -34.53 0.07
CA HIS D 233 19.21 -35.21 -0.90
C HIS D 233 20.64 -35.36 -0.41
N GLY D 234 21.24 -34.29 0.14
CA GLY D 234 22.61 -34.35 0.60
C GLY D 234 22.76 -34.94 1.99
N THR D 235 24.02 -35.24 2.33
CA THR D 235 24.30 -35.94 3.58
C THR D 235 24.14 -35.04 4.80
N GLU D 236 24.65 -33.80 4.74
CA GLU D 236 24.65 -32.93 5.90
C GLU D 236 23.23 -32.53 6.29
N GLY D 237 22.40 -32.18 5.30
CA GLY D 237 21.02 -31.82 5.60
C GLY D 237 20.23 -32.99 6.15
N MET D 238 20.47 -34.19 5.60
CA MET D 238 19.82 -35.39 6.13
C MET D 238 20.23 -35.65 7.57
N LYS D 239 21.52 -35.47 7.87
CA LYS D 239 22.00 -35.64 9.24
C LYS D 239 21.34 -34.64 10.17
N ARG D 240 21.25 -33.38 9.76
CA ARG D 240 20.62 -32.36 10.60
C ARG D 240 19.15 -32.68 10.82
N ALA D 241 18.44 -33.12 9.78
CA ALA D 241 17.04 -33.48 9.93
C ALA D 241 16.87 -34.66 10.90
N ILE D 242 17.72 -35.67 10.78
CA ILE D 242 17.63 -36.81 11.68
C ILE D 242 17.90 -36.38 13.12
N LEU D 243 18.92 -35.55 13.33
CA LEU D 243 19.24 -35.10 14.68
C LEU D 243 18.13 -34.22 15.25
N GLY D 244 17.46 -33.44 14.40
CA GLY D 244 16.37 -32.61 14.86
C GLY D 244 15.18 -33.41 15.36
N GLY D 245 14.93 -34.57 14.77
CA GLY D 245 13.87 -35.44 15.25
C GLY D 245 12.69 -35.61 14.31
N VAL D 246 12.94 -35.60 13.00
CA VAL D 246 11.88 -35.78 12.02
C VAL D 246 11.44 -37.24 12.03
N THR D 247 10.30 -37.53 11.41
CA THR D 247 9.74 -38.87 11.40
C THR D 247 10.22 -39.71 10.21
N SER D 248 10.44 -39.08 9.06
CA SER D 248 10.83 -39.83 7.87
C SER D 248 11.66 -38.95 6.95
N ILE D 249 12.42 -39.61 6.08
CA ILE D 249 13.26 -38.97 5.07
C ILE D 249 12.77 -39.43 3.70
N GLU D 250 12.80 -38.52 2.73
CA GLU D 250 12.12 -38.73 1.45
C GLU D 250 13.04 -39.10 0.29
N HIS D 251 14.17 -38.40 0.12
CA HIS D 251 15.00 -38.71 -1.07
C HIS D 251 16.47 -38.82 -0.64
N GLY D 252 16.77 -39.74 0.28
CA GLY D 252 18.12 -39.86 0.80
C GLY D 252 19.09 -40.37 -0.25
N THR D 253 19.22 -39.61 -1.33
CA THR D 253 20.03 -40.02 -2.47
C THR D 253 21.48 -40.29 -2.07
N TYR D 254 22.02 -39.48 -1.18
CA TYR D 254 23.43 -39.56 -0.79
C TYR D 254 23.58 -40.04 0.64
N MET D 255 22.79 -41.04 1.01
CA MET D 255 22.93 -41.68 2.31
C MET D 255 24.28 -42.38 2.42
N THR D 256 24.93 -42.23 3.57
CA THR D 256 26.19 -42.91 3.86
C THR D 256 26.00 -43.87 5.03
N ASP D 257 27.10 -44.51 5.43
CA ASP D 257 27.04 -45.46 6.54
C ASP D 257 26.67 -44.76 7.84
N GLU D 258 27.23 -43.58 8.10
CA GLU D 258 26.92 -42.87 9.33
C GLU D 258 25.46 -42.43 9.36
N VAL D 259 24.93 -41.98 8.22
CA VAL D 259 23.53 -41.58 8.15
C VAL D 259 22.63 -42.78 8.42
N MET D 260 22.97 -43.94 7.85
CA MET D 260 22.18 -45.14 8.10
C MET D 260 22.24 -45.55 9.57
N ARG D 261 23.42 -45.44 10.18
CA ARG D 261 23.55 -45.75 11.60
C ARG D 261 22.67 -44.83 12.45
N LEU D 262 22.68 -43.53 12.14
CA LEU D 262 21.81 -42.61 12.87
C LEU D 262 20.33 -42.94 12.66
N MET D 263 19.95 -43.26 11.42
CA MET D 263 18.57 -43.61 11.15
C MET D 263 18.15 -44.83 11.95
N LYS D 264 18.98 -45.86 11.99
CA LYS D 264 18.65 -47.05 12.77
C LYS D 264 18.58 -46.73 14.26
N GLN D 265 19.50 -45.91 14.76
CA GLN D 265 19.49 -45.58 16.18
C GLN D 265 18.22 -44.83 16.57
N HIS D 266 17.77 -43.91 15.73
CA HIS D 266 16.64 -43.05 16.06
C HIS D 266 15.29 -43.61 15.63
N GLY D 267 15.28 -44.63 14.78
CA GLY D 267 14.02 -45.18 14.30
C GLY D 267 13.35 -44.39 13.20
N THR D 268 14.12 -43.63 12.43
CA THR D 268 13.55 -42.84 11.34
C THR D 268 13.14 -43.73 10.18
N TRP D 269 12.03 -43.37 9.53
CA TRP D 269 11.55 -44.08 8.36
C TRP D 269 12.19 -43.53 7.10
N TYR D 270 12.31 -44.39 6.08
CA TYR D 270 12.88 -44.02 4.80
C TYR D 270 11.89 -44.31 3.68
N VAL D 271 11.60 -43.31 2.86
CA VAL D 271 10.68 -43.43 1.74
C VAL D 271 11.46 -43.17 0.45
N PRO D 272 11.78 -44.20 -0.34
CA PRO D 272 12.70 -44.00 -1.47
C PRO D 272 12.18 -43.10 -2.59
N THR D 273 11.00 -43.40 -3.12
CA THR D 273 10.45 -42.70 -4.29
C THR D 273 11.34 -42.95 -5.52
N ILE D 274 11.46 -44.23 -5.87
CA ILE D 274 12.29 -44.62 -7.01
C ILE D 274 11.69 -44.14 -8.32
N SER D 275 10.35 -44.14 -8.41
CA SER D 275 9.69 -43.79 -9.67
C SER D 275 10.07 -42.40 -10.13
N ALA D 276 10.09 -41.43 -9.21
CA ALA D 276 10.42 -40.06 -9.58
C ALA D 276 11.86 -39.96 -10.09
N GLY D 277 12.78 -40.67 -9.44
CA GLY D 277 14.16 -40.67 -9.92
C GLY D 277 14.28 -41.21 -11.32
N ARG D 278 13.64 -42.35 -11.58
CA ARG D 278 13.68 -42.91 -12.94
C ARG D 278 13.05 -41.95 -13.94
N PHE D 279 11.92 -41.32 -13.58
CA PHE D 279 11.24 -40.42 -14.50
C PHE D 279 12.12 -39.22 -14.85
N VAL D 280 12.73 -38.60 -13.85
CA VAL D 280 13.55 -37.41 -14.13
C VAL D 280 14.80 -37.81 -14.91
N ALA D 281 15.38 -38.97 -14.59
CA ALA D 281 16.54 -39.42 -15.35
C ALA D 281 16.18 -39.62 -16.82
N GLU D 282 15.01 -40.22 -17.08
CA GLU D 282 14.59 -40.43 -18.47
C GLU D 282 14.32 -39.12 -19.18
N LYS D 283 13.65 -38.17 -18.50
CA LYS D 283 13.30 -36.91 -19.14
C LYS D 283 14.49 -35.98 -19.32
N ALA D 284 15.56 -36.16 -18.55
CA ALA D 284 16.73 -35.29 -18.71
C ALA D 284 17.37 -35.45 -20.08
N LYS D 285 17.22 -36.63 -20.70
CA LYS D 285 17.83 -36.86 -22.01
C LYS D 285 17.10 -36.10 -23.12
N ILE D 286 15.83 -35.77 -22.93
CA ILE D 286 15.07 -35.03 -23.93
C ILE D 286 15.50 -33.57 -23.90
N ASP D 287 15.76 -33.00 -25.08
CA ASP D 287 16.27 -31.64 -25.18
C ASP D 287 15.13 -30.64 -25.05
N GLY D 288 15.29 -29.68 -24.13
CA GLY D 288 14.31 -28.65 -23.91
C GLY D 288 13.20 -29.00 -22.94
N TYR D 289 13.13 -30.25 -22.46
CA TYR D 289 12.08 -30.63 -21.52
C TYR D 289 12.23 -29.88 -20.20
N PHE D 290 13.45 -29.78 -19.69
CA PHE D 290 13.73 -29.06 -18.46
C PHE D 290 14.45 -27.75 -18.75
N PRO D 291 14.34 -26.76 -17.85
CA PRO D 291 15.16 -25.57 -17.98
C PRO D 291 16.64 -25.92 -17.78
N GLU D 292 17.50 -25.08 -18.37
CA GLU D 292 18.94 -25.37 -18.33
C GLU D 292 19.48 -25.42 -16.91
N VAL D 293 18.85 -24.73 -15.96
CA VAL D 293 19.29 -24.78 -14.57
C VAL D 293 18.78 -26.02 -13.85
N VAL D 294 17.84 -26.76 -14.44
CA VAL D 294 17.30 -27.96 -13.82
C VAL D 294 17.87 -29.24 -14.43
N ARG D 295 18.26 -29.22 -15.70
CA ARG D 295 18.64 -30.47 -16.38
C ARG D 295 19.86 -31.13 -15.74
N PRO D 296 20.97 -30.44 -15.48
CA PRO D 296 22.12 -31.12 -14.86
C PRO D 296 21.78 -31.75 -13.52
N LYS D 297 21.00 -31.06 -12.68
CA LYS D 297 20.65 -31.61 -11.38
C LYS D 297 19.84 -32.89 -11.53
N ALA D 298 18.85 -32.89 -12.43
CA ALA D 298 18.05 -34.08 -12.65
C ALA D 298 18.93 -35.22 -13.17
N ALA D 299 19.77 -34.94 -14.15
CA ALA D 299 20.63 -35.97 -14.71
C ALA D 299 21.53 -36.59 -13.66
N ARG D 300 22.08 -35.75 -12.78
CA ARG D 300 23.01 -36.26 -11.77
C ARG D 300 22.30 -36.99 -10.63
N ILE D 301 21.12 -36.55 -10.24
CA ILE D 301 20.50 -37.09 -9.02
C ILE D 301 19.54 -38.22 -9.30
N GLY D 302 18.95 -38.29 -10.50
CA GLY D 302 17.99 -39.35 -10.75
C GLY D 302 18.58 -40.73 -10.96
N ALA D 303 19.90 -40.82 -11.10
CA ALA D 303 20.58 -42.08 -11.38
C ALA D 303 21.15 -42.74 -10.14
N GLN D 304 20.81 -42.26 -8.94
CA GLN D 304 21.38 -42.78 -7.70
C GLN D 304 20.31 -42.99 -6.64
N ILE D 305 19.18 -43.58 -7.03
CA ILE D 305 18.07 -43.79 -6.12
C ILE D 305 17.84 -45.28 -5.85
N GLN D 306 17.86 -46.10 -6.90
CA GLN D 306 17.69 -47.54 -6.70
C GLN D 306 18.83 -48.12 -5.88
N ASP D 307 20.07 -47.70 -6.15
CA ASP D 307 21.21 -48.18 -5.38
C ASP D 307 21.08 -47.80 -3.91
N THR D 308 20.64 -46.58 -3.64
CA THR D 308 20.45 -46.15 -2.26
C THR D 308 19.39 -47.00 -1.57
N ALA D 309 18.29 -47.30 -2.25
CA ALA D 309 17.25 -48.13 -1.66
C ALA D 309 17.77 -49.53 -1.36
N ALA D 310 18.51 -50.12 -2.31
CA ALA D 310 19.07 -51.45 -2.08
C ALA D 310 20.03 -51.45 -0.90
N LYS D 311 20.90 -50.45 -0.82
CA LYS D 311 21.85 -50.37 0.28
C LYS D 311 21.13 -50.19 1.61
N ALA D 312 20.12 -49.31 1.65
CA ALA D 312 19.38 -49.09 2.89
C ALA D 312 18.66 -50.35 3.34
N TYR D 313 18.05 -51.08 2.41
CA TYR D 313 17.41 -52.33 2.80
C TYR D 313 18.43 -53.34 3.31
N ARG D 314 19.59 -53.43 2.65
CA ARG D 314 20.61 -54.36 3.10
C ARG D 314 21.13 -54.01 4.49
N ASN D 315 21.18 -52.71 4.82
CA ASN D 315 21.74 -52.27 6.08
C ASN D 315 20.73 -52.26 7.23
N GLY D 316 19.47 -52.57 6.98
CA GLY D 316 18.49 -52.67 8.04
C GLY D 316 17.71 -51.43 8.35
N VAL D 317 17.65 -50.46 7.44
CA VAL D 317 16.87 -49.25 7.64
C VAL D 317 15.40 -49.54 7.39
N LYS D 318 14.52 -48.88 8.14
CA LYS D 318 13.09 -49.08 7.96
C LYS D 318 12.62 -48.33 6.71
N ILE D 319 11.88 -49.04 5.85
CA ILE D 319 11.50 -48.54 4.53
C ILE D 319 9.99 -48.54 4.41
N ALA D 320 9.44 -47.44 3.88
CA ALA D 320 8.01 -47.29 3.63
C ALA D 320 7.78 -46.97 2.16
N PHE D 321 6.52 -47.02 1.75
CA PHE D 321 6.13 -46.95 0.34
C PHE D 321 5.77 -45.51 -0.02
N GLY D 322 6.39 -45.00 -1.10
CA GLY D 322 6.08 -43.69 -1.60
C GLY D 322 6.64 -43.53 -2.99
N THR D 323 5.93 -42.78 -3.83
CA THR D 323 6.27 -42.72 -5.25
C THR D 323 6.58 -41.32 -5.75
N ASN D 324 6.07 -40.25 -5.13
CA ASN D 324 6.21 -38.85 -5.64
C ASN D 324 5.49 -38.79 -6.98
N MET D 325 4.20 -39.16 -7.02
CA MET D 325 3.50 -39.28 -8.30
C MET D 325 3.15 -37.93 -8.94
N GLY D 326 3.39 -36.80 -8.28
CA GLY D 326 3.27 -35.55 -8.98
C GLY D 326 4.29 -35.38 -10.10
N VAL D 327 5.39 -36.10 -10.03
CA VAL D 327 6.39 -36.07 -11.10
C VAL D 327 5.98 -37.00 -12.24
N GLY D 328 5.78 -38.27 -11.94
CA GLY D 328 5.28 -39.21 -12.91
C GLY D 328 3.78 -39.06 -13.10
N PRO D 329 3.20 -39.83 -14.01
CA PRO D 329 1.75 -39.71 -14.25
C PRO D 329 0.95 -40.35 -13.13
N HIS D 330 -0.08 -39.64 -12.67
CA HIS D 330 -0.95 -40.16 -11.63
C HIS D 330 -1.69 -41.41 -12.12
N GLY D 331 -1.90 -42.36 -11.22
CA GLY D 331 -2.58 -43.59 -11.54
C GLY D 331 -1.68 -44.74 -11.92
N ASP D 332 -0.36 -44.53 -11.92
CA ASP D 332 0.61 -45.58 -12.21
C ASP D 332 1.52 -45.83 -11.01
N ASN D 333 1.00 -45.63 -9.80
CA ASN D 333 1.78 -45.77 -8.58
C ASN D 333 2.23 -47.19 -8.30
N ALA D 334 1.59 -48.19 -8.91
CA ALA D 334 1.84 -49.59 -8.59
C ALA D 334 3.14 -50.13 -9.15
N ARG D 335 3.82 -49.38 -10.01
CA ARG D 335 5.10 -49.81 -10.54
C ARG D 335 6.23 -49.65 -9.52
N GLU D 336 6.00 -48.89 -8.46
CA GLU D 336 6.99 -48.79 -7.40
C GLU D 336 7.21 -50.13 -6.72
N PHE D 337 6.18 -50.98 -6.67
CA PHE D 337 6.36 -52.33 -6.15
C PHE D 337 7.35 -53.12 -7.00
N ILE D 338 7.21 -53.05 -8.33
CA ILE D 338 8.13 -53.75 -9.21
C ILE D 338 9.54 -53.21 -9.05
N TYR D 339 9.68 -51.89 -8.96
CA TYR D 339 11.01 -51.30 -8.77
C TYR D 339 11.62 -51.76 -7.46
N MET D 340 10.84 -51.77 -6.38
CA MET D 340 11.35 -52.19 -5.08
C MET D 340 11.80 -53.64 -5.12
N VAL D 341 11.01 -54.52 -5.73
CA VAL D 341 11.39 -55.93 -5.82
C VAL D 341 12.66 -56.07 -6.65
N GLU D 342 12.76 -55.33 -7.76
CA GLU D 342 13.96 -55.40 -8.58
C GLU D 342 15.16 -54.80 -7.84
N ALA D 343 14.93 -54.03 -6.79
CA ALA D 343 16.01 -53.48 -5.99
C ALA D 343 16.47 -54.42 -4.88
N GLY D 344 15.90 -55.62 -4.78
CA GLY D 344 16.30 -56.60 -3.79
C GLY D 344 15.34 -56.79 -2.65
N ILE D 345 14.34 -55.93 -2.50
CA ILE D 345 13.38 -56.07 -1.40
C ILE D 345 12.40 -57.19 -1.73
N PRO D 346 12.13 -58.11 -0.81
CA PRO D 346 11.18 -59.20 -1.10
C PRO D 346 9.78 -58.67 -1.34
N ALA D 347 9.01 -59.42 -2.13
CA ALA D 347 7.67 -58.98 -2.50
C ALA D 347 6.77 -58.81 -1.28
N ALA D 348 6.84 -59.74 -0.33
CA ALA D 348 6.02 -59.62 0.87
C ALA D 348 6.39 -58.38 1.67
N THR D 349 7.67 -58.10 1.79
CA THR D 349 8.10 -56.88 2.49
C THR D 349 7.62 -55.64 1.77
N ALA D 350 7.70 -55.64 0.43
CA ALA D 350 7.24 -54.49 -0.33
C ALA D 350 5.75 -54.26 -0.14
N LEU D 351 4.96 -55.35 -0.12
CA LEU D 351 3.53 -55.21 0.09
C LEU D 351 3.23 -54.74 1.52
N GLN D 352 3.98 -55.21 2.50
CA GLN D 352 3.78 -54.77 3.88
C GLN D 352 4.11 -53.30 4.03
N SER D 353 5.13 -52.81 3.32
CA SER D 353 5.55 -51.42 3.46
C SER D 353 4.46 -50.45 3.03
N ALA D 354 3.44 -50.93 2.32
CA ALA D 354 2.36 -50.07 1.84
C ALA D 354 1.06 -50.25 2.61
N THR D 355 0.96 -51.22 3.51
CA THR D 355 -0.29 -51.49 4.22
C THR D 355 -0.18 -51.24 5.71
N VAL D 356 0.72 -51.91 6.42
CA VAL D 356 0.81 -51.81 7.86
C VAL D 356 1.90 -50.83 8.29
N LEU D 357 3.08 -50.92 7.68
CA LEU D 357 4.14 -49.95 7.97
C LEU D 357 3.71 -48.54 7.54
N ALA D 358 2.95 -48.43 6.46
CA ALA D 358 2.42 -47.13 6.06
C ALA D 358 1.48 -46.57 7.11
N ALA D 359 0.62 -47.43 7.68
CA ALA D 359 -0.27 -46.98 8.76
C ALA D 359 0.54 -46.57 9.98
N GLU D 360 1.64 -47.26 10.26
CA GLU D 360 2.51 -46.86 11.35
C GLU D 360 3.11 -45.49 11.09
N VAL D 361 3.56 -45.24 9.86
CA VAL D 361 4.13 -43.94 9.51
C VAL D 361 3.08 -42.85 9.67
N LEU D 362 1.85 -43.12 9.22
CA LEU D 362 0.80 -42.11 9.30
C LEU D 362 0.42 -41.79 10.75
N GLY D 363 0.57 -42.74 11.65
CA GLY D 363 0.16 -42.55 13.02
C GLY D 363 -1.27 -42.94 13.33
N VAL D 364 -1.90 -43.74 12.49
CA VAL D 364 -3.27 -44.19 12.71
C VAL D 364 -3.25 -45.69 12.96
N ASP D 365 -4.33 -46.19 13.57
CA ASP D 365 -4.45 -47.59 13.92
C ASP D 365 -5.76 -48.22 13.47
N ASP D 366 -6.57 -47.51 12.67
CA ASP D 366 -7.85 -48.02 12.20
C ASP D 366 -7.81 -48.48 10.75
N GLN D 367 -6.62 -48.68 10.19
CA GLN D 367 -6.49 -49.14 8.82
C GLN D 367 -5.18 -49.92 8.69
N GLY D 368 -4.95 -50.47 7.51
CA GLY D 368 -3.71 -51.14 7.17
C GLY D 368 -3.78 -52.65 7.15
N ALA D 369 -4.83 -53.25 7.72
CA ALA D 369 -4.95 -54.70 7.72
C ALA D 369 -6.42 -55.08 7.71
N ILE D 370 -6.69 -56.30 7.27
CA ILE D 370 -8.05 -56.84 7.21
C ILE D 370 -8.29 -57.52 8.57
N GLU D 371 -8.73 -56.72 9.54
CA GLU D 371 -8.99 -57.21 10.87
C GLU D 371 -10.31 -56.63 11.37
N THR D 372 -10.92 -57.35 12.31
CA THR D 372 -12.21 -56.92 12.84
C THR D 372 -12.10 -55.54 13.48
N GLY D 373 -13.05 -54.66 13.14
CA GLY D 373 -13.10 -53.33 13.69
C GLY D 373 -12.37 -52.27 12.91
N LYS D 374 -11.64 -52.64 11.86
CA LYS D 374 -10.89 -51.68 11.06
C LYS D 374 -11.71 -51.21 9.86
N ARG D 375 -11.27 -50.10 9.27
CA ARG D 375 -11.94 -49.57 8.09
C ARG D 375 -11.96 -50.61 6.97
N ALA D 376 -13.08 -50.68 6.26
CA ALA D 376 -13.25 -51.65 5.18
C ALA D 376 -12.69 -51.07 3.89
N ASP D 377 -11.36 -51.13 3.78
CA ASP D 377 -10.64 -50.75 2.56
C ASP D 377 -10.00 -52.01 2.01
N ILE D 378 -10.61 -52.58 0.97
CA ILE D 378 -10.21 -53.87 0.42
C ILE D 378 -10.07 -53.77 -1.09
N ILE D 379 -9.03 -54.39 -1.62
CA ILE D 379 -8.79 -54.48 -3.06
C ILE D 379 -8.50 -55.93 -3.42
N ALA D 380 -8.58 -56.24 -4.71
CA ALA D 380 -8.38 -57.61 -5.17
C ALA D 380 -7.81 -57.61 -6.57
N MET D 381 -7.01 -58.63 -6.87
CA MET D 381 -6.40 -58.84 -8.17
C MET D 381 -6.47 -60.32 -8.53
N PRO D 382 -6.51 -60.64 -9.82
CA PRO D 382 -6.63 -62.05 -10.22
C PRO D 382 -5.47 -62.92 -9.78
N GLY D 383 -4.24 -62.41 -9.83
CA GLY D 383 -3.06 -63.19 -9.53
C GLY D 383 -2.68 -63.15 -8.06
N ASP D 384 -1.53 -63.75 -7.77
CA ASP D 384 -0.97 -63.75 -6.42
C ASP D 384 0.21 -62.80 -6.37
N PRO D 385 0.09 -61.63 -5.74
CA PRO D 385 1.19 -60.65 -5.80
C PRO D 385 2.49 -61.14 -5.18
N VAL D 386 2.43 -62.03 -4.19
CA VAL D 386 3.66 -62.51 -3.55
C VAL D 386 4.45 -63.37 -4.52
N ALA D 387 3.78 -64.32 -5.17
CA ALA D 387 4.47 -65.20 -6.12
C ALA D 387 4.98 -64.41 -7.31
N ASP D 388 4.18 -63.49 -7.84
CA ASP D 388 4.55 -62.65 -8.98
C ASP D 388 4.15 -61.22 -8.65
N ILE D 389 5.14 -60.34 -8.51
CA ILE D 389 4.86 -58.95 -8.18
C ILE D 389 4.20 -58.22 -9.33
N ASN D 390 4.32 -58.73 -10.55
CA ASN D 390 3.73 -58.07 -11.71
C ASN D 390 2.21 -58.09 -11.68
N ALA D 391 1.60 -58.87 -10.79
CA ALA D 391 0.14 -58.94 -10.69
C ALA D 391 -0.46 -57.67 -10.11
N VAL D 392 0.35 -56.80 -9.50
CA VAL D 392 -0.20 -55.59 -8.89
C VAL D 392 -0.73 -54.60 -9.91
N LEU D 393 -0.43 -54.78 -11.19
CA LEU D 393 -0.87 -53.87 -12.23
C LEU D 393 -2.28 -54.18 -12.73
N ASN D 394 -2.90 -55.27 -12.28
CA ASN D 394 -4.25 -55.63 -12.69
C ASN D 394 -5.12 -55.67 -11.43
N VAL D 395 -5.66 -54.52 -11.05
CA VAL D 395 -6.57 -54.41 -9.92
C VAL D 395 -7.96 -54.16 -10.47
N ASP D 396 -8.90 -55.06 -10.17
CA ASP D 396 -10.25 -54.97 -10.69
C ASP D 396 -11.32 -54.79 -9.63
N PHE D 397 -10.97 -54.83 -8.36
CA PHE D 397 -11.92 -54.59 -7.27
C PHE D 397 -11.35 -53.55 -6.33
N VAL D 398 -12.14 -52.53 -6.02
CA VAL D 398 -11.74 -51.49 -5.07
C VAL D 398 -12.93 -51.18 -4.17
N MET D 399 -12.67 -51.17 -2.85
CA MET D 399 -13.68 -50.80 -1.86
C MET D 399 -13.05 -49.86 -0.86
N LYS D 400 -13.78 -48.80 -0.51
CA LYS D 400 -13.29 -47.80 0.44
C LYS D 400 -14.42 -47.41 1.37
N ASP D 401 -14.21 -47.63 2.68
CA ASP D 401 -15.20 -47.29 3.69
C ASP D 401 -16.50 -48.07 3.50
N GLY D 402 -16.41 -49.26 2.91
CA GLY D 402 -17.57 -50.08 2.67
C GLY D 402 -18.30 -49.80 1.37
N GLU D 403 -17.86 -48.82 0.59
CA GLU D 403 -18.47 -48.48 -0.69
C GLU D 403 -17.61 -49.04 -1.81
N ILE D 404 -18.26 -49.72 -2.75
CA ILE D 404 -17.55 -50.35 -3.88
C ILE D 404 -17.47 -49.37 -5.03
N PHE D 405 -16.25 -49.09 -5.47
CA PHE D 405 -16.01 -48.19 -6.59
C PHE D 405 -15.65 -48.90 -7.88
N ARG D 406 -15.32 -50.19 -7.81
CA ARG D 406 -14.90 -50.94 -8.99
C ARG D 406 -15.17 -52.41 -8.73
N GLN D 407 -15.58 -53.13 -9.77
CA GLN D 407 -15.93 -54.55 -9.64
C GLN D 407 -15.38 -55.37 -10.80
N PRO E 2 2.33 56.63 16.06
CA PRO E 2 2.18 57.94 15.42
C PRO E 2 3.52 58.62 15.17
N VAL E 3 3.84 58.85 13.89
CA VAL E 3 5.10 59.47 13.50
C VAL E 3 4.84 60.39 12.32
N ALA E 4 5.63 61.46 12.24
CA ALA E 4 5.55 62.41 11.13
C ALA E 4 6.83 62.34 10.32
N LEU E 5 6.71 62.14 9.01
CA LEU E 5 7.85 62.05 8.11
C LEU E 5 7.96 63.35 7.32
N HIS E 6 9.16 63.93 7.31
CA HIS E 6 9.44 65.17 6.61
C HIS E 6 10.36 64.87 5.43
N CYS E 7 9.78 64.79 4.23
CA CYS E 7 10.52 64.51 3.02
C CYS E 7 10.79 65.80 2.26
N GLY E 8 11.97 65.86 1.62
CA GLY E 8 12.28 66.98 0.75
C GLY E 8 11.64 66.92 -0.61
N LYS E 9 11.36 65.71 -1.09
CA LYS E 9 10.68 65.52 -2.37
C LYS E 9 9.79 64.29 -2.27
N LEU E 10 8.64 64.35 -2.92
CA LEU E 10 7.68 63.23 -2.88
C LEU E 10 7.31 62.84 -4.30
N PHE E 11 7.36 61.54 -4.59
CA PHE E 11 7.02 61.02 -5.91
C PHE E 11 5.54 60.69 -5.95
N ASP E 12 4.80 61.38 -6.82
CA ASP E 12 3.38 61.12 -7.03
C ASP E 12 3.26 59.97 -8.03
N ALA E 13 2.93 58.79 -7.52
CA ALA E 13 2.83 57.61 -8.39
C ALA E 13 1.71 57.77 -9.40
N ARG E 14 0.56 58.29 -8.96
CA ARG E 14 -0.59 58.38 -9.85
C ARG E 14 -0.33 59.31 -11.03
N SER E 15 0.31 60.46 -10.77
CA SER E 15 0.64 61.40 -11.84
C SER E 15 2.03 61.18 -12.41
N GLY E 16 2.88 60.43 -11.74
CA GLY E 16 4.22 60.17 -12.24
C GLY E 16 5.15 61.36 -12.18
N ARG E 17 4.95 62.27 -11.23
CA ARG E 17 5.77 63.46 -11.11
C ARG E 17 6.33 63.57 -9.70
N VAL E 18 7.50 64.17 -9.60
CA VAL E 18 8.17 64.37 -8.32
C VAL E 18 7.82 65.76 -7.80
N LEU E 19 7.08 65.81 -6.70
CA LEU E 19 6.63 67.07 -6.12
C LEU E 19 7.69 67.61 -5.17
N GLY E 20 7.36 68.66 -4.42
CA GLY E 20 8.29 69.27 -3.50
C GLY E 20 8.14 68.75 -2.09
N PRO E 21 8.62 69.52 -1.11
CA PRO E 21 8.56 69.07 0.28
C PRO E 21 7.14 68.81 0.74
N HIS E 22 6.96 67.72 1.48
CA HIS E 22 5.68 67.35 2.04
C HIS E 22 5.89 66.75 3.44
N THR E 23 4.80 66.59 4.17
CA THR E 23 4.83 65.96 5.48
C THR E 23 3.76 64.88 5.53
N VAL E 24 4.16 63.67 5.94
CA VAL E 24 3.26 62.52 5.99
C VAL E 24 3.08 62.14 7.45
N VAL E 25 1.84 62.04 7.89
CA VAL E 25 1.49 61.65 9.25
C VAL E 25 0.89 60.26 9.20
N VAL E 26 1.44 59.35 10.02
CA VAL E 26 1.06 57.95 10.01
C VAL E 26 0.47 57.60 11.37
N ARG E 27 -0.75 57.05 11.36
CA ARG E 27 -1.40 56.60 12.58
C ARG E 27 -2.14 55.29 12.30
N ASP E 28 -1.96 54.31 13.19
CA ASP E 28 -2.62 53.01 13.08
C ASP E 28 -2.24 52.29 11.78
N GLY E 29 -1.03 52.51 11.31
CA GLY E 29 -0.55 51.80 10.13
C GLY E 29 -1.08 52.30 8.82
N ARG E 30 -1.72 53.47 8.79
CA ARG E 30 -2.27 54.03 7.57
C ARG E 30 -1.90 55.51 7.49
N ILE E 31 -1.87 56.03 6.26
CA ILE E 31 -1.59 57.45 6.08
C ILE E 31 -2.80 58.26 6.52
N ASP E 32 -2.58 59.16 7.47
CA ASP E 32 -3.67 59.96 8.03
C ASP E 32 -3.72 61.38 7.45
N GLN E 33 -2.59 61.98 7.15
CA GLN E 33 -2.57 63.34 6.66
C GLN E 33 -1.36 63.55 5.76
N LEU E 34 -1.54 64.37 4.73
CA LEU E 34 -0.48 64.71 3.79
C LEU E 34 -0.48 66.22 3.60
N ILE E 35 0.52 66.89 4.15
CA ILE E 35 0.60 68.35 4.18
C ILE E 35 1.75 68.80 3.27
N SER E 36 1.47 69.76 2.41
CA SER E 36 2.47 70.32 1.51
C SER E 36 3.06 71.58 2.14
N GLY E 37 4.38 71.61 2.28
CA GLY E 37 5.06 72.75 2.86
C GLY E 37 6.35 72.38 3.57
N LEU E 45 4.20 64.57 18.68
CA LEU E 45 4.37 63.63 17.58
C LEU E 45 5.85 63.37 17.30
N ALA E 46 6.19 62.11 17.05
CA ALA E 46 7.54 61.77 16.64
C ALA E 46 7.81 62.29 15.22
N ALA E 47 9.09 62.48 14.91
CA ALA E 47 9.49 63.00 13.62
C ALA E 47 10.73 62.28 13.13
N VAL E 48 10.79 62.04 11.83
CA VAL E 48 11.94 61.45 11.16
C VAL E 48 12.47 62.45 10.14
N ASP E 49 13.78 62.71 10.20
CA ASP E 49 14.40 63.72 9.35
C ASP E 49 14.75 63.09 8.01
N LEU E 50 13.92 63.32 7.00
CA LEU E 50 14.15 62.84 5.64
C LEU E 50 14.25 63.99 4.64
N ARG E 51 14.44 65.23 5.13
CA ARG E 51 14.39 66.41 4.29
C ARG E 51 15.46 66.44 3.20
N ASN E 52 16.40 65.49 3.19
CA ASN E 52 17.41 65.41 2.14
C ASN E 52 17.25 64.12 1.33
N ARG E 53 16.01 63.63 1.21
CA ARG E 53 15.72 62.39 0.51
C ARG E 53 14.46 62.56 -0.32
N THR E 54 14.23 61.60 -1.21
CA THR E 54 13.01 61.50 -1.99
C THR E 54 12.20 60.33 -1.48
N CYS E 55 10.95 60.59 -1.10
CA CYS E 55 10.07 59.56 -0.56
C CYS E 55 9.17 59.02 -1.66
N LEU E 56 9.11 57.70 -1.77
CA LEU E 56 8.29 56.99 -2.74
C LEU E 56 7.48 55.93 -2.02
N PRO E 57 6.39 55.46 -2.63
CA PRO E 57 5.68 54.30 -2.08
C PRO E 57 6.55 53.05 -2.16
N GLY E 58 6.28 52.12 -1.24
CA GLY E 58 7.01 50.86 -1.26
C GLY E 58 6.79 50.12 -2.56
N TRP E 59 7.85 49.46 -3.03
CA TRP E 59 7.80 48.77 -4.31
C TRP E 59 7.17 47.39 -4.16
N THR E 60 6.63 46.89 -5.27
CA THR E 60 6.04 45.56 -5.34
C THR E 60 6.71 44.78 -6.45
N ASP E 61 7.21 43.58 -6.12
CA ASP E 61 7.78 42.67 -7.11
C ASP E 61 6.76 41.58 -7.40
N LEU E 62 6.34 41.48 -8.66
CA LEU E 62 5.24 40.60 -9.04
C LEU E 62 5.70 39.21 -9.45
N HIS E 63 6.99 38.91 -9.35
CA HIS E 63 7.46 37.56 -9.68
C HIS E 63 8.74 37.29 -8.88
N VAL E 64 8.60 36.53 -7.80
CA VAL E 64 9.72 36.09 -6.98
C VAL E 64 9.49 34.64 -6.58
N HIS E 65 10.57 33.99 -6.16
CA HIS E 65 10.53 32.64 -5.61
C HIS E 65 11.37 32.67 -4.33
N LEU E 66 10.73 33.01 -3.22
CA LEU E 66 11.44 33.22 -1.96
C LEU E 66 11.90 31.94 -1.30
N GLY E 67 11.47 30.79 -1.79
CA GLY E 67 11.86 29.51 -1.21
C GLY E 67 13.09 28.87 -1.82
N ASP E 68 13.74 29.58 -2.72
CA ASP E 68 14.89 28.97 -3.42
C ASP E 68 15.82 30.01 -4.00
N GLU E 69 17.02 29.58 -4.36
CA GLU E 69 17.98 30.44 -5.05
C GLU E 69 18.89 29.57 -5.91
N SER E 70 19.21 30.07 -7.10
CA SER E 70 20.02 29.30 -8.03
C SER E 70 21.46 29.19 -7.54
N SER E 71 22.06 28.01 -7.74
CA SER E 71 23.43 27.75 -7.35
C SER E 71 23.94 26.55 -8.13
N PRO E 72 25.24 26.30 -8.11
CA PRO E 72 25.78 25.14 -8.85
C PRO E 72 25.26 23.80 -8.36
N GLN E 73 24.77 23.71 -7.13
CA GLN E 73 24.31 22.45 -6.57
C GLN E 73 22.78 22.35 -6.54
N SER E 74 22.08 23.24 -7.22
CA SER E 74 20.63 23.30 -7.11
C SER E 74 19.93 22.12 -7.77
N TYR E 75 20.63 21.37 -8.63
CA TYR E 75 20.01 20.25 -9.33
C TYR E 75 20.26 18.91 -8.64
N SER E 76 20.96 18.89 -7.51
CA SER E 76 21.12 17.70 -6.71
C SER E 76 20.72 17.88 -5.26
N GLU E 77 20.39 19.10 -4.84
CA GLU E 77 19.99 19.36 -3.46
C GLU E 77 18.58 18.90 -3.16
N GLY E 78 17.71 18.77 -4.17
CA GLY E 78 16.34 18.40 -3.91
C GLY E 78 16.18 16.97 -3.43
N PHE E 79 17.14 16.12 -3.73
CA PHE E 79 17.08 14.73 -3.32
C PHE E 79 17.71 14.47 -1.95
N ARG E 80 18.39 15.46 -1.37
CA ARG E 80 19.05 15.30 -0.09
C ARG E 80 18.57 16.25 0.99
N LEU E 81 17.94 17.36 0.64
CA LEU E 81 17.46 18.34 1.61
C LEU E 81 15.95 18.27 1.72
N ASP E 82 15.44 18.81 2.82
CA ASP E 82 14.02 18.87 3.13
C ASP E 82 13.55 20.32 3.09
N PRO E 83 12.25 20.54 2.94
CA PRO E 83 11.75 21.94 2.94
C PRO E 83 12.08 22.70 4.21
N ILE E 84 12.21 22.00 5.33
CA ILE E 84 12.60 22.65 6.58
C ILE E 84 13.98 23.28 6.43
N ASP E 85 14.86 22.65 5.67
CA ASP E 85 16.17 23.24 5.40
C ASP E 85 16.07 24.49 4.54
N PHE E 86 15.10 24.52 3.62
CA PHE E 86 14.92 25.69 2.76
C PHE E 86 14.27 26.86 3.49
N ALA E 87 13.48 26.58 4.53
CA ALA E 87 12.87 27.67 5.29
C ALA E 87 13.93 28.54 5.97
N TYR E 88 14.97 27.92 6.51
CA TYR E 88 16.01 28.68 7.20
C TYR E 88 16.77 29.60 6.25
N ARG E 89 16.87 29.22 4.97
CA ARG E 89 17.42 30.13 3.97
C ARG E 89 16.40 31.20 3.57
N SER E 90 15.13 30.82 3.47
CA SER E 90 14.10 31.79 3.11
C SER E 90 14.02 32.92 4.13
N VAL E 91 14.38 32.65 5.38
CA VAL E 91 14.40 33.71 6.38
C VAL E 91 15.29 34.87 5.90
N GLY E 92 16.54 34.56 5.56
CA GLY E 92 17.44 35.58 5.07
C GLY E 92 17.02 36.14 3.73
N TYR E 93 16.50 35.30 2.85
CA TYR E 93 16.00 35.78 1.57
C TYR E 93 14.97 36.88 1.77
N ALA E 94 13.97 36.61 2.62
CA ALA E 94 12.90 37.57 2.86
C ALA E 94 13.42 38.83 3.51
N GLU E 95 14.33 38.71 4.48
CA GLU E 95 14.86 39.90 5.12
C GLU E 95 15.59 40.78 4.11
N ARG E 96 16.43 40.17 3.28
CA ARG E 96 17.18 40.94 2.30
C ARG E 96 16.25 41.58 1.27
N THR E 97 15.18 40.88 0.88
CA THR E 97 14.23 41.47 -0.04
C THR E 97 13.53 42.68 0.60
N LEU E 98 13.10 42.56 1.85
CA LEU E 98 12.39 43.67 2.49
C LEU E 98 13.31 44.88 2.67
N LEU E 99 14.55 44.65 3.11
CA LEU E 99 15.43 45.78 3.39
C LEU E 99 15.87 46.53 2.13
N ALA E 100 15.63 45.97 0.95
CA ALA E 100 15.99 46.64 -0.29
C ALA E 100 14.92 47.61 -0.79
N GLY E 101 13.77 47.65 -0.14
CA GLY E 101 12.73 48.59 -0.50
C GLY E 101 11.45 47.97 -1.04
N PHE E 102 11.34 46.65 -1.06
CA PHE E 102 10.17 45.96 -1.61
C PHE E 102 9.29 45.50 -0.45
N THR E 103 8.21 46.25 -0.18
CA THR E 103 7.34 45.97 0.94
C THR E 103 6.30 44.91 0.65
N SER E 104 6.13 44.50 -0.61
CA SER E 104 5.21 43.43 -0.97
C SER E 104 5.73 42.72 -2.20
N VAL E 105 5.38 41.44 -2.32
CA VAL E 105 5.79 40.61 -3.45
C VAL E 105 4.65 39.66 -3.81
N ARG E 106 4.75 39.11 -5.02
CA ARG E 106 3.85 38.05 -5.47
C ARG E 106 4.68 36.81 -5.73
N ASP E 107 4.54 35.81 -4.87
CA ASP E 107 5.28 34.56 -5.01
C ASP E 107 4.55 33.64 -5.97
N LEU E 108 5.25 33.17 -7.00
CA LEU E 108 4.63 32.47 -8.11
C LEU E 108 5.17 31.04 -8.25
N GLY E 109 5.27 30.33 -7.13
CA GLY E 109 5.66 28.94 -7.19
C GLY E 109 6.48 28.47 -5.99
N GLY E 110 6.10 27.32 -5.42
CA GLY E 110 6.77 26.79 -4.26
C GLY E 110 5.87 26.61 -3.07
N GLU E 111 6.03 25.51 -2.34
CA GLU E 111 5.19 25.22 -1.19
C GLU E 111 5.73 25.78 0.12
N VAL E 112 6.89 26.44 0.09
CA VAL E 112 7.46 27.01 1.30
C VAL E 112 6.92 28.42 1.56
N SER E 113 6.40 29.08 0.52
CA SER E 113 6.05 30.50 0.59
C SER E 113 4.82 30.77 1.42
N PRO E 114 3.77 29.94 1.37
CA PRO E 114 2.63 30.18 2.27
C PRO E 114 3.02 30.15 3.74
N HIS E 115 3.90 29.24 4.13
CA HIS E 115 4.34 29.19 5.52
C HIS E 115 5.16 30.41 5.89
N LEU E 116 6.03 30.86 4.98
CA LEU E 116 6.80 32.09 5.22
C LEU E 116 5.87 33.29 5.35
N ARG E 117 4.84 33.35 4.52
CA ARG E 117 3.86 34.42 4.63
C ARG E 117 3.16 34.40 5.97
N ASP E 118 2.74 33.22 6.43
CA ASP E 118 2.10 33.13 7.74
C ASP E 118 3.05 33.58 8.85
N ALA E 119 4.31 33.14 8.79
CA ALA E 119 5.28 33.52 9.82
C ALA E 119 5.53 35.03 9.82
N VAL E 120 5.62 35.64 8.63
CA VAL E 120 5.85 37.07 8.54
C VAL E 120 4.64 37.84 9.05
N ASN E 121 3.44 37.36 8.75
CA ASN E 121 2.24 38.03 9.22
C ASN E 121 2.10 37.94 10.73
N GLN E 122 2.54 36.82 11.31
CA GLN E 122 2.48 36.68 12.77
C GLN E 122 3.58 37.44 13.48
N GLY E 123 4.52 38.04 12.75
CA GLY E 123 5.60 38.79 13.36
C GLY E 123 6.79 37.96 13.79
N LEU E 124 6.86 36.70 13.40
CA LEU E 124 7.98 35.85 13.82
C LEU E 124 9.27 36.24 13.10
N VAL E 125 9.19 36.56 11.82
CA VAL E 125 10.36 36.90 11.02
C VAL E 125 10.05 38.16 10.22
N LYS E 126 11.12 38.80 9.74
CA LYS E 126 11.00 40.01 8.94
C LYS E 126 10.86 39.66 7.47
N GLY E 127 10.05 40.44 6.75
CA GLY E 127 9.84 40.24 5.34
C GLY E 127 8.76 41.13 4.78
N PRO E 128 8.52 41.03 3.48
CA PRO E 128 7.47 41.82 2.84
C PRO E 128 6.11 41.13 2.95
N ARG E 129 5.09 41.83 2.47
CA ARG E 129 3.76 41.24 2.37
C ARG E 129 3.74 40.28 1.18
N ILE E 130 3.38 39.03 1.42
CA ILE E 130 3.51 37.97 0.43
C ILE E 130 2.12 37.55 -0.04
N PHE E 131 1.94 37.54 -1.36
CA PHE E 131 0.77 36.97 -2.01
C PHE E 131 1.26 35.67 -2.68
N ALA E 132 1.00 34.55 -2.01
CA ALA E 132 1.60 33.28 -2.39
C ALA E 132 0.67 32.48 -3.29
N ALA E 133 1.24 31.88 -4.33
CA ALA E 133 0.51 31.02 -5.25
C ALA E 133 0.49 29.57 -4.83
N GLY E 134 1.51 29.10 -4.13
CA GLY E 134 1.60 27.70 -3.76
C GLY E 134 2.10 26.84 -4.90
N LYS E 135 1.56 25.62 -5.01
CA LYS E 135 2.00 24.72 -6.06
C LYS E 135 1.49 25.20 -7.43
N SER E 136 2.38 25.25 -8.40
CA SER E 136 2.01 25.65 -9.76
C SER E 136 1.34 24.50 -10.49
N ILE E 137 0.44 24.85 -11.40
CA ILE E 137 -0.38 23.87 -12.12
C ILE E 137 0.20 23.65 -13.51
N ALA E 138 0.39 22.39 -13.87
CA ALA E 138 0.96 22.02 -15.17
C ALA E 138 0.22 20.79 -15.68
N THR E 139 0.65 20.32 -16.86
CA THR E 139 0.18 19.07 -17.44
C THR E 139 1.27 18.01 -17.29
N THR E 140 0.95 16.79 -17.68
CA THR E 140 1.91 15.69 -17.56
C THR E 140 3.16 15.98 -18.39
N GLY E 141 4.32 15.95 -17.73
CA GLY E 141 5.55 16.30 -18.38
C GLY E 141 5.79 17.78 -18.56
N GLY E 142 4.93 18.63 -18.00
CA GLY E 142 5.04 20.06 -18.19
C GLY E 142 6.15 20.69 -17.41
N HIS E 143 6.27 22.01 -17.56
CA HIS E 143 7.37 22.74 -16.95
C HIS E 143 7.35 22.65 -15.42
N ALA E 144 6.17 22.50 -14.83
CA ALA E 144 6.03 22.46 -13.38
C ALA E 144 5.75 21.05 -12.87
N ASP E 145 5.95 20.03 -13.70
CA ASP E 145 5.76 18.66 -13.26
C ASP E 145 6.77 18.33 -12.18
N PRO E 146 6.34 17.89 -10.99
CA PRO E 146 7.30 17.70 -9.88
C PRO E 146 8.21 16.48 -10.05
N THR E 147 7.95 15.60 -11.02
CA THR E 147 8.68 14.35 -11.14
C THR E 147 9.46 14.27 -12.45
N ASN E 148 9.70 15.40 -13.11
CA ASN E 148 10.52 15.42 -14.31
C ASN E 148 11.96 15.07 -13.96
N GLY E 149 12.53 14.12 -14.69
CA GLY E 149 13.92 13.75 -14.51
C GLY E 149 14.20 12.64 -13.51
N TRP E 150 13.17 12.12 -12.85
CA TRP E 150 13.37 11.04 -11.89
C TRP E 150 13.54 9.71 -12.62
N ASN E 151 14.25 8.79 -11.98
CA ASN E 151 14.45 7.47 -12.57
C ASN E 151 13.21 6.60 -12.32
N ASP E 152 13.25 5.38 -12.84
CA ASP E 152 12.07 4.52 -12.80
C ASP E 152 11.70 4.14 -11.37
N GLN E 153 12.70 3.89 -10.52
CA GLN E 153 12.42 3.45 -9.15
C GLN E 153 11.65 4.50 -8.38
N LEU E 154 12.14 5.74 -8.37
CA LEU E 154 11.48 6.81 -7.64
C LEU E 154 10.11 7.11 -8.24
N SER E 155 10.02 7.13 -9.57
CA SER E 155 8.74 7.41 -10.22
C SER E 155 7.69 6.36 -9.85
N HIS E 156 8.08 5.09 -9.83
CA HIS E 156 7.14 4.04 -9.44
C HIS E 156 6.80 4.16 -7.96
N LEU E 157 7.77 4.52 -7.12
CA LEU E 157 7.49 4.64 -5.69
C LEU E 157 6.48 5.73 -5.41
N ILE E 158 6.61 6.89 -6.06
CA ILE E 158 5.73 8.01 -5.75
C ILE E 158 4.42 7.97 -6.56
N GLY E 159 4.43 7.35 -7.73
CA GLY E 159 3.24 7.28 -8.55
C GLY E 159 3.06 8.50 -9.43
N PRO E 160 2.15 8.41 -10.39
CA PRO E 160 1.92 9.54 -11.31
C PRO E 160 1.21 10.68 -10.61
N PRO E 161 1.67 11.91 -10.82
CA PRO E 161 1.03 13.06 -10.18
C PRO E 161 -0.37 13.30 -10.71
N GLY E 162 -1.24 13.80 -9.83
CA GLY E 162 -2.60 14.11 -10.19
C GLY E 162 -2.96 15.54 -9.84
N PRO E 163 -4.26 15.86 -9.88
CA PRO E 163 -4.68 17.23 -9.54
C PRO E 163 -4.26 17.67 -8.14
N THR E 164 -4.18 16.75 -7.18
CA THR E 164 -3.75 17.11 -5.83
C THR E 164 -2.32 17.60 -5.84
N GLU E 165 -1.50 17.08 -6.74
CA GLU E 165 -0.11 17.49 -6.87
C GLU E 165 0.10 18.60 -7.90
N GLY E 166 -0.96 19.04 -8.56
CA GLY E 166 -0.87 20.14 -9.51
C GLY E 166 -0.76 19.76 -10.97
N VAL E 167 -0.97 18.49 -11.32
CA VAL E 167 -0.84 18.02 -12.71
C VAL E 167 -2.23 17.66 -13.20
N VAL E 168 -2.68 18.31 -14.26
CA VAL E 168 -4.03 18.16 -14.77
C VAL E 168 -3.98 17.81 -16.26
N ASN E 169 -5.02 17.10 -16.72
CA ASN E 169 -5.09 16.71 -18.13
C ASN E 169 -6.50 16.82 -18.70
N SER E 170 -7.45 17.43 -17.98
CA SER E 170 -8.81 17.58 -18.48
C SER E 170 -9.46 18.76 -17.78
N VAL E 171 -10.71 19.04 -18.15
CA VAL E 171 -11.44 20.17 -17.57
C VAL E 171 -11.74 19.93 -16.10
N ASP E 172 -12.27 18.75 -15.78
CA ASP E 172 -12.61 18.44 -14.39
C ASP E 172 -11.37 18.41 -13.51
N GLU E 173 -10.26 17.90 -14.04
CA GLU E 173 -9.01 17.90 -13.29
C GLU E 173 -8.53 19.32 -13.03
N ALA E 174 -8.67 20.23 -14.00
CA ALA E 174 -8.31 21.63 -13.77
C ALA E 174 -9.17 22.24 -12.68
N ARG E 175 -10.47 21.96 -12.72
CA ARG E 175 -11.36 22.44 -11.66
C ARG E 175 -10.89 21.96 -10.29
N GLN E 176 -10.59 20.66 -10.18
CA GLN E 176 -10.14 20.10 -8.91
C GLN E 176 -8.81 20.70 -8.48
N ALA E 177 -7.91 20.95 -9.43
CA ALA E 177 -6.62 21.54 -9.09
C ALA E 177 -6.77 22.94 -8.52
N VAL E 178 -7.65 23.75 -9.12
CA VAL E 178 -7.88 25.09 -8.59
C VAL E 178 -8.50 24.99 -7.20
N ARG E 179 -9.45 24.08 -7.01
CA ARG E 179 -10.06 23.92 -5.70
C ARG E 179 -9.05 23.43 -4.66
N GLN E 180 -8.08 22.62 -5.08
CA GLN E 180 -7.06 22.13 -4.16
C GLN E 180 -6.07 23.22 -3.80
N ARG E 181 -5.77 24.12 -4.74
CA ARG E 181 -4.97 25.30 -4.41
C ARG E 181 -5.71 26.17 -3.41
N TYR E 182 -7.03 26.33 -3.58
CA TYR E 182 -7.80 27.08 -2.60
C TYR E 182 -7.76 26.40 -1.24
N LYS E 183 -7.86 25.06 -1.22
CA LYS E 183 -7.87 24.33 0.04
C LYS E 183 -6.56 24.48 0.79
N ASP E 184 -5.46 24.69 0.09
CA ASP E 184 -4.15 24.81 0.72
C ASP E 184 -3.78 26.25 1.05
N GLY E 185 -4.66 27.21 0.83
CA GLY E 185 -4.44 28.58 1.26
C GLY E 185 -3.64 29.44 0.32
N SER E 186 -4.04 29.49 -0.94
CA SER E 186 -3.37 30.30 -1.94
C SER E 186 -4.05 31.65 -2.09
N ASP E 187 -3.30 32.61 -2.65
CA ASP E 187 -3.83 33.93 -2.96
C ASP E 187 -3.96 34.19 -4.44
N VAL E 188 -3.30 33.40 -5.28
CA VAL E 188 -3.29 33.61 -6.72
C VAL E 188 -2.98 32.28 -7.39
N ILE E 189 -3.31 32.16 -8.67
CA ILE E 189 -3.08 30.93 -9.41
C ILE E 189 -1.99 31.10 -10.46
N ILE E 191 -0.06 28.97 -13.75
CA ILE E 191 -0.01 27.83 -14.66
C ILE E 191 1.16 28.01 -15.61
N THR E 192 1.69 26.90 -16.12
CA THR E 192 2.76 26.91 -17.11
C THR E 192 2.17 26.51 -18.45
N ALA E 193 1.96 27.50 -19.32
CA ALA E 193 1.29 27.25 -20.59
C ALA E 193 2.21 26.56 -21.59
N THR E 194 3.51 26.82 -21.51
CA THR E 194 4.48 26.24 -22.42
C THR E 194 5.61 25.60 -21.61
N GLY E 195 6.66 25.17 -22.30
CA GLY E 195 7.83 24.63 -21.66
C GLY E 195 8.70 25.74 -21.08
N GLY E 196 9.71 25.31 -20.32
CA GLY E 196 10.56 26.27 -19.64
C GLY E 196 12.04 26.09 -19.92
N VAL E 197 12.87 26.86 -19.22
CA VAL E 197 14.32 26.83 -19.40
C VAL E 197 14.99 25.99 -18.34
N LEU E 198 14.55 26.09 -17.08
CA LEU E 198 15.24 25.49 -15.95
C LEU E 198 14.66 24.15 -15.53
N SER E 199 13.73 23.59 -16.29
CA SER E 199 13.15 22.29 -15.97
C SER E 199 13.95 21.17 -16.64
N TYR E 200 13.88 19.99 -16.04
CA TYR E 200 14.59 18.81 -16.55
C TYR E 200 13.74 18.11 -17.62
N ALA E 201 13.45 18.85 -18.68
CA ALA E 201 12.66 18.36 -19.79
C ALA E 201 13.31 18.80 -21.09
N LYS E 202 12.77 18.30 -22.21
CA LYS E 202 13.37 18.52 -23.52
C LYS E 202 12.97 19.85 -24.13
N SER E 203 11.68 20.15 -24.17
CA SER E 203 11.19 21.32 -24.90
C SER E 203 11.30 22.58 -24.05
N GLY E 204 11.25 23.73 -24.72
CA GLY E 204 11.33 25.00 -24.05
C GLY E 204 10.20 25.97 -24.36
N ASP E 205 9.50 25.76 -25.49
CA ASP E 205 8.46 26.70 -25.89
C ASP E 205 7.22 26.05 -26.49
N ALA E 206 7.10 24.72 -26.46
CA ALA E 206 5.97 24.07 -27.09
C ALA E 206 4.70 24.26 -26.26
N PRO E 207 3.53 24.30 -26.90
CA PRO E 207 2.27 24.50 -26.15
C PRO E 207 1.94 23.25 -25.35
N GLN E 208 1.66 23.46 -24.06
CA GLN E 208 1.39 22.37 -23.12
C GLN E 208 0.02 22.47 -22.46
N PHE E 209 -0.81 23.42 -22.90
CA PHE E 209 -2.17 23.56 -22.42
C PHE E 209 -3.09 23.68 -23.64
N THR E 210 -4.31 23.17 -23.51
CA THR E 210 -5.34 23.44 -24.51
C THR E 210 -6.18 24.62 -24.07
N VAL E 211 -6.93 25.19 -25.01
CA VAL E 211 -7.74 26.36 -24.70
C VAL E 211 -8.82 26.01 -23.69
N ASP E 212 -9.42 24.81 -23.81
CA ASP E 212 -10.49 24.43 -22.89
C ASP E 212 -9.99 24.27 -21.46
N GLU E 213 -8.79 23.70 -21.29
CA GLU E 213 -8.24 23.56 -19.95
C GLU E 213 -7.97 24.92 -19.31
N VAL E 214 -7.41 25.85 -20.09
CA VAL E 214 -7.17 27.20 -19.59
C VAL E 214 -8.48 27.86 -19.22
N LYS E 215 -9.51 27.69 -20.06
CA LYS E 215 -10.82 28.26 -19.76
C LYS E 215 -11.38 27.70 -18.46
N ALA E 216 -11.27 26.39 -18.26
CA ALA E 216 -11.76 25.79 -17.01
C ALA E 216 -11.03 26.34 -15.81
N ILE E 217 -9.70 26.45 -15.90
CA ILE E 217 -8.92 27.00 -14.79
C ILE E 217 -9.37 28.42 -14.49
N VAL E 218 -9.55 29.25 -15.52
CA VAL E 218 -9.90 30.64 -15.31
C VAL E 218 -11.30 30.75 -14.70
N ASP E 219 -12.26 29.95 -15.18
CA ASP E 219 -13.60 29.99 -14.63
C ASP E 219 -13.60 29.60 -13.15
N THR E 220 -12.90 28.50 -12.82
CA THR E 220 -12.84 28.08 -11.44
C THR E 220 -12.18 29.13 -10.55
N ALA E 221 -11.11 29.76 -11.05
CA ALA E 221 -10.47 30.83 -10.29
C ALA E 221 -11.40 32.01 -10.10
N ASN E 222 -12.20 32.32 -11.12
CA ASN E 222 -13.17 33.40 -10.98
C ASN E 222 -14.18 33.10 -9.90
N ASP E 223 -14.60 31.84 -9.78
CA ASP E 223 -15.54 31.49 -8.72
C ASP E 223 -14.96 31.74 -7.34
N TYR E 224 -13.64 31.64 -7.18
CA TYR E 224 -13.00 31.71 -5.88
C TYR E 224 -12.26 33.04 -5.65
N GLY E 225 -12.46 34.02 -6.52
CA GLY E 225 -11.84 35.32 -6.33
C GLY E 225 -10.35 35.37 -6.59
N TYR E 226 -9.84 34.53 -7.48
CA TYR E 226 -8.41 34.49 -7.77
C TYR E 226 -8.09 35.16 -9.10
N LYS E 227 -6.81 35.48 -9.28
CA LYS E 227 -6.27 35.87 -10.57
C LYS E 227 -5.36 34.76 -11.07
N VAL E 228 -5.16 34.70 -12.37
CA VAL E 228 -4.36 33.66 -13.00
C VAL E 228 -3.19 34.30 -13.72
N ALA E 229 -1.98 33.82 -13.43
CA ALA E 229 -0.76 34.23 -14.11
C ALA E 229 -0.23 33.04 -14.89
N ALA E 230 0.18 33.27 -16.14
CA ALA E 230 0.60 32.21 -17.04
C ALA E 230 2.06 32.35 -17.40
N HIS E 231 2.82 31.27 -17.24
CA HIS E 231 4.20 31.19 -17.73
C HIS E 231 4.17 30.75 -19.18
N ALA E 232 4.76 31.54 -20.06
CA ALA E 232 4.72 31.24 -21.49
C ALA E 232 5.95 31.80 -22.19
N HIS E 233 6.61 30.96 -22.96
CA HIS E 233 7.73 31.35 -23.81
C HIS E 233 7.39 31.35 -25.29
N GLY E 234 6.72 30.29 -25.78
CA GLY E 234 6.39 30.20 -27.18
C GLY E 234 5.11 30.96 -27.55
N THR E 235 4.92 31.10 -28.86
CA THR E 235 3.82 31.92 -29.37
C THR E 235 2.46 31.23 -29.19
N GLU E 236 2.37 29.94 -29.52
CA GLU E 236 1.09 29.26 -29.50
C GLU E 236 0.54 29.14 -28.08
N GLY E 237 1.40 28.78 -27.13
CA GLY E 237 0.94 28.68 -25.75
C GLY E 237 0.53 30.04 -25.19
N MET E 238 1.27 31.08 -25.53
CA MET E 238 0.89 32.43 -25.11
C MET E 238 -0.46 32.82 -25.70
N LYS E 239 -0.70 32.49 -26.97
CA LYS E 239 -1.98 32.77 -27.60
C LYS E 239 -3.11 32.03 -26.90
N ARG E 240 -2.90 30.75 -26.60
CA ARG E 240 -3.93 29.98 -25.91
C ARG E 240 -4.21 30.54 -24.53
N ALA E 241 -3.17 30.94 -23.80
CA ALA E 241 -3.37 31.53 -22.48
C ALA E 241 -4.14 32.84 -22.56
N ILE E 242 -3.81 33.68 -23.54
CA ILE E 242 -4.53 34.94 -23.70
C ILE E 242 -5.99 34.69 -24.04
N LEU E 243 -6.25 33.75 -24.95
CA LEU E 243 -7.63 33.44 -25.34
C LEU E 243 -8.40 32.84 -24.17
N GLY E 244 -7.73 32.05 -23.31
CA GLY E 244 -8.41 31.47 -22.17
C GLY E 244 -8.87 32.50 -21.15
N GLY E 245 -8.13 33.60 -21.02
CA GLY E 245 -8.54 34.68 -20.14
C GLY E 245 -7.67 34.91 -18.92
N VAL E 246 -6.37 34.66 -19.04
CA VAL E 246 -5.45 34.87 -17.91
C VAL E 246 -5.27 36.37 -17.70
N THR E 247 -4.71 36.74 -16.55
CA THR E 247 -4.53 38.14 -16.19
C THR E 247 -3.20 38.71 -16.66
N SER E 248 -2.14 37.90 -16.68
CA SER E 248 -0.83 38.40 -17.04
C SER E 248 0.01 37.29 -17.66
N ILE E 249 1.03 37.69 -18.42
CA ILE E 249 1.99 36.80 -19.06
C ILE E 249 3.37 37.12 -18.50
N GLU E 250 4.19 36.09 -18.32
CA GLU E 250 5.43 36.23 -17.55
C GLU E 250 6.70 36.28 -18.39
N HIS E 251 6.84 35.39 -19.38
CA HIS E 251 8.12 35.40 -20.14
C HIS E 251 7.83 35.35 -21.64
N GLY E 252 7.08 36.33 -22.15
CA GLY E 252 6.70 36.31 -23.55
C GLY E 252 7.87 36.52 -24.47
N THR E 253 8.84 35.58 -24.40
CA THR E 253 10.09 35.71 -25.14
C THR E 253 9.85 35.81 -26.64
N TYR E 254 8.88 35.06 -27.16
CA TYR E 254 8.62 34.98 -28.59
C TYR E 254 7.28 35.63 -28.95
N MET E 255 7.01 36.78 -28.34
CA MET E 255 5.84 37.57 -28.70
C MET E 255 5.95 38.05 -30.13
N THR E 256 4.84 37.98 -30.87
CA THR E 256 4.75 38.48 -32.23
C THR E 256 3.73 39.61 -32.30
N ASP E 257 3.53 40.13 -33.50
CA ASP E 257 2.58 41.22 -33.68
C ASP E 257 1.15 40.79 -33.35
N GLU E 258 0.76 39.58 -33.76
CA GLU E 258 -0.59 39.10 -33.48
C GLU E 258 -0.79 38.91 -31.98
N VAL E 259 0.23 38.38 -31.29
CA VAL E 259 0.12 38.21 -29.84
C VAL E 259 -0.03 39.55 -29.15
N MET E 260 0.74 40.55 -29.59
CA MET E 260 0.62 41.89 -29.01
C MET E 260 -0.76 42.48 -29.28
N ARG E 261 -1.29 42.27 -30.48
CA ARG E 261 -2.63 42.76 -30.78
C ARG E 261 -3.67 42.11 -29.86
N LEU E 262 -3.57 40.80 -29.66
CA LEU E 262 -4.50 40.13 -28.74
C LEU E 262 -4.35 40.66 -27.33
N MET E 263 -3.11 40.85 -26.87
CA MET E 263 -2.88 41.38 -25.54
C MET E 263 -3.52 42.75 -25.35
N LYS E 264 -3.34 43.63 -26.34
CA LYS E 264 -3.95 44.95 -26.26
C LYS E 264 -5.46 44.86 -26.27
N GLN E 265 -6.02 43.99 -27.11
CA GLN E 265 -7.47 43.87 -27.20
C GLN E 265 -8.06 43.38 -25.88
N HIS E 266 -7.41 42.43 -25.23
CA HIS E 266 -7.97 41.81 -24.03
C HIS E 266 -7.55 42.50 -22.74
N GLY E 267 -6.55 43.38 -22.77
CA GLY E 267 -6.10 44.05 -21.58
C GLY E 267 -5.18 43.23 -20.70
N THR E 268 -4.48 42.26 -21.27
CA THR E 268 -3.58 41.42 -20.50
C THR E 268 -2.32 42.18 -20.10
N TRP E 269 -1.83 41.92 -18.90
CA TRP E 269 -0.60 42.52 -18.40
C TRP E 269 0.61 41.70 -18.84
N TYR E 270 1.75 42.38 -18.98
CA TYR E 270 3.00 41.74 -19.37
C TYR E 270 4.07 42.03 -18.33
N VAL E 271 4.71 40.97 -17.82
CA VAL E 271 5.76 41.08 -16.83
C VAL E 271 7.05 40.53 -17.43
N PRO E 272 8.01 41.36 -17.82
CA PRO E 272 9.17 40.87 -18.58
C PRO E 272 10.09 39.93 -17.83
N THR E 273 10.57 40.32 -16.65
CA THR E 273 11.58 39.56 -15.92
C THR E 273 12.89 39.48 -16.69
N ILE E 274 13.45 40.67 -16.97
CA ILE E 274 14.69 40.76 -17.74
C ILE E 274 15.87 40.20 -16.94
N SER E 275 15.85 40.39 -15.62
CA SER E 275 16.98 39.98 -14.79
C SER E 275 17.25 38.48 -14.92
N ALA E 276 16.19 37.67 -14.90
CA ALA E 276 16.37 36.22 -15.00
C ALA E 276 16.97 35.84 -16.35
N GLY E 277 16.51 36.48 -17.42
CA GLY E 277 17.08 36.20 -18.73
C GLY E 277 18.56 36.51 -18.78
N ARG E 278 18.95 37.69 -18.29
CA ARG E 278 20.36 38.04 -18.27
C ARG E 278 21.16 37.05 -17.42
N PHE E 279 20.62 36.66 -16.27
CA PHE E 279 21.34 35.76 -15.38
C PHE E 279 21.57 34.41 -16.03
N VAL E 280 20.53 33.84 -16.65
CA VAL E 280 20.69 32.52 -17.26
C VAL E 280 21.60 32.60 -18.47
N ALA E 281 21.51 33.69 -19.24
CA ALA E 281 22.43 33.84 -20.37
C ALA E 281 23.87 33.89 -19.90
N GLU E 282 24.14 34.62 -18.80
CA GLU E 282 25.50 34.70 -18.29
C GLU E 282 25.98 33.35 -17.77
N LYS E 283 25.11 32.63 -17.04
CA LYS E 283 25.53 31.35 -16.46
C LYS E 283 25.65 30.24 -17.48
N ALA E 284 25.00 30.36 -18.64
CA ALA E 284 25.11 29.31 -19.65
C ALA E 284 26.54 29.16 -20.17
N LYS E 285 27.30 30.25 -20.13
CA LYS E 285 28.67 30.20 -20.62
C LYS E 285 29.61 29.42 -19.70
N ILE E 286 29.27 29.32 -18.42
CA ILE E 286 30.09 28.56 -17.48
C ILE E 286 29.87 27.08 -17.69
N ASP E 287 30.96 26.32 -17.75
CA ASP E 287 30.88 24.89 -18.05
C ASP E 287 30.52 24.10 -16.80
N GLY E 288 29.48 23.28 -16.92
CA GLY E 288 29.03 22.45 -15.83
C GLY E 288 28.05 23.10 -14.87
N TYR E 289 27.77 24.39 -15.03
CA TYR E 289 26.82 25.06 -14.14
C TYR E 289 25.41 24.50 -14.31
N PHE E 290 24.98 24.29 -15.55
CA PHE E 290 23.68 23.71 -15.84
C PHE E 290 23.82 22.28 -16.33
N PRO E 291 22.78 21.45 -16.17
CA PRO E 291 22.77 20.13 -16.81
C PRO E 291 22.75 20.28 -18.31
N GLU E 292 23.26 19.26 -19.00
CA GLU E 292 23.37 19.32 -20.46
C GLU E 292 22.03 19.48 -21.14
N VAL E 293 20.93 19.03 -20.52
CA VAL E 293 19.60 19.21 -21.09
C VAL E 293 19.04 20.61 -20.84
N VAL E 294 19.67 21.39 -19.95
CA VAL E 294 19.20 22.74 -19.65
C VAL E 294 20.04 23.82 -20.34
N ARG E 295 21.32 23.56 -20.59
CA ARG E 295 22.21 24.61 -21.08
C ARG E 295 21.78 25.17 -22.44
N PRO E 296 21.50 24.36 -23.45
CA PRO E 296 21.08 24.94 -24.74
C PRO E 296 19.82 25.79 -24.64
N LYS E 297 18.85 25.35 -23.85
CA LYS E 297 17.61 26.13 -23.70
C LYS E 297 17.90 27.49 -23.07
N ALA E 298 18.70 27.51 -22.01
CA ALA E 298 19.05 28.77 -21.38
C ALA E 298 19.80 29.68 -22.34
N ALA E 299 20.79 29.13 -23.04
CA ALA E 299 21.57 29.94 -23.97
C ALA E 299 20.69 30.55 -25.05
N ARG E 300 19.74 29.77 -25.57
CA ARG E 300 18.90 30.26 -26.65
C ARG E 300 17.83 31.25 -26.17
N ILE E 301 17.28 31.06 -24.97
CA ILE E 301 16.12 31.85 -24.56
C ILE E 301 16.50 33.07 -23.74
N GLY E 302 17.64 33.06 -23.06
CA GLY E 302 18.00 34.20 -22.23
C GLY E 302 18.45 35.42 -23.00
N ALA E 303 18.69 35.29 -24.30
CA ALA E 303 19.21 36.39 -25.11
C ALA E 303 18.14 37.12 -25.89
N GLN E 304 16.86 36.87 -25.60
CA GLN E 304 15.76 37.46 -26.36
C GLN E 304 14.68 37.98 -25.44
N ILE E 305 15.06 38.68 -24.37
CA ILE E 305 14.11 39.18 -23.38
C ILE E 305 14.06 40.71 -23.40
N GLN E 306 15.22 41.36 -23.43
CA GLN E 306 15.23 42.82 -23.48
C GLN E 306 14.60 43.34 -24.78
N ASP E 307 14.89 42.69 -25.91
CA ASP E 307 14.30 43.10 -27.17
C ASP E 307 12.78 42.96 -27.13
N THR E 308 12.29 41.87 -26.56
CA THR E 308 10.85 41.68 -26.44
C THR E 308 10.22 42.76 -25.59
N ALA E 309 10.86 43.13 -24.48
CA ALA E 309 10.32 44.19 -23.63
C ALA E 309 10.30 45.52 -24.36
N ALA E 310 11.36 45.84 -25.09
CA ALA E 310 11.39 47.09 -25.85
C ALA E 310 10.29 47.12 -26.90
N LYS E 311 10.12 46.01 -27.64
CA LYS E 311 9.09 45.94 -28.66
C LYS E 311 7.71 46.06 -28.06
N ALA E 312 7.46 45.37 -26.95
CA ALA E 312 6.16 45.43 -26.30
C ALA E 312 5.85 46.84 -25.81
N TYR E 313 6.83 47.53 -25.23
CA TYR E 313 6.59 48.90 -24.81
C TYR E 313 6.32 49.80 -26.01
N ARG E 314 7.07 49.62 -27.10
CA ARG E 314 6.85 50.43 -28.28
C ARG E 314 5.47 50.20 -28.87
N ASN E 315 4.94 48.98 -28.77
CA ASN E 315 3.67 48.63 -29.38
C ASN E 315 2.46 48.94 -28.51
N GLY E 316 2.67 49.41 -27.28
CA GLY E 316 1.57 49.81 -26.43
C GLY E 316 1.01 48.75 -25.51
N VAL E 317 1.76 47.69 -25.24
CA VAL E 317 1.31 46.66 -24.31
C VAL E 317 1.49 47.14 -22.88
N LYS E 318 0.59 46.73 -21.99
CA LYS E 318 0.69 47.11 -20.59
C LYS E 318 1.76 46.28 -19.90
N ILE E 319 2.67 46.97 -19.20
CA ILE E 319 3.86 46.34 -18.63
C ILE E 319 3.86 46.55 -17.12
N ALA E 320 4.18 45.50 -16.37
CA ALA E 320 4.30 45.54 -14.92
C ALA E 320 5.68 45.05 -14.50
N PHE E 321 6.00 45.25 -13.23
CA PHE E 321 7.34 45.02 -12.71
C PHE E 321 7.45 43.62 -12.10
N GLY E 322 8.47 42.88 -12.54
CA GLY E 322 8.75 41.57 -12.00
C GLY E 322 10.14 41.13 -12.40
N THR E 323 10.79 40.38 -11.51
CA THR E 323 12.21 40.09 -11.69
C THR E 323 12.51 38.59 -11.76
N ASN E 324 11.69 37.72 -11.16
CA ASN E 324 11.99 36.26 -11.05
C ASN E 324 13.25 36.11 -10.21
N MET E 325 13.26 36.66 -8.98
CA MET E 325 14.47 36.71 -8.18
C MET E 325 14.88 35.36 -7.59
N GLY E 326 14.06 34.31 -7.74
CA GLY E 326 14.55 33.00 -7.38
C GLY E 326 15.70 32.52 -8.23
N VAL E 327 15.83 33.07 -9.44
CA VAL E 327 16.96 32.74 -10.31
C VAL E 327 18.19 33.54 -9.93
N GLY E 328 18.08 34.85 -9.94
CA GLY E 328 19.15 35.71 -9.48
C GLY E 328 19.18 35.78 -7.97
N PRO E 329 20.17 36.49 -7.41
CA PRO E 329 20.29 36.56 -5.95
C PRO E 329 19.20 37.47 -5.36
N HIS E 330 18.58 36.99 -4.28
CA HIS E 330 17.56 37.79 -3.60
C HIS E 330 18.19 39.05 -3.02
N GLY E 331 17.42 40.14 -3.02
CA GLY E 331 17.87 41.40 -2.49
C GLY E 331 18.49 42.33 -3.51
N ASP E 332 18.56 41.93 -4.78
CA ASP E 332 19.08 42.77 -5.86
C ASP E 332 18.01 43.04 -6.91
N ASN E 333 16.74 43.10 -6.47
CA ASN E 333 15.62 43.28 -7.38
C ASN E 333 15.60 44.65 -8.05
N ALA E 334 16.30 45.63 -7.50
CA ALA E 334 16.21 47.01 -7.97
C ALA E 334 16.95 47.25 -9.28
N ARG E 335 17.75 46.29 -9.76
CA ARG E 335 18.43 46.45 -11.04
C ARG E 335 17.49 46.26 -12.23
N GLU E 336 16.30 45.70 -11.99
CA GLU E 336 15.31 45.60 -13.06
C GLU E 336 14.88 46.98 -13.53
N PHE E 337 14.88 47.97 -12.63
CA PHE E 337 14.58 49.34 -13.06
C PHE E 337 15.61 49.84 -14.07
N ILE E 338 16.90 49.60 -13.79
CA ILE E 338 17.95 50.02 -14.70
C ILE E 338 17.81 49.30 -16.04
N TYR E 339 17.54 48.00 -15.99
CA TYR E 339 17.36 47.25 -17.23
C TYR E 339 16.17 47.78 -18.04
N MET E 340 15.06 48.07 -17.36
CA MET E 340 13.88 48.59 -18.05
C MET E 340 14.18 49.92 -18.70
N VAL E 341 14.86 50.82 -17.97
CA VAL E 341 15.20 52.12 -18.55
C VAL E 341 16.12 51.96 -19.74
N GLU E 342 17.11 51.07 -19.63
CA GLU E 342 18.01 50.81 -20.74
C GLU E 342 17.30 50.16 -21.91
N ALA E 343 16.12 49.59 -21.68
CA ALA E 343 15.32 49.00 -22.74
C ALA E 343 14.41 50.00 -23.44
N GLY E 344 14.46 51.28 -23.05
CA GLY E 344 13.67 52.31 -23.68
C GLY E 344 12.49 52.81 -22.87
N ILE E 345 12.14 52.14 -21.78
CA ILE E 345 11.01 52.58 -20.95
C ILE E 345 11.43 53.78 -20.12
N PRO E 346 10.64 54.85 -20.07
CA PRO E 346 11.02 56.02 -19.27
C PRO E 346 11.07 55.69 -17.79
N ALA E 347 11.90 56.44 -17.06
CA ALA E 347 12.11 56.16 -15.64
C ALA E 347 10.81 56.30 -14.85
N ALA E 348 10.03 57.33 -15.14
CA ALA E 348 8.76 57.51 -14.43
C ALA E 348 7.81 56.35 -14.69
N THR E 349 7.74 55.89 -15.94
CA THR E 349 6.90 54.74 -16.25
C THR E 349 7.39 53.49 -15.53
N ALA E 350 8.71 53.30 -15.48
CA ALA E 350 9.26 52.13 -14.79
C ALA E 350 8.91 52.17 -13.31
N LEU E 351 9.01 53.35 -12.68
CA LEU E 351 8.66 53.47 -11.28
C LEU E 351 7.17 53.26 -11.05
N GLN E 352 6.32 53.75 -11.96
CA GLN E 352 4.89 53.54 -11.83
C GLN E 352 4.54 52.06 -11.96
N SER E 353 5.24 51.34 -12.84
CA SER E 353 4.92 49.93 -13.05
C SER E 353 5.11 49.08 -11.80
N ALA E 354 5.81 49.61 -10.79
CA ALA E 354 6.07 48.87 -9.56
C ALA E 354 5.24 49.35 -8.38
N THR E 355 4.49 50.45 -8.52
CA THR E 355 3.73 51.01 -7.39
C THR E 355 2.23 50.95 -7.60
N VAL E 356 1.72 51.57 -8.66
CA VAL E 356 0.28 51.65 -8.88
C VAL E 356 -0.20 50.59 -9.85
N LEU E 357 0.49 50.41 -10.97
CA LEU E 357 0.14 49.34 -11.89
C LEU E 357 0.31 47.98 -11.25
N ALA E 358 1.31 47.84 -10.37
CA ALA E 358 1.46 46.59 -9.63
C ALA E 358 0.26 46.33 -8.72
N ALA E 359 -0.23 47.38 -8.05
CA ALA E 359 -1.43 47.23 -7.22
C ALA E 359 -2.63 46.87 -8.07
N GLU E 360 -2.72 47.43 -9.28
CA GLU E 360 -3.79 47.06 -10.19
C GLU E 360 -3.70 45.57 -10.56
N VAL E 361 -2.49 45.09 -10.84
CA VAL E 361 -2.31 43.68 -11.19
C VAL E 361 -2.70 42.80 -10.02
N LEU E 362 -2.32 43.19 -8.80
CA LEU E 362 -2.62 42.38 -7.63
C LEU E 362 -4.13 42.32 -7.36
N GLY E 363 -4.86 43.37 -7.73
CA GLY E 363 -6.28 43.44 -7.43
C GLY E 363 -6.63 44.08 -6.11
N VAL E 364 -5.72 44.84 -5.51
CA VAL E 364 -5.98 45.52 -4.25
C VAL E 364 -5.98 47.02 -4.50
N ASP E 365 -6.59 47.75 -3.57
CA ASP E 365 -6.72 49.20 -3.68
C ASP E 365 -6.29 49.95 -2.43
N ASP E 366 -5.67 49.27 -1.47
CA ASP E 366 -5.23 49.91 -0.23
C ASP E 366 -3.73 50.14 -0.19
N GLN E 367 -3.05 50.06 -1.33
CA GLN E 367 -1.62 50.32 -1.40
C GLN E 367 -1.27 50.84 -2.78
N GLY E 368 0.00 51.19 -2.97
CA GLY E 368 0.52 51.60 -4.25
C GLY E 368 0.77 53.09 -4.39
N ALA E 369 0.23 53.92 -3.50
CA ALA E 369 0.43 55.35 -3.58
C ALA E 369 0.39 55.95 -2.19
N ILE E 370 1.00 57.13 -2.06
CA ILE E 370 1.03 57.86 -0.79
C ILE E 370 -0.21 58.75 -0.78
N GLU E 371 -1.32 58.17 -0.33
CA GLU E 371 -2.59 58.88 -0.27
C GLU E 371 -3.27 58.59 1.06
N THR E 372 -4.13 59.51 1.48
CA THR E 372 -4.82 59.36 2.76
C THR E 372 -5.65 58.08 2.78
N GLY E 373 -5.52 57.33 3.87
CA GLY E 373 -6.27 56.11 4.06
C GLY E 373 -5.61 54.84 3.56
N LYS E 374 -4.46 54.95 2.89
CA LYS E 374 -3.77 53.78 2.36
C LYS E 374 -2.73 53.29 3.35
N ARG E 375 -2.27 52.05 3.13
CA ARG E 375 -1.24 51.47 3.99
C ARG E 375 0.02 52.32 3.96
N ALA E 376 0.65 52.47 5.13
CA ALA E 376 1.84 53.29 5.27
C ALA E 376 3.07 52.45 4.91
N ASP E 377 3.29 52.29 3.61
CA ASP E 377 4.49 51.63 3.07
C ASP E 377 5.27 52.70 2.32
N ILE E 378 6.34 53.20 2.94
CA ILE E 378 7.10 54.32 2.41
C ILE E 378 8.58 53.99 2.44
N ILE E 379 9.29 54.36 1.38
CA ILE E 379 10.73 54.20 1.27
C ILE E 379 11.34 55.53 0.81
N ALA E 380 12.64 55.66 0.97
CA ALA E 380 13.32 56.90 0.63
C ALA E 380 14.76 56.62 0.20
N MET E 381 15.26 57.46 -0.70
CA MET E 381 16.62 57.38 -1.21
C MET E 381 17.20 58.78 -1.31
N PRO E 382 18.52 58.93 -1.19
CA PRO E 382 19.12 60.28 -1.24
C PRO E 382 18.91 61.01 -2.55
N GLY E 383 18.96 60.30 -3.67
CA GLY E 383 18.88 60.94 -4.98
C GLY E 383 17.46 61.04 -5.50
N ASP E 384 17.34 61.49 -6.75
CA ASP E 384 16.05 61.59 -7.41
C ASP E 384 15.96 60.49 -8.46
N PRO E 385 15.14 59.46 -8.24
CA PRO E 385 15.12 58.31 -9.18
C PRO E 385 14.69 58.68 -10.58
N VAL E 386 13.84 59.70 -10.74
CA VAL E 386 13.39 60.07 -12.08
C VAL E 386 14.53 60.67 -12.89
N ALA E 387 15.28 61.60 -12.29
CA ALA E 387 16.39 62.22 -13.01
C ALA E 387 17.50 61.20 -13.29
N ASP E 388 17.80 60.34 -12.31
CA ASP E 388 18.82 59.32 -12.45
C ASP E 388 18.25 58.02 -11.89
N ILE E 389 18.04 57.03 -12.76
CA ILE E 389 17.48 55.76 -12.32
C ILE E 389 18.46 54.97 -11.45
N ASN E 390 19.75 55.29 -11.52
CA ASN E 390 20.74 54.57 -10.74
C ASN E 390 20.60 54.82 -9.24
N ALA E 391 19.81 55.82 -8.84
CA ALA E 391 19.61 56.11 -7.43
C ALA E 391 18.79 55.06 -6.70
N VAL E 392 18.12 54.15 -7.43
CA VAL E 392 17.29 53.14 -6.79
C VAL E 392 18.10 52.11 -6.02
N LEU E 393 19.41 52.07 -6.22
CA LEU E 393 20.27 51.10 -5.56
C LEU E 393 20.71 51.54 -4.16
N ASN E 394 20.39 52.76 -3.75
CA ASN E 394 20.74 53.27 -2.44
C ASN E 394 19.45 53.63 -1.71
N VAL E 395 18.85 52.64 -1.04
CA VAL E 395 17.65 52.83 -0.24
C VAL E 395 18.05 52.72 1.22
N ASP E 396 17.81 53.79 1.98
CA ASP E 396 18.23 53.84 3.37
C ASP E 396 17.08 53.98 4.35
N PHE E 397 15.84 54.14 3.88
CA PHE E 397 14.66 54.21 4.74
C PHE E 397 13.62 53.23 4.23
N VAL E 398 13.10 52.40 5.13
CA VAL E 398 12.04 51.45 4.80
C VAL E 398 11.01 51.46 5.91
N MET E 399 9.74 51.59 5.54
CA MET E 399 8.62 51.54 6.49
C MET E 399 7.54 50.65 5.91
N LYS E 400 6.97 49.78 6.73
CA LYS E 400 5.93 48.86 6.31
C LYS E 400 4.86 48.78 7.37
N ASP E 401 3.63 49.15 7.02
CA ASP E 401 2.49 49.12 7.95
C ASP E 401 2.70 50.05 9.13
N GLY E 402 3.47 51.12 8.94
CA GLY E 402 3.76 52.06 9.99
C GLY E 402 4.94 51.72 10.87
N GLU E 403 5.59 50.58 10.65
CA GLU E 403 6.75 50.17 11.42
C GLU E 403 8.01 50.42 10.61
N ILE E 404 8.99 51.06 11.23
CA ILE E 404 10.24 51.40 10.57
C ILE E 404 11.24 50.27 10.73
N PHE E 405 11.72 49.74 9.61
CA PHE E 405 12.70 48.67 9.61
C PHE E 405 14.11 49.13 9.28
N ARG E 406 14.27 50.34 8.77
CA ARG E 406 15.57 50.85 8.37
C ARG E 406 15.52 52.37 8.40
N GLN E 407 16.64 52.98 8.80
CA GLN E 407 16.70 54.44 8.93
C GLN E 407 18.01 54.99 8.39
N PRO F 2 -54.35 -0.45 22.74
CA PRO F 2 -55.58 0.34 22.62
C PRO F 2 -55.78 1.28 23.80
N VAL F 3 -55.78 2.59 23.54
CA VAL F 3 -55.94 3.60 24.58
C VAL F 3 -56.78 4.73 24.03
N ALA F 4 -57.54 5.39 24.90
CA ALA F 4 -58.36 6.54 24.55
C ALA F 4 -57.82 7.77 25.25
N LEU F 5 -57.55 8.82 24.49
CA LEU F 5 -57.02 10.08 25.02
C LEU F 5 -58.13 11.10 25.06
N HIS F 6 -58.30 11.75 26.20
CA HIS F 6 -59.34 12.76 26.41
C HIS F 6 -58.66 14.11 26.58
N CYS F 7 -58.65 14.91 25.51
CA CYS F 7 -58.04 16.22 25.52
C CYS F 7 -59.11 17.29 25.69
N GLY F 8 -58.73 18.36 26.41
CA GLY F 8 -59.62 19.51 26.54
C GLY F 8 -59.63 20.42 25.33
N LYS F 9 -58.54 20.46 24.59
CA LYS F 9 -58.45 21.26 23.36
C LYS F 9 -57.56 20.53 22.38
N LEU F 10 -57.92 20.63 21.10
CA LEU F 10 -57.15 19.93 20.04
C LEU F 10 -56.77 20.95 18.98
N PHE F 11 -55.51 20.94 18.57
CA PHE F 11 -54.99 21.84 17.55
C PHE F 11 -55.14 21.19 16.18
N ASP F 12 -55.94 21.79 15.32
CA ASP F 12 -56.11 21.32 13.94
C ASP F 12 -54.96 21.89 13.11
N ALA F 13 -53.99 21.04 12.78
CA ALA F 13 -52.83 21.49 12.02
C ALA F 13 -53.24 21.96 10.63
N ARG F 14 -54.13 21.21 9.97
CA ARG F 14 -54.49 21.53 8.59
C ARG F 14 -55.19 22.88 8.50
N SER F 15 -56.09 23.18 9.43
CA SER F 15 -56.78 24.47 9.43
C SER F 15 -56.08 25.51 10.30
N GLY F 16 -55.17 25.10 11.16
CA GLY F 16 -54.46 26.04 12.01
C GLY F 16 -55.30 26.65 13.12
N ARG F 17 -56.32 25.94 13.60
CA ARG F 17 -57.21 26.43 14.63
C ARG F 17 -57.26 25.45 15.79
N VAL F 18 -57.48 25.99 16.99
CA VAL F 18 -57.58 25.19 18.20
C VAL F 18 -59.05 24.90 18.45
N LEU F 19 -59.44 23.64 18.35
CA LEU F 19 -60.82 23.22 18.54
C LEU F 19 -61.08 22.94 20.01
N GLY F 20 -62.24 22.38 20.33
CA GLY F 20 -62.63 22.09 21.68
C GLY F 20 -62.31 20.67 22.09
N PRO F 21 -62.99 20.19 23.14
CA PRO F 21 -62.70 18.84 23.63
C PRO F 21 -62.95 17.79 22.56
N HIS F 22 -62.04 16.81 22.51
CA HIS F 22 -62.13 15.69 21.58
C HIS F 22 -61.64 14.43 22.28
N THR F 23 -61.89 13.29 21.65
CA THR F 23 -61.41 12.00 22.13
C THR F 23 -60.72 11.27 20.99
N VAL F 24 -59.50 10.81 21.23
CA VAL F 24 -58.69 10.13 20.23
C VAL F 24 -58.52 8.68 20.67
N VAL F 25 -58.85 7.76 19.78
CA VAL F 25 -58.73 6.33 20.03
C VAL F 25 -57.59 5.80 19.17
N VAL F 26 -56.64 5.11 19.80
CA VAL F 26 -55.43 4.64 19.13
C VAL F 26 -55.41 3.12 19.19
N ARG F 27 -55.26 2.49 18.02
CA ARG F 27 -55.15 1.05 17.92
C ARG F 27 -54.12 0.69 16.85
N ASP F 28 -53.22 -0.23 17.19
CA ASP F 28 -52.19 -0.71 16.28
C ASP F 28 -51.27 0.42 15.83
N GLY F 29 -51.05 1.40 16.69
CA GLY F 29 -50.12 2.48 16.39
C GLY F 29 -50.63 3.53 15.44
N ARG F 30 -51.94 3.55 15.16
CA ARG F 30 -52.54 4.52 14.25
C ARG F 30 -53.80 5.07 14.88
N ILE F 31 -54.17 6.29 14.46
CA ILE F 31 -55.41 6.89 14.93
C ILE F 31 -56.59 6.17 14.30
N ASP F 32 -57.47 5.63 15.14
CA ASP F 32 -58.61 4.86 14.66
C ASP F 32 -59.91 5.66 14.68
N GLN F 33 -60.10 6.54 15.65
CA GLN F 33 -61.35 7.29 15.75
C GLN F 33 -61.07 8.64 16.42
N LEU F 34 -61.82 9.65 15.97
CA LEU F 34 -61.72 11.00 16.52
C LEU F 34 -63.13 11.49 16.78
N ILE F 35 -63.50 11.58 18.06
CA ILE F 35 -64.86 11.92 18.48
C ILE F 35 -64.84 13.29 19.13
N SER F 36 -65.76 14.15 18.73
CA SER F 36 -65.89 15.49 19.30
C SER F 36 -66.96 15.47 20.39
N GLY F 37 -66.59 15.91 21.58
CA GLY F 37 -67.51 15.92 22.70
C GLY F 37 -66.84 15.75 24.05
N LEU F 45 -61.52 -0.20 27.41
CA LEU F 45 -60.49 0.64 26.84
C LEU F 45 -59.75 1.44 27.90
N ALA F 46 -58.43 1.52 27.78
CA ALA F 46 -57.65 2.37 28.66
C ALA F 46 -57.92 3.85 28.34
N ALA F 47 -57.68 4.70 29.34
CA ALA F 47 -57.93 6.12 29.20
C ALA F 47 -56.81 6.92 29.87
N VAL F 48 -56.45 8.03 29.25
CA VAL F 48 -55.47 8.97 29.80
C VAL F 48 -56.15 10.30 30.01
N ASP F 49 -56.00 10.87 31.20
CA ASP F 49 -56.68 12.10 31.58
C ASP F 49 -55.85 13.28 31.11
N LEU F 50 -56.24 13.87 29.98
CA LEU F 50 -55.58 15.06 29.44
C LEU F 50 -56.54 16.24 29.33
N ARG F 51 -57.69 16.18 30.00
CA ARG F 51 -58.76 17.15 29.85
C ARG F 51 -58.34 18.57 30.25
N ASN F 52 -57.16 18.76 30.84
CA ASN F 52 -56.67 20.08 31.19
C ASN F 52 -55.42 20.43 30.37
N ARG F 53 -55.33 19.91 29.15
CA ARG F 53 -54.18 20.13 28.29
C ARG F 53 -54.66 20.38 26.86
N THR F 54 -53.73 20.85 26.03
CA THR F 54 -53.96 21.01 24.60
C THR F 54 -53.14 19.95 23.87
N CYS F 55 -53.81 19.15 23.04
CA CYS F 55 -53.17 18.08 22.30
C CYS F 55 -52.83 18.54 20.89
N LEU F 56 -51.59 18.32 20.48
CA LEU F 56 -51.08 18.67 19.16
C LEU F 56 -50.39 17.46 18.56
N PRO F 57 -50.23 17.44 17.24
CA PRO F 57 -49.41 16.40 16.61
C PRO F 57 -47.95 16.55 17.01
N GLY F 58 -47.24 15.42 17.00
CA GLY F 58 -45.82 15.46 17.32
C GLY F 58 -45.07 16.35 16.36
N TRP F 59 -44.07 17.06 16.88
CA TRP F 59 -43.31 18.00 16.10
C TRP F 59 -42.21 17.30 15.30
N THR F 60 -41.81 17.93 14.19
CA THR F 60 -40.72 17.45 13.36
C THR F 60 -39.67 18.54 13.23
N ASP F 61 -38.42 18.19 13.52
CA ASP F 61 -37.29 19.09 13.34
C ASP F 61 -36.55 18.68 12.08
N LEU F 62 -36.47 19.59 11.11
CA LEU F 62 -35.94 19.27 9.79
C LEU F 62 -34.44 19.50 9.67
N HIS F 63 -33.75 19.89 10.74
CA HIS F 63 -32.31 20.08 10.68
C HIS F 63 -31.74 19.84 12.07
N VAL F 64 -31.16 18.65 12.28
CA VAL F 64 -30.48 18.32 13.51
C VAL F 64 -29.21 17.54 13.17
N HIS F 65 -28.29 17.47 14.13
CA HIS F 65 -27.08 16.67 14.03
C HIS F 65 -26.97 15.90 15.35
N LEU F 66 -27.59 14.72 15.40
CA LEU F 66 -27.70 13.98 16.64
C LEU F 66 -26.40 13.30 17.05
N GLY F 67 -25.39 13.28 16.18
CA GLY F 67 -24.13 12.66 16.48
C GLY F 67 -23.08 13.55 17.09
N ASP F 68 -23.46 14.79 17.41
CA ASP F 68 -22.46 15.74 17.92
C ASP F 68 -23.10 16.88 18.69
N GLU F 69 -22.29 17.60 19.44
CA GLU F 69 -22.74 18.79 20.15
C GLU F 69 -21.56 19.74 20.32
N SER F 70 -21.82 21.03 20.16
CA SER F 70 -20.76 22.03 20.23
C SER F 70 -20.24 22.17 21.65
N SER F 71 -18.93 22.33 21.79
CA SER F 71 -18.30 22.49 23.09
C SER F 71 -16.92 23.13 22.87
N PRO F 72 -16.27 23.60 23.95
CA PRO F 72 -14.95 24.22 23.78
C PRO F 72 -13.89 23.27 23.25
N GLN F 73 -14.07 21.96 23.39
CA GLN F 73 -13.08 20.99 22.96
C GLN F 73 -13.45 20.31 21.64
N SER F 74 -14.46 20.81 20.94
CA SER F 74 -14.97 20.12 19.77
C SER F 74 -14.01 20.15 18.59
N TYR F 75 -13.01 21.02 18.61
CA TYR F 75 -12.07 21.12 17.49
C TYR F 75 -10.79 20.33 17.71
N SER F 76 -10.67 19.63 18.84
CA SER F 76 -9.56 18.72 19.07
C SER F 76 -9.99 17.31 19.45
N GLU F 77 -11.29 17.08 19.63
CA GLU F 77 -11.79 15.76 20.00
C GLU F 77 -11.82 14.80 18.83
N GLY F 78 -11.87 15.30 17.59
CA GLY F 78 -11.97 14.41 16.45
C GLY F 78 -10.71 13.60 16.20
N PHE F 79 -9.58 14.07 16.68
CA PHE F 79 -8.31 13.37 16.50
C PHE F 79 -8.01 12.38 17.60
N ARG F 80 -8.79 12.37 18.69
CA ARG F 80 -8.54 11.49 19.81
C ARG F 80 -9.70 10.54 20.12
N LEU F 81 -10.91 10.85 19.68
CA LEU F 81 -12.07 10.01 19.96
C LEU F 81 -12.49 9.26 18.70
N ASP F 82 -13.27 8.20 18.91
CA ASP F 82 -13.79 7.35 17.85
C ASP F 82 -15.30 7.51 17.77
N PRO F 83 -15.91 7.15 16.64
CA PRO F 83 -17.38 7.26 16.54
C PRO F 83 -18.12 6.44 17.60
N ILE F 84 -17.52 5.34 18.07
CA ILE F 84 -18.14 4.57 19.13
C ILE F 84 -18.29 5.42 20.39
N ASP F 85 -17.34 6.32 20.64
CA ASP F 85 -17.47 7.23 21.77
C ASP F 85 -18.61 8.22 21.57
N PHE F 86 -18.85 8.64 20.32
CA PHE F 86 -19.92 9.58 20.05
C PHE F 86 -21.30 8.93 20.11
N ALA F 87 -21.39 7.62 19.86
CA ALA F 87 -22.67 6.93 19.95
C ALA F 87 -23.24 6.98 21.36
N TYR F 88 -22.36 6.81 22.37
CA TYR F 88 -22.83 6.80 23.75
C TYR F 88 -23.37 8.16 24.16
N ARG F 89 -22.88 9.25 23.57
CA ARG F 89 -23.47 10.56 23.78
C ARG F 89 -24.76 10.73 22.98
N SER F 90 -24.79 10.20 21.76
CA SER F 90 -25.98 10.29 20.94
C SER F 90 -27.17 9.62 21.60
N VAL F 91 -26.91 8.61 22.44
CA VAL F 91 -28.02 7.98 23.17
C VAL F 91 -28.79 9.03 23.97
N GLY F 92 -28.07 9.78 24.81
CA GLY F 92 -28.72 10.82 25.60
C GLY F 92 -29.26 11.95 24.75
N TYR F 93 -28.52 12.32 23.69
CA TYR F 93 -29.03 13.35 22.78
C TYR F 93 -30.41 12.98 22.24
N ALA F 94 -30.54 11.76 21.73
CA ALA F 94 -31.81 11.32 21.14
C ALA F 94 -32.90 11.24 22.20
N GLU F 95 -32.58 10.73 23.39
CA GLU F 95 -33.61 10.66 24.44
C GLU F 95 -34.12 12.06 24.79
N ARG F 96 -33.21 13.01 24.97
CA ARG F 96 -33.61 14.36 25.33
C ARG F 96 -34.41 15.01 24.21
N THR F 97 -34.04 14.74 22.96
CA THR F 97 -34.82 15.29 21.85
C THR F 97 -36.23 14.73 21.83
N LEU F 98 -36.37 13.41 22.02
CA LEU F 98 -37.69 12.80 21.98
C LEU F 98 -38.56 13.29 23.12
N LEU F 99 -38.01 13.37 24.34
CA LEU F 99 -38.83 13.74 25.49
C LEU F 99 -39.29 15.20 25.45
N ALA F 100 -38.72 16.03 24.57
CA ALA F 100 -39.13 17.42 24.46
C ALA F 100 -40.33 17.62 23.54
N GLY F 101 -40.79 16.58 22.87
CA GLY F 101 -41.96 16.67 22.02
C GLY F 101 -41.72 16.46 20.54
N PHE F 102 -40.50 16.14 20.12
CA PHE F 102 -40.18 15.99 18.70
C PHE F 102 -40.11 14.50 18.40
N THR F 103 -41.19 13.98 17.77
CA THR F 103 -41.29 12.56 17.48
C THR F 103 -40.58 12.14 16.20
N SER F 104 -40.13 13.10 15.39
CA SER F 104 -39.38 12.78 14.18
C SER F 104 -38.43 13.92 13.88
N VAL F 105 -37.31 13.60 13.22
CA VAL F 105 -36.30 14.58 12.86
C VAL F 105 -35.71 14.21 11.51
N ARG F 106 -35.05 15.18 10.89
CA ARG F 106 -34.29 14.97 9.67
C ARG F 106 -32.83 15.27 9.96
N ASP F 107 -32.01 14.22 10.01
CA ASP F 107 -30.59 14.38 10.28
C ASP F 107 -29.86 14.71 8.99
N LEU F 108 -29.09 15.80 9.01
CA LEU F 108 -28.51 16.36 7.80
C LEU F 108 -26.99 16.40 7.86
N GLY F 109 -26.39 15.30 8.29
CA GLY F 109 -24.94 15.19 8.28
C GLY F 109 -24.36 14.38 9.42
N GLY F 110 -23.45 13.47 9.10
CA GLY F 110 -22.85 12.61 10.09
C GLY F 110 -23.07 11.13 9.82
N GLU F 111 -22.05 10.32 10.04
CA GLU F 111 -22.13 8.87 9.80
C GLU F 111 -22.61 8.08 11.01
N VAL F 112 -22.87 8.74 12.13
CA VAL F 112 -23.36 8.04 13.30
C VAL F 112 -24.89 7.91 13.30
N SER F 113 -25.57 8.75 12.53
CA SER F 113 -27.03 8.86 12.60
C SER F 113 -27.75 7.67 11.99
N PRO F 114 -27.28 7.09 10.88
CA PRO F 114 -27.94 5.87 10.38
C PRO F 114 -27.94 4.74 11.38
N HIS F 115 -26.84 4.56 12.11
CA HIS F 115 -26.78 3.51 13.13
C HIS F 115 -27.72 3.81 14.28
N LEU F 116 -27.79 5.07 14.70
CA LEU F 116 -28.73 5.46 15.75
C LEU F 116 -30.17 5.22 15.31
N ARG F 117 -30.47 5.53 14.05
CA ARG F 117 -31.80 5.27 13.51
C ARG F 117 -32.12 3.79 13.54
N ASP F 118 -31.18 2.94 13.13
CA ASP F 118 -31.41 1.50 13.17
C ASP F 118 -31.65 1.02 14.60
N ALA F 119 -30.84 1.51 15.55
CA ALA F 119 -31.00 1.10 16.94
C ALA F 119 -32.34 1.54 17.50
N VAL F 120 -32.77 2.76 17.17
CA VAL F 120 -34.05 3.25 17.67
C VAL F 120 -35.20 2.47 17.06
N ASN F 121 -35.09 2.12 15.77
CA ASN F 121 -36.15 1.37 15.12
C ASN F 121 -36.24 -0.05 15.67
N GLN F 122 -35.10 -0.62 16.07
CA GLN F 122 -35.12 -1.96 16.66
C GLN F 122 -35.56 -1.96 18.12
N GLY F 123 -35.77 -0.80 18.71
CA GLY F 123 -36.20 -0.71 20.10
C GLY F 123 -35.09 -0.77 21.12
N LEU F 124 -33.84 -0.68 20.70
CA LEU F 124 -32.73 -0.78 21.65
C LEU F 124 -32.63 0.47 22.51
N VAL F 125 -32.84 1.65 21.91
CA VAL F 125 -32.72 2.92 22.63
C VAL F 125 -33.93 3.78 22.29
N LYS F 126 -34.16 4.78 23.12
CA LYS F 126 -35.27 5.72 22.93
C LYS F 126 -34.85 6.88 22.05
N GLY F 127 -35.77 7.34 21.21
CA GLY F 127 -35.50 8.44 20.32
C GLY F 127 -36.64 8.70 19.35
N PRO F 128 -36.49 9.71 18.52
CA PRO F 128 -37.51 10.02 17.50
C PRO F 128 -37.28 9.19 16.24
N ARG F 129 -38.22 9.34 15.30
CA ARG F 129 -38.07 8.74 13.98
C ARG F 129 -37.06 9.57 13.18
N ILE F 130 -36.01 8.93 12.70
CA ILE F 130 -34.86 9.61 12.10
C ILE F 130 -34.85 9.36 10.60
N PHE F 131 -34.78 10.44 9.83
CA PHE F 131 -34.55 10.40 8.39
C PHE F 131 -33.11 10.89 8.20
N ALA F 132 -32.18 9.95 8.02
CA ALA F 132 -30.76 10.25 8.05
C ALA F 132 -30.20 10.47 6.66
N ALA F 133 -29.37 11.50 6.53
CA ALA F 133 -28.70 11.80 5.27
C ALA F 133 -27.37 11.10 5.11
N GLY F 134 -26.67 10.81 6.20
CA GLY F 134 -25.36 10.20 6.11
C GLY F 134 -24.28 11.22 5.82
N LYS F 135 -23.29 10.83 5.02
CA LYS F 135 -22.20 11.73 4.68
C LYS F 135 -22.68 12.81 3.73
N SER F 136 -22.36 14.07 4.05
CA SER F 136 -22.73 15.18 3.20
C SER F 136 -21.77 15.30 2.02
N ILE F 137 -22.30 15.80 0.90
CA ILE F 137 -21.57 15.86 -0.36
C ILE F 137 -21.05 17.28 -0.57
N ALA F 138 -19.76 17.40 -0.87
CA ALA F 138 -19.12 18.70 -1.07
C ALA F 138 -18.14 18.58 -2.23
N THR F 139 -17.45 19.67 -2.52
CA THR F 139 -16.36 19.71 -3.48
C THR F 139 -15.02 19.79 -2.72
N THR F 140 -13.93 19.74 -3.48
CA THR F 140 -12.61 19.78 -2.86
C THR F 140 -12.41 21.09 -2.10
N GLY F 141 -12.09 20.99 -0.82
CA GLY F 141 -11.97 22.17 0.01
C GLY F 141 -13.29 22.76 0.49
N GLY F 142 -14.41 22.10 0.21
CA GLY F 142 -15.71 22.63 0.54
C GLY F 142 -16.03 22.54 2.02
N HIS F 143 -17.24 23.02 2.35
CA HIS F 143 -17.64 23.11 3.74
C HIS F 143 -17.70 21.75 4.42
N ALA F 144 -17.99 20.69 3.65
CA ALA F 144 -18.12 19.35 4.19
C ALA F 144 -16.92 18.47 3.86
N ASP F 145 -15.83 19.04 3.41
CA ASP F 145 -14.63 18.27 3.13
C ASP F 145 -14.10 17.67 4.42
N PRO F 146 -13.93 16.34 4.51
CA PRO F 146 -13.54 15.74 5.79
C PRO F 146 -12.10 15.98 6.21
N THR F 147 -11.26 16.53 5.32
CA THR F 147 -9.84 16.66 5.59
C THR F 147 -9.40 18.13 5.64
N ASN F 148 -10.33 19.05 5.79
CA ASN F 148 -9.98 20.46 5.94
C ASN F 148 -9.24 20.69 7.25
N GLY F 149 -8.09 21.34 7.18
CA GLY F 149 -7.33 21.69 8.36
C GLY F 149 -6.29 20.67 8.80
N TRP F 150 -6.18 19.55 8.12
CA TRP F 150 -5.18 18.54 8.47
C TRP F 150 -3.80 18.96 7.97
N ASN F 151 -2.77 18.48 8.66
CA ASN F 151 -1.40 18.79 8.25
C ASN F 151 -0.99 17.86 7.11
N ASP F 152 0.23 18.06 6.60
CA ASP F 152 0.67 17.33 5.41
C ASP F 152 0.78 15.83 5.68
N GLN F 153 1.25 15.45 6.86
CA GLN F 153 1.45 14.04 7.17
C GLN F 153 0.14 13.27 7.10
N LEU F 154 -0.88 13.74 7.82
CA LEU F 154 -2.16 13.05 7.85
C LEU F 154 -2.82 13.08 6.47
N SER F 155 -2.75 14.21 5.78
CA SER F 155 -3.34 14.31 4.45
C SER F 155 -2.71 13.32 3.49
N HIS F 156 -1.39 13.18 3.52
CA HIS F 156 -0.72 12.21 2.67
C HIS F 156 -1.08 10.79 3.08
N LEU F 157 -1.21 10.53 4.38
CA LEU F 157 -1.54 9.19 4.85
C LEU F 157 -2.92 8.75 4.37
N ILE F 158 -3.90 9.65 4.44
CA ILE F 158 -5.26 9.26 4.10
C ILE F 158 -5.56 9.42 2.61
N GLY F 159 -4.86 10.30 1.92
CA GLY F 159 -5.07 10.51 0.51
C GLY F 159 -6.20 11.50 0.23
N PRO F 160 -6.32 11.93 -1.02
CA PRO F 160 -7.37 12.90 -1.38
C PRO F 160 -8.74 12.26 -1.39
N PRO F 161 -9.74 12.91 -0.81
CA PRO F 161 -11.09 12.33 -0.79
C PRO F 161 -11.69 12.26 -2.18
N GLY F 162 -12.52 11.24 -2.39
CA GLY F 162 -13.21 11.06 -3.65
C GLY F 162 -14.70 10.92 -3.46
N PRO F 163 -15.41 10.47 -4.50
CA PRO F 163 -16.86 10.30 -4.38
C PRO F 163 -17.28 9.36 -3.27
N THR F 164 -16.47 8.34 -2.99
CA THR F 164 -16.81 7.41 -1.90
C THR F 164 -16.82 8.12 -0.56
N GLU F 165 -15.99 9.16 -0.40
CA GLU F 165 -15.94 9.94 0.83
C GLU F 165 -16.82 11.17 0.77
N GLY F 166 -17.51 11.42 -0.33
CA GLY F 166 -18.43 12.53 -0.44
C GLY F 166 -17.89 13.78 -1.11
N VAL F 167 -16.73 13.72 -1.75
CA VAL F 167 -16.13 14.88 -2.40
C VAL F 167 -16.16 14.65 -3.90
N VAL F 168 -16.82 15.55 -4.62
CA VAL F 168 -17.05 15.40 -6.06
C VAL F 168 -16.57 16.64 -6.78
N ASN F 169 -16.17 16.47 -8.04
CA ASN F 169 -15.70 17.58 -8.85
C ASN F 169 -16.19 17.52 -10.30
N SER F 170 -17.12 16.64 -10.63
CA SER F 170 -17.64 16.53 -11.99
C SER F 170 -19.03 15.92 -11.94
N VAL F 171 -19.65 15.77 -13.11
CA VAL F 171 -20.99 15.22 -13.19
C VAL F 171 -21.00 13.74 -12.84
N ASP F 172 -20.08 12.97 -13.42
CA ASP F 172 -20.01 11.54 -13.13
C ASP F 172 -19.69 11.29 -11.67
N GLU F 173 -18.80 12.10 -11.09
CA GLU F 173 -18.49 11.96 -9.67
C GLU F 173 -19.71 12.25 -8.79
N ALA F 174 -20.53 13.25 -9.16
CA ALA F 174 -21.75 13.50 -8.41
C ALA F 174 -22.71 12.33 -8.50
N ARG F 175 -22.85 11.74 -9.70
CA ARG F 175 -23.67 10.55 -9.86
C ARG F 175 -23.19 9.44 -8.93
N GLN F 176 -21.88 9.18 -8.93
CA GLN F 176 -21.35 8.12 -8.08
C GLN F 176 -21.53 8.43 -6.60
N ALA F 177 -21.41 9.71 -6.21
CA ALA F 177 -21.59 10.07 -4.81
C ALA F 177 -23.02 9.82 -4.36
N VAL F 178 -23.99 10.17 -5.20
CA VAL F 178 -25.38 9.89 -4.84
C VAL F 178 -25.61 8.40 -4.73
N ARG F 179 -25.06 7.63 -5.68
CA ARG F 179 -25.23 6.18 -5.62
C ARG F 179 -24.54 5.58 -4.39
N GLN F 180 -23.43 6.17 -3.95
CA GLN F 180 -22.74 5.68 -2.76
C GLN F 180 -23.51 6.02 -1.50
N ARG F 181 -24.16 7.18 -1.48
CA ARG F 181 -25.06 7.49 -0.37
C ARG F 181 -26.22 6.50 -0.32
N TYR F 182 -26.75 6.13 -1.48
CA TYR F 182 -27.80 5.11 -1.51
C TYR F 182 -27.26 3.77 -1.01
N LYS F 183 -26.04 3.41 -1.40
CA LYS F 183 -25.46 2.14 -0.99
C LYS F 183 -25.28 2.05 0.52
N ASP F 184 -25.06 3.19 1.18
CA ASP F 184 -24.83 3.20 2.62
C ASP F 184 -26.10 3.40 3.43
N GLY F 185 -27.27 3.43 2.78
CA GLY F 185 -28.53 3.44 3.50
C GLY F 185 -29.02 4.80 3.95
N SER F 186 -29.06 5.77 3.04
CA SER F 186 -29.53 7.11 3.34
C SER F 186 -31.00 7.26 2.99
N ASP F 187 -31.62 8.27 3.59
CA ASP F 187 -33.02 8.61 3.31
C ASP F 187 -33.16 9.93 2.57
N VAL F 188 -32.12 10.77 2.55
CA VAL F 188 -32.19 12.10 1.94
C VAL F 188 -30.77 12.51 1.59
N ILE F 189 -30.65 13.47 0.69
CA ILE F 189 -29.34 13.94 0.25
C ILE F 189 -29.07 15.36 0.75
N ILE F 191 -26.14 18.59 0.35
CA ILE F 191 -24.96 19.15 -0.30
C ILE F 191 -24.68 20.52 0.29
N THR F 192 -23.42 20.93 0.26
CA THR F 192 -23.01 22.26 0.72
C THR F 192 -22.68 23.10 -0.52
N ALA F 193 -23.60 24.01 -0.85
CA ALA F 193 -23.45 24.78 -2.08
C ALA F 193 -22.42 25.89 -1.93
N THR F 194 -22.28 26.44 -0.72
CA THR F 194 -21.33 27.50 -0.45
C THR F 194 -20.45 27.12 0.74
N GLY F 195 -19.66 28.08 1.22
CA GLY F 195 -18.85 27.88 2.40
C GLY F 195 -19.68 27.96 3.66
N GLY F 196 -19.03 27.64 4.78
CA GLY F 196 -19.73 27.61 6.04
C GLY F 196 -19.08 28.44 7.14
N VAL F 197 -19.62 28.34 8.34
CA VAL F 197 -19.12 29.09 9.49
C VAL F 197 -18.21 28.25 10.38
N LEU F 198 -18.57 26.98 10.59
CA LEU F 198 -17.89 26.14 11.57
C LEU F 198 -16.84 25.23 10.95
N SER F 199 -16.53 25.38 9.67
CA SER F 199 -15.51 24.57 9.02
C SER F 199 -14.14 25.24 9.14
N TYR F 200 -13.10 24.41 9.09
CA TYR F 200 -11.72 24.90 9.18
C TYR F 200 -11.21 25.32 7.80
N ALA F 201 -11.91 26.30 7.22
CA ALA F 201 -11.59 26.84 5.91
C ALA F 201 -11.68 28.36 5.96
N LYS F 202 -11.26 29.00 4.86
CA LYS F 202 -11.17 30.45 4.82
C LYS F 202 -12.49 31.13 4.51
N SER F 203 -13.18 30.69 3.46
CA SER F 203 -14.36 31.39 2.98
C SER F 203 -15.60 30.96 3.76
N GLY F 204 -16.64 31.80 3.67
CA GLY F 204 -17.89 31.53 4.35
C GLY F 204 -19.12 31.54 3.46
N ASP F 205 -19.04 32.19 2.31
CA ASP F 205 -20.21 32.32 1.45
C ASP F 205 -19.92 32.20 -0.05
N ALA F 206 -18.70 31.81 -0.44
CA ALA F 206 -18.39 31.74 -1.86
C ALA F 206 -19.04 30.53 -2.51
N PRO F 207 -19.38 30.62 -3.80
CA PRO F 207 -20.02 29.48 -4.47
C PRO F 207 -19.03 28.33 -4.68
N GLN F 208 -19.42 27.14 -4.27
CA GLN F 208 -18.57 25.97 -4.32
C GLN F 208 -19.15 24.84 -5.15
N PHE F 209 -20.25 25.08 -5.85
CA PHE F 209 -20.86 24.12 -6.76
C PHE F 209 -21.15 24.83 -8.08
N THR F 210 -21.07 24.09 -9.18
CA THR F 210 -21.53 24.61 -10.45
C THR F 210 -22.96 24.13 -10.70
N VAL F 211 -23.64 24.78 -11.65
CA VAL F 211 -25.02 24.43 -11.92
C VAL F 211 -25.12 23.01 -12.46
N ASP F 212 -24.18 22.60 -13.30
CA ASP F 212 -24.23 21.25 -13.88
C ASP F 212 -24.06 20.18 -12.81
N GLU F 213 -23.16 20.38 -11.85
CA GLU F 213 -22.98 19.40 -10.79
C GLU F 213 -24.24 19.27 -9.94
N VAL F 214 -24.87 20.39 -9.60
CA VAL F 214 -26.12 20.35 -8.85
C VAL F 214 -27.20 19.63 -9.65
N LYS F 215 -27.26 19.89 -10.95
CA LYS F 215 -28.25 19.21 -11.79
C LYS F 215 -28.02 17.71 -11.80
N ALA F 216 -26.75 17.28 -11.92
CA ALA F 216 -26.46 15.86 -11.90
C ALA F 216 -26.86 15.22 -10.58
N ILE F 217 -26.55 15.89 -9.47
CA ILE F 217 -26.92 15.35 -8.16
C ILE F 217 -28.44 15.22 -8.07
N VAL F 218 -29.18 16.24 -8.51
CA VAL F 218 -30.63 16.21 -8.39
C VAL F 218 -31.23 15.12 -9.28
N ASP F 219 -30.72 14.97 -10.49
CA ASP F 219 -31.24 13.93 -11.38
C ASP F 219 -30.99 12.54 -10.78
N THR F 220 -29.77 12.30 -10.29
CA THR F 220 -29.48 11.00 -9.68
C THR F 220 -30.36 10.75 -8.47
N ALA F 221 -30.56 11.77 -7.63
CA ALA F 221 -31.45 11.61 -6.48
C ALA F 221 -32.88 11.32 -6.92
N ASN F 222 -33.33 11.94 -8.01
CA ASN F 222 -34.66 11.66 -8.52
C ASN F 222 -34.79 10.21 -8.96
N ASP F 223 -33.74 9.65 -9.55
CA ASP F 223 -33.80 8.24 -9.94
C ASP F 223 -33.99 7.33 -8.73
N TYR F 224 -33.49 7.72 -7.56
CA TYR F 224 -33.49 6.86 -6.38
C TYR F 224 -34.53 7.26 -5.35
N GLY F 225 -35.44 8.17 -5.68
CA GLY F 225 -36.50 8.55 -4.76
C GLY F 225 -36.06 9.42 -3.60
N TYR F 226 -35.03 10.23 -3.77
CA TYR F 226 -34.51 11.07 -2.70
C TYR F 226 -34.92 12.52 -2.90
N LYS F 227 -34.81 13.29 -1.82
CA LYS F 227 -34.90 14.74 -1.84
C LYS F 227 -33.50 15.30 -1.58
N VAL F 228 -33.27 16.53 -2.02
CA VAL F 228 -31.98 17.18 -1.87
C VAL F 228 -32.15 18.45 -1.05
N ALA F 229 -31.35 18.60 -0.01
CA ALA F 229 -31.30 19.80 0.81
C ALA F 229 -29.93 20.43 0.63
N ALA F 230 -29.91 21.75 0.46
CA ALA F 230 -28.68 22.48 0.14
C ALA F 230 -28.34 23.45 1.26
N HIS F 231 -27.09 23.38 1.73
CA HIS F 231 -26.55 24.36 2.65
C HIS F 231 -25.99 25.53 1.85
N ALA F 232 -26.48 26.74 2.12
CA ALA F 232 -26.07 27.91 1.36
C ALA F 232 -26.16 29.15 2.22
N HIS F 233 -25.09 29.94 2.22
CA HIS F 233 -25.03 31.24 2.88
C HIS F 233 -24.99 32.38 1.90
N GLY F 234 -24.17 32.30 0.85
CA GLY F 234 -24.04 33.38 -0.11
C GLY F 234 -25.12 33.34 -1.18
N THR F 235 -25.19 34.44 -1.94
CA THR F 235 -26.27 34.61 -2.92
C THR F 235 -26.05 33.74 -4.16
N GLU F 236 -24.83 33.71 -4.68
CA GLU F 236 -24.58 32.99 -5.93
C GLU F 236 -24.77 31.49 -5.77
N GLY F 237 -24.25 30.93 -4.68
CA GLY F 237 -24.44 29.50 -4.43
C GLY F 237 -25.89 29.14 -4.23
N MET F 238 -26.63 29.99 -3.50
CA MET F 238 -28.05 29.76 -3.32
C MET F 238 -28.79 29.80 -4.66
N LYS F 239 -28.43 30.74 -5.51
CA LYS F 239 -29.04 30.83 -6.84
C LYS F 239 -28.76 29.58 -7.65
N ARG F 240 -27.50 29.10 -7.63
CA ARG F 240 -27.15 27.90 -8.38
C ARG F 240 -27.90 26.69 -7.83
N ALA F 241 -28.03 26.58 -6.51
CA ALA F 241 -28.77 25.46 -5.94
C ALA F 241 -30.24 25.50 -6.34
N ILE F 242 -30.85 26.70 -6.30
CA ILE F 242 -32.25 26.80 -6.70
C ILE F 242 -32.42 26.44 -8.17
N LEU F 243 -31.53 26.92 -9.03
CA LEU F 243 -31.64 26.62 -10.45
C LEU F 243 -31.41 25.14 -10.72
N GLY F 244 -30.55 24.48 -9.93
CA GLY F 244 -30.31 23.06 -10.10
C GLY F 244 -31.53 22.22 -9.78
N GLY F 245 -32.35 22.65 -8.83
CA GLY F 245 -33.58 21.95 -8.52
C GLY F 245 -33.63 21.28 -7.16
N VAL F 246 -32.98 21.87 -6.16
CA VAL F 246 -33.00 21.33 -4.81
C VAL F 246 -34.38 21.54 -4.21
N THR F 247 -34.66 20.85 -3.10
CA THR F 247 -35.97 20.93 -2.46
C THR F 247 -36.05 22.02 -1.40
N SER F 248 -34.95 22.30 -0.70
CA SER F 248 -34.99 23.29 0.37
C SER F 248 -33.61 23.92 0.54
N ILE F 249 -33.61 25.11 1.14
CA ILE F 249 -32.41 25.86 1.46
C ILE F 249 -32.34 26.03 2.97
N GLU F 250 -31.13 25.97 3.53
CA GLU F 250 -30.95 25.85 4.96
C GLU F 250 -30.52 27.14 5.67
N HIS F 251 -29.55 27.88 5.13
CA HIS F 251 -29.09 29.08 5.87
C HIS F 251 -28.99 30.26 4.92
N GLY F 252 -30.10 30.62 4.26
CA GLY F 252 -30.07 31.69 3.27
C GLY F 252 -29.81 33.04 3.90
N THR F 253 -28.63 33.17 4.53
CA THR F 253 -28.31 34.36 5.29
C THR F 253 -28.32 35.61 4.41
N TYR F 254 -27.87 35.49 3.16
CA TYR F 254 -27.74 36.62 2.26
C TYR F 254 -28.74 36.53 1.11
N MET F 255 -29.97 36.14 1.43
CA MET F 255 -31.04 36.14 0.44
C MET F 255 -31.33 37.56 -0.02
N THR F 256 -31.54 37.73 -1.32
CA THR F 256 -31.92 39.00 -1.91
C THR F 256 -33.29 38.89 -2.54
N ASP F 257 -33.73 39.98 -3.17
CA ASP F 257 -35.04 39.98 -3.81
C ASP F 257 -35.11 39.00 -4.97
N GLU F 258 -34.05 38.93 -5.78
CA GLU F 258 -34.04 38.00 -6.90
C GLU F 258 -34.05 36.55 -6.43
N VAL F 259 -33.31 36.25 -5.36
CA VAL F 259 -33.32 34.89 -4.82
C VAL F 259 -34.70 34.53 -4.31
N MET F 260 -35.36 35.46 -3.62
CA MET F 260 -36.72 35.20 -3.15
C MET F 260 -37.68 34.99 -4.31
N ARG F 261 -37.54 35.78 -5.38
CA ARG F 261 -38.39 35.59 -6.54
C ARG F 261 -38.19 34.22 -7.15
N LEU F 262 -36.93 33.78 -7.28
CA LEU F 262 -36.67 32.43 -7.81
C LEU F 262 -37.27 31.36 -6.89
N MET F 263 -37.10 31.53 -5.58
CA MET F 263 -37.64 30.56 -4.64
C MET F 263 -39.16 30.44 -4.78
N LYS F 264 -39.84 31.58 -4.87
CA LYS F 264 -41.29 31.56 -5.05
C LYS F 264 -41.68 30.91 -6.37
N GLN F 265 -40.95 31.23 -7.44
CA GLN F 265 -41.27 30.67 -8.75
C GLN F 265 -41.12 29.15 -8.76
N HIS F 266 -40.08 28.63 -8.12
CA HIS F 266 -39.79 27.20 -8.18
C HIS F 266 -40.43 26.40 -7.05
N GLY F 267 -40.95 27.05 -6.01
CA GLY F 267 -41.55 26.33 -4.91
C GLY F 267 -40.56 25.76 -3.91
N THR F 268 -39.37 26.34 -3.81
CA THR F 268 -38.37 25.84 -2.88
C THR F 268 -38.75 26.20 -1.44
N TRP F 269 -38.45 25.28 -0.51
CA TRP F 269 -38.69 25.50 0.90
C TRP F 269 -37.49 26.21 1.53
N TYR F 270 -37.77 26.95 2.61
CA TYR F 270 -36.75 27.68 3.34
C TYR F 270 -36.78 27.27 4.81
N VAL F 271 -35.63 26.86 5.33
CA VAL F 271 -35.50 26.44 6.73
C VAL F 271 -34.51 27.38 7.42
N PRO F 272 -34.98 28.32 8.25
CA PRO F 272 -34.08 29.37 8.77
C PRO F 272 -32.97 28.88 9.68
N THR F 273 -33.30 28.12 10.73
CA THR F 273 -32.33 27.73 11.76
C THR F 273 -31.79 28.95 12.50
N ILE F 274 -32.71 29.69 13.12
CA ILE F 274 -32.34 30.90 13.85
C ILE F 274 -31.52 30.57 15.09
N SER F 275 -31.82 29.45 15.73
CA SER F 275 -31.16 29.10 16.99
C SER F 275 -29.65 28.99 16.80
N ALA F 276 -29.21 28.34 15.73
CA ALA F 276 -27.78 28.19 15.50
C ALA F 276 -27.10 29.53 15.29
N GLY F 277 -27.75 30.43 14.55
CA GLY F 277 -27.19 31.76 14.36
C GLY F 277 -27.02 32.49 15.66
N ARG F 278 -28.06 32.49 16.50
CA ARG F 278 -27.95 33.15 17.80
C ARG F 278 -26.85 32.51 18.65
N PHE F 279 -26.76 31.18 18.63
CA PHE F 279 -25.76 30.49 19.45
C PHE F 279 -24.35 30.86 19.02
N VAL F 280 -24.07 30.83 17.72
CA VAL F 280 -22.73 31.15 17.25
C VAL F 280 -22.40 32.61 17.50
N ALA F 281 -23.39 33.50 17.32
CA ALA F 281 -23.14 34.91 17.61
C ALA F 281 -22.79 35.11 19.07
N GLU F 282 -23.50 34.42 19.98
CA GLU F 282 -23.20 34.55 21.39
C GLU F 282 -21.82 33.99 21.72
N LYS F 283 -21.47 32.84 21.16
CA LYS F 283 -20.19 32.20 21.48
C LYS F 283 -19.00 32.90 20.85
N ALA F 284 -19.20 33.68 19.78
CA ALA F 284 -18.08 34.38 19.16
C ALA F 284 -17.46 35.40 20.11
N LYS F 285 -18.25 35.93 21.05
CA LYS F 285 -17.73 36.94 21.97
C LYS F 285 -16.80 36.33 23.01
N ILE F 286 -16.92 35.04 23.29
CA ILE F 286 -16.04 34.38 24.26
C ILE F 286 -14.68 34.15 23.61
N ASP F 287 -13.62 34.49 24.35
CA ASP F 287 -12.27 34.40 23.81
C ASP F 287 -11.75 32.97 23.89
N GLY F 288 -11.29 32.45 22.75
CA GLY F 288 -10.74 31.11 22.68
C GLY F 288 -11.75 30.01 22.45
N TYR F 289 -13.05 30.32 22.43
CA TYR F 289 -14.06 29.29 22.20
C TYR F 289 -13.94 28.72 20.79
N PHE F 290 -13.76 29.58 19.79
CA PHE F 290 -13.60 29.17 18.40
C PHE F 290 -12.15 29.34 17.96
N PRO F 291 -11.71 28.58 16.96
CA PRO F 291 -10.41 28.85 16.35
C PRO F 291 -10.40 30.20 15.65
N GLU F 292 -9.21 30.78 15.53
CA GLU F 292 -9.10 32.11 14.97
C GLU F 292 -9.61 32.20 13.54
N VAL F 293 -9.58 31.09 12.79
CA VAL F 293 -10.12 31.08 11.43
C VAL F 293 -11.63 30.94 11.40
N VAL F 294 -12.26 30.60 12.53
CA VAL F 294 -13.71 30.44 12.58
C VAL F 294 -14.40 31.63 13.23
N ARG F 295 -13.75 32.34 14.15
CA ARG F 295 -14.42 33.37 14.92
C ARG F 295 -14.95 34.51 14.07
N PRO F 296 -14.18 35.11 13.16
CA PRO F 296 -14.74 36.20 12.34
C PRO F 296 -15.94 35.77 11.51
N LYS F 297 -15.90 34.57 10.94
CA LYS F 297 -17.04 34.10 10.14
C LYS F 297 -18.29 33.97 10.99
N ALA F 298 -18.16 33.37 12.19
CA ALA F 298 -19.30 33.24 13.07
C ALA F 298 -19.84 34.61 13.47
N ALA F 299 -18.95 35.52 13.86
CA ALA F 299 -19.38 36.84 14.29
C ALA F 299 -20.12 37.57 13.17
N ARG F 300 -19.64 37.45 11.94
CA ARG F 300 -20.27 38.16 10.83
C ARG F 300 -21.58 37.51 10.38
N ILE F 301 -21.68 36.18 10.42
CA ILE F 301 -22.82 35.51 9.80
C ILE F 301 -23.93 35.22 10.80
N GLY F 302 -23.64 35.10 12.09
CA GLY F 302 -24.69 34.77 13.04
C GLY F 302 -25.63 35.91 13.36
N ALA F 303 -25.31 37.14 12.93
CA ALA F 303 -26.10 38.31 13.26
C ALA F 303 -27.06 38.71 12.15
N GLN F 304 -27.25 37.87 11.13
CA GLN F 304 -28.07 38.20 9.98
C GLN F 304 -28.99 37.06 9.60
N ILE F 305 -29.63 36.44 10.59
CA ILE F 305 -30.50 35.28 10.36
C ILE F 305 -31.95 35.61 10.66
N GLN F 306 -32.21 36.29 11.79
CA GLN F 306 -33.59 36.66 12.12
C GLN F 306 -34.15 37.65 11.10
N ASP F 307 -33.34 38.62 10.68
CA ASP F 307 -33.79 39.57 9.67
C ASP F 307 -34.13 38.87 8.37
N THR F 308 -33.30 37.91 7.96
CA THR F 308 -33.58 37.17 6.73
C THR F 308 -34.89 36.40 6.84
N ALA F 309 -35.13 35.77 8.00
CA ALA F 309 -36.39 35.04 8.18
C ALA F 309 -37.59 35.97 8.12
N ALA F 310 -37.49 37.13 8.78
CA ALA F 310 -38.60 38.08 8.74
C ALA F 310 -38.85 38.56 7.32
N LYS F 311 -37.80 38.89 6.58
CA LYS F 311 -37.96 39.35 5.20
C LYS F 311 -38.56 38.26 4.32
N ALA F 312 -38.08 37.02 4.47
CA ALA F 312 -38.60 35.93 3.67
C ALA F 312 -40.08 35.69 3.97
N TYR F 313 -40.47 35.73 5.24
CA TYR F 313 -41.89 35.57 5.55
C TYR F 313 -42.71 36.72 4.97
N ARG F 314 -42.20 37.94 5.07
CA ARG F 314 -42.93 39.09 4.52
C ARG F 314 -43.09 38.97 3.00
N ASN F 315 -42.11 38.39 2.32
CA ASN F 315 -42.12 38.32 0.86
C ASN F 315 -42.86 37.11 0.32
N GLY F 316 -43.36 36.22 1.17
CA GLY F 316 -44.16 35.10 0.72
C GLY F 316 -43.42 33.82 0.43
N VAL F 317 -42.20 33.65 0.94
CA VAL F 317 -41.45 32.42 0.74
C VAL F 317 -41.99 31.35 1.68
N LYS F 318 -41.96 30.10 1.23
CA LYS F 318 -42.42 29.00 2.06
C LYS F 318 -41.37 28.65 3.10
N ILE F 319 -41.80 28.56 4.36
CA ILE F 319 -40.90 28.41 5.49
C ILE F 319 -41.24 27.14 6.25
N ALA F 320 -40.21 26.38 6.62
CA ALA F 320 -40.35 25.16 7.40
C ALA F 320 -39.49 25.25 8.66
N PHE F 321 -39.70 24.31 9.58
CA PHE F 321 -39.12 24.36 10.91
C PHE F 321 -37.82 23.57 10.96
N GLY F 322 -36.77 24.21 11.46
CA GLY F 322 -35.48 23.55 11.63
C GLY F 322 -34.60 24.39 12.54
N THR F 323 -33.78 23.72 13.33
CA THR F 323 -33.03 24.40 14.37
C THR F 323 -31.53 24.25 14.26
N ASN F 324 -31.01 23.19 13.64
CA ASN F 324 -29.54 22.89 13.59
C ASN F 324 -29.09 22.63 15.04
N MET F 325 -29.72 21.68 15.73
CA MET F 325 -29.47 21.50 17.16
C MET F 325 -28.13 20.85 17.45
N GLY F 326 -27.37 20.40 16.45
CA GLY F 326 -26.00 19.98 16.73
C GLY F 326 -25.12 21.12 17.20
N VAL F 327 -25.48 22.36 16.89
CA VAL F 327 -24.73 23.52 17.35
C VAL F 327 -25.15 23.87 18.78
N GLY F 328 -26.43 24.14 18.99
CA GLY F 328 -26.96 24.37 20.31
C GLY F 328 -27.14 23.08 21.06
N PRO F 329 -27.57 23.16 22.33
CA PRO F 329 -27.73 21.93 23.12
C PRO F 329 -28.98 21.16 22.70
N HIS F 330 -28.83 19.85 22.54
CA HIS F 330 -29.95 19.01 22.19
C HIS F 330 -31.01 19.03 23.28
N GLY F 331 -32.28 18.96 22.88
CA GLY F 331 -33.39 18.97 23.80
C GLY F 331 -33.97 20.33 24.09
N ASP F 332 -33.46 21.38 23.44
CA ASP F 332 -33.98 22.73 23.59
C ASP F 332 -34.48 23.27 22.24
N ASN F 333 -34.96 22.37 21.39
CA ASN F 333 -35.41 22.75 20.05
C ASN F 333 -36.64 23.63 20.04
N ALA F 334 -37.41 23.67 21.13
CA ALA F 334 -38.69 24.35 21.16
C ALA F 334 -38.57 25.87 21.23
N ARG F 335 -37.37 26.40 21.46
CA ARG F 335 -37.18 27.85 21.49
C ARG F 335 -37.19 28.47 20.09
N GLU F 336 -37.04 27.63 19.04
CA GLU F 336 -37.16 28.14 17.69
C GLU F 336 -38.55 28.67 17.42
N PHE F 337 -39.59 28.12 18.07
CA PHE F 337 -40.92 28.67 17.95
C PHE F 337 -40.98 30.10 18.47
N ILE F 338 -40.38 30.33 19.64
CA ILE F 338 -40.37 31.67 20.21
C ILE F 338 -39.60 32.63 19.31
N TYR F 339 -38.46 32.18 18.79
CA TYR F 339 -37.69 33.04 17.89
C TYR F 339 -38.49 33.37 16.63
N MET F 340 -39.17 32.37 16.05
CA MET F 340 -39.96 32.61 14.85
C MET F 340 -41.08 33.60 15.11
N VAL F 341 -41.78 33.45 16.23
CA VAL F 341 -42.85 34.38 16.56
C VAL F 341 -42.30 35.78 16.77
N GLU F 342 -41.15 35.89 17.45
CA GLU F 342 -40.53 37.20 17.64
C GLU F 342 -40.03 37.78 16.33
N ALA F 343 -39.87 36.95 15.31
CA ALA F 343 -39.47 37.42 13.98
C ALA F 343 -40.63 37.88 13.13
N GLY F 344 -41.86 37.85 13.64
CA GLY F 344 -43.03 38.30 12.91
C GLY F 344 -43.94 37.21 12.40
N ILE F 345 -43.51 35.96 12.46
CA ILE F 345 -44.36 34.85 11.97
C ILE F 345 -45.44 34.56 13.00
N PRO F 346 -46.70 34.43 12.61
CA PRO F 346 -47.76 34.15 13.58
C PRO F 346 -47.58 32.79 14.23
N ALA F 347 -48.09 32.66 15.46
CA ALA F 347 -47.90 31.44 16.23
C ALA F 347 -48.51 30.23 15.52
N ALA F 348 -49.71 30.39 14.95
CA ALA F 348 -50.33 29.28 14.25
C ALA F 348 -49.50 28.85 13.05
N THR F 349 -48.98 29.82 12.29
CA THR F 349 -48.12 29.48 11.17
C THR F 349 -46.85 28.77 11.62
N ALA F 350 -46.26 29.23 12.73
CA ALA F 350 -45.06 28.59 13.24
C ALA F 350 -45.34 27.15 13.65
N LEU F 351 -46.49 26.91 14.29
CA LEU F 351 -46.83 25.55 14.68
C LEU F 351 -47.12 24.67 13.46
N GLN F 352 -47.77 25.24 12.43
CA GLN F 352 -48.02 24.48 11.22
C GLN F 352 -46.72 24.11 10.50
N SER F 353 -45.73 25.01 10.54
CA SER F 353 -44.48 24.75 9.82
C SER F 353 -43.75 23.54 10.38
N ALA F 354 -44.12 23.07 11.57
CA ALA F 354 -43.46 21.93 12.18
C ALA F 354 -44.28 20.65 12.14
N THR F 355 -45.54 20.70 11.70
CA THR F 355 -46.40 19.52 11.71
C THR F 355 -46.80 19.06 10.32
N VAL F 356 -47.44 19.92 9.53
CA VAL F 356 -47.95 19.53 8.22
C VAL F 356 -47.00 19.94 7.10
N LEU F 357 -46.51 21.18 7.14
CA LEU F 357 -45.52 21.61 6.16
C LEU F 357 -44.24 20.79 6.29
N ALA F 358 -43.87 20.41 7.51
CA ALA F 358 -42.72 19.54 7.69
C ALA F 358 -42.93 18.19 7.03
N ALA F 359 -44.13 17.62 7.16
CA ALA F 359 -44.44 16.37 6.50
C ALA F 359 -44.41 16.53 4.99
N GLU F 360 -44.84 17.68 4.49
CA GLU F 360 -44.73 17.94 3.05
C GLU F 360 -43.28 17.98 2.62
N VAL F 361 -42.42 18.63 3.40
CA VAL F 361 -41.00 18.70 3.06
C VAL F 361 -40.38 17.30 3.07
N LEU F 362 -40.75 16.48 4.04
CA LEU F 362 -40.20 15.13 4.14
C LEU F 362 -40.63 14.26 2.98
N GLY F 363 -41.81 14.50 2.42
CA GLY F 363 -42.34 13.67 1.37
C GLY F 363 -43.18 12.50 1.83
N VAL F 364 -43.68 12.52 3.06
CA VAL F 364 -44.52 11.46 3.60
C VAL F 364 -45.93 12.02 3.83
N ASP F 365 -46.89 11.10 3.91
CA ASP F 365 -48.29 11.48 4.08
C ASP F 365 -48.97 10.72 5.21
N ASP F 366 -48.24 9.97 6.03
CA ASP F 366 -48.81 9.22 7.13
C ASP F 366 -48.57 9.87 8.49
N GLN F 367 -48.18 11.14 8.51
CA GLN F 367 -47.97 11.85 9.76
C GLN F 367 -48.24 13.34 9.54
N GLY F 368 -48.15 14.11 10.62
CA GLY F 368 -48.26 15.55 10.56
C GLY F 368 -49.57 16.11 11.07
N ALA F 369 -50.60 15.28 11.20
CA ALA F 369 -51.90 15.76 11.67
C ALA F 369 -52.60 14.66 12.44
N ILE F 370 -53.54 15.06 13.29
CA ILE F 370 -54.34 14.11 14.08
C ILE F 370 -55.56 13.78 13.23
N GLU F 371 -55.40 12.79 12.36
CA GLU F 371 -56.48 12.37 11.46
C GLU F 371 -56.54 10.85 11.44
N THR F 372 -57.71 10.33 11.11
CA THR F 372 -57.92 8.89 11.08
C THR F 372 -56.95 8.23 10.09
N GLY F 373 -56.31 7.16 10.53
CA GLY F 373 -55.41 6.41 9.68
C GLY F 373 -53.96 6.84 9.73
N LYS F 374 -53.64 7.93 10.42
CA LYS F 374 -52.28 8.42 10.49
C LYS F 374 -51.57 7.87 11.73
N ARG F 375 -50.23 7.98 11.72
CA ARG F 375 -49.44 7.53 12.87
C ARG F 375 -49.87 8.27 14.12
N ALA F 376 -49.91 7.54 15.25
CA ALA F 376 -50.33 8.10 16.52
C ALA F 376 -49.12 8.74 17.21
N ASP F 377 -48.77 9.93 16.74
CA ASP F 377 -47.74 10.77 17.36
C ASP F 377 -48.44 12.00 17.93
N ILE F 378 -48.63 12.01 19.26
CA ILE F 378 -49.41 13.04 19.92
C ILE F 378 -48.63 13.56 21.13
N ILE F 379 -48.67 14.87 21.32
CA ILE F 379 -48.06 15.54 22.46
C ILE F 379 -49.08 16.49 23.06
N ALA F 380 -48.81 16.92 24.30
CA ALA F 380 -49.75 17.79 25.01
C ALA F 380 -48.99 18.71 25.96
N MET F 381 -49.55 19.89 26.17
CA MET F 381 -49.01 20.89 27.08
C MET F 381 -50.14 21.54 27.86
N PRO F 382 -49.88 22.03 29.07
CA PRO F 382 -50.97 22.61 29.88
C PRO F 382 -51.60 23.85 29.26
N GLY F 383 -50.82 24.71 28.61
CA GLY F 383 -51.31 25.96 28.09
C GLY F 383 -51.81 25.84 26.66
N ASP F 384 -52.15 26.99 26.08
CA ASP F 384 -52.58 27.07 24.69
C ASP F 384 -51.47 27.69 23.86
N PRO F 385 -50.77 26.92 23.03
CA PRO F 385 -49.61 27.49 22.32
C PRO F 385 -49.96 28.63 21.38
N VAL F 386 -51.17 28.65 20.82
CA VAL F 386 -51.53 29.72 19.89
C VAL F 386 -51.67 31.04 20.63
N ALA F 387 -52.37 31.04 21.75
CA ALA F 387 -52.55 32.27 22.53
C ALA F 387 -51.21 32.75 23.09
N ASP F 388 -50.41 31.83 23.61
CA ASP F 388 -49.10 32.14 24.18
C ASP F 388 -48.10 31.12 23.65
N ILE F 389 -47.15 31.58 22.84
CA ILE F 389 -46.16 30.67 22.27
C ILE F 389 -45.20 30.14 23.31
N ASN F 390 -45.09 30.81 24.45
CA ASN F 390 -44.18 30.37 25.50
C ASN F 390 -44.60 29.06 26.15
N ALA F 391 -45.82 28.59 25.88
CA ALA F 391 -46.30 27.34 26.44
C ALA F 391 -45.62 26.11 25.83
N VAL F 392 -44.91 26.28 24.70
CA VAL F 392 -44.26 25.14 24.06
C VAL F 392 -43.12 24.57 24.87
N LEU F 393 -42.64 25.29 25.89
CA LEU F 393 -41.52 24.84 26.70
C LEU F 393 -41.94 23.90 27.82
N ASN F 394 -43.23 23.68 28.02
CA ASN F 394 -43.73 22.77 29.06
C ASN F 394 -44.53 21.67 28.38
N VAL F 395 -43.84 20.62 27.94
CA VAL F 395 -44.46 19.46 27.33
C VAL F 395 -44.38 18.31 28.34
N ASP F 396 -45.53 17.78 28.74
CA ASP F 396 -45.59 16.74 29.75
C ASP F 396 -46.16 15.42 29.26
N PHE F 397 -46.66 15.36 28.03
CA PHE F 397 -47.17 14.13 27.44
C PHE F 397 -46.52 13.92 26.07
N VAL F 398 -45.98 12.72 25.84
CA VAL F 398 -45.39 12.37 24.57
C VAL F 398 -45.82 10.95 24.21
N MET F 399 -46.30 10.77 22.99
CA MET F 399 -46.68 9.47 22.47
C MET F 399 -46.13 9.32 21.05
N LYS F 400 -45.55 8.16 20.76
CA LYS F 400 -44.98 7.90 19.44
C LYS F 400 -45.33 6.49 19.01
N ASP F 401 -46.04 6.38 17.89
CA ASP F 401 -46.44 5.08 17.34
C ASP F 401 -47.37 4.32 18.30
N GLY F 402 -48.11 5.06 19.11
CA GLY F 402 -49.01 4.46 20.06
C GLY F 402 -48.41 4.11 21.39
N GLU F 403 -47.11 4.32 21.59
CA GLU F 403 -46.43 4.03 22.84
C GLU F 403 -46.21 5.33 23.59
N ILE F 404 -46.56 5.34 24.88
CA ILE F 404 -46.43 6.52 25.71
C ILE F 404 -45.06 6.53 26.37
N PHE F 405 -44.31 7.62 26.14
CA PHE F 405 -42.99 7.78 26.72
C PHE F 405 -42.96 8.76 27.88
N ARG F 406 -44.02 9.55 28.06
CA ARG F 406 -44.06 10.57 29.11
C ARG F 406 -45.50 10.86 29.44
N GLN F 407 -45.78 11.10 30.71
CA GLN F 407 -47.15 11.34 31.16
C GLN F 407 -47.22 12.50 32.17
N PRO G 2 -18.52 -42.83 -35.95
CA PRO G 2 -19.64 -43.06 -36.88
C PRO G 2 -20.70 -43.97 -36.28
N VAL G 3 -21.90 -43.44 -36.09
CA VAL G 3 -23.00 -44.21 -35.52
C VAL G 3 -24.30 -43.81 -36.22
N ALA G 4 -25.22 -44.76 -36.32
CA ALA G 4 -26.53 -44.53 -36.90
C ALA G 4 -27.60 -44.66 -35.83
N LEU G 5 -28.44 -43.63 -35.71
CA LEU G 5 -29.51 -43.60 -34.72
C LEU G 5 -30.84 -43.87 -35.42
N HIS G 6 -31.61 -44.81 -34.88
CA HIS G 6 -32.91 -45.19 -35.42
C HIS G 6 -33.98 -44.75 -34.45
N CYS G 7 -34.63 -43.64 -34.76
CA CYS G 7 -35.69 -43.09 -33.92
C CYS G 7 -37.06 -43.46 -34.50
N GLY G 8 -38.02 -43.69 -33.60
CA GLY G 8 -39.38 -43.91 -34.03
C GLY G 8 -40.15 -42.66 -34.38
N LYS G 9 -39.78 -41.53 -33.78
CA LYS G 9 -40.38 -40.24 -34.09
C LYS G 9 -39.33 -39.17 -33.96
N LEU G 10 -39.42 -38.17 -34.84
CA LEU G 10 -38.42 -37.07 -34.85
C LEU G 10 -39.17 -35.75 -34.76
N PHE G 11 -38.73 -34.87 -33.88
CA PHE G 11 -39.32 -33.56 -33.70
C PHE G 11 -38.62 -32.55 -34.62
N ASP G 12 -39.36 -31.99 -35.56
CA ASP G 12 -38.85 -30.96 -36.45
C ASP G 12 -38.95 -29.62 -35.73
N ALA G 13 -37.81 -29.11 -35.25
CA ALA G 13 -37.81 -27.85 -34.51
C ALA G 13 -38.25 -26.69 -35.40
N ARG G 14 -37.76 -26.65 -36.64
CA ARG G 14 -38.04 -25.51 -37.50
C ARG G 14 -39.53 -25.42 -37.83
N SER G 15 -40.17 -26.56 -38.10
CA SER G 15 -41.61 -26.56 -38.38
C SER G 15 -42.46 -26.80 -37.15
N GLY G 16 -41.87 -27.28 -36.05
CA GLY G 16 -42.63 -27.51 -34.84
C GLY G 16 -43.56 -28.70 -34.90
N ARG G 17 -43.24 -29.71 -35.70
CA ARG G 17 -44.09 -30.87 -35.88
C ARG G 17 -43.28 -32.14 -35.62
N VAL G 18 -43.97 -33.17 -35.12
CA VAL G 18 -43.36 -34.45 -34.83
C VAL G 18 -43.56 -35.37 -36.03
N LEU G 19 -42.47 -35.71 -36.70
CA LEU G 19 -42.52 -36.55 -37.90
C LEU G 19 -42.48 -38.02 -37.50
N GLY G 20 -42.34 -38.90 -38.49
CA GLY G 20 -42.31 -40.32 -38.25
C GLY G 20 -40.91 -40.87 -38.12
N PRO G 21 -40.76 -42.17 -38.32
CA PRO G 21 -39.44 -42.80 -38.17
C PRO G 21 -38.42 -42.20 -39.11
N HIS G 22 -37.20 -41.98 -38.60
CA HIS G 22 -36.09 -41.46 -39.37
C HIS G 22 -34.80 -42.15 -38.92
N THR G 23 -33.75 -41.96 -39.70
CA THR G 23 -32.42 -42.46 -39.35
C THR G 23 -31.41 -41.34 -39.47
N VAL G 24 -30.63 -41.14 -38.42
CA VAL G 24 -29.63 -40.07 -38.36
C VAL G 24 -28.25 -40.70 -38.34
N VAL G 25 -27.40 -40.27 -39.26
CA VAL G 25 -26.03 -40.76 -39.37
C VAL G 25 -25.10 -39.64 -38.92
N VAL G 26 -24.22 -39.95 -37.98
CA VAL G 26 -23.34 -38.97 -37.36
C VAL G 26 -21.90 -39.34 -37.67
N ARG G 27 -21.15 -38.39 -38.25
CA ARG G 27 -19.74 -38.58 -38.53
C ARG G 27 -18.98 -37.29 -38.23
N ASP G 28 -17.86 -37.43 -37.52
CA ASP G 28 -17.00 -36.29 -37.18
C ASP G 28 -17.75 -35.26 -36.33
N GLY G 29 -18.69 -35.71 -35.50
CA GLY G 29 -19.39 -34.82 -34.61
C GLY G 29 -20.45 -33.96 -35.25
N ARG G 30 -20.84 -34.25 -36.48
CA ARG G 30 -21.86 -33.48 -37.19
C ARG G 30 -22.85 -34.44 -37.85
N ILE G 31 -24.06 -33.95 -38.08
CA ILE G 31 -25.06 -34.76 -38.77
C ILE G 31 -24.70 -34.85 -40.24
N ASP G 32 -24.52 -36.08 -40.73
CA ASP G 32 -24.11 -36.31 -42.11
C ASP G 32 -25.26 -36.69 -43.02
N GLN G 33 -26.25 -37.43 -42.53
CA GLN G 33 -27.36 -37.87 -43.37
C GLN G 33 -28.60 -38.04 -42.51
N LEU G 34 -29.75 -37.73 -43.12
CA LEU G 34 -31.05 -37.87 -42.46
C LEU G 34 -31.98 -38.58 -43.43
N ILE G 35 -32.30 -39.84 -43.14
CA ILE G 35 -33.08 -40.71 -44.02
C ILE G 35 -34.43 -40.97 -43.38
N SER G 36 -35.49 -40.80 -44.15
CA SER G 36 -36.85 -41.06 -43.69
C SER G 36 -37.26 -42.47 -44.10
N GLY G 37 -37.68 -43.27 -43.13
CA GLY G 37 -38.08 -44.64 -43.39
C GLY G 37 -37.84 -45.58 -42.22
N LEU G 45 -21.41 -49.88 -39.86
CA LEU G 45 -21.83 -48.75 -39.04
C LEU G 45 -22.46 -49.21 -37.73
N ALA G 46 -22.12 -48.52 -36.64
CA ALA G 46 -22.76 -48.79 -35.36
C ALA G 46 -24.21 -48.30 -35.40
N ALA G 47 -25.03 -48.89 -34.53
CA ALA G 47 -26.45 -48.55 -34.47
C ALA G 47 -26.91 -48.48 -33.03
N VAL G 48 -27.80 -47.54 -32.74
CA VAL G 48 -28.43 -47.41 -31.43
C VAL G 48 -29.93 -47.57 -31.60
N ASP G 49 -30.52 -48.44 -30.79
CA ASP G 49 -31.94 -48.79 -30.90
C ASP G 49 -32.76 -47.76 -30.13
N LEU G 50 -33.33 -46.79 -30.86
CA LEU G 50 -34.20 -45.78 -30.28
C LEU G 50 -35.60 -45.82 -30.87
N ARG G 51 -35.95 -46.91 -31.55
CA ARG G 51 -37.19 -47.00 -32.30
C ARG G 51 -38.44 -46.87 -31.43
N ASN G 52 -38.31 -46.85 -30.11
CA ASN G 52 -39.44 -46.65 -29.21
C ASN G 52 -39.32 -45.34 -28.44
N ARG G 53 -38.69 -44.34 -29.06
CA ARG G 53 -38.45 -43.05 -28.42
C ARG G 53 -38.70 -41.93 -29.44
N THR G 54 -38.78 -40.71 -28.92
CA THR G 54 -38.87 -39.51 -29.75
C THR G 54 -37.55 -38.77 -29.64
N CYS G 55 -36.93 -38.49 -30.77
CA CYS G 55 -35.64 -37.80 -30.82
C CYS G 55 -35.84 -36.33 -31.08
N LEU G 56 -35.21 -35.49 -30.26
CA LEU G 56 -35.26 -34.05 -30.35
C LEU G 56 -33.85 -33.49 -30.33
N PRO G 57 -33.66 -32.27 -30.81
CA PRO G 57 -32.36 -31.60 -30.65
C PRO G 57 -32.09 -31.32 -29.18
N GLY G 58 -30.80 -31.26 -28.84
CA GLY G 58 -30.43 -30.95 -27.47
C GLY G 58 -30.95 -29.58 -27.07
N TRP G 59 -31.35 -29.47 -25.81
CA TRP G 59 -31.95 -28.23 -25.30
C TRP G 59 -30.87 -27.24 -24.89
N THR G 60 -31.24 -25.96 -24.91
CA THR G 60 -30.37 -24.88 -24.49
C THR G 60 -31.06 -24.08 -23.39
N ASP G 61 -30.37 -23.90 -22.27
CA ASP G 61 -30.85 -23.07 -21.18
C ASP G 61 -30.11 -21.73 -21.23
N LEU G 62 -30.86 -20.64 -21.40
CA LEU G 62 -30.27 -19.34 -21.63
C LEU G 62 -30.01 -18.54 -20.36
N HIS G 63 -30.27 -19.12 -19.18
CA HIS G 63 -30.00 -18.41 -17.93
C HIS G 63 -29.72 -19.46 -16.85
N VAL G 64 -28.44 -19.66 -16.54
CA VAL G 64 -28.03 -20.54 -15.46
C VAL G 64 -26.86 -19.88 -14.72
N HIS G 65 -26.61 -20.36 -13.51
CA HIS G 65 -25.46 -19.95 -12.71
C HIS G 65 -24.83 -21.23 -12.18
N LEU G 66 -23.91 -21.80 -12.95
CA LEU G 66 -23.35 -23.11 -12.65
C LEU G 66 -22.34 -23.07 -11.51
N GLY G 67 -21.93 -21.89 -11.06
CA GLY G 67 -20.98 -21.76 -9.98
C GLY G 67 -21.56 -21.66 -8.59
N ASP G 68 -22.87 -21.82 -8.48
CA ASP G 68 -23.52 -21.65 -7.17
C ASP G 68 -24.86 -22.34 -7.10
N GLU G 69 -25.37 -22.50 -5.89
CA GLU G 69 -26.71 -23.05 -5.67
C GLU G 69 -27.24 -22.49 -4.36
N SER G 70 -28.53 -22.16 -4.34
CA SER G 70 -29.14 -21.56 -3.17
C SER G 70 -29.26 -22.57 -2.04
N SER G 71 -29.02 -22.11 -0.81
CA SER G 71 -29.10 -22.95 0.37
C SER G 71 -29.25 -22.05 1.59
N PRO G 72 -29.59 -22.62 2.75
CA PRO G 72 -29.76 -21.79 3.95
C PRO G 72 -28.49 -21.09 4.39
N GLN G 73 -27.31 -21.57 4.00
CA GLN G 73 -26.04 -21.00 4.41
C GLN G 73 -25.39 -20.14 3.32
N SER G 74 -26.12 -19.83 2.25
CA SER G 74 -25.51 -19.16 1.11
C SER G 74 -25.13 -17.72 1.39
N TYR G 75 -25.65 -17.13 2.46
CA TYR G 75 -25.35 -15.73 2.76
C TYR G 75 -24.22 -15.57 3.77
N SER G 76 -23.63 -16.66 4.24
CA SER G 76 -22.44 -16.60 5.09
C SER G 76 -21.28 -17.43 4.56
N GLU G 77 -21.49 -18.20 3.48
CA GLU G 77 -20.42 -19.02 2.92
C GLU G 77 -19.41 -18.22 2.12
N GLY G 78 -19.78 -17.04 1.62
CA GLY G 78 -18.87 -16.27 0.80
C GLY G 78 -17.69 -15.71 1.56
N PHE G 79 -17.83 -15.55 2.87
CA PHE G 79 -16.76 -15.02 3.70
C PHE G 79 -15.83 -16.08 4.24
N ARG G 80 -16.16 -17.36 4.08
CA ARG G 80 -15.35 -18.45 4.59
C ARG G 80 -14.85 -19.42 3.54
N LEU G 81 -15.47 -19.47 2.36
CA LEU G 81 -15.06 -20.38 1.31
C LEU G 81 -14.37 -19.62 0.19
N ASP G 82 -13.62 -20.36 -0.62
CA ASP G 82 -12.89 -19.84 -1.76
C ASP G 82 -13.49 -20.37 -3.05
N PRO G 83 -13.24 -19.71 -4.18
CA PRO G 83 -13.78 -20.21 -5.46
C PRO G 83 -13.34 -21.62 -5.78
N ILE G 84 -12.16 -22.04 -5.31
CA ILE G 84 -11.72 -23.41 -5.53
C ILE G 84 -12.68 -24.38 -4.88
N ASP G 85 -13.26 -24.00 -3.74
CA ASP G 85 -14.27 -24.85 -3.11
C ASP G 85 -15.55 -24.93 -3.94
N PHE G 86 -15.90 -23.84 -4.63
CA PHE G 86 -17.11 -23.84 -5.46
C PHE G 86 -16.91 -24.61 -6.76
N ALA G 87 -15.68 -24.71 -7.25
CA ALA G 87 -15.43 -25.49 -8.47
C ALA G 87 -15.78 -26.96 -8.28
N TYR G 88 -15.44 -27.52 -7.12
CA TYR G 88 -15.71 -28.93 -6.87
C TYR G 88 -17.21 -29.22 -6.82
N ARG G 89 -18.02 -28.25 -6.42
CA ARG G 89 -19.47 -28.38 -6.52
C ARG G 89 -19.95 -28.18 -7.95
N SER G 90 -19.35 -27.24 -8.67
CA SER G 90 -19.73 -26.99 -10.05
C SER G 90 -19.52 -28.22 -10.91
N VAL G 91 -18.57 -29.08 -10.54
CA VAL G 91 -18.39 -30.32 -11.29
C VAL G 91 -19.69 -31.12 -11.34
N GLY G 92 -20.25 -31.39 -10.16
CA GLY G 92 -21.51 -32.13 -10.11
C GLY G 92 -22.67 -31.34 -10.69
N TYR G 93 -22.69 -30.03 -10.47
CA TYR G 93 -23.74 -29.20 -11.08
C TYR G 93 -23.77 -29.39 -12.60
N ALA G 94 -22.61 -29.27 -13.24
CA ALA G 94 -22.52 -29.38 -14.69
C ALA G 94 -22.88 -30.78 -15.16
N GLU G 95 -22.42 -31.82 -14.44
CA GLU G 95 -22.77 -33.17 -14.87
C GLU G 95 -24.27 -33.39 -14.80
N ARG G 96 -24.91 -32.96 -13.70
CA ARG G 96 -26.35 -33.13 -13.57
C ARG G 96 -27.11 -32.35 -14.63
N THR G 97 -26.63 -31.14 -14.96
CA THR G 97 -27.28 -30.37 -16.01
C THR G 97 -27.18 -31.08 -17.35
N LEU G 98 -26.00 -31.60 -17.69
CA LEU G 98 -25.82 -32.24 -18.98
C LEU G 98 -26.67 -33.51 -19.08
N LEU G 99 -26.69 -34.33 -18.03
CA LEU G 99 -27.40 -35.59 -18.10
C LEU G 99 -28.91 -35.43 -18.17
N ALA G 100 -29.43 -34.23 -17.91
CA ALA G 100 -30.87 -33.99 -17.98
C ALA G 100 -31.35 -33.64 -19.38
N GLY G 101 -30.44 -33.47 -20.34
CA GLY G 101 -30.81 -33.19 -21.71
C GLY G 101 -30.41 -31.84 -22.24
N PHE G 102 -29.69 -31.04 -21.47
CA PHE G 102 -29.31 -29.68 -21.88
C PHE G 102 -27.85 -29.72 -22.32
N THR G 103 -27.63 -29.73 -23.65
CA THR G 103 -26.30 -29.84 -24.21
C THR G 103 -25.56 -28.50 -24.28
N SER G 104 -26.25 -27.39 -24.06
CA SER G 104 -25.60 -26.09 -24.05
C SER G 104 -26.37 -25.16 -23.10
N VAL G 105 -25.65 -24.19 -22.54
CA VAL G 105 -26.23 -23.23 -21.61
C VAL G 105 -25.57 -21.88 -21.83
N ARG G 106 -26.23 -20.85 -21.32
CA ARG G 106 -25.67 -19.49 -21.29
C ARG G 106 -25.54 -19.07 -19.83
N ASP G 107 -24.30 -19.01 -19.35
CA ASP G 107 -24.03 -18.62 -17.97
C ASP G 107 -24.00 -17.10 -17.87
N LEU G 108 -24.80 -16.56 -16.96
CA LEU G 108 -25.04 -15.12 -16.90
C LEU G 108 -24.61 -14.53 -15.56
N GLY G 109 -23.41 -14.90 -15.09
CA GLY G 109 -22.87 -14.32 -13.89
C GLY G 109 -22.03 -15.26 -13.06
N GLY G 110 -20.85 -14.80 -12.65
CA GLY G 110 -19.94 -15.61 -11.87
C GLY G 110 -18.59 -15.80 -12.53
N GLU G 111 -17.52 -15.75 -11.75
CA GLU G 111 -16.16 -15.88 -12.27
C GLU G 111 -15.68 -17.33 -12.31
N VAL G 112 -16.48 -18.28 -11.86
CA VAL G 112 -16.08 -19.68 -11.89
C VAL G 112 -16.43 -20.34 -13.22
N SER G 113 -17.36 -19.76 -13.97
CA SER G 113 -17.93 -20.39 -15.15
C SER G 113 -16.96 -20.43 -16.33
N PRO G 114 -16.17 -19.39 -16.58
CA PRO G 114 -15.18 -19.50 -17.66
C PRO G 114 -14.19 -20.64 -17.46
N HIS G 115 -13.74 -20.85 -16.22
CA HIS G 115 -12.83 -21.96 -15.94
C HIS G 115 -13.52 -23.30 -16.14
N LEU G 116 -14.77 -23.42 -15.71
CA LEU G 116 -15.52 -24.65 -15.94
C LEU G 116 -15.71 -24.92 -17.42
N ARG G 117 -15.98 -23.86 -18.20
CA ARG G 117 -16.09 -24.00 -19.64
C ARG G 117 -14.79 -24.50 -20.25
N ASP G 118 -13.66 -23.93 -19.83
CA ASP G 118 -12.37 -24.38 -20.35
C ASP G 118 -12.13 -25.84 -20.01
N ALA G 119 -12.42 -26.23 -18.76
CA ALA G 119 -12.21 -27.61 -18.34
C ALA G 119 -13.09 -28.58 -19.12
N VAL G 120 -14.36 -28.19 -19.36
CA VAL G 120 -15.27 -29.05 -20.11
C VAL G 120 -14.82 -29.17 -21.56
N ASN G 121 -14.34 -28.07 -22.14
CA ASN G 121 -13.89 -28.10 -23.52
C ASN G 121 -12.63 -28.95 -23.67
N GLN G 122 -11.77 -28.96 -22.65
CA GLN G 122 -10.56 -29.77 -22.71
C GLN G 122 -10.83 -31.25 -22.41
N GLY G 123 -12.06 -31.60 -22.04
CA GLY G 123 -12.40 -32.97 -21.74
C GLY G 123 -12.10 -33.43 -20.34
N LEU G 124 -11.76 -32.51 -19.44
CA LEU G 124 -11.41 -32.91 -18.08
C LEU G 124 -12.64 -33.35 -17.30
N VAL G 125 -13.76 -32.64 -17.47
CA VAL G 125 -15.00 -32.95 -16.75
C VAL G 125 -16.16 -32.95 -17.74
N LYS G 126 -17.25 -33.55 -17.30
CA LYS G 126 -18.46 -33.65 -18.13
C LYS G 126 -19.35 -32.43 -17.90
N GLY G 127 -19.99 -31.98 -18.97
CA GLY G 127 -20.88 -30.84 -18.91
C GLY G 127 -21.37 -30.40 -20.27
N PRO G 128 -22.21 -29.37 -20.29
CA PRO G 128 -22.72 -28.84 -21.56
C PRO G 128 -21.75 -27.82 -22.15
N ARG G 129 -22.08 -27.35 -23.35
CA ARG G 129 -21.36 -26.25 -23.97
C ARG G 129 -21.76 -24.96 -23.29
N ILE G 130 -20.78 -24.23 -22.76
CA ILE G 130 -21.01 -23.08 -21.90
C ILE G 130 -20.63 -21.81 -22.65
N PHE G 131 -21.56 -20.86 -22.69
CA PHE G 131 -21.32 -19.50 -23.17
C PHE G 131 -21.32 -18.62 -21.91
N ALA G 132 -20.12 -18.28 -21.44
CA ALA G 132 -19.97 -17.66 -20.13
C ALA G 132 -19.88 -16.15 -20.25
N ALA G 133 -20.58 -15.45 -19.36
CA ALA G 133 -20.55 -14.00 -19.30
C ALA G 133 -19.45 -13.45 -18.39
N GLY G 134 -19.05 -14.19 -17.37
CA GLY G 134 -18.07 -13.70 -16.42
C GLY G 134 -18.67 -12.75 -15.40
N LYS G 135 -17.92 -11.73 -15.02
CA LYS G 135 -18.41 -10.78 -14.03
C LYS G 135 -19.50 -9.90 -14.64
N SER G 136 -20.61 -9.76 -13.92
CA SER G 136 -21.70 -8.92 -14.36
C SER G 136 -21.40 -7.45 -14.07
N ILE G 137 -21.94 -6.57 -14.93
CA ILE G 137 -21.65 -5.15 -14.87
C ILE G 137 -22.82 -4.44 -14.19
N ALA G 138 -22.50 -3.61 -13.20
CA ALA G 138 -23.51 -2.87 -12.45
C ALA G 138 -22.98 -1.46 -12.17
N THR G 139 -23.78 -0.68 -11.47
CA THR G 139 -23.39 0.64 -10.97
C THR G 139 -23.13 0.55 -9.46
N THR G 140 -22.67 1.65 -8.89
CA THR G 140 -22.36 1.66 -7.46
C THR G 140 -23.60 1.38 -6.64
N GLY G 141 -23.53 0.35 -5.79
CA GLY G 141 -24.69 -0.06 -5.02
C GLY G 141 -25.69 -0.89 -5.79
N GLY G 142 -25.39 -1.27 -7.03
CA GLY G 142 -26.32 -1.98 -7.87
C GLY G 142 -26.49 -3.43 -7.47
N HIS G 143 -27.34 -4.12 -8.23
CA HIS G 143 -27.68 -5.50 -7.91
C HIS G 143 -26.46 -6.42 -7.98
N ALA G 144 -25.49 -6.11 -8.82
CA ALA G 144 -24.31 -6.94 -9.00
C ALA G 144 -23.07 -6.35 -8.34
N ASP G 145 -23.24 -5.36 -7.47
CA ASP G 145 -22.11 -4.78 -6.76
C ASP G 145 -21.49 -5.83 -5.84
N PRO G 146 -20.20 -6.14 -5.97
CA PRO G 146 -19.62 -7.24 -5.19
C PRO G 146 -19.44 -6.95 -3.71
N THR G 147 -19.62 -5.70 -3.27
CA THR G 147 -19.34 -5.31 -1.90
C THR G 147 -20.59 -4.84 -1.15
N ASN G 148 -21.76 -5.16 -1.67
CA ASN G 148 -23.00 -4.83 -0.97
C ASN G 148 -23.11 -5.63 0.32
N GLY G 149 -23.37 -4.94 1.43
CA GLY G 149 -23.57 -5.58 2.71
C GLY G 149 -22.33 -5.76 3.56
N TRP G 150 -21.16 -5.36 3.07
CA TRP G 150 -19.93 -5.48 3.86
C TRP G 150 -19.86 -4.37 4.90
N ASN G 151 -19.16 -4.65 5.99
CA ASN G 151 -18.98 -3.65 7.03
C ASN G 151 -17.86 -2.67 6.63
N ASP G 152 -17.63 -1.68 7.50
CA ASP G 152 -16.70 -0.62 7.15
C ASP G 152 -15.27 -1.14 7.02
N GLN G 153 -14.87 -2.07 7.88
CA GLN G 153 -13.49 -2.57 7.86
C GLN G 153 -13.17 -3.24 6.53
N LEU G 154 -14.00 -4.19 6.11
CA LEU G 154 -13.75 -4.89 4.86
C LEU G 154 -13.85 -3.95 3.67
N SER G 155 -14.84 -3.05 3.68
CA SER G 155 -14.99 -2.11 2.57
C SER G 155 -13.76 -1.23 2.43
N HIS G 156 -13.23 -0.74 3.55
CA HIS G 156 -12.02 0.08 3.48
C HIS G 156 -10.82 -0.75 3.04
N LEU G 157 -10.75 -2.01 3.49
CA LEU G 157 -9.62 -2.85 3.10
C LEU G 157 -9.59 -3.11 1.60
N ILE G 158 -10.75 -3.38 1.01
CA ILE G 158 -10.77 -3.74 -0.41
C ILE G 158 -10.87 -2.52 -1.33
N GLY G 159 -11.43 -1.41 -0.84
CA GLY G 159 -11.57 -0.21 -1.64
C GLY G 159 -12.82 -0.22 -2.49
N PRO G 160 -13.15 0.93 -3.07
CA PRO G 160 -14.36 1.03 -3.91
C PRO G 160 -14.17 0.31 -5.23
N PRO G 161 -15.15 -0.48 -5.67
CA PRO G 161 -15.03 -1.18 -6.95
C PRO G 161 -15.02 -0.22 -8.12
N GLY G 162 -14.29 -0.61 -9.16
CA GLY G 162 -14.21 0.16 -10.37
C GLY G 162 -14.56 -0.67 -11.60
N PRO G 163 -14.27 -0.13 -12.79
CA PRO G 163 -14.57 -0.89 -14.02
C PRO G 163 -13.90 -2.25 -14.08
N THR G 164 -12.71 -2.39 -13.49
CA THR G 164 -12.04 -3.68 -13.50
C THR G 164 -12.85 -4.71 -12.72
N GLU G 165 -13.57 -4.28 -11.70
CA GLU G 165 -14.42 -5.16 -10.90
C GLU G 165 -15.85 -5.20 -11.38
N GLY G 166 -16.19 -4.47 -12.43
CA GLY G 166 -17.52 -4.50 -13.01
C GLY G 166 -18.48 -3.43 -12.57
N VAL G 167 -18.00 -2.38 -11.89
CA VAL G 167 -18.85 -1.30 -11.40
C VAL G 167 -18.51 -0.04 -12.19
N VAL G 168 -19.50 0.52 -12.86
CA VAL G 168 -19.28 1.65 -13.76
C VAL G 168 -20.25 2.77 -13.40
N ASN G 169 -19.84 4.00 -13.69
CA ASN G 169 -20.67 5.17 -13.40
C ASN G 169 -20.63 6.23 -14.51
N SER G 170 -20.05 5.93 -15.66
CA SER G 170 -19.99 6.89 -16.76
C SER G 170 -19.85 6.12 -18.07
N VAL G 171 -19.78 6.87 -19.17
CA VAL G 171 -19.68 6.26 -20.49
C VAL G 171 -18.31 5.61 -20.67
N ASP G 172 -17.24 6.33 -20.33
CA ASP G 172 -15.89 5.79 -20.49
C ASP G 172 -15.68 4.57 -19.59
N GLU G 173 -16.23 4.61 -18.37
CA GLU G 173 -16.14 3.46 -17.49
C GLU G 173 -16.87 2.25 -18.05
N ALA G 174 -18.03 2.46 -18.68
CA ALA G 174 -18.73 1.35 -19.32
C ALA G 174 -17.90 0.76 -20.45
N ARG G 175 -17.28 1.63 -21.26
CA ARG G 175 -16.39 1.16 -22.32
C ARG G 175 -15.28 0.29 -21.74
N GLN G 176 -14.63 0.78 -20.67
CA GLN G 176 -13.54 0.02 -20.07
C GLN G 176 -14.04 -1.29 -19.48
N ALA G 177 -15.23 -1.29 -18.88
CA ALA G 177 -15.76 -2.52 -18.31
C ALA G 177 -16.02 -3.57 -19.38
N VAL G 178 -16.57 -3.16 -20.52
CA VAL G 178 -16.77 -4.13 -21.60
C VAL G 178 -15.43 -4.65 -22.11
N ARG G 179 -14.44 -3.76 -22.25
CA ARG G 179 -13.13 -4.20 -22.70
C ARG G 179 -12.47 -5.13 -21.69
N GLN G 180 -12.73 -4.92 -20.40
CA GLN G 180 -12.16 -5.79 -19.37
C GLN G 180 -12.83 -7.15 -19.35
N ARG G 181 -14.14 -7.19 -19.63
CA ARG G 181 -14.81 -8.47 -19.81
C ARG G 181 -14.23 -9.22 -21.01
N TYR G 182 -13.95 -8.50 -22.10
CA TYR G 182 -13.30 -9.14 -23.24
C TYR G 182 -11.92 -9.66 -22.87
N LYS G 183 -11.16 -8.88 -22.08
CA LYS G 183 -9.81 -9.28 -21.70
C LYS G 183 -9.82 -10.56 -20.86
N ASP G 184 -10.89 -10.79 -20.10
CA ASP G 184 -10.96 -11.96 -19.24
C ASP G 184 -11.61 -13.16 -19.91
N GLY G 185 -11.96 -13.07 -21.19
CA GLY G 185 -12.42 -14.22 -21.93
C GLY G 185 -13.90 -14.52 -21.81
N SER G 186 -14.73 -13.52 -22.05
CA SER G 186 -16.17 -13.68 -22.00
C SER G 186 -16.74 -13.96 -23.38
N ASP G 187 -17.95 -14.53 -23.40
CA ASP G 187 -18.68 -14.78 -24.64
C ASP G 187 -19.91 -13.89 -24.79
N VAL G 188 -20.37 -13.26 -23.72
CA VAL G 188 -21.59 -12.46 -23.76
C VAL G 188 -21.51 -11.46 -22.62
N ILE G 189 -22.30 -10.40 -22.70
CA ILE G 189 -22.30 -9.36 -21.68
C ILE G 189 -23.60 -9.36 -20.88
N ILE G 191 -25.71 -7.07 -17.81
CA ILE G 191 -25.83 -5.89 -16.97
C ILE G 191 -27.09 -5.99 -16.14
N THR G 192 -27.08 -5.33 -14.98
CA THR G 192 -28.25 -5.26 -14.10
C THR G 192 -28.83 -3.86 -14.20
N ALA G 193 -29.94 -3.74 -14.93
CA ALA G 193 -30.52 -2.42 -15.20
C ALA G 193 -31.26 -1.89 -13.98
N THR G 194 -31.84 -2.76 -13.17
CA THR G 194 -32.60 -2.38 -11.99
C THR G 194 -32.06 -3.14 -10.77
N GLY G 195 -32.76 -3.01 -9.65
CA GLY G 195 -32.44 -3.75 -8.45
C GLY G 195 -32.89 -5.19 -8.56
N GLY G 196 -32.49 -5.98 -7.57
CA GLY G 196 -32.80 -7.40 -7.58
C GLY G 196 -33.48 -7.90 -6.32
N VAL G 197 -33.66 -9.21 -6.25
CA VAL G 197 -34.33 -9.85 -5.12
C VAL G 197 -33.33 -10.44 -4.12
N LEU G 198 -32.27 -11.06 -4.62
CA LEU G 198 -31.35 -11.82 -3.79
C LEU G 198 -30.10 -11.05 -3.39
N SER G 199 -30.03 -9.76 -3.68
CA SER G 199 -28.89 -8.94 -3.30
C SER G 199 -29.11 -8.32 -1.93
N TYR G 200 -28.00 -8.02 -1.25
CA TYR G 200 -28.04 -7.42 0.08
C TYR G 200 -28.16 -5.89 -0.03
N ALA G 201 -29.24 -5.46 -0.67
CA ALA G 201 -29.53 -4.05 -0.87
C ALA G 201 -31.00 -3.79 -0.56
N LYS G 202 -31.38 -2.52 -0.57
CA LYS G 202 -32.72 -2.10 -0.17
C LYS G 202 -33.74 -2.24 -1.29
N SER G 203 -33.44 -1.69 -2.47
CA SER G 203 -34.42 -1.62 -3.53
C SER G 203 -34.48 -2.92 -4.33
N GLY G 204 -35.58 -3.08 -5.07
CA GLY G 204 -35.77 -4.26 -5.88
C GLY G 204 -36.09 -4.00 -7.34
N ASP G 205 -36.58 -2.78 -7.65
CA ASP G 205 -36.97 -2.49 -9.02
C ASP G 205 -36.63 -1.08 -9.50
N ALA G 206 -35.85 -0.32 -8.73
CA ALA G 206 -35.56 1.05 -9.14
C ALA G 206 -34.55 1.08 -10.28
N PRO G 207 -34.62 2.09 -11.15
CA PRO G 207 -33.67 2.17 -12.26
C PRO G 207 -32.27 2.50 -11.78
N GLN G 208 -31.30 1.70 -12.22
CA GLN G 208 -29.92 1.85 -11.79
C GLN G 208 -28.96 2.10 -12.94
N PHE G 209 -29.47 2.29 -14.15
CA PHE G 209 -28.65 2.63 -15.31
C PHE G 209 -29.29 3.83 -16.00
N THR G 210 -28.47 4.67 -16.61
CA THR G 210 -28.98 5.71 -17.49
C THR G 210 -28.94 5.22 -18.93
N VAL G 211 -29.68 5.92 -19.80
CA VAL G 211 -29.75 5.50 -21.19
C VAL G 211 -28.40 5.62 -21.86
N ASP G 212 -27.63 6.65 -21.53
CA ASP G 212 -26.32 6.84 -22.16
C ASP G 212 -25.34 5.74 -21.78
N GLU G 213 -25.36 5.31 -20.51
CA GLU G 213 -24.47 4.23 -20.09
C GLU G 213 -24.81 2.93 -20.81
N VAL G 214 -26.11 2.63 -20.92
CA VAL G 214 -26.53 1.43 -21.66
C VAL G 214 -26.09 1.53 -23.11
N LYS G 215 -26.24 2.70 -23.72
CA LYS G 215 -25.83 2.88 -25.10
C LYS G 215 -24.33 2.65 -25.26
N ALA G 216 -23.53 3.18 -24.35
CA ALA G 216 -22.09 2.98 -24.41
C ALA G 216 -21.74 1.50 -24.29
N ILE G 217 -22.37 0.80 -23.35
CA ILE G 217 -22.11 -0.63 -23.20
C ILE G 217 -22.45 -1.38 -24.48
N VAL G 218 -23.61 -1.06 -25.07
CA VAL G 218 -24.05 -1.78 -26.26
C VAL G 218 -23.12 -1.50 -27.43
N ASP G 219 -22.70 -0.24 -27.61
CA ASP G 219 -21.79 0.09 -28.70
C ASP G 219 -20.45 -0.65 -28.53
N THR G 220 -19.89 -0.63 -27.33
CA THR G 220 -18.64 -1.32 -27.10
C THR G 220 -18.78 -2.82 -27.35
N ALA G 221 -19.89 -3.41 -26.90
CA ALA G 221 -20.12 -4.83 -27.15
C ALA G 221 -20.24 -5.11 -28.64
N ASN G 222 -20.87 -4.19 -29.38
CA ASN G 222 -20.98 -4.37 -30.82
C ASN G 222 -19.60 -4.37 -31.48
N ASP G 223 -18.69 -3.53 -30.98
CA ASP G 223 -17.34 -3.52 -31.55
C ASP G 223 -16.65 -4.87 -31.37
N TYR G 224 -16.97 -5.61 -30.29
CA TYR G 224 -16.27 -6.83 -29.96
C TYR G 224 -17.07 -8.10 -30.28
N GLY G 225 -18.17 -7.97 -30.99
CA GLY G 225 -18.95 -9.14 -31.37
C GLY G 225 -19.74 -9.79 -30.26
N TYR G 226 -20.17 -9.02 -29.26
CA TYR G 226 -20.91 -9.56 -28.14
C TYR G 226 -22.40 -9.24 -28.24
N LYS G 227 -23.18 -9.98 -27.47
CA LYS G 227 -24.58 -9.66 -27.21
C LYS G 227 -24.70 -9.19 -25.77
N VAL G 228 -25.75 -8.43 -25.49
CA VAL G 228 -25.99 -7.86 -24.16
C VAL G 228 -27.32 -8.38 -23.63
N ALA G 229 -27.30 -8.94 -22.43
CA ALA G 229 -28.49 -9.37 -21.72
C ALA G 229 -28.66 -8.49 -20.49
N ALA G 230 -29.89 -8.04 -20.23
CA ALA G 230 -30.17 -7.08 -19.17
C ALA G 230 -31.08 -7.71 -18.13
N HIS G 231 -30.67 -7.61 -16.86
CA HIS G 231 -31.51 -7.98 -15.74
C HIS G 231 -32.38 -6.78 -15.37
N ALA G 232 -33.70 -6.96 -15.37
CA ALA G 232 -34.61 -5.86 -15.11
C ALA G 232 -35.90 -6.37 -14.49
N HIS G 233 -36.30 -5.75 -13.39
CA HIS G 233 -37.58 -6.01 -12.73
C HIS G 233 -38.57 -4.87 -12.89
N GLY G 234 -38.12 -3.63 -12.68
CA GLY G 234 -39.01 -2.49 -12.77
C GLY G 234 -39.21 -2.01 -14.20
N THR G 235 -40.21 -1.13 -14.36
CA THR G 235 -40.61 -0.67 -15.69
C THR G 235 -39.61 0.31 -16.28
N GLU G 236 -39.14 1.28 -15.49
CA GLU G 236 -38.28 2.32 -16.03
C GLU G 236 -36.93 1.77 -16.46
N GLY G 237 -36.33 0.90 -15.64
CA GLY G 237 -35.07 0.30 -16.02
C GLY G 237 -35.19 -0.59 -17.26
N MET G 238 -36.29 -1.33 -17.35
CA MET G 238 -36.53 -2.15 -18.54
C MET G 238 -36.68 -1.28 -19.78
N LYS G 239 -37.38 -0.15 -19.64
CA LYS G 239 -37.53 0.78 -20.76
C LYS G 239 -36.17 1.34 -21.19
N ARG G 240 -35.35 1.74 -20.22
CA ARG G 240 -34.03 2.27 -20.55
C ARG G 240 -33.17 1.21 -21.23
N ALA G 241 -33.22 -0.03 -20.75
CA ALA G 241 -32.44 -1.10 -21.37
C ALA G 241 -32.90 -1.35 -22.79
N ILE G 242 -34.22 -1.37 -23.03
CA ILE G 242 -34.73 -1.59 -24.38
C ILE G 242 -34.30 -0.45 -25.30
N LEU G 243 -34.40 0.80 -24.81
CA LEU G 243 -34.01 1.93 -25.64
C LEU G 243 -32.51 1.93 -25.93
N GLY G 244 -31.70 1.45 -24.97
CA GLY G 244 -30.27 1.39 -25.18
C GLY G 244 -29.87 0.41 -26.27
N GLY G 245 -30.62 -0.68 -26.42
CA GLY G 245 -30.37 -1.62 -27.50
C GLY G 245 -29.89 -2.99 -27.07
N VAL G 246 -30.34 -3.46 -25.91
CA VAL G 246 -29.94 -4.79 -25.43
C VAL G 246 -30.64 -5.85 -26.28
N THR G 247 -30.16 -7.09 -26.17
CA THR G 247 -30.71 -8.19 -26.96
C THR G 247 -31.87 -8.91 -26.28
N SER G 248 -31.85 -9.01 -24.95
CA SER G 248 -32.90 -9.74 -24.26
C SER G 248 -33.09 -9.17 -22.85
N ILE G 249 -34.28 -9.44 -22.29
CA ILE G 249 -34.64 -9.05 -20.95
C ILE G 249 -34.92 -10.31 -20.15
N GLU G 250 -34.54 -10.30 -18.86
CA GLU G 250 -34.51 -11.52 -18.07
C GLU G 250 -35.66 -11.68 -17.08
N HIS G 251 -36.00 -10.64 -16.33
CA HIS G 251 -37.07 -10.82 -15.31
C HIS G 251 -38.06 -9.68 -15.39
N GLY G 252 -38.69 -9.48 -16.56
CA GLY G 252 -39.60 -8.36 -16.74
C GLY G 252 -40.86 -8.51 -15.92
N THR G 253 -40.67 -8.55 -14.59
CA THR G 253 -41.78 -8.81 -13.67
C THR G 253 -42.88 -7.76 -13.81
N TYR G 254 -42.51 -6.51 -14.03
CA TYR G 254 -43.45 -5.40 -14.07
C TYR G 254 -43.57 -4.82 -15.48
N MET G 255 -43.61 -5.70 -16.47
CA MET G 255 -43.85 -5.30 -17.85
C MET G 255 -45.24 -4.69 -17.98
N THR G 256 -45.33 -3.59 -18.72
CA THR G 256 -46.60 -2.94 -19.01
C THR G 256 -46.87 -2.98 -20.51
N ASP G 257 -47.98 -2.37 -20.92
CA ASP G 257 -48.33 -2.35 -22.34
C ASP G 257 -47.31 -1.58 -23.16
N GLU G 258 -46.84 -0.44 -22.65
CA GLU G 258 -45.86 0.34 -23.38
C GLU G 258 -44.54 -0.40 -23.52
N VAL G 259 -44.12 -1.10 -22.46
CA VAL G 259 -42.89 -1.88 -22.52
C VAL G 259 -43.01 -2.99 -23.56
N MET G 260 -44.17 -3.66 -23.59
CA MET G 260 -44.39 -4.70 -24.58
C MET G 260 -44.37 -4.13 -25.99
N ARG G 261 -44.98 -2.96 -26.19
CA ARG G 261 -44.96 -2.32 -27.49
C ARG G 261 -43.53 -2.01 -27.93
N LEU G 262 -42.72 -1.47 -27.02
CA LEU G 262 -41.32 -1.20 -27.35
C LEU G 262 -40.58 -2.49 -27.69
N MET G 263 -40.80 -3.55 -26.90
CA MET G 263 -40.14 -4.82 -27.15
C MET G 263 -40.49 -5.34 -28.54
N LYS G 264 -41.77 -5.30 -28.90
CA LYS G 264 -42.18 -5.76 -30.23
C LYS G 264 -41.56 -4.90 -31.32
N GLN G 265 -41.54 -3.57 -31.11
CA GLN G 265 -40.99 -2.68 -32.13
C GLN G 265 -39.50 -2.96 -32.36
N HIS G 266 -38.75 -3.20 -31.30
CA HIS G 266 -37.30 -3.34 -31.40
C HIS G 266 -36.84 -4.78 -31.63
N GLY G 267 -37.72 -5.76 -31.43
CA GLY G 267 -37.32 -7.15 -31.60
C GLY G 267 -36.57 -7.74 -30.44
N THR G 268 -36.76 -7.21 -29.23
CA THR G 268 -36.07 -7.73 -28.06
C THR G 268 -36.65 -9.07 -27.63
N TRP G 269 -35.78 -9.96 -27.16
CA TRP G 269 -36.19 -11.26 -26.66
C TRP G 269 -36.55 -11.16 -25.18
N TYR G 270 -37.44 -12.05 -24.74
CA TYR G 270 -37.88 -12.11 -23.36
C TYR G 270 -37.64 -13.51 -22.80
N VAL G 271 -36.95 -13.58 -21.67
CA VAL G 271 -36.63 -14.85 -21.00
C VAL G 271 -37.29 -14.83 -19.62
N PRO G 272 -38.39 -15.55 -19.41
CA PRO G 272 -39.15 -15.40 -18.17
C PRO G 272 -38.44 -15.84 -16.90
N THR G 273 -37.93 -17.07 -16.87
CA THR G 273 -37.34 -17.67 -15.67
C THR G 273 -38.40 -17.82 -14.57
N ILE G 274 -39.44 -18.59 -14.89
CA ILE G 274 -40.54 -18.80 -13.95
C ILE G 274 -40.09 -19.63 -12.76
N SER G 275 -39.17 -20.58 -12.98
CA SER G 275 -38.76 -21.47 -11.92
C SER G 275 -38.18 -20.71 -10.73
N ALA G 276 -37.32 -19.72 -11.01
CA ALA G 276 -36.71 -18.96 -9.92
C ALA G 276 -37.76 -18.19 -9.13
N GLY G 277 -38.74 -17.61 -9.82
CA GLY G 277 -39.80 -16.91 -9.12
C GLY G 277 -40.57 -17.82 -8.19
N ARG G 278 -40.96 -18.99 -8.70
CA ARG G 278 -41.67 -19.95 -7.85
C ARG G 278 -40.81 -20.37 -6.66
N PHE G 279 -39.52 -20.63 -6.91
CA PHE G 279 -38.63 -21.08 -5.84
C PHE G 279 -38.51 -20.04 -4.74
N VAL G 280 -38.28 -18.78 -5.11
CA VAL G 280 -38.11 -17.73 -4.11
C VAL G 280 -39.42 -17.49 -3.38
N ALA G 281 -40.55 -17.54 -4.09
CA ALA G 281 -41.84 -17.38 -3.42
C ALA G 281 -42.05 -18.48 -2.38
N GLU G 282 -41.70 -19.71 -2.73
CA GLU G 282 -41.87 -20.82 -1.78
C GLU G 282 -40.94 -20.66 -0.58
N LYS G 283 -39.69 -20.28 -0.82
CA LYS G 283 -38.73 -20.16 0.27
C LYS G 283 -38.96 -18.95 1.16
N ALA G 284 -39.66 -17.92 0.67
CA ALA G 284 -39.91 -16.76 1.50
C ALA G 284 -40.78 -17.10 2.71
N LYS G 285 -41.61 -18.14 2.60
CA LYS G 285 -42.48 -18.50 3.70
C LYS G 285 -41.72 -19.17 4.84
N ILE G 286 -40.56 -19.75 4.57
CA ILE G 286 -39.76 -20.39 5.61
C ILE G 286 -39.06 -19.31 6.43
N ASP G 287 -39.11 -19.43 7.75
CA ASP G 287 -38.56 -18.41 8.63
C ASP G 287 -37.06 -18.58 8.78
N GLY G 288 -36.31 -17.50 8.52
CA GLY G 288 -34.88 -17.51 8.65
C GLY G 288 -34.12 -17.97 7.41
N TYR G 289 -34.82 -18.43 6.37
CA TYR G 289 -34.13 -18.88 5.16
C TYR G 289 -33.42 -17.72 4.47
N PHE G 290 -34.10 -16.57 4.37
CA PHE G 290 -33.52 -15.37 3.76
C PHE G 290 -33.19 -14.34 4.83
N PRO G 291 -32.24 -13.45 4.56
CA PRO G 291 -32.04 -12.31 5.46
C PRO G 291 -33.25 -11.39 5.45
N GLU G 292 -33.43 -10.65 6.55
CA GLU G 292 -34.61 -9.81 6.70
C GLU G 292 -34.70 -8.74 5.62
N VAL G 293 -33.57 -8.33 5.03
CA VAL G 293 -33.61 -7.36 3.95
C VAL G 293 -33.94 -8.00 2.60
N VAL G 294 -33.92 -9.32 2.51
CA VAL G 294 -34.22 -10.01 1.27
C VAL G 294 -35.63 -10.61 1.25
N ARG G 295 -36.17 -10.98 2.41
CA ARG G 295 -37.43 -11.71 2.43
C ARG G 295 -38.59 -10.92 1.84
N PRO G 296 -38.84 -9.67 2.23
CA PRO G 296 -39.96 -8.94 1.61
C PRO G 296 -39.86 -8.81 0.11
N LYS G 297 -38.65 -8.56 -0.41
CA LYS G 297 -38.48 -8.44 -1.86
C LYS G 297 -38.83 -9.74 -2.56
N ALA G 298 -38.34 -10.86 -2.03
CA ALA G 298 -38.64 -12.15 -2.63
C ALA G 298 -40.14 -12.43 -2.58
N ALA G 299 -40.76 -12.19 -1.43
CA ALA G 299 -42.19 -12.45 -1.29
C ALA G 299 -43.00 -11.62 -2.28
N ARG G 300 -42.63 -10.35 -2.47
CA ARG G 300 -43.39 -9.48 -3.35
C ARG G 300 -43.14 -9.77 -4.83
N ILE G 301 -41.91 -10.15 -5.20
CA ILE G 301 -41.58 -10.23 -6.62
C ILE G 301 -41.74 -11.65 -7.19
N GLY G 302 -41.66 -12.69 -6.35
CA GLY G 302 -41.76 -14.03 -6.89
C GLY G 302 -43.16 -14.45 -7.28
N ALA G 303 -44.17 -13.67 -6.93
CA ALA G 303 -45.57 -14.03 -7.16
C ALA G 303 -46.14 -13.35 -8.41
N GLN G 304 -45.30 -12.73 -9.24
CA GLN G 304 -45.77 -11.98 -10.40
C GLN G 304 -44.93 -12.29 -11.64
N ILE G 305 -44.63 -13.56 -11.86
CA ILE G 305 -43.79 -13.98 -12.98
C ILE G 305 -44.59 -14.79 -14.00
N GLN G 306 -45.40 -15.74 -13.55
CA GLN G 306 -46.22 -16.51 -14.47
C GLN G 306 -47.22 -15.63 -15.20
N ASP G 307 -47.86 -14.70 -14.47
CA ASP G 307 -48.81 -13.80 -15.11
C ASP G 307 -48.13 -12.94 -16.16
N THR G 308 -46.92 -12.45 -15.88
CA THR G 308 -46.20 -11.66 -16.85
C THR G 308 -45.88 -12.47 -18.10
N ALA G 309 -45.47 -13.73 -17.92
CA ALA G 309 -45.18 -14.58 -19.08
C ALA G 309 -46.43 -14.82 -19.91
N ALA G 310 -47.56 -15.10 -19.25
CA ALA G 310 -48.80 -15.31 -19.99
C ALA G 310 -49.20 -14.06 -20.76
N LYS G 311 -49.11 -12.90 -20.12
CA LYS G 311 -49.47 -11.65 -20.79
C LYS G 311 -48.55 -11.36 -21.97
N ALA G 312 -47.24 -11.57 -21.78
CA ALA G 312 -46.29 -11.34 -22.86
C ALA G 312 -46.55 -12.27 -24.04
N TYR G 313 -46.83 -13.54 -23.77
CA TYR G 313 -47.15 -14.45 -24.87
C TYR G 313 -48.43 -14.02 -25.58
N ARG G 314 -49.45 -13.62 -24.81
CA ARG G 314 -50.69 -13.18 -25.42
C ARG G 314 -50.50 -11.94 -26.29
N ASN G 315 -49.58 -11.06 -25.90
CA ASN G 315 -49.38 -9.80 -26.60
C ASN G 315 -48.41 -9.89 -27.78
N GLY G 316 -47.81 -11.06 -28.01
CA GLY G 316 -46.95 -11.24 -29.17
C GLY G 316 -45.49 -10.95 -28.97
N VAL G 317 -45.00 -10.95 -27.73
CA VAL G 317 -43.59 -10.73 -27.47
C VAL G 317 -42.82 -12.02 -27.75
N LYS G 318 -41.59 -11.89 -28.23
CA LYS G 318 -40.76 -13.06 -28.50
C LYS G 318 -40.21 -13.62 -27.20
N ILE G 319 -40.37 -14.92 -26.99
CA ILE G 319 -40.06 -15.58 -25.73
C ILE G 319 -39.03 -16.67 -25.97
N ALA G 320 -38.03 -16.74 -25.09
CA ALA G 320 -36.99 -17.76 -25.14
C ALA G 320 -36.93 -18.48 -23.80
N PHE G 321 -36.18 -19.59 -23.77
CA PHE G 321 -36.17 -20.51 -22.64
C PHE G 321 -35.04 -20.19 -21.69
N GLY G 322 -35.35 -20.04 -20.41
CA GLY G 322 -34.35 -19.80 -19.38
C GLY G 322 -34.96 -20.04 -18.02
N THR G 323 -34.14 -20.56 -17.11
CA THR G 323 -34.66 -21.01 -15.82
C THR G 323 -34.03 -20.30 -14.63
N ASN G 324 -32.81 -19.78 -14.72
CA ASN G 324 -32.07 -19.20 -13.56
C ASN G 324 -31.82 -20.34 -12.56
N MET G 325 -31.18 -21.42 -13.00
CA MET G 325 -31.07 -22.61 -12.16
C MET G 325 -30.06 -22.46 -11.03
N GLY G 326 -29.31 -21.36 -10.95
CA GLY G 326 -28.52 -21.12 -9.76
C GLY G 326 -29.36 -20.92 -8.52
N VAL G 327 -30.62 -20.52 -8.69
CA VAL G 327 -31.53 -20.37 -7.55
C VAL G 327 -32.12 -21.71 -7.17
N GLY G 328 -32.79 -22.37 -8.11
CA GLY G 328 -33.30 -23.70 -7.88
C GLY G 328 -32.19 -24.74 -7.99
N PRO G 329 -32.53 -26.00 -7.75
CA PRO G 329 -31.49 -27.05 -7.81
C PRO G 329 -31.11 -27.37 -9.25
N HIS G 330 -29.81 -27.46 -9.51
CA HIS G 330 -29.32 -27.80 -10.83
C HIS G 330 -29.77 -29.21 -11.21
N GLY G 331 -30.06 -29.40 -12.51
CA GLY G 331 -30.50 -30.67 -13.02
C GLY G 331 -31.99 -30.86 -13.07
N ASP G 332 -32.78 -29.85 -12.68
CA ASP G 332 -34.23 -29.89 -12.75
C ASP G 332 -34.77 -28.79 -13.66
N ASN G 333 -33.99 -28.45 -14.69
CA ASN G 333 -34.35 -27.36 -15.60
C ASN G 333 -35.57 -27.68 -16.45
N ALA G 334 -35.94 -28.94 -16.59
CA ALA G 334 -36.99 -29.36 -17.51
C ALA G 334 -38.40 -29.03 -17.02
N ARG G 335 -38.55 -28.62 -15.77
CA ARG G 335 -39.86 -28.24 -15.26
C ARG G 335 -40.31 -26.87 -15.77
N GLU G 336 -39.39 -26.07 -16.32
CA GLU G 336 -39.77 -24.81 -16.94
C GLU G 336 -40.69 -25.05 -18.13
N PHE G 337 -40.54 -26.16 -18.83
CA PHE G 337 -41.47 -26.49 -19.90
C PHE G 337 -42.88 -26.66 -19.38
N ILE G 338 -43.04 -27.40 -18.27
CA ILE G 338 -44.35 -27.59 -17.68
C ILE G 338 -44.94 -26.26 -17.22
N TYR G 339 -44.11 -25.42 -16.59
CA TYR G 339 -44.59 -24.12 -16.16
C TYR G 339 -45.04 -23.27 -17.34
N MET G 340 -44.25 -23.27 -18.43
CA MET G 340 -44.61 -22.49 -19.60
C MET G 340 -45.92 -22.96 -20.21
N VAL G 341 -46.10 -24.28 -20.32
CA VAL G 341 -47.34 -24.80 -20.87
C VAL G 341 -48.52 -24.44 -19.96
N GLU G 342 -48.33 -24.54 -18.65
CA GLU G 342 -49.39 -24.16 -17.72
C GLU G 342 -49.66 -22.67 -17.76
N ALA G 343 -48.73 -21.88 -18.30
CA ALA G 343 -48.94 -20.44 -18.45
C ALA G 343 -49.64 -20.07 -19.75
N GLY G 344 -50.04 -21.04 -20.56
CA GLY G 344 -50.77 -20.79 -21.79
C GLY G 344 -49.97 -20.97 -23.06
N ILE G 345 -48.66 -21.12 -22.97
CA ILE G 345 -47.83 -21.29 -24.17
C ILE G 345 -47.98 -22.72 -24.69
N PRO G 346 -48.21 -22.93 -25.98
CA PRO G 346 -48.36 -24.29 -26.49
C PRO G 346 -47.08 -25.09 -26.35
N ALA G 347 -47.23 -26.41 -26.25
CA ALA G 347 -46.09 -27.28 -26.02
C ALA G 347 -45.07 -27.17 -27.14
N ALA G 348 -45.53 -27.15 -28.40
CA ALA G 348 -44.61 -27.04 -29.52
C ALA G 348 -43.84 -25.73 -29.47
N THR G 349 -44.52 -24.63 -29.14
CA THR G 349 -43.84 -23.35 -29.01
C THR G 349 -42.82 -23.38 -27.89
N ALA G 350 -43.17 -24.01 -26.76
CA ALA G 350 -42.23 -24.10 -25.65
C ALA G 350 -41.00 -24.90 -26.03
N LEU G 351 -41.18 -25.99 -26.77
CA LEU G 351 -40.04 -26.79 -27.20
C LEU G 351 -39.19 -26.03 -28.22
N GLN G 352 -39.83 -25.27 -29.11
CA GLN G 352 -39.08 -24.48 -30.07
C GLN G 352 -38.26 -23.38 -29.38
N SER G 353 -38.81 -22.80 -28.31
CA SER G 353 -38.12 -21.71 -27.64
C SER G 353 -36.79 -22.15 -27.03
N ALA G 354 -36.57 -23.46 -26.90
CA ALA G 354 -35.34 -23.98 -26.32
C ALA G 354 -34.38 -24.57 -27.34
N THR G 355 -34.77 -24.70 -28.60
CA THR G 355 -33.93 -25.34 -29.61
C THR G 355 -33.49 -24.37 -30.72
N VAL G 356 -34.42 -23.76 -31.43
CA VAL G 356 -34.09 -22.91 -32.56
C VAL G 356 -34.08 -21.43 -32.17
N LEU G 357 -35.11 -20.98 -31.45
CA LEU G 357 -35.12 -19.61 -30.96
C LEU G 357 -33.96 -19.37 -29.99
N ALA G 358 -33.60 -20.38 -29.20
CA ALA G 358 -32.43 -20.25 -28.34
C ALA G 358 -31.16 -20.06 -29.15
N ALA G 359 -31.01 -20.81 -30.24
CA ALA G 359 -29.85 -20.63 -31.10
C ALA G 359 -29.85 -19.25 -31.74
N GLU G 360 -31.02 -18.73 -32.08
CA GLU G 360 -31.11 -17.37 -32.58
C GLU G 360 -30.66 -16.36 -31.54
N VAL G 361 -31.08 -16.55 -30.28
CA VAL G 361 -30.67 -15.65 -29.22
C VAL G 361 -29.17 -15.70 -29.02
N LEU G 362 -28.58 -16.90 -29.06
CA LEU G 362 -27.15 -17.06 -28.86
C LEU G 362 -26.35 -16.41 -29.98
N GLY G 363 -26.89 -16.36 -31.19
CA GLY G 363 -26.16 -15.84 -32.33
C GLY G 363 -25.37 -16.86 -33.11
N VAL G 364 -25.66 -18.15 -32.95
CA VAL G 364 -24.97 -19.20 -33.67
C VAL G 364 -25.94 -19.87 -34.63
N ASP G 365 -25.38 -20.55 -35.63
CA ASP G 365 -26.19 -21.20 -36.65
C ASP G 365 -25.80 -22.65 -36.90
N ASP G 366 -24.93 -23.23 -36.06
CA ASP G 366 -24.50 -24.61 -36.21
C ASP G 366 -25.17 -25.56 -35.23
N GLN G 367 -26.25 -25.14 -34.59
CA GLN G 367 -26.97 -25.99 -33.65
C GLN G 367 -28.44 -25.57 -33.64
N GLY G 368 -29.25 -26.31 -32.89
CA GLY G 368 -30.63 -25.99 -32.67
C GLY G 368 -31.62 -26.85 -33.43
N ALA G 369 -31.17 -27.59 -34.43
CA ALA G 369 -32.07 -28.44 -35.21
C ALA G 369 -31.31 -29.65 -35.72
N ILE G 370 -32.06 -30.70 -36.03
CA ILE G 370 -31.49 -31.94 -36.56
C ILE G 370 -31.47 -31.78 -38.08
N GLU G 371 -30.41 -31.16 -38.59
CA GLU G 371 -30.26 -30.92 -40.01
C GLU G 371 -28.84 -31.27 -40.43
N THR G 372 -28.68 -31.59 -41.71
CA THR G 372 -27.37 -31.97 -42.23
C THR G 372 -26.36 -30.84 -42.03
N GLY G 373 -25.18 -31.20 -41.52
CA GLY G 373 -24.12 -30.24 -41.32
C GLY G 373 -24.08 -29.58 -39.96
N LYS G 374 -25.08 -29.80 -39.11
CA LYS G 374 -25.13 -29.19 -37.80
C LYS G 374 -24.50 -30.11 -36.74
N ARG G 375 -24.19 -29.52 -35.60
CA ARG G 375 -23.63 -30.30 -34.50
C ARG G 375 -24.58 -31.42 -34.09
N ALA G 376 -24.00 -32.58 -33.79
CA ALA G 376 -24.79 -33.76 -33.42
C ALA G 376 -25.08 -33.72 -31.92
N ASP G 377 -26.06 -32.90 -31.55
CA ASP G 377 -26.58 -32.82 -30.19
C ASP G 377 -28.01 -33.35 -30.23
N ILE G 378 -28.21 -34.58 -29.77
CA ILE G 378 -29.50 -35.27 -29.89
C ILE G 378 -29.85 -35.89 -28.55
N ILE G 379 -31.13 -35.79 -28.18
CA ILE G 379 -31.68 -36.39 -26.98
C ILE G 379 -32.95 -37.14 -27.35
N ALA G 380 -33.40 -38.01 -26.44
CA ALA G 380 -34.57 -38.83 -26.71
C ALA G 380 -35.29 -39.15 -25.40
N MET G 381 -36.60 -39.31 -25.51
CA MET G 381 -37.46 -39.66 -24.38
C MET G 381 -38.50 -40.67 -24.84
N PRO G 382 -38.99 -41.51 -23.95
CA PRO G 382 -39.95 -42.55 -24.36
C PRO G 382 -41.26 -42.00 -24.90
N GLY G 383 -41.78 -40.91 -24.32
CA GLY G 383 -43.06 -40.37 -24.70
C GLY G 383 -42.97 -39.35 -25.82
N ASP G 384 -44.11 -38.73 -26.11
CA ASP G 384 -44.19 -37.67 -27.10
C ASP G 384 -44.37 -36.33 -26.39
N PRO G 385 -43.34 -35.48 -26.36
CA PRO G 385 -43.45 -34.24 -25.57
C PRO G 385 -44.55 -33.30 -26.04
N VAL G 386 -44.89 -33.31 -27.33
CA VAL G 386 -45.93 -32.42 -27.82
C VAL G 386 -47.29 -32.82 -27.28
N ALA G 387 -47.62 -34.11 -27.37
CA ALA G 387 -48.90 -34.58 -26.87
C ALA G 387 -49.00 -34.42 -25.35
N ASP G 388 -47.92 -34.74 -24.64
CA ASP G 388 -47.86 -34.62 -23.18
C ASP G 388 -46.54 -33.97 -22.82
N ILE G 389 -46.61 -32.75 -22.27
CA ILE G 389 -45.39 -32.04 -21.91
C ILE G 389 -44.68 -32.68 -20.73
N ASN G 390 -45.39 -33.49 -19.93
CA ASN G 390 -44.79 -34.13 -18.78
C ASN G 390 -43.74 -35.17 -19.15
N ALA G 391 -43.65 -35.55 -20.42
CA ALA G 391 -42.66 -36.52 -20.87
C ALA G 391 -41.24 -35.97 -20.85
N VAL G 392 -41.07 -34.65 -20.73
CA VAL G 392 -39.73 -34.06 -20.75
C VAL G 392 -38.92 -34.43 -19.52
N LEU G 393 -39.55 -34.96 -18.47
CA LEU G 393 -38.85 -35.31 -17.25
C LEU G 393 -38.18 -36.68 -17.30
N ASN G 394 -38.39 -37.45 -18.37
CA ASN G 394 -37.79 -38.77 -18.52
C ASN G 394 -36.93 -38.75 -19.78
N VAL G 395 -35.69 -38.31 -19.64
CA VAL G 395 -34.72 -38.30 -20.73
C VAL G 395 -33.70 -39.40 -20.46
N ASP G 396 -33.60 -40.36 -21.37
CA ASP G 396 -32.72 -41.50 -21.20
C ASP G 396 -31.61 -41.61 -22.23
N PHE G 397 -31.59 -40.74 -23.24
CA PHE G 397 -30.52 -40.70 -24.23
C PHE G 397 -30.00 -39.28 -24.36
N VAL G 398 -28.69 -39.13 -24.28
CA VAL G 398 -28.04 -37.82 -24.45
C VAL G 398 -26.80 -38.02 -25.32
N MET G 399 -26.67 -37.18 -26.34
CA MET G 399 -25.50 -37.17 -27.22
C MET G 399 -25.06 -35.72 -27.43
N LYS G 400 -23.76 -35.48 -27.35
CA LYS G 400 -23.21 -34.14 -27.52
C LYS G 400 -21.94 -34.23 -28.36
N ASP G 401 -21.95 -33.56 -29.51
CA ASP G 401 -20.79 -33.53 -30.41
C ASP G 401 -20.46 -34.93 -30.93
N GLY G 402 -21.47 -35.80 -31.03
CA GLY G 402 -21.27 -37.14 -31.50
C GLY G 402 -20.87 -38.15 -30.44
N GLU G 403 -20.68 -37.72 -29.20
CA GLU G 403 -20.31 -38.60 -28.11
C GLU G 403 -21.55 -38.89 -27.25
N ILE G 404 -21.77 -40.16 -26.95
CA ILE G 404 -22.94 -40.58 -26.19
C ILE G 404 -22.59 -40.58 -24.70
N PHE G 405 -23.35 -39.83 -23.92
CA PHE G 405 -23.16 -39.76 -22.48
C PHE G 405 -24.18 -40.54 -21.69
N ARG G 406 -25.27 -40.97 -22.32
CA ARG G 406 -26.34 -41.67 -21.63
C ARG G 406 -27.10 -42.51 -22.65
N GLN G 407 -27.54 -43.69 -22.23
CA GLN G 407 -28.23 -44.60 -23.14
C GLN G 407 -29.44 -45.26 -22.46
N PRO H 2 38.12 14.30 -42.56
CA PRO H 2 38.08 14.59 -44.00
C PRO H 2 38.56 13.42 -44.84
N VAL H 3 37.66 12.87 -45.66
CA VAL H 3 37.99 11.73 -46.51
C VAL H 3 37.29 11.90 -47.85
N ALA H 4 37.91 11.38 -48.91
CA ALA H 4 37.34 11.40 -50.24
C ALA H 4 37.02 9.98 -50.69
N LEU H 5 35.78 9.76 -51.11
CA LEU H 5 35.32 8.45 -51.56
C LEU H 5 35.23 8.43 -53.07
N HIS H 6 35.83 7.43 -53.70
CA HIS H 6 35.84 7.29 -55.15
C HIS H 6 35.00 6.08 -55.52
N CYS H 7 33.77 6.32 -55.95
CA CYS H 7 32.84 5.27 -56.34
C CYS H 7 32.82 5.12 -57.85
N GLY H 8 32.66 3.88 -58.31
CA GLY H 8 32.50 3.64 -59.74
C GLY H 8 31.10 3.91 -60.24
N LYS H 9 30.09 3.79 -59.39
CA LYS H 9 28.72 4.09 -59.76
C LYS H 9 28.01 4.67 -58.54
N LEU H 10 27.12 5.63 -58.79
CA LEU H 10 26.39 6.29 -57.69
C LEU H 10 24.90 6.21 -57.98
N PHE H 11 24.13 5.81 -56.98
CA PHE H 11 22.67 5.70 -57.10
C PHE H 11 22.03 7.02 -56.69
N ASP H 12 21.35 7.67 -57.64
CA ASP H 12 20.62 8.91 -57.36
C ASP H 12 19.25 8.53 -56.80
N ALA H 13 19.09 8.69 -55.49
CA ALA H 13 17.83 8.32 -54.86
C ALA H 13 16.68 9.18 -55.36
N ARG H 14 16.91 10.49 -55.51
CA ARG H 14 15.83 11.39 -55.90
C ARG H 14 15.30 11.07 -57.29
N SER H 15 16.20 10.79 -58.24
CA SER H 15 15.79 10.43 -59.59
C SER H 15 15.63 8.93 -59.79
N GLY H 16 16.17 8.11 -58.90
CA GLY H 16 16.04 6.67 -59.03
C GLY H 16 16.88 6.07 -60.14
N ARG H 17 18.01 6.70 -60.48
CA ARG H 17 18.87 6.22 -61.55
C ARG H 17 20.29 6.05 -61.04
N VAL H 18 20.99 5.09 -61.64
CA VAL H 18 22.39 4.80 -61.27
C VAL H 18 23.29 5.57 -62.23
N LEU H 19 24.02 6.55 -61.69
CA LEU H 19 24.90 7.38 -62.49
C LEU H 19 26.28 6.72 -62.61
N GLY H 20 27.24 7.45 -63.16
CA GLY H 20 28.57 6.93 -63.36
C GLY H 20 29.51 7.28 -62.22
N PRO H 21 30.82 7.23 -62.50
CA PRO H 21 31.81 7.50 -61.44
C PRO H 21 31.64 8.90 -60.87
N HIS H 22 31.76 9.00 -59.55
CA HIS H 22 31.69 10.27 -58.82
C HIS H 22 32.70 10.25 -57.69
N THR H 23 32.92 11.43 -57.10
CA THR H 23 33.78 11.56 -55.93
C THR H 23 33.03 12.33 -54.86
N VAL H 24 33.00 11.78 -53.65
CA VAL H 24 32.29 12.38 -52.52
C VAL H 24 33.31 12.80 -51.49
N VAL H 25 33.25 14.07 -51.08
CA VAL H 25 34.15 14.63 -50.07
C VAL H 25 33.34 14.87 -48.81
N VAL H 26 33.82 14.34 -47.69
CA VAL H 26 33.11 14.38 -46.42
C VAL H 26 33.94 15.18 -45.42
N ARG H 27 33.33 16.20 -44.83
CA ARG H 27 33.97 17.01 -43.80
C ARG H 27 32.96 17.34 -42.72
N ASP H 28 33.37 17.16 -41.46
CA ASP H 28 32.53 17.47 -40.31
C ASP H 28 31.24 16.65 -40.30
N GLY H 29 31.30 15.43 -40.83
CA GLY H 29 30.16 14.55 -40.80
C GLY H 29 29.07 14.86 -41.81
N ARG H 30 29.34 15.71 -42.78
CA ARG H 30 28.36 16.07 -43.80
C ARG H 30 29.02 16.04 -45.17
N ILE H 31 28.20 15.84 -46.21
CA ILE H 31 28.72 15.85 -47.56
C ILE H 31 29.06 17.28 -47.96
N ASP H 32 30.32 17.50 -48.32
CA ASP H 32 30.80 18.84 -48.68
C ASP H 32 30.88 19.08 -50.17
N GLN H 33 31.22 18.06 -50.96
CA GLN H 33 31.38 18.24 -52.39
C GLN H 33 31.07 16.93 -53.10
N LEU H 34 30.48 17.05 -54.28
CA LEU H 34 30.16 15.90 -55.12
C LEU H 34 30.63 16.20 -56.53
N ILE H 35 31.70 15.52 -56.96
CA ILE H 35 32.34 15.79 -58.24
C ILE H 35 32.11 14.60 -59.17
N SER H 36 31.69 14.87 -60.39
CA SER H 36 31.47 13.84 -61.39
C SER H 36 32.72 13.71 -62.27
N GLY H 37 33.27 12.51 -62.35
CA GLY H 37 34.45 12.26 -63.15
C GLY H 37 35.30 11.12 -62.61
N LEU H 45 44.26 14.94 -48.50
CA LEU H 45 42.98 14.30 -48.21
C LEU H 45 43.10 12.78 -48.25
N ALA H 46 42.46 12.12 -47.29
CA ALA H 46 42.38 10.67 -47.31
C ALA H 46 41.48 10.21 -48.44
N ALA H 47 41.69 8.96 -48.88
CA ALA H 47 40.94 8.40 -49.98
C ALA H 47 40.60 6.95 -49.69
N VAL H 48 39.40 6.53 -50.10
CA VAL H 48 38.96 5.15 -49.98
C VAL H 48 38.66 4.64 -51.39
N ASP H 49 39.22 3.48 -51.71
CA ASP H 49 39.12 2.91 -53.06
C ASP H 49 37.83 2.11 -53.16
N LEU H 50 36.80 2.73 -53.76
CA LEU H 50 35.51 2.08 -53.99
C LEU H 50 35.17 2.01 -55.48
N ARG H 51 36.16 2.22 -56.35
CA ARG H 51 35.92 2.34 -57.79
C ARG H 51 35.34 1.08 -58.42
N ASN H 52 35.23 -0.03 -57.68
CA ASN H 52 34.61 -1.25 -58.18
C ASN H 52 33.34 -1.57 -57.42
N ARG H 53 32.64 -0.55 -56.92
CA ARG H 53 31.44 -0.70 -56.13
C ARG H 53 30.40 0.32 -56.55
N THR H 54 29.17 0.11 -56.10
CA THR H 54 28.08 1.06 -56.27
C THR H 54 27.77 1.70 -54.92
N CYS H 55 27.82 3.02 -54.86
CA CYS H 55 27.58 3.75 -53.61
C CYS H 55 26.13 4.23 -53.56
N LEU H 56 25.47 3.95 -52.45
CA LEU H 56 24.09 4.34 -52.19
C LEU H 56 24.00 5.03 -50.84
N PRO H 57 22.95 5.81 -50.62
CA PRO H 57 22.71 6.35 -49.28
C PRO H 57 22.39 5.24 -48.29
N GLY H 58 22.70 5.49 -47.02
CA GLY H 58 22.39 4.52 -45.99
C GLY H 58 20.90 4.25 -45.93
N TRP H 59 20.55 2.99 -45.67
CA TRP H 59 19.16 2.58 -45.65
C TRP H 59 18.50 2.90 -44.30
N THR H 60 17.19 3.05 -44.33
CA THR H 60 16.39 3.28 -43.14
C THR H 60 15.32 2.21 -43.02
N ASP H 61 15.25 1.55 -41.87
CA ASP H 61 14.21 0.58 -41.58
C ASP H 61 13.19 1.22 -40.66
N LEU H 62 11.94 1.31 -41.13
CA LEU H 62 10.91 2.05 -40.42
C LEU H 62 10.12 1.21 -39.43
N HIS H 63 10.47 -0.06 -39.23
CA HIS H 63 9.78 -0.89 -38.25
C HIS H 63 10.74 -1.95 -37.76
N VAL H 64 11.30 -1.74 -36.57
CA VAL H 64 12.17 -2.72 -35.92
C VAL H 64 11.83 -2.74 -34.43
N HIS H 65 12.26 -3.80 -33.76
CA HIS H 65 12.15 -3.94 -32.31
C HIS H 65 13.51 -4.42 -31.82
N LEU H 66 14.41 -3.48 -31.53
CA LEU H 66 15.79 -3.81 -31.22
C LEU H 66 15.96 -4.38 -29.82
N GLY H 67 14.93 -4.34 -28.99
CA GLY H 67 15.00 -4.86 -27.65
C GLY H 67 14.60 -6.31 -27.47
N ASP H 68 14.33 -6.99 -28.58
CA ASP H 68 13.84 -8.37 -28.47
C ASP H 68 14.07 -9.16 -29.75
N GLU H 69 13.96 -10.47 -29.66
CA GLU H 69 14.03 -11.34 -30.82
C GLU H 69 13.21 -12.59 -30.54
N SER H 70 12.51 -13.07 -31.56
CA SER H 70 11.63 -14.23 -31.40
C SER H 70 12.45 -15.50 -31.21
N SER H 71 11.98 -16.37 -30.32
CA SER H 71 12.64 -17.64 -30.04
C SER H 71 11.62 -18.57 -29.39
N PRO H 72 11.94 -19.87 -29.28
CA PRO H 72 10.99 -20.80 -28.66
C PRO H 72 10.68 -20.50 -27.21
N GLN H 73 11.55 -19.77 -26.50
CA GLN H 73 11.35 -19.48 -25.09
C GLN H 73 10.85 -18.06 -24.85
N SER H 74 10.43 -17.35 -25.88
CA SER H 74 10.10 -15.94 -25.75
C SER H 74 8.82 -15.71 -24.95
N TYR H 75 8.00 -16.73 -24.75
CA TYR H 75 6.74 -16.56 -24.03
C TYR H 75 6.84 -16.94 -22.56
N SER H 76 8.02 -17.35 -22.09
CA SER H 76 8.26 -17.59 -20.68
C SER H 76 9.45 -16.83 -20.13
N GLU H 77 10.20 -16.13 -20.98
CA GLU H 77 11.37 -15.37 -20.52
C GLU H 77 11.00 -14.07 -19.84
N GLY H 78 9.81 -13.51 -20.12
CA GLY H 78 9.45 -12.23 -19.54
C GLY H 78 9.21 -12.29 -18.05
N PHE H 79 8.89 -13.47 -17.52
CA PHE H 79 8.65 -13.63 -16.10
C PHE H 79 9.89 -13.96 -15.30
N ARG H 80 11.02 -14.24 -15.97
CA ARG H 80 12.25 -14.61 -15.29
C ARG H 80 13.42 -13.67 -15.57
N LEU H 81 13.39 -12.92 -16.66
CA LEU H 81 14.47 -12.02 -17.02
C LEU H 81 14.08 -10.57 -16.77
N ASP H 82 15.08 -9.72 -16.68
CA ASP H 82 14.92 -8.29 -16.46
C ASP H 82 15.36 -7.52 -17.71
N PRO H 83 14.92 -6.27 -17.86
CA PRO H 83 15.34 -5.50 -19.03
C PRO H 83 16.85 -5.34 -19.15
N ILE H 84 17.55 -5.35 -18.01
CA ILE H 84 19.02 -5.28 -18.05
C ILE H 84 19.58 -6.48 -18.80
N ASP H 85 18.93 -7.64 -18.68
CA ASP H 85 19.36 -8.81 -19.45
C ASP H 85 19.11 -8.62 -20.93
N PHE H 86 18.05 -7.91 -21.30
CA PHE H 86 17.75 -7.69 -22.72
C PHE H 86 18.65 -6.64 -23.34
N ALA H 87 19.19 -5.71 -22.53
CA ALA H 87 20.11 -4.72 -23.08
C ALA H 87 21.37 -5.36 -23.64
N TYR H 88 21.90 -6.37 -22.93
CA TYR H 88 23.13 -7.01 -23.38
C TYR H 88 22.94 -7.74 -24.70
N ARG H 89 21.72 -8.22 -24.98
CA ARG H 89 21.40 -8.77 -26.29
C ARG H 89 21.21 -7.66 -27.33
N SER H 90 20.56 -6.57 -26.92
CA SER H 90 20.34 -5.46 -27.84
C SER H 90 21.66 -4.88 -28.34
N VAL H 91 22.73 -5.01 -27.56
CA VAL H 91 24.03 -4.55 -28.04
C VAL H 91 24.38 -5.23 -29.36
N GLY H 92 24.35 -6.57 -29.37
CA GLY H 92 24.65 -7.30 -30.58
C GLY H 92 23.61 -7.10 -31.66
N TYR H 93 22.33 -7.01 -31.27
CA TYR H 93 21.29 -6.72 -32.26
C TYR H 93 21.59 -5.45 -33.03
N ALA H 94 21.89 -4.36 -32.30
CA ALA H 94 22.17 -3.08 -32.94
C ALA H 94 23.42 -3.13 -33.79
N GLU H 95 24.49 -3.79 -33.30
CA GLU H 95 25.69 -3.88 -34.11
C GLU H 95 25.43 -4.62 -35.42
N ARG H 96 24.72 -5.74 -35.36
CA ARG H 96 24.43 -6.50 -36.56
C ARG H 96 23.54 -5.71 -37.51
N THR H 97 22.59 -4.96 -36.99
CA THR H 97 21.75 -4.14 -37.84
C THR H 97 22.57 -3.06 -38.54
N LEU H 98 23.46 -2.38 -37.82
CA LEU H 98 24.25 -1.32 -38.43
C LEU H 98 25.20 -1.87 -39.48
N LEU H 99 25.86 -2.99 -39.20
CA LEU H 99 26.85 -3.50 -40.15
C LEU H 99 26.22 -4.04 -41.43
N ALA H 100 24.92 -4.22 -41.47
CA ALA H 100 24.24 -4.71 -42.67
C ALA H 100 23.89 -3.60 -43.65
N GLY H 101 24.11 -2.33 -43.29
CA GLY H 101 23.86 -1.22 -44.17
C GLY H 101 22.75 -0.28 -43.76
N PHE H 102 22.14 -0.48 -42.60
CA PHE H 102 21.02 0.35 -42.14
C PHE H 102 21.55 1.35 -41.11
N THR H 103 21.75 2.59 -41.55
CA THR H 103 22.32 3.62 -40.69
C THR H 103 21.30 4.29 -39.79
N SER H 104 20.00 4.07 -40.02
CA SER H 104 18.97 4.61 -39.14
C SER H 104 17.78 3.67 -39.15
N VAL H 105 17.03 3.68 -38.05
CA VAL H 105 15.85 2.85 -37.88
C VAL H 105 14.80 3.61 -37.11
N ARG H 106 13.55 3.13 -37.19
CA ARG H 106 12.45 3.63 -36.39
C ARG H 106 11.97 2.50 -35.49
N ASP H 107 12.24 2.61 -34.19
CA ASP H 107 11.83 1.60 -33.23
C ASP H 107 10.39 1.86 -32.80
N LEU H 108 9.54 0.85 -32.94
CA LEU H 108 8.10 1.01 -32.78
C LEU H 108 7.55 0.15 -31.64
N GLY H 109 8.24 0.15 -30.50
CA GLY H 109 7.74 -0.55 -29.33
C GLY H 109 8.81 -1.14 -28.45
N GLY H 110 8.71 -0.90 -27.14
CA GLY H 110 9.68 -1.39 -26.19
C GLY H 110 10.34 -0.29 -25.39
N GLU H 111 10.55 -0.52 -24.10
CA GLU H 111 11.15 0.48 -23.23
C GLU H 111 12.67 0.40 -23.16
N VAL H 112 13.28 -0.56 -23.86
CA VAL H 112 14.74 -0.67 -23.86
C VAL H 112 15.37 0.20 -24.93
N SER H 113 14.61 0.61 -25.94
CA SER H 113 15.15 1.27 -27.13
C SER H 113 15.59 2.70 -26.86
N PRO H 114 14.87 3.48 -26.05
CA PRO H 114 15.38 4.83 -25.73
C PRO H 114 16.74 4.80 -25.07
N HIS H 115 16.97 3.86 -24.17
CA HIS H 115 18.27 3.75 -23.51
C HIS H 115 19.35 3.33 -24.50
N LEU H 116 19.04 2.40 -25.40
CA LEU H 116 19.98 2.01 -26.43
C LEU H 116 20.32 3.18 -27.34
N ARG H 117 19.31 3.99 -27.68
CA ARG H 117 19.54 5.18 -28.49
C ARG H 117 20.47 6.15 -27.78
N ASP H 118 20.24 6.39 -26.49
CA ASP H 118 21.12 7.28 -25.74
C ASP H 118 22.55 6.74 -25.71
N ALA H 119 22.71 5.44 -25.47
CA ALA H 119 24.05 4.85 -25.41
C ALA H 119 24.75 4.94 -26.76
N VAL H 120 24.02 4.72 -27.86
CA VAL H 120 24.61 4.80 -29.18
C VAL H 120 25.00 6.24 -29.50
N ASN H 121 24.16 7.20 -29.12
CA ASN H 121 24.47 8.60 -29.38
C ASN H 121 25.67 9.07 -28.57
N GLN H 122 25.85 8.52 -27.36
CA GLN H 122 27.01 8.89 -26.55
C GLN H 122 28.28 8.19 -26.99
N GLY H 123 28.20 7.27 -27.95
CA GLY H 123 29.37 6.56 -28.43
C GLY H 123 29.77 5.35 -27.61
N LEU H 124 28.92 4.90 -26.69
CA LEU H 124 29.27 3.76 -25.85
C LEU H 124 29.24 2.45 -26.64
N VAL H 125 28.24 2.30 -27.52
CA VAL H 125 28.07 1.09 -28.31
C VAL H 125 27.81 1.47 -29.75
N LYS H 126 28.00 0.49 -30.64
CA LYS H 126 27.79 0.69 -32.07
C LYS H 126 26.34 0.40 -32.43
N GLY H 127 25.81 1.18 -33.38
CA GLY H 127 24.45 1.00 -33.83
C GLY H 127 24.01 2.09 -34.78
N PRO H 128 22.78 1.99 -35.27
CA PRO H 128 22.24 3.01 -36.17
C PRO H 128 21.63 4.16 -35.39
N ARG H 129 21.20 5.18 -36.12
CA ARG H 129 20.45 6.28 -35.53
C ARG H 129 19.02 5.80 -35.24
N ILE H 130 18.59 5.91 -33.99
CA ILE H 130 17.34 5.31 -33.53
C ILE H 130 16.33 6.42 -33.25
N PHE H 131 15.15 6.29 -33.85
CA PHE H 131 13.99 7.11 -33.53
C PHE H 131 13.04 6.21 -32.75
N ALA H 132 13.05 6.35 -31.43
CA ALA H 132 12.38 5.41 -30.54
C ALA H 132 10.99 5.89 -30.16
N ALA H 133 10.03 4.97 -30.19
CA ALA H 133 8.66 5.26 -29.79
C ALA H 133 8.40 5.05 -28.30
N GLY H 134 9.12 4.14 -27.66
CA GLY H 134 8.88 3.83 -26.27
C GLY H 134 7.71 2.89 -26.08
N LYS H 135 6.94 3.10 -25.03
CA LYS H 135 5.79 2.25 -24.76
C LYS H 135 4.67 2.51 -25.77
N SER H 136 4.14 1.44 -26.35
CA SER H 136 3.04 1.57 -27.28
C SER H 136 1.72 1.77 -26.56
N ILE H 137 0.79 2.49 -27.20
CA ILE H 137 -0.47 2.89 -26.60
C ILE H 137 -1.57 1.96 -27.11
N ALA H 138 -2.35 1.40 -26.19
CA ALA H 138 -3.43 0.49 -26.53
C ALA H 138 -4.62 0.77 -25.62
N THR H 139 -5.68 0.00 -25.79
CA THR H 139 -6.85 0.02 -24.91
C THR H 139 -6.82 -1.21 -24.01
N THR H 140 -7.77 -1.28 -23.09
CA THR H 140 -7.82 -2.40 -22.16
C THR H 140 -8.02 -3.71 -22.91
N GLY H 141 -7.11 -4.66 -22.69
CA GLY H 141 -7.15 -5.91 -23.42
C GLY H 141 -6.60 -5.84 -24.83
N GLY H 142 -6.03 -4.71 -25.24
CA GLY H 142 -5.57 -4.52 -26.59
C GLY H 142 -4.28 -5.26 -26.89
N HIS H 143 -3.82 -5.10 -28.12
CA HIS H 143 -2.65 -5.85 -28.60
C HIS H 143 -1.40 -5.49 -27.80
N ALA H 144 -1.32 -4.26 -27.28
CA ALA H 144 -0.15 -3.80 -26.55
C ALA H 144 -0.39 -3.73 -25.05
N ASP H 145 -1.45 -4.34 -24.56
CA ASP H 145 -1.72 -4.36 -23.13
C ASP H 145 -0.61 -5.15 -22.43
N PRO H 146 0.09 -4.56 -21.45
CA PRO H 146 1.24 -5.26 -20.86
C PRO H 146 0.87 -6.42 -19.94
N THR H 147 -0.40 -6.60 -19.59
CA THR H 147 -0.81 -7.60 -18.63
C THR H 147 -1.71 -8.67 -19.24
N ASN H 148 -1.73 -8.78 -20.56
CA ASN H 148 -2.49 -9.85 -21.21
C ASN H 148 -1.89 -11.20 -20.89
N GLY H 149 -2.73 -12.13 -20.44
CA GLY H 149 -2.30 -13.49 -20.16
C GLY H 149 -1.82 -13.76 -18.75
N TRP H 150 -1.80 -12.75 -17.88
CA TRP H 150 -1.37 -12.96 -16.51
C TRP H 150 -2.50 -13.59 -15.69
N ASN H 151 -2.11 -14.32 -14.65
CA ASN H 151 -3.10 -14.95 -13.77
C ASN H 151 -3.64 -13.92 -12.78
N ASP H 152 -4.59 -14.35 -11.95
CA ASP H 152 -5.28 -13.41 -11.06
C ASP H 152 -4.33 -12.81 -10.03
N GLN H 153 -3.40 -13.62 -9.50
CA GLN H 153 -2.50 -13.14 -8.46
C GLN H 153 -1.64 -11.98 -8.96
N LEU H 154 -0.97 -12.17 -10.09
CA LEU H 154 -0.09 -11.13 -10.62
C LEU H 154 -0.91 -9.90 -11.04
N SER H 155 -2.07 -10.12 -11.67
CA SER H 155 -2.90 -9.01 -12.09
C SER H 155 -3.34 -8.16 -10.90
N HIS H 156 -3.75 -8.82 -9.81
CA HIS H 156 -4.13 -8.08 -8.62
C HIS H 156 -2.93 -7.37 -8.00
N LEU H 157 -1.77 -8.01 -8.02
CA LEU H 157 -0.58 -7.39 -7.44
C LEU H 157 -0.20 -6.12 -8.17
N ILE H 158 -0.23 -6.14 -9.50
CA ILE H 158 0.23 -4.97 -10.26
C ILE H 158 -0.88 -3.94 -10.48
N GLY H 159 -2.14 -4.36 -10.48
CA GLY H 159 -3.24 -3.44 -10.69
C GLY H 159 -3.54 -3.21 -12.15
N PRO H 160 -4.68 -2.58 -12.43
CA PRO H 160 -5.07 -2.33 -13.83
C PRO H 160 -4.21 -1.25 -14.45
N PRO H 161 -3.73 -1.45 -15.68
CA PRO H 161 -2.90 -0.44 -16.33
C PRO H 161 -3.70 0.82 -16.64
N GLY H 162 -3.00 1.96 -16.60
CA GLY H 162 -3.60 3.23 -16.91
C GLY H 162 -2.82 3.98 -17.98
N PRO H 163 -3.12 5.27 -18.15
CA PRO H 163 -2.38 6.05 -19.16
C PRO H 163 -0.88 6.08 -18.93
N THR H 164 -0.43 6.04 -17.68
CA THR H 164 1.01 6.02 -17.41
C THR H 164 1.66 4.77 -17.99
N GLU H 165 0.92 3.66 -18.02
CA GLU H 165 1.42 2.41 -18.58
C GLU H 165 1.07 2.23 -20.05
N GLY H 166 0.36 3.17 -20.64
CA GLY H 166 0.04 3.11 -22.05
C GLY H 166 -1.33 2.57 -22.41
N VAL H 167 -2.23 2.41 -21.45
CA VAL H 167 -3.56 1.87 -21.69
C VAL H 167 -4.57 2.98 -21.46
N VAL H 168 -5.34 3.30 -22.50
CA VAL H 168 -6.26 4.43 -22.47
C VAL H 168 -7.65 3.96 -22.86
N ASN H 169 -8.68 4.66 -22.36
CA ASN H 169 -10.06 4.32 -22.66
C ASN H 169 -10.94 5.54 -22.89
N SER H 170 -10.37 6.74 -23.01
CA SER H 170 -11.16 7.94 -23.24
C SER H 170 -10.26 8.98 -23.90
N VAL H 171 -10.85 10.14 -24.20
CA VAL H 171 -10.11 11.22 -24.86
C VAL H 171 -9.05 11.80 -23.92
N ASP H 172 -9.44 12.12 -22.69
CA ASP H 172 -8.50 12.69 -21.74
C ASP H 172 -7.37 11.70 -21.43
N GLU H 173 -7.69 10.42 -21.32
CA GLU H 173 -6.66 9.42 -21.09
C GLU H 173 -5.69 9.34 -22.27
N ALA H 174 -6.18 9.46 -23.50
CA ALA H 174 -5.29 9.48 -24.65
C ALA H 174 -4.37 10.69 -24.61
N ARG H 175 -4.92 11.85 -24.26
CA ARG H 175 -4.10 13.06 -24.10
C ARG H 175 -2.99 12.82 -23.08
N GLN H 176 -3.34 12.26 -21.92
CA GLN H 176 -2.34 12.02 -20.88
C GLN H 176 -1.31 10.99 -21.34
N ALA H 177 -1.74 9.97 -22.08
CA ALA H 177 -0.80 8.95 -22.56
C ALA H 177 0.22 9.55 -23.52
N VAL H 178 -0.23 10.43 -24.43
CA VAL H 178 0.71 11.08 -25.32
C VAL H 178 1.67 11.96 -24.54
N ARG H 179 1.15 12.70 -23.56
CA ARG H 179 2.02 13.56 -22.75
C ARG H 179 3.01 12.73 -21.93
N GLN H 180 2.61 11.53 -21.50
CA GLN H 180 3.51 10.67 -20.74
C GLN H 180 4.59 10.06 -21.63
N ARG H 181 4.24 9.76 -22.88
CA ARG H 181 5.27 9.35 -23.84
C ARG H 181 6.26 10.48 -24.07
N TYR H 182 5.77 11.72 -24.17
CA TYR H 182 6.69 12.85 -24.30
C TYR H 182 7.57 12.98 -23.07
N LYS H 183 7.00 12.78 -21.87
CA LYS H 183 7.76 12.92 -20.64
C LYS H 183 8.88 11.89 -20.55
N ASP H 184 8.71 10.73 -21.17
CA ASP H 184 9.71 9.67 -21.10
C ASP H 184 10.70 9.71 -22.25
N GLY H 185 10.63 10.72 -23.12
CA GLY H 185 11.65 10.93 -24.13
C GLY H 185 11.46 10.13 -25.41
N SER H 186 10.27 10.23 -26.00
CA SER H 186 9.97 9.53 -27.25
C SER H 186 10.20 10.46 -28.43
N ASP H 187 10.35 9.84 -29.61
CA ASP H 187 10.48 10.56 -30.86
C ASP H 187 9.28 10.39 -31.78
N VAL H 188 8.43 9.39 -31.52
CA VAL H 188 7.30 9.09 -32.40
C VAL H 188 6.27 8.34 -31.57
N ILE H 189 5.03 8.32 -32.03
CA ILE H 189 3.96 7.66 -31.30
C ILE H 189 3.47 6.42 -32.05
N ILE H 191 0.37 3.34 -31.89
CA ILE H 191 -0.87 2.82 -31.31
C ILE H 191 -1.25 1.54 -32.02
N THR H 192 -1.98 0.67 -31.32
CA THR H 192 -2.47 -0.58 -31.91
C THR H 192 -3.98 -0.42 -32.12
N ALA H 193 -4.37 -0.22 -33.37
CA ALA H 193 -5.77 0.07 -33.68
C ALA H 193 -6.62 -1.19 -33.63
N THR H 194 -6.04 -2.34 -33.95
CA THR H 194 -6.75 -3.61 -33.94
C THR H 194 -5.99 -4.63 -33.10
N GLY H 195 -6.43 -5.87 -33.16
CA GLY H 195 -5.73 -6.95 -32.50
C GLY H 195 -4.51 -7.38 -33.27
N GLY H 196 -3.73 -8.26 -32.65
CA GLY H 196 -2.48 -8.70 -33.25
C GLY H 196 -2.33 -10.20 -33.36
N VAL H 197 -1.16 -10.64 -33.79
CA VAL H 197 -0.87 -12.05 -33.98
C VAL H 197 -0.10 -12.64 -32.81
N LEU H 198 0.86 -11.90 -32.28
CA LEU H 198 1.79 -12.42 -31.28
C LEU H 198 1.41 -12.08 -29.85
N SER H 199 0.24 -11.50 -29.63
CA SER H 199 -0.21 -11.17 -28.28
C SER H 199 -1.00 -12.35 -27.69
N TYR H 200 -0.99 -12.40 -26.35
CA TYR H 200 -1.71 -13.46 -25.62
C TYR H 200 -3.18 -13.06 -25.42
N ALA H 201 -3.86 -12.86 -26.54
CA ALA H 201 -5.26 -12.49 -26.56
C ALA H 201 -5.99 -13.31 -27.61
N LYS H 202 -7.32 -13.18 -27.63
CA LYS H 202 -8.15 -14.00 -28.49
C LYS H 202 -8.25 -13.47 -29.92
N SER H 203 -8.55 -12.19 -30.09
CA SER H 203 -8.84 -11.64 -31.40
C SER H 203 -7.55 -11.26 -32.12
N GLY H 204 -7.67 -11.11 -33.45
CA GLY H 204 -6.53 -10.75 -34.27
C GLY H 204 -6.75 -9.53 -35.15
N ASP H 205 -8.01 -9.17 -35.43
CA ASP H 205 -8.28 -8.08 -36.34
C ASP H 205 -9.46 -7.19 -35.93
N ALA H 206 -10.02 -7.37 -34.74
CA ALA H 206 -11.19 -6.59 -34.35
C ALA H 206 -10.79 -5.15 -34.02
N PRO H 207 -11.69 -4.19 -34.25
CA PRO H 207 -11.36 -2.79 -33.94
C PRO H 207 -11.29 -2.56 -32.44
N GLN H 208 -10.20 -1.95 -32.00
CA GLN H 208 -9.94 -1.72 -30.58
C GLN H 208 -9.76 -0.25 -30.24
N PHE H 209 -10.00 0.65 -31.19
CA PHE H 209 -9.96 2.08 -30.96
C PHE H 209 -11.22 2.70 -31.56
N THR H 210 -11.71 3.77 -30.93
CA THR H 210 -12.76 4.56 -31.53
C THR H 210 -12.16 5.74 -32.28
N VAL H 211 -12.97 6.35 -33.15
CA VAL H 211 -12.46 7.45 -33.96
C VAL H 211 -12.09 8.63 -33.08
N ASP H 212 -12.87 8.90 -32.03
CA ASP H 212 -12.58 10.04 -31.17
C ASP H 212 -11.27 9.86 -30.42
N GLU H 213 -10.99 8.64 -29.93
CA GLU H 213 -9.73 8.40 -29.24
C GLU H 213 -8.54 8.60 -30.16
N VAL H 214 -8.64 8.10 -31.40
CA VAL H 214 -7.57 8.29 -32.38
C VAL H 214 -7.39 9.78 -32.66
N LYS H 215 -8.50 10.52 -32.80
CA LYS H 215 -8.40 11.95 -33.04
C LYS H 215 -7.70 12.66 -31.90
N ALA H 216 -8.04 12.30 -30.66
CA ALA H 216 -7.39 12.93 -29.50
C ALA H 216 -5.90 12.64 -29.50
N ILE H 217 -5.52 11.39 -29.77
CA ILE H 217 -4.11 11.04 -29.80
C ILE H 217 -3.39 11.85 -30.87
N VAL H 218 -3.98 11.96 -32.06
CA VAL H 218 -3.32 12.67 -33.15
C VAL H 218 -3.20 14.15 -32.84
N ASP H 219 -4.24 14.76 -32.27
CA ASP H 219 -4.17 16.17 -31.92
C ASP H 219 -3.08 16.42 -30.88
N THR H 220 -3.03 15.60 -29.83
CA THR H 220 -2.01 15.77 -28.82
C THR H 220 -0.61 15.59 -29.41
N ALA H 221 -0.44 14.60 -30.28
CA ALA H 221 0.86 14.41 -30.93
C ALA H 221 1.22 15.60 -31.79
N ASN H 222 0.24 16.19 -32.47
CA ASN H 222 0.50 17.39 -33.26
C ASN H 222 0.98 18.53 -32.39
N ASP H 223 0.43 18.67 -31.18
CA ASP H 223 0.89 19.73 -30.30
C ASP H 223 2.37 19.55 -29.94
N TYR H 224 2.85 18.32 -29.89
CA TYR H 224 4.21 18.04 -29.42
C TYR H 224 5.19 17.70 -30.54
N GLY H 225 4.80 17.89 -31.79
CA GLY H 225 5.70 17.65 -32.90
C GLY H 225 5.96 16.19 -33.22
N TYR H 226 5.01 15.31 -32.93
CA TYR H 226 5.18 13.89 -33.17
C TYR H 226 4.42 13.42 -34.41
N LYS H 227 4.81 12.25 -34.89
CA LYS H 227 4.05 11.50 -35.89
C LYS H 227 3.43 10.29 -35.22
N VAL H 228 2.35 9.78 -35.81
CA VAL H 228 1.63 8.64 -35.26
C VAL H 228 1.65 7.50 -36.27
N ALA H 229 2.07 6.32 -35.82
CA ALA H 229 2.04 5.10 -36.61
C ALA H 229 1.04 4.15 -35.98
N ALA H 230 0.21 3.51 -36.80
CA ALA H 230 -0.88 2.68 -36.32
C ALA H 230 -0.67 1.24 -36.76
N HIS H 231 -0.74 0.32 -35.80
CA HIS H 231 -0.77 -1.12 -36.09
C HIS H 231 -2.21 -1.54 -36.38
N ALA H 232 -2.44 -2.12 -37.54
CA ALA H 232 -3.80 -2.48 -37.93
C ALA H 232 -3.77 -3.68 -38.88
N HIS H 233 -4.59 -4.69 -38.56
CA HIS H 233 -4.79 -5.85 -39.40
C HIS H 233 -6.17 -5.87 -40.05
N GLY H 234 -7.22 -5.59 -39.29
CA GLY H 234 -8.57 -5.62 -39.82
C GLY H 234 -8.96 -4.34 -40.55
N THR H 235 -10.08 -4.43 -41.26
CA THR H 235 -10.52 -3.32 -42.12
C THR H 235 -11.07 -2.15 -41.31
N GLU H 236 -11.92 -2.44 -40.31
CA GLU H 236 -12.60 -1.37 -39.58
C GLU H 236 -11.61 -0.55 -38.76
N GLY H 237 -10.67 -1.21 -38.08
CA GLY H 237 -9.67 -0.49 -37.32
C GLY H 237 -8.77 0.34 -38.20
N MET H 238 -8.38 -0.20 -39.36
CA MET H 238 -7.59 0.56 -40.31
C MET H 238 -8.34 1.79 -40.80
N LYS H 239 -9.63 1.63 -41.08
CA LYS H 239 -10.45 2.77 -41.51
C LYS H 239 -10.52 3.83 -40.42
N ARG H 240 -10.74 3.41 -39.17
CA ARG H 240 -10.79 4.37 -38.07
C ARG H 240 -9.46 5.08 -37.90
N ALA H 241 -8.35 4.37 -38.01
CA ALA H 241 -7.04 5.00 -37.89
C ALA H 241 -6.81 6.01 -39.00
N ILE H 242 -7.18 5.65 -40.24
CA ILE H 242 -7.01 6.58 -41.36
C ILE H 242 -7.86 7.82 -41.15
N LEU H 243 -9.12 7.64 -40.72
CA LEU H 243 -9.99 8.79 -40.50
C LEU H 243 -9.51 9.67 -39.35
N GLY H 244 -8.89 9.05 -38.33
CA GLY H 244 -8.36 9.82 -37.23
C GLY H 244 -7.22 10.73 -37.62
N GLY H 245 -6.40 10.30 -38.58
CA GLY H 245 -5.33 11.14 -39.09
C GLY H 245 -3.93 10.66 -38.80
N VAL H 246 -3.72 9.35 -38.75
CA VAL H 246 -2.40 8.79 -38.50
C VAL H 246 -1.53 9.01 -39.74
N THR H 247 -0.21 8.83 -39.57
CA THR H 247 0.73 9.06 -40.67
C THR H 247 0.98 7.81 -41.52
N SER H 248 0.95 6.63 -40.91
CA SER H 248 1.26 5.41 -41.65
C SER H 248 0.54 4.23 -41.02
N ILE H 249 0.37 3.18 -41.84
CA ILE H 249 -0.25 1.93 -41.43
C ILE H 249 0.79 0.82 -41.59
N GLU H 250 0.79 -0.14 -40.67
CA GLU H 250 1.87 -1.10 -40.55
C GLU H 250 1.57 -2.50 -41.11
N HIS H 251 0.40 -3.06 -40.81
CA HIS H 251 0.16 -4.45 -41.30
C HIS H 251 -1.23 -4.54 -41.91
N GLY H 252 -1.51 -3.73 -42.94
CA GLY H 252 -2.82 -3.69 -43.55
C GLY H 252 -3.16 -4.98 -44.27
N THR H 253 -3.18 -6.08 -43.50
CA THR H 253 -3.37 -7.41 -44.08
C THR H 253 -4.69 -7.52 -44.84
N TYR H 254 -5.74 -6.88 -44.33
CA TYR H 254 -7.08 -6.99 -44.89
C TYR H 254 -7.53 -5.67 -45.52
N MET H 255 -6.61 -5.02 -46.22
CA MET H 255 -6.95 -3.81 -46.97
C MET H 255 -7.94 -4.14 -48.08
N THR H 256 -8.94 -3.28 -48.25
CA THR H 256 -9.92 -3.41 -49.31
C THR H 256 -9.82 -2.21 -50.24
N ASP H 257 -10.71 -2.17 -51.24
CA ASP H 257 -10.69 -1.06 -52.20
C ASP H 257 -11.04 0.25 -51.53
N GLU H 258 -12.01 0.26 -50.62
CA GLU H 258 -12.38 1.50 -49.93
C GLU H 258 -11.26 2.00 -49.05
N VAL H 259 -10.57 1.08 -48.36
CA VAL H 259 -9.44 1.47 -47.52
C VAL H 259 -8.33 2.09 -48.37
N MET H 260 -8.05 1.47 -49.53
CA MET H 260 -7.04 2.03 -50.42
C MET H 260 -7.45 3.40 -50.94
N ARG H 261 -8.72 3.58 -51.27
CA ARG H 261 -9.19 4.89 -51.70
C ARG H 261 -9.01 5.94 -50.62
N LEU H 262 -9.35 5.60 -49.37
CA LEU H 262 -9.13 6.54 -48.28
C LEU H 262 -7.66 6.85 -48.09
N MET H 263 -6.80 5.83 -48.17
CA MET H 263 -5.37 6.04 -48.02
C MET H 263 -4.85 6.99 -49.08
N LYS H 264 -5.26 6.79 -50.34
CA LYS H 264 -4.83 7.69 -51.41
C LYS H 264 -5.35 9.10 -51.19
N GLN H 265 -6.60 9.23 -50.76
CA GLN H 265 -7.18 10.55 -50.56
C GLN H 265 -6.44 11.32 -49.46
N HIS H 266 -6.08 10.64 -48.38
CA HIS H 266 -5.49 11.30 -47.23
C HIS H 266 -3.96 11.36 -47.27
N GLY H 267 -3.33 10.61 -48.16
CA GLY H 267 -1.87 10.61 -48.23
C GLY H 267 -1.19 9.77 -47.18
N THR H 268 -1.87 8.75 -46.67
CA THR H 268 -1.27 7.89 -45.65
C THR H 268 -0.23 6.97 -46.26
N TRP H 269 0.84 6.72 -45.51
CA TRP H 269 1.90 5.81 -45.92
C TRP H 269 1.56 4.38 -45.52
N TYR H 270 2.08 3.42 -46.29
CA TYR H 270 1.87 2.01 -46.03
C TYR H 270 3.21 1.30 -45.89
N VAL H 271 3.39 0.58 -44.79
CA VAL H 271 4.62 -0.16 -44.52
C VAL H 271 4.28 -1.64 -44.43
N PRO H 272 4.60 -2.45 -45.45
CA PRO H 272 4.10 -3.84 -45.48
C PRO H 272 4.62 -4.75 -44.38
N THR H 273 5.95 -4.83 -44.21
CA THR H 273 6.58 -5.79 -43.30
C THR H 273 6.29 -7.23 -43.73
N ILE H 274 6.72 -7.55 -44.94
CA ILE H 274 6.50 -8.88 -45.50
C ILE H 274 7.31 -9.93 -44.75
N SER H 275 8.51 -9.57 -44.30
CA SER H 275 9.38 -10.53 -43.65
C SER H 275 8.73 -11.16 -42.42
N ALA H 276 8.09 -10.34 -41.59
CA ALA H 276 7.45 -10.86 -40.40
C ALA H 276 6.34 -11.83 -40.74
N GLY H 277 5.54 -11.50 -41.75
CA GLY H 277 4.48 -12.40 -42.17
C GLY H 277 5.02 -13.75 -42.62
N ARG H 278 6.06 -13.72 -43.46
CA ARG H 278 6.66 -14.99 -43.89
C ARG H 278 7.22 -15.77 -42.70
N PHE H 279 7.88 -15.07 -41.78
CA PHE H 279 8.49 -15.75 -40.63
C PHE H 279 7.43 -16.43 -39.77
N VAL H 280 6.34 -15.72 -39.45
CA VAL H 280 5.31 -16.30 -38.60
C VAL H 280 4.61 -17.43 -39.32
N ALA H 281 4.38 -17.30 -40.62
CA ALA H 281 3.76 -18.38 -41.37
C ALA H 281 4.63 -19.62 -41.33
N GLU H 282 5.95 -19.46 -41.49
CA GLU H 282 6.85 -20.60 -41.44
C GLU H 282 6.88 -21.24 -40.05
N LYS H 283 6.92 -20.42 -39.00
CA LYS H 283 7.02 -20.95 -37.65
C LYS H 283 5.71 -21.56 -37.15
N ALA H 284 4.57 -21.19 -37.73
CA ALA H 284 3.31 -21.77 -37.28
C ALA H 284 3.25 -23.27 -37.55
N LYS H 285 3.98 -23.75 -38.55
CA LYS H 285 3.96 -25.17 -38.87
C LYS H 285 4.72 -26.01 -37.84
N ILE H 286 5.66 -25.41 -37.11
CA ILE H 286 6.40 -26.13 -36.10
C ILE H 286 5.53 -26.32 -34.86
N ASP H 287 5.50 -27.53 -34.32
CA ASP H 287 4.62 -27.85 -33.21
C ASP H 287 5.24 -27.38 -31.90
N GLY H 288 4.48 -26.61 -31.13
CA GLY H 288 4.93 -26.11 -29.85
C GLY H 288 5.70 -24.82 -29.88
N TYR H 289 6.02 -24.30 -31.07
CA TYR H 289 6.77 -23.05 -31.15
C TYR H 289 5.95 -21.89 -30.59
N PHE H 290 4.67 -21.81 -30.95
CA PHE H 290 3.77 -20.78 -30.46
C PHE H 290 2.80 -21.35 -29.45
N PRO H 291 2.27 -20.51 -28.54
CA PRO H 291 1.17 -20.96 -27.69
C PRO H 291 -0.07 -21.26 -28.51
N GLU H 292 -0.92 -22.13 -27.97
CA GLU H 292 -2.09 -22.57 -28.72
C GLU H 292 -3.03 -21.41 -29.05
N VAL H 293 -3.03 -20.33 -28.26
CA VAL H 293 -3.85 -19.16 -28.57
C VAL H 293 -3.23 -18.27 -29.63
N VAL H 294 -1.96 -18.48 -29.96
CA VAL H 294 -1.28 -17.67 -30.96
C VAL H 294 -1.15 -18.37 -32.31
N ARG H 295 -1.07 -19.70 -32.32
CA ARG H 295 -0.78 -20.42 -33.56
C ARG H 295 -1.83 -20.20 -34.63
N PRO H 296 -3.13 -20.36 -34.38
CA PRO H 296 -4.11 -20.13 -35.45
C PRO H 296 -4.06 -18.73 -36.02
N LYS H 297 -3.88 -17.72 -35.18
CA LYS H 297 -3.80 -16.35 -35.68
C LYS H 297 -2.61 -16.16 -36.62
N ALA H 298 -1.44 -16.67 -36.21
CA ALA H 298 -0.27 -16.57 -37.06
C ALA H 298 -0.48 -17.30 -38.37
N ALA H 299 -1.01 -18.52 -38.32
CA ALA H 299 -1.21 -19.29 -39.53
C ALA H 299 -2.16 -18.58 -40.48
N ARG H 300 -3.22 -17.97 -39.95
CA ARG H 300 -4.20 -17.32 -40.81
C ARG H 300 -3.71 -15.98 -41.35
N ILE H 301 -2.92 -15.22 -40.58
CA ILE H 301 -2.62 -13.84 -40.97
C ILE H 301 -1.28 -13.74 -41.69
N GLY H 302 -0.35 -14.67 -41.48
CA GLY H 302 0.94 -14.54 -42.13
C GLY H 302 0.94 -14.87 -43.61
N ALA H 303 -0.15 -15.44 -44.12
CA ALA H 303 -0.22 -15.89 -45.52
C ALA H 303 -0.92 -14.88 -46.42
N GLN H 304 -1.16 -13.66 -45.94
CA GLN H 304 -1.92 -12.67 -46.71
C GLN H 304 -1.24 -11.31 -46.65
N ILE H 305 0.07 -11.26 -46.79
CA ILE H 305 0.84 -10.02 -46.69
C ILE H 305 1.44 -9.63 -48.03
N GLN H 306 2.05 -10.59 -48.74
CA GLN H 306 2.62 -10.29 -50.05
C GLN H 306 1.53 -9.88 -51.05
N ASP H 307 0.40 -10.56 -51.02
CA ASP H 307 -0.69 -10.20 -51.92
C ASP H 307 -1.20 -8.79 -51.64
N THR H 308 -1.31 -8.44 -50.35
CA THR H 308 -1.75 -7.09 -50.00
C THR H 308 -0.76 -6.05 -50.50
N ALA H 309 0.54 -6.31 -50.37
CA ALA H 309 1.54 -5.37 -50.85
C ALA H 309 1.46 -5.21 -52.36
N ALA H 310 1.31 -6.33 -53.09
CA ALA H 310 1.20 -6.24 -54.54
C ALA H 310 -0.05 -5.44 -54.95
N LYS H 311 -1.18 -5.71 -54.30
CA LYS H 311 -2.41 -4.99 -54.63
C LYS H 311 -2.28 -3.51 -54.32
N ALA H 312 -1.68 -3.17 -53.16
CA ALA H 312 -1.52 -1.77 -52.79
C ALA H 312 -0.61 -1.05 -53.78
N TYR H 313 0.49 -1.69 -54.20
CA TYR H 313 1.34 -1.05 -55.20
C TYR H 313 0.61 -0.88 -56.52
N ARG H 314 -0.16 -1.88 -56.94
CA ARG H 314 -0.90 -1.77 -58.18
C ARG H 314 -1.94 -0.65 -58.13
N ASN H 315 -2.52 -0.40 -56.96
CA ASN H 315 -3.58 0.58 -56.82
C ASN H 315 -3.08 1.99 -56.56
N GLY H 316 -1.77 2.19 -56.42
CA GLY H 316 -1.22 3.52 -56.28
C GLY H 316 -1.05 4.03 -54.86
N VAL H 317 -1.03 3.15 -53.88
CA VAL H 317 -0.82 3.56 -52.49
C VAL H 317 0.66 3.83 -52.27
N LYS H 318 0.97 4.79 -51.41
CA LYS H 318 2.36 5.11 -51.10
C LYS H 318 2.93 4.08 -50.15
N ILE H 319 4.10 3.54 -50.51
CA ILE H 319 4.70 2.41 -49.81
C ILE H 319 6.07 2.80 -49.29
N ALA H 320 6.37 2.43 -48.04
CA ALA H 320 7.66 2.68 -47.42
C ALA H 320 8.24 1.35 -46.92
N PHE H 321 9.51 1.40 -46.53
CA PHE H 321 10.29 0.20 -46.21
C PHE H 321 10.25 -0.08 -44.72
N GLY H 322 9.88 -1.31 -44.37
CA GLY H 322 9.88 -1.75 -42.98
C GLY H 322 9.78 -3.25 -42.92
N THR H 323 10.44 -3.82 -41.91
CA THR H 323 10.59 -5.28 -41.86
C THR H 323 10.00 -5.91 -40.60
N ASN H 324 9.90 -5.19 -39.48
CA ASN H 324 9.47 -5.78 -38.17
C ASN H 324 10.52 -6.80 -37.77
N MET H 325 11.79 -6.40 -37.67
CA MET H 325 12.88 -7.35 -37.47
C MET H 325 12.95 -7.90 -36.05
N GLY H 326 12.13 -7.40 -35.11
CA GLY H 326 12.04 -8.07 -33.83
C GLY H 326 11.47 -9.47 -33.93
N VAL H 327 10.70 -9.75 -34.98
CA VAL H 327 10.17 -11.10 -35.19
C VAL H 327 11.22 -11.99 -35.84
N GLY H 328 11.73 -11.60 -37.00
CA GLY H 328 12.81 -12.30 -37.63
C GLY H 328 14.14 -11.97 -36.99
N PRO H 329 15.22 -12.61 -37.45
CA PRO H 329 16.54 -12.35 -36.85
C PRO H 329 17.09 -11.00 -37.26
N HIS H 330 17.61 -10.26 -36.29
CA HIS H 330 18.21 -8.96 -36.57
C HIS H 330 19.43 -9.12 -37.47
N GLY H 331 19.64 -8.15 -38.35
CA GLY H 331 20.76 -8.17 -39.27
C GLY H 331 20.47 -8.80 -40.62
N ASP H 332 19.24 -9.23 -40.86
CA ASP H 332 18.83 -9.79 -42.15
C ASP H 332 17.71 -8.97 -42.77
N ASN H 333 17.72 -7.66 -42.51
CA ASN H 333 16.67 -6.77 -42.98
C ASN H 333 16.67 -6.60 -44.49
N ALA H 334 17.77 -6.92 -45.18
CA ALA H 334 17.91 -6.63 -46.59
C ALA H 334 17.13 -7.58 -47.49
N ARG H 335 16.57 -8.66 -46.94
CA ARG H 335 15.75 -9.56 -47.74
C ARG H 335 14.37 -9.00 -48.04
N GLU H 336 13.96 -7.95 -47.32
CA GLU H 336 12.71 -7.29 -47.64
C GLU H 336 12.74 -6.67 -49.03
N PHE H 337 13.91 -6.24 -49.49
CA PHE H 337 14.04 -5.76 -50.87
C PHE H 337 13.71 -6.86 -51.86
N ILE H 338 14.25 -8.06 -51.64
CA ILE H 338 13.98 -9.18 -52.54
C ILE H 338 12.50 -9.52 -52.51
N TYR H 339 11.90 -9.54 -51.32
CA TYR H 339 10.47 -9.83 -51.22
C TYR H 339 9.64 -8.78 -51.95
N MET H 340 9.99 -7.50 -51.79
CA MET H 340 9.25 -6.44 -52.46
C MET H 340 9.35 -6.56 -53.97
N VAL H 341 10.54 -6.84 -54.48
CA VAL H 341 10.71 -6.99 -55.92
C VAL H 341 9.92 -8.19 -56.42
N GLU H 342 9.94 -9.29 -55.67
CA GLU H 342 9.17 -10.47 -56.05
C GLU H 342 7.67 -10.21 -55.96
N ALA H 343 7.26 -9.17 -55.24
CA ALA H 343 5.87 -8.80 -55.14
C ALA H 343 5.41 -7.88 -56.26
N GLY H 344 6.28 -7.54 -57.20
CA GLY H 344 5.94 -6.71 -58.34
C GLY H 344 6.47 -5.29 -58.29
N ILE H 345 7.01 -4.86 -57.16
CA ILE H 345 7.54 -3.50 -57.05
C ILE H 345 8.89 -3.43 -57.76
N PRO H 346 9.14 -2.43 -58.61
CA PRO H 346 10.43 -2.35 -59.30
C PRO H 346 11.57 -2.11 -58.31
N ALA H 347 12.76 -2.56 -58.72
CA ALA H 347 13.92 -2.49 -57.82
C ALA H 347 14.24 -1.04 -57.46
N ALA H 348 14.19 -0.14 -58.44
CA ALA H 348 14.48 1.27 -58.15
C ALA H 348 13.48 1.84 -57.15
N THR H 349 12.19 1.52 -57.32
CA THR H 349 11.18 1.98 -56.38
C THR H 349 11.42 1.40 -54.99
N ALA H 350 11.80 0.12 -54.92
CA ALA H 350 12.08 -0.49 -53.63
C ALA H 350 13.25 0.19 -52.94
N LEU H 351 14.30 0.51 -53.69
CA LEU H 351 15.45 1.20 -53.11
C LEU H 351 15.09 2.61 -52.67
N GLN H 352 14.25 3.30 -53.46
CA GLN H 352 13.83 4.64 -53.07
C GLN H 352 12.99 4.61 -51.80
N SER H 353 12.15 3.59 -51.63
CA SER H 353 11.28 3.52 -50.47
C SER H 353 12.06 3.44 -49.16
N ALA H 354 13.36 3.13 -49.22
CA ALA H 354 14.18 3.01 -48.03
C ALA H 354 15.13 4.19 -47.81
N THR H 355 15.24 5.11 -48.77
CA THR H 355 16.19 6.20 -48.67
C THR H 355 15.53 7.56 -48.58
N VAL H 356 14.72 7.95 -49.56
CA VAL H 356 14.12 9.27 -49.61
C VAL H 356 12.70 9.26 -49.07
N LEU H 357 11.88 8.30 -49.50
CA LEU H 357 10.54 8.17 -48.96
C LEU H 357 10.58 7.86 -47.48
N ALA H 358 11.58 7.09 -47.03
CA ALA H 358 11.73 6.84 -45.61
C ALA H 358 12.02 8.13 -44.85
N ALA H 359 12.88 8.98 -45.41
CA ALA H 359 13.16 10.27 -44.78
C ALA H 359 11.90 11.14 -44.75
N GLU H 360 11.08 11.06 -45.80
CA GLU H 360 9.81 11.79 -45.78
C GLU H 360 8.90 11.28 -44.66
N VAL H 361 8.84 9.96 -44.49
CA VAL H 361 8.01 9.38 -43.43
C VAL H 361 8.51 9.83 -42.07
N LEU H 362 9.83 9.84 -41.88
CA LEU H 362 10.40 10.22 -40.59
C LEU H 362 10.15 11.70 -40.27
N GLY H 363 10.04 12.55 -41.29
CA GLY H 363 9.88 13.96 -41.08
C GLY H 363 11.16 14.76 -41.00
N VAL H 364 12.28 14.20 -41.47
CA VAL H 364 13.55 14.89 -41.47
C VAL H 364 13.97 15.18 -42.90
N ASP H 365 14.89 16.14 -43.06
CA ASP H 365 15.35 16.56 -44.37
C ASP H 365 16.87 16.61 -44.49
N ASP H 366 17.60 16.10 -43.50
CA ASP H 366 19.06 16.12 -43.53
C ASP H 366 19.66 14.76 -43.85
N GLN H 367 18.86 13.83 -44.38
CA GLN H 367 19.35 12.52 -44.77
C GLN H 367 18.50 11.99 -45.91
N GLY H 368 18.88 10.82 -46.42
CA GLY H 368 18.12 10.11 -47.43
C GLY H 368 18.70 10.18 -48.83
N ALA H 369 19.64 11.10 -49.09
CA ALA H 369 20.23 11.20 -50.41
C ALA H 369 21.67 11.70 -50.28
N ILE H 370 22.46 11.42 -51.32
CA ILE H 370 23.85 11.85 -51.37
C ILE H 370 23.85 13.23 -52.02
N GLU H 371 23.65 14.26 -51.21
CA GLU H 371 23.60 15.63 -51.68
C GLU H 371 24.39 16.52 -50.74
N THR H 372 24.87 17.64 -51.28
CA THR H 372 25.69 18.56 -50.49
C THR H 372 24.91 19.06 -49.28
N GLY H 373 25.57 19.02 -48.11
CA GLY H 373 24.99 19.51 -46.88
C GLY H 373 24.24 18.47 -46.07
N LYS H 374 24.07 17.26 -46.58
CA LYS H 374 23.34 16.22 -45.86
C LYS H 374 24.31 15.34 -45.06
N ARG H 375 23.74 14.59 -44.12
CA ARG H 375 24.55 13.69 -43.31
C ARG H 375 25.27 12.69 -44.19
N ALA H 376 26.53 12.39 -43.83
CA ALA H 376 27.36 11.48 -44.60
C ALA H 376 27.10 10.05 -44.15
N ASP H 377 25.97 9.50 -44.63
CA ASP H 377 25.61 8.09 -44.41
C ASP H 377 25.67 7.42 -45.78
N ILE H 378 26.74 6.66 -46.03
CA ILE H 378 27.00 6.07 -47.33
C ILE H 378 27.34 4.60 -47.17
N ILE H 379 26.81 3.77 -48.06
CA ILE H 379 27.10 2.34 -48.10
C ILE H 379 27.45 1.97 -49.54
N ALA H 380 28.06 0.79 -49.71
CA ALA H 380 28.48 0.35 -51.02
C ALA H 380 28.44 -1.17 -51.11
N MET H 381 28.19 -1.67 -52.32
CA MET H 381 28.15 -3.10 -52.60
C MET H 381 28.83 -3.35 -53.95
N PRO H 382 29.40 -4.54 -54.14
CA PRO H 382 30.11 -4.81 -55.41
C PRO H 382 29.24 -4.75 -56.63
N GLY H 383 27.99 -5.23 -56.55
CA GLY H 383 27.12 -5.32 -57.70
C GLY H 383 26.29 -4.06 -57.91
N ASP H 384 25.37 -4.15 -58.86
CA ASP H 384 24.44 -3.06 -59.15
C ASP H 384 23.05 -3.46 -58.66
N PRO H 385 22.56 -2.88 -57.56
CA PRO H 385 21.28 -3.34 -57.00
C PRO H 385 20.10 -3.17 -57.93
N VAL H 386 20.12 -2.18 -58.82
CA VAL H 386 19.00 -1.98 -59.74
C VAL H 386 18.90 -3.11 -60.74
N ALA H 387 20.03 -3.47 -61.36
CA ALA H 387 20.03 -4.55 -62.34
C ALA H 387 19.71 -5.89 -61.67
N ASP H 388 20.28 -6.14 -60.50
CA ASP H 388 20.05 -7.37 -59.76
C ASP H 388 19.82 -7.00 -58.29
N ILE H 389 18.59 -7.23 -57.81
CA ILE H 389 18.26 -6.87 -56.44
C ILE H 389 18.98 -7.77 -55.44
N ASN H 390 19.44 -8.94 -55.87
CA ASN H 390 20.13 -9.86 -54.97
C ASN H 390 21.47 -9.31 -54.48
N ALA H 391 21.97 -8.24 -55.08
CA ALA H 391 23.25 -7.66 -54.67
C ALA H 391 23.16 -6.95 -53.33
N VAL H 392 21.95 -6.70 -52.81
CA VAL H 392 21.82 -5.99 -51.54
C VAL H 392 22.30 -6.81 -50.36
N LEU H 393 22.52 -8.11 -50.54
CA LEU H 393 22.95 -8.98 -49.44
C LEU H 393 24.46 -8.97 -49.23
N ASN H 394 25.22 -8.29 -50.09
CA ASN H 394 26.67 -8.19 -49.95
C ASN H 394 27.03 -6.72 -49.81
N VAL H 395 27.00 -6.23 -48.57
CA VAL H 395 27.38 -4.86 -48.24
C VAL H 395 28.71 -4.92 -47.51
N ASP H 396 29.74 -4.28 -48.08
CA ASP H 396 31.07 -4.33 -47.50
C ASP H 396 31.61 -2.98 -47.06
N PHE H 397 30.90 -1.89 -47.32
CA PHE H 397 31.30 -0.57 -46.86
C PHE H 397 30.13 0.09 -46.14
N VAL H 398 30.37 0.60 -44.94
CA VAL H 398 29.36 1.31 -44.17
C VAL H 398 30.00 2.56 -43.55
N MET H 399 29.35 3.70 -43.72
CA MET H 399 29.78 4.96 -43.13
C MET H 399 28.57 5.65 -42.52
N LYS H 400 28.75 6.18 -41.31
CA LYS H 400 27.66 6.87 -40.61
C LYS H 400 28.22 8.12 -39.94
N ASP H 401 27.68 9.28 -40.31
CA ASP H 401 28.11 10.56 -39.74
C ASP H 401 29.58 10.85 -40.03
N GLY H 402 30.09 10.31 -41.14
CA GLY H 402 31.48 10.51 -41.50
C GLY H 402 32.45 9.51 -40.90
N GLU H 403 31.99 8.59 -40.07
CA GLU H 403 32.83 7.58 -39.45
C GLU H 403 32.64 6.26 -40.17
N ILE H 404 33.75 5.61 -40.53
CA ILE H 404 33.71 4.36 -41.26
C ILE H 404 33.69 3.20 -40.28
N PHE H 405 32.66 2.36 -40.38
CA PHE H 405 32.51 1.19 -39.52
C PHE H 405 32.86 -0.11 -40.23
N ARG H 406 32.99 -0.11 -41.55
CA ARG H 406 33.26 -1.33 -42.31
C ARG H 406 33.91 -0.93 -43.63
N GLN H 407 34.86 -1.74 -44.08
CA GLN H 407 35.59 -1.45 -45.31
C GLN H 407 35.77 -2.69 -46.17
#